data_6O1C
#
_entry.id   6O1C
#
_cell.length_a   89.734
_cell.length_b   139.079
_cell.length_c   263.373
_cell.angle_alpha   90.000
_cell.angle_beta   90.000
_cell.angle_gamma   90.000
#
_symmetry.space_group_name_H-M   'P 21 21 21'
#
loop_
_entity.id
_entity.type
_entity.pdbx_description
1 polymer AlfC
2 non-polymer '4-nitrophenyl 6-deoxy-alpha-L-galactopyranoside'
3 water water
#
_entity_poly.entity_id   1
_entity_poly.type   'polypeptide(L)'
_entity_poly.pdbx_seq_one_letter_code
;MNDNVAWFKQAKYGMMIHWGLYSLLAGEYRGESSSAYAEWIQSKFQIPNAEYGNLATAFNPLYFDAKKIVALAKQCGMQY
LVVTTKHHDGFAMYHSKVDAYNVYDATPFHRDIIGELAEACQKAGLKFGLYYSQDLDWHDPNGGGYKSNDVETAGTTWDN
SWDFPDEDQKNFDLCFDNKILPQIKEIMSNYGDIATAWFAVPMTLSEAQSQTIYDTVRELQPNCLINSRLGNGKYDFVSL
GDNEIPKNKEDMNKTDVDYNEITGFKPSPLGLYETAGTINDSWGFSYHDQNWKTPRTLYRYKQHLNDFGINYLLNVGLDP
LGRVPMMAEENLLAAKALEDEANRL
;
_entity_poly.pdbx_strand_id   A,B,C,D,E,F,G,H
#
loop_
_chem_comp.id
_chem_comp.type
_chem_comp.name
_chem_comp.formula
JFZ L-saccharide '4-nitrophenyl 6-deoxy-alpha-L-galactopyranoside' 'C12 H15 N O7'
#
# COMPACT_ATOMS: atom_id res chain seq x y z
N ASN A 2 16.27 -28.30 -12.45
CA ASN A 2 15.79 -27.30 -13.45
C ASN A 2 16.68 -26.04 -13.34
N ASP A 3 17.79 -26.04 -14.07
CA ASP A 3 18.75 -24.92 -14.19
C ASP A 3 18.02 -23.64 -14.65
N ASN A 4 16.83 -23.80 -15.26
CA ASN A 4 16.00 -22.73 -15.85
C ASN A 4 15.61 -21.70 -14.77
N VAL A 5 15.45 -22.11 -13.51
CA VAL A 5 15.08 -21.16 -12.41
C VAL A 5 16.24 -20.18 -12.19
N ALA A 6 17.46 -20.71 -12.02
CA ALA A 6 18.69 -19.91 -11.82
C ALA A 6 18.87 -18.99 -13.04
N TRP A 7 18.80 -19.55 -14.24
CA TRP A 7 19.01 -18.83 -15.53
C TRP A 7 18.02 -17.66 -15.63
N PHE A 8 16.73 -17.88 -15.32
CA PHE A 8 15.66 -16.87 -15.48
C PHE A 8 15.87 -15.71 -14.49
N LYS A 9 16.32 -16.02 -13.26
CA LYS A 9 16.55 -15.00 -12.22
C LYS A 9 17.66 -14.05 -12.66
N GLN A 10 18.53 -14.46 -13.59
CA GLN A 10 19.70 -13.65 -14.03
C GLN A 10 19.60 -13.26 -15.51
N ALA A 11 18.45 -13.52 -16.16
CA ALA A 11 18.27 -13.28 -17.61
C ALA A 11 18.10 -11.78 -17.89
N LYS A 12 17.30 -11.08 -17.07
CA LYS A 12 17.18 -9.60 -17.01
C LYS A 12 16.35 -9.05 -18.17
N TYR A 13 16.51 -9.60 -19.37
CA TYR A 13 16.12 -8.94 -20.64
C TYR A 13 15.69 -9.98 -21.68
N GLY A 14 14.48 -9.81 -22.22
CA GLY A 14 13.95 -10.65 -23.29
C GLY A 14 13.28 -9.82 -24.38
N MET A 15 13.32 -10.29 -25.62
CA MET A 15 12.55 -9.68 -26.74
C MET A 15 11.21 -10.41 -26.84
N MET A 16 10.12 -9.66 -27.00
CA MET A 16 8.78 -10.25 -27.30
C MET A 16 8.44 -9.86 -28.74
N ILE A 17 7.66 -10.69 -29.44
CA ILE A 17 7.24 -10.42 -30.84
C ILE A 17 5.75 -10.63 -30.99
N HIS A 18 5.03 -9.58 -31.38
CA HIS A 18 3.63 -9.61 -31.86
C HIS A 18 3.64 -9.45 -33.37
N TRP A 19 3.05 -10.41 -34.07
CA TRP A 19 3.04 -10.47 -35.55
C TRP A 19 1.90 -11.36 -36.01
N GLY A 20 1.17 -10.90 -37.02
CA GLY A 20 -0.02 -11.62 -37.51
C GLY A 20 -0.70 -10.87 -38.64
N LEU A 21 -1.90 -11.31 -39.00
CA LEU A 21 -2.69 -10.63 -40.05
C LEU A 21 -2.89 -9.15 -39.64
N TYR A 22 -3.09 -8.88 -38.35
CA TYR A 22 -3.32 -7.51 -37.79
C TYR A 22 -2.22 -6.55 -38.30
N SER A 23 -1.00 -7.04 -38.39
CA SER A 23 0.20 -6.27 -38.84
C SER A 23 -0.02 -5.67 -40.24
N LEU A 24 -0.76 -6.33 -41.13
CA LEU A 24 -0.95 -5.84 -42.51
C LEU A 24 -1.84 -4.60 -42.48
N LEU A 25 -2.84 -4.57 -41.61
CA LEU A 25 -3.77 -3.41 -41.50
C LEU A 25 -3.05 -2.24 -40.81
N ALA A 26 -2.05 -2.54 -39.97
CA ALA A 26 -1.11 -1.55 -39.39
C ALA A 26 -1.83 -0.37 -38.71
N GLY A 27 -2.86 -0.63 -37.90
CA GLY A 27 -3.48 0.34 -36.99
C GLY A 27 -4.56 1.17 -37.65
N GLU A 28 -4.93 0.82 -38.87
CA GLU A 28 -5.83 1.61 -39.75
C GLU A 28 -6.86 0.66 -40.39
N TYR A 29 -8.14 1.05 -40.44
CA TYR A 29 -9.18 0.33 -41.19
C TYR A 29 -10.21 1.32 -41.74
N ARG A 30 -10.33 1.36 -43.07
CA ARG A 30 -11.27 2.21 -43.84
C ARG A 30 -11.26 3.65 -43.32
N GLY A 31 -10.07 4.25 -43.24
CA GLY A 31 -9.90 5.68 -42.94
C GLY A 31 -9.97 5.98 -41.45
N GLU A 32 -9.99 4.95 -40.60
CA GLU A 32 -10.19 5.12 -39.14
C GLU A 32 -9.14 4.34 -38.36
N SER A 33 -8.88 4.82 -37.16
CA SER A 33 -7.75 4.42 -36.28
C SER A 33 -8.18 3.27 -35.37
N SER A 34 -7.32 2.29 -35.19
CA SER A 34 -7.44 1.31 -34.08
C SER A 34 -7.31 2.09 -32.77
N SER A 35 -7.53 1.43 -31.64
CA SER A 35 -7.08 1.90 -30.30
C SER A 35 -5.54 1.86 -30.26
N ALA A 36 -4.95 2.18 -29.12
CA ALA A 36 -3.49 2.03 -28.88
C ALA A 36 -3.01 0.64 -29.32
N TYR A 37 -3.87 -0.38 -29.18
CA TYR A 37 -3.56 -1.80 -29.47
C TYR A 37 -4.07 -2.13 -30.88
N ALA A 38 -3.17 -2.03 -31.85
CA ALA A 38 -3.41 -2.28 -33.29
C ALA A 38 -3.76 -3.77 -33.52
N GLU A 39 -3.21 -4.68 -32.69
CA GLU A 39 -3.43 -6.15 -32.81
C GLU A 39 -4.89 -6.51 -32.51
N TRP A 40 -5.62 -5.60 -31.82
CA TRP A 40 -7.06 -5.75 -31.47
C TRP A 40 -7.97 -5.22 -32.58
N ILE A 41 -7.43 -4.92 -33.76
CA ILE A 41 -8.18 -4.16 -34.81
C ILE A 41 -9.42 -4.92 -35.26
N GLN A 42 -9.38 -6.27 -35.31
CA GLN A 42 -10.54 -7.06 -35.79
C GLN A 42 -11.74 -6.80 -34.87
N SER A 43 -11.54 -6.86 -33.55
CA SER A 43 -12.60 -6.58 -32.54
C SER A 43 -13.03 -5.12 -32.64
N LYS A 44 -12.06 -4.21 -32.79
CA LYS A 44 -12.28 -2.75 -32.84
C LYS A 44 -13.32 -2.40 -33.90
N PHE A 45 -13.23 -2.99 -35.08
CA PHE A 45 -14.09 -2.68 -36.24
C PHE A 45 -15.05 -3.85 -36.58
N GLN A 46 -15.05 -4.90 -35.77
CA GLN A 46 -15.94 -6.08 -35.97
C GLN A 46 -15.82 -6.56 -37.42
N ILE A 47 -14.59 -6.75 -37.87
CA ILE A 47 -14.29 -7.20 -39.26
C ILE A 47 -14.69 -8.67 -39.34
N PRO A 48 -15.68 -9.03 -40.21
CA PRO A 48 -16.07 -10.43 -40.38
C PRO A 48 -14.87 -11.33 -40.69
N ASN A 49 -14.89 -12.56 -40.17
CA ASN A 49 -13.80 -13.57 -40.36
C ASN A 49 -13.51 -13.72 -41.86
N ALA A 50 -14.52 -13.78 -42.71
CA ALA A 50 -14.36 -13.90 -44.18
C ALA A 50 -13.38 -12.83 -44.70
N GLU A 51 -13.59 -11.55 -44.36
CA GLU A 51 -12.75 -10.42 -44.84
C GLU A 51 -11.39 -10.42 -44.15
N TYR A 52 -11.37 -10.51 -42.83
CA TYR A 52 -10.12 -10.45 -42.03
C TYR A 52 -9.20 -11.60 -42.45
N GLY A 53 -9.74 -12.83 -42.51
CA GLY A 53 -8.99 -14.04 -42.89
C GLY A 53 -8.36 -13.87 -44.25
N ASN A 54 -9.02 -13.13 -45.15
CA ASN A 54 -8.52 -12.89 -46.52
C ASN A 54 -7.16 -12.18 -46.50
N LEU A 55 -6.83 -11.49 -45.40
CA LEU A 55 -5.48 -10.86 -45.25
C LEU A 55 -4.39 -11.91 -45.42
N ALA A 56 -4.66 -13.17 -45.07
CA ALA A 56 -3.71 -14.30 -45.25
C ALA A 56 -3.20 -14.34 -46.70
N THR A 57 -4.07 -14.04 -47.66
CA THR A 57 -3.74 -14.10 -49.11
C THR A 57 -2.72 -13.00 -49.44
N ALA A 58 -2.62 -11.95 -48.63
CA ALA A 58 -1.70 -10.81 -48.88
C ALA A 58 -0.45 -10.89 -48.00
N PHE A 59 -0.34 -11.89 -47.14
CA PHE A 59 0.78 -12.02 -46.15
C PHE A 59 1.99 -12.64 -46.85
N ASN A 60 2.97 -11.82 -47.27
CA ASN A 60 4.18 -12.26 -48.01
C ASN A 60 5.39 -11.44 -47.55
N PRO A 61 5.79 -11.58 -46.27
CA PRO A 61 6.86 -10.75 -45.71
C PRO A 61 8.26 -11.11 -46.24
N LEU A 62 8.56 -10.60 -47.42
CA LEU A 62 9.81 -10.86 -48.17
C LEU A 62 11.06 -10.60 -47.31
N TYR A 63 11.04 -9.69 -46.34
CA TYR A 63 12.27 -9.32 -45.60
C TYR A 63 12.34 -10.02 -44.23
N PHE A 64 11.36 -10.85 -43.85
CA PHE A 64 11.41 -11.63 -42.58
C PHE A 64 12.70 -12.44 -42.56
N ASP A 65 13.41 -12.43 -41.45
CA ASP A 65 14.76 -13.03 -41.32
C ASP A 65 15.02 -13.33 -39.85
N ALA A 66 14.62 -14.53 -39.40
CA ALA A 66 14.75 -14.99 -38.01
C ALA A 66 16.17 -14.78 -37.51
N LYS A 67 17.16 -15.10 -38.34
CA LYS A 67 18.59 -15.03 -37.94
C LYS A 67 18.92 -13.60 -37.51
N LYS A 68 18.51 -12.62 -38.31
CA LYS A 68 18.81 -11.18 -38.08
C LYS A 68 18.07 -10.66 -36.86
N ILE A 69 16.79 -11.04 -36.69
CA ILE A 69 15.97 -10.64 -35.51
C ILE A 69 16.65 -11.15 -34.24
N VAL A 70 17.12 -12.39 -34.25
CA VAL A 70 17.80 -13.00 -33.07
C VAL A 70 19.15 -12.29 -32.86
N ALA A 71 19.82 -11.89 -33.92
CA ALA A 71 21.12 -11.17 -33.86
C ALA A 71 20.91 -9.85 -33.10
N LEU A 72 19.85 -9.12 -33.42
CA LEU A 72 19.50 -7.81 -32.81
C LEU A 72 19.28 -8.02 -31.32
N ALA A 73 18.41 -8.97 -30.97
CA ALA A 73 18.07 -9.30 -29.57
C ALA A 73 19.37 -9.58 -28.80
N LYS A 74 20.25 -10.38 -29.40
CA LYS A 74 21.51 -10.82 -28.73
C LYS A 74 22.46 -9.62 -28.56
N GLN A 75 22.47 -8.70 -29.54
CA GLN A 75 23.35 -7.51 -29.55
C GLN A 75 22.92 -6.56 -28.41
N CYS A 76 21.64 -6.60 -28.05
CA CYS A 76 21.03 -5.77 -26.97
C CYS A 76 21.14 -6.45 -25.59
N GLY A 77 21.77 -7.62 -25.53
CA GLY A 77 21.92 -8.38 -24.27
C GLY A 77 20.66 -9.14 -23.89
N MET A 78 19.65 -9.22 -24.76
CA MET A 78 18.46 -10.09 -24.53
C MET A 78 18.90 -11.57 -24.57
N GLN A 79 18.49 -12.34 -23.57
CA GLN A 79 18.93 -13.73 -23.35
C GLN A 79 17.82 -14.70 -23.77
N TYR A 80 16.65 -14.19 -24.14
CA TYR A 80 15.51 -15.01 -24.58
C TYR A 80 14.58 -14.21 -25.47
N LEU A 81 13.66 -14.93 -26.09
CA LEU A 81 12.74 -14.38 -27.11
C LEU A 81 11.38 -15.07 -26.91
N VAL A 82 10.28 -14.33 -27.05
CA VAL A 82 8.90 -14.84 -26.82
C VAL A 82 8.00 -14.35 -27.96
N VAL A 83 7.41 -15.27 -28.73
CA VAL A 83 6.66 -14.95 -29.98
C VAL A 83 5.20 -15.33 -29.81
N THR A 84 4.31 -14.54 -30.40
CA THR A 84 2.88 -14.90 -30.59
C THR A 84 2.78 -16.14 -31.50
N THR A 85 2.39 -17.30 -30.97
CA THR A 85 2.09 -18.53 -31.77
C THR A 85 0.67 -18.39 -32.31
N LYS A 86 -0.21 -17.79 -31.51
CA LYS A 86 -1.61 -17.44 -31.88
C LYS A 86 -2.13 -16.39 -30.91
N HIS A 87 -2.58 -15.26 -31.44
CA HIS A 87 -3.14 -14.13 -30.65
C HIS A 87 -4.66 -14.28 -30.62
N HIS A 88 -5.40 -13.25 -30.21
CA HIS A 88 -6.86 -13.28 -30.02
C HIS A 88 -7.60 -13.55 -31.34
N ASP A 89 -7.01 -13.24 -32.50
CA ASP A 89 -7.66 -13.35 -33.83
C ASP A 89 -7.79 -14.83 -34.22
N GLY A 90 -7.03 -15.70 -33.54
CA GLY A 90 -7.12 -17.17 -33.67
C GLY A 90 -6.27 -17.69 -34.81
N PHE A 91 -5.48 -16.84 -35.46
CA PHE A 91 -4.61 -17.20 -36.62
C PHE A 91 -3.26 -17.67 -36.10
N ALA A 92 -2.94 -18.94 -36.32
CA ALA A 92 -1.69 -19.56 -35.84
C ALA A 92 -0.53 -19.08 -36.72
N MET A 93 0.63 -18.83 -36.12
CA MET A 93 1.86 -18.39 -36.82
C MET A 93 2.86 -19.56 -36.92
N TYR A 94 2.34 -20.78 -36.89
CA TYR A 94 3.09 -22.05 -37.05
C TYR A 94 2.22 -22.99 -37.90
N HIS A 95 2.78 -24.13 -38.33
CA HIS A 95 2.07 -25.11 -39.16
C HIS A 95 1.21 -26.00 -38.26
N SER A 96 -0.09 -25.69 -38.13
CA SER A 96 -1.02 -26.39 -37.21
C SER A 96 -1.74 -27.53 -37.94
N LYS A 97 -1.49 -28.78 -37.53
CA LYS A 97 -2.20 -29.98 -38.07
C LYS A 97 -3.71 -29.77 -37.88
N VAL A 98 -4.13 -29.19 -36.76
CA VAL A 98 -5.55 -29.14 -36.31
C VAL A 98 -6.32 -28.04 -37.04
N ASP A 99 -5.68 -26.94 -37.42
CA ASP A 99 -6.40 -25.77 -37.99
C ASP A 99 -5.60 -25.17 -39.16
N ALA A 100 -6.23 -25.20 -40.34
CA ALA A 100 -5.69 -24.70 -41.64
C ALA A 100 -5.62 -23.17 -41.63
N TYR A 101 -6.16 -22.51 -40.59
CA TYR A 101 -6.13 -21.03 -40.39
C TYR A 101 -4.78 -20.65 -39.77
N ASN A 102 -3.72 -20.81 -40.55
CA ASN A 102 -2.31 -20.65 -40.10
C ASN A 102 -1.43 -20.11 -41.23
N VAL A 103 -0.25 -19.62 -40.86
CA VAL A 103 0.70 -18.85 -41.73
C VAL A 103 1.24 -19.77 -42.84
N TYR A 104 1.34 -21.07 -42.58
CA TYR A 104 1.88 -22.08 -43.54
C TYR A 104 0.85 -22.40 -44.63
N ASP A 105 -0.37 -22.70 -44.24
CA ASP A 105 -1.41 -23.25 -45.14
C ASP A 105 -2.16 -22.12 -45.84
N ALA A 106 -2.36 -20.98 -45.18
CA ALA A 106 -3.31 -19.93 -45.63
C ALA A 106 -2.60 -18.82 -46.42
N THR A 107 -1.26 -18.73 -46.38
CA THR A 107 -0.52 -17.55 -46.92
C THR A 107 0.44 -17.96 -48.03
N PRO A 108 0.69 -17.09 -49.05
CA PRO A 108 1.66 -17.40 -50.08
C PRO A 108 3.07 -17.53 -49.50
N PHE A 109 3.36 -16.91 -48.37
CA PHE A 109 4.68 -17.03 -47.70
C PHE A 109 4.99 -18.51 -47.46
N HIS A 110 3.98 -19.25 -47.04
CA HIS A 110 3.97 -20.74 -46.93
C HIS A 110 5.22 -21.22 -46.20
N ARG A 111 5.47 -20.63 -45.02
CA ARG A 111 6.60 -20.97 -44.11
C ARG A 111 6.15 -20.91 -42.66
N ASP A 112 6.89 -21.61 -41.79
CA ASP A 112 6.62 -21.73 -40.33
C ASP A 112 7.46 -20.71 -39.55
N ILE A 113 6.90 -19.54 -39.28
CA ILE A 113 7.57 -18.41 -38.53
C ILE A 113 8.17 -18.96 -37.23
N ILE A 114 7.37 -19.66 -36.43
CA ILE A 114 7.80 -20.16 -35.09
C ILE A 114 8.99 -21.12 -35.28
N GLY A 115 8.92 -22.01 -36.27
CA GLY A 115 10.00 -22.96 -36.57
C GLY A 115 11.32 -22.26 -36.87
N GLU A 116 11.27 -21.22 -37.70
CA GLU A 116 12.48 -20.45 -38.11
C GLU A 116 13.09 -19.75 -36.89
N LEU A 117 12.26 -19.13 -36.06
CA LEU A 117 12.74 -18.40 -34.85
C LEU A 117 13.30 -19.41 -33.85
N ALA A 118 12.61 -20.54 -33.67
CA ALA A 118 13.04 -21.66 -32.80
C ALA A 118 14.49 -22.05 -33.18
N GLU A 119 14.76 -22.19 -34.47
CA GLU A 119 16.07 -22.64 -35.02
C GLU A 119 17.12 -21.55 -34.80
N ALA A 120 16.80 -20.33 -35.20
CA ALA A 120 17.68 -19.15 -35.06
C ALA A 120 18.10 -18.99 -33.59
N CYS A 121 17.13 -19.05 -32.67
CA CYS A 121 17.35 -18.98 -31.20
C CYS A 121 18.30 -20.10 -30.76
N GLN A 122 17.95 -21.34 -31.10
CA GLN A 122 18.72 -22.57 -30.78
C GLN A 122 20.18 -22.35 -31.18
N LYS A 123 20.42 -21.81 -32.38
CA LYS A 123 21.79 -21.61 -32.95
C LYS A 123 22.54 -20.50 -32.21
N ALA A 124 21.85 -19.42 -31.82
CA ALA A 124 22.47 -18.19 -31.27
C ALA A 124 22.76 -18.36 -29.78
N GLY A 125 22.19 -19.40 -29.14
CA GLY A 125 22.31 -19.62 -27.69
C GLY A 125 21.19 -18.95 -26.91
N LEU A 126 20.17 -18.41 -27.59
CA LEU A 126 19.04 -17.70 -26.92
C LEU A 126 17.96 -18.73 -26.56
N LYS A 127 17.37 -18.61 -25.38
CA LYS A 127 16.19 -19.42 -24.97
C LYS A 127 14.97 -18.98 -25.77
N PHE A 128 13.98 -19.84 -25.91
CA PHE A 128 12.78 -19.63 -26.77
C PHE A 128 11.53 -19.84 -25.93
N GLY A 129 10.60 -18.90 -26.00
CA GLY A 129 9.33 -18.95 -25.25
C GLY A 129 8.16 -18.67 -26.16
N LEU A 130 6.96 -19.10 -25.78
CA LEU A 130 5.77 -19.10 -26.66
C LEU A 130 4.61 -18.40 -25.95
N TYR A 131 3.90 -17.56 -26.69
CA TYR A 131 2.65 -16.88 -26.26
C TYR A 131 1.50 -17.56 -27.00
N TYR A 132 0.48 -18.02 -26.29
CA TYR A 132 -0.77 -18.58 -26.88
C TYR A 132 -1.98 -17.93 -26.20
N SER A 133 -2.93 -17.45 -26.99
CA SER A 133 -4.24 -16.96 -26.49
C SER A 133 -5.14 -18.18 -26.20
N GLN A 134 -5.17 -18.65 -24.94
CA GLN A 134 -5.84 -19.92 -24.56
C GLN A 134 -7.34 -19.69 -24.33
N ASP A 135 -7.80 -18.44 -24.31
CA ASP A 135 -9.21 -18.11 -23.94
C ASP A 135 -9.90 -17.48 -25.15
N LEU A 136 -9.44 -16.29 -25.56
CA LEU A 136 -10.05 -15.52 -26.67
C LEU A 136 -9.64 -16.18 -27.98
N ASP A 137 -10.58 -16.37 -28.91
CA ASP A 137 -10.28 -16.85 -30.28
C ASP A 137 -11.41 -16.43 -31.23
N TRP A 138 -11.18 -15.38 -32.01
CA TRP A 138 -12.26 -14.67 -32.75
C TRP A 138 -12.66 -15.45 -34.01
N HIS A 139 -11.86 -16.44 -34.40
CA HIS A 139 -12.10 -17.29 -35.59
C HIS A 139 -13.02 -18.46 -35.22
N ASP A 140 -13.13 -18.78 -33.94
CA ASP A 140 -13.85 -19.96 -33.41
C ASP A 140 -15.25 -19.58 -32.92
N PRO A 141 -16.33 -20.27 -33.34
CA PRO A 141 -17.68 -19.92 -32.90
C PRO A 141 -17.84 -19.93 -31.37
N ASN A 142 -17.03 -20.72 -30.68
CA ASN A 142 -17.11 -20.91 -29.21
C ASN A 142 -15.86 -20.32 -28.55
N GLY A 143 -15.21 -19.35 -29.20
CA GLY A 143 -14.09 -18.61 -28.61
C GLY A 143 -14.53 -17.91 -27.33
N GLY A 144 -13.60 -17.74 -26.38
CA GLY A 144 -13.88 -17.21 -25.03
C GLY A 144 -14.20 -15.71 -25.03
N GLY A 145 -14.68 -15.24 -23.87
CA GLY A 145 -14.90 -13.82 -23.57
C GLY A 145 -16.36 -13.41 -23.67
N TYR A 146 -17.26 -14.34 -23.95
CA TYR A 146 -18.71 -14.05 -24.14
C TYR A 146 -19.40 -13.85 -22.78
N LYS A 147 -18.69 -14.04 -21.66
CA LYS A 147 -19.26 -13.83 -20.30
C LYS A 147 -18.69 -12.54 -19.68
N SER A 148 -17.83 -11.80 -20.40
CA SER A 148 -16.95 -10.76 -19.84
C SER A 148 -17.26 -9.35 -20.37
N ASN A 149 -18.36 -9.17 -21.10
CA ASN A 149 -18.58 -7.95 -21.93
C ASN A 149 -19.22 -6.81 -21.15
N ASP A 150 -19.27 -6.88 -19.81
CA ASP A 150 -19.65 -5.73 -18.95
C ASP A 150 -18.40 -4.88 -18.63
N VAL A 151 -17.22 -5.28 -19.15
CA VAL A 151 -15.94 -4.52 -19.06
C VAL A 151 -15.51 -4.15 -20.48
N GLU A 152 -15.09 -2.90 -20.69
CA GLU A 152 -14.64 -2.34 -22.01
C GLU A 152 -13.28 -2.94 -22.36
N THR A 153 -12.93 -2.95 -23.66
CA THR A 153 -11.71 -3.59 -24.23
C THR A 153 -10.97 -2.62 -25.15
N ALA A 154 -9.81 -3.05 -25.69
CA ALA A 154 -9.03 -2.35 -26.74
C ALA A 154 -9.68 -2.48 -28.12
N GLY A 155 -10.78 -3.25 -28.23
CA GLY A 155 -11.60 -3.37 -29.46
C GLY A 155 -13.05 -3.01 -29.17
N THR A 156 -14.00 -3.88 -29.52
CA THR A 156 -15.43 -3.79 -29.07
C THR A 156 -15.63 -4.81 -27.95
N THR A 157 -16.03 -6.04 -28.27
CA THR A 157 -16.27 -7.13 -27.29
C THR A 157 -15.00 -8.00 -27.17
N TRP A 158 -14.89 -8.73 -26.06
CA TRP A 158 -13.80 -9.72 -25.79
C TRP A 158 -13.89 -10.87 -26.81
N ASP A 159 -15.10 -11.35 -27.10
CA ASP A 159 -15.37 -12.45 -28.05
C ASP A 159 -15.67 -11.85 -29.44
N ASN A 160 -15.63 -12.69 -30.49
CA ASN A 160 -16.23 -12.36 -31.80
C ASN A 160 -17.75 -12.48 -31.65
N SER A 161 -18.43 -11.36 -31.42
CA SER A 161 -19.89 -11.25 -31.20
C SER A 161 -20.59 -10.76 -32.48
N TRP A 162 -19.86 -10.68 -33.60
CA TRP A 162 -20.42 -10.16 -34.89
C TRP A 162 -20.69 -11.33 -35.84
N ASP A 163 -19.69 -12.17 -36.12
CA ASP A 163 -19.86 -13.43 -36.90
C ASP A 163 -20.67 -14.42 -36.08
N PHE A 164 -20.59 -14.33 -34.74
CA PHE A 164 -21.22 -15.28 -33.79
C PHE A 164 -22.05 -14.48 -32.79
N PRO A 165 -23.20 -13.91 -33.22
CA PRO A 165 -24.03 -13.08 -32.33
C PRO A 165 -24.77 -13.84 -31.21
N ASP A 166 -25.12 -15.12 -31.41
CA ASP A 166 -25.97 -15.92 -30.50
C ASP A 166 -25.18 -16.27 -29.22
N GLU A 167 -25.14 -15.33 -28.26
CA GLU A 167 -24.34 -15.42 -27.00
C GLU A 167 -24.75 -16.68 -26.21
N ASP A 168 -26.05 -16.85 -25.94
CA ASP A 168 -26.60 -17.91 -25.05
C ASP A 168 -26.28 -19.33 -25.60
N GLN A 169 -26.04 -19.46 -26.92
CA GLN A 169 -25.79 -20.77 -27.58
C GLN A 169 -24.29 -21.12 -27.55
N LYS A 170 -23.43 -20.19 -27.14
CA LYS A 170 -21.95 -20.39 -27.13
C LYS A 170 -21.55 -21.31 -25.96
N ASN A 171 -20.43 -22.00 -26.13
CA ASN A 171 -19.97 -23.09 -25.22
C ASN A 171 -18.47 -23.30 -25.43
N PHE A 172 -17.66 -22.68 -24.57
CA PHE A 172 -16.18 -22.62 -24.67
C PHE A 172 -15.54 -24.02 -24.66
N ASP A 173 -16.20 -24.99 -24.04
CA ASP A 173 -15.71 -26.40 -23.96
C ASP A 173 -15.39 -26.91 -25.37
N LEU A 174 -16.27 -26.67 -26.34
CA LEU A 174 -16.12 -27.15 -27.74
C LEU A 174 -14.82 -26.59 -28.34
N CYS A 175 -14.58 -25.29 -28.14
CA CYS A 175 -13.36 -24.57 -28.61
C CYS A 175 -12.12 -25.06 -27.86
N PHE A 176 -12.23 -25.24 -26.54
CA PHE A 176 -11.09 -25.70 -25.69
C PHE A 176 -10.64 -27.10 -26.14
N ASP A 177 -11.61 -28.02 -26.29
CA ASP A 177 -11.38 -29.46 -26.55
C ASP A 177 -10.86 -29.66 -27.99
N ASN A 178 -11.34 -28.87 -28.95
CA ASN A 178 -11.12 -29.14 -30.40
C ASN A 178 -10.05 -28.22 -30.99
N LYS A 179 -9.65 -27.14 -30.32
CA LYS A 179 -8.64 -26.19 -30.86
C LYS A 179 -7.57 -25.84 -29.82
N ILE A 180 -7.95 -25.30 -28.65
CA ILE A 180 -6.97 -24.74 -27.68
C ILE A 180 -5.98 -25.84 -27.28
N LEU A 181 -6.48 -26.91 -26.68
CA LEU A 181 -5.58 -27.95 -26.08
C LEU A 181 -4.81 -28.66 -27.17
N PRO A 182 -5.43 -29.07 -28.29
CA PRO A 182 -4.67 -29.60 -29.43
C PRO A 182 -3.51 -28.67 -29.85
N GLN A 183 -3.78 -27.38 -30.06
CA GLN A 183 -2.76 -26.40 -30.54
C GLN A 183 -1.64 -26.24 -29.50
N ILE A 184 -1.97 -26.22 -28.21
CA ILE A 184 -0.96 -26.11 -27.11
C ILE A 184 -0.04 -27.35 -27.16
N LYS A 185 -0.62 -28.53 -27.38
CA LYS A 185 0.13 -29.80 -27.49
C LYS A 185 1.09 -29.72 -28.69
N GLU A 186 0.65 -29.12 -29.81
CA GLU A 186 1.49 -29.03 -31.05
C GLU A 186 2.73 -28.19 -30.76
N ILE A 187 2.54 -26.97 -30.25
CA ILE A 187 3.64 -25.96 -30.04
C ILE A 187 4.59 -26.46 -28.95
N MET A 188 4.08 -27.21 -27.98
CA MET A 188 4.90 -27.79 -26.87
C MET A 188 5.53 -29.13 -27.28
N SER A 189 5.31 -29.60 -28.52
CA SER A 189 5.83 -30.91 -29.02
C SER A 189 6.86 -30.68 -30.14
N ASN A 190 6.48 -29.90 -31.13
CA ASN A 190 7.37 -29.46 -32.26
C ASN A 190 8.21 -28.30 -31.70
N TYR A 191 9.24 -27.84 -32.40
CA TYR A 191 9.94 -26.57 -32.02
C TYR A 191 10.88 -26.74 -30.81
N GLY A 192 11.20 -27.97 -30.41
CA GLY A 192 12.28 -28.25 -29.45
C GLY A 192 11.92 -27.78 -28.03
N ASP A 193 12.94 -27.71 -27.16
CA ASP A 193 12.89 -27.17 -25.78
C ASP A 193 12.24 -25.79 -25.78
N ILE A 194 11.27 -25.59 -24.89
CA ILE A 194 10.56 -24.29 -24.64
C ILE A 194 10.89 -23.83 -23.22
N ALA A 195 11.60 -22.70 -23.09
CA ALA A 195 12.07 -22.15 -21.79
C ALA A 195 10.92 -21.48 -21.00
N THR A 196 9.94 -20.91 -21.71
CA THR A 196 8.92 -19.99 -21.13
C THR A 196 7.58 -20.19 -21.85
N ALA A 197 6.48 -20.24 -21.10
CA ALA A 197 5.12 -20.36 -21.65
C ALA A 197 4.29 -19.19 -21.16
N TRP A 198 3.72 -18.42 -22.07
CA TRP A 198 3.11 -17.11 -21.80
C TRP A 198 1.63 -17.16 -22.20
N PHE A 199 0.72 -17.23 -21.23
CA PHE A 199 -0.73 -17.34 -21.51
C PHE A 199 -1.37 -15.98 -21.27
N ALA A 200 -2.54 -15.78 -21.89
CA ALA A 200 -3.38 -14.56 -21.81
C ALA A 200 -4.15 -14.56 -20.50
N VAL A 201 -4.84 -13.46 -20.23
CA VAL A 201 -5.68 -13.30 -19.01
C VAL A 201 -6.94 -14.15 -19.23
N PRO A 202 -7.15 -15.19 -18.41
CA PRO A 202 -8.30 -16.07 -18.57
C PRO A 202 -9.57 -15.44 -18.00
N MET A 203 -10.70 -15.67 -18.65
CA MET A 203 -12.01 -15.08 -18.28
C MET A 203 -13.09 -16.16 -18.38
N THR A 204 -13.01 -17.01 -19.42
CA THR A 204 -13.99 -18.07 -19.73
C THR A 204 -13.52 -19.42 -19.16
N LEU A 205 -12.21 -19.72 -19.20
CA LEU A 205 -11.60 -21.00 -18.72
C LEU A 205 -12.16 -21.38 -17.35
N SER A 206 -12.54 -22.65 -17.17
CA SER A 206 -12.79 -23.28 -15.86
C SER A 206 -11.45 -23.58 -15.18
N GLU A 207 -11.47 -23.80 -13.87
CA GLU A 207 -10.32 -24.27 -13.05
C GLU A 207 -9.79 -25.58 -13.66
N ALA A 208 -10.68 -26.49 -14.05
CA ALA A 208 -10.37 -27.79 -14.71
C ALA A 208 -9.50 -27.53 -15.95
N GLN A 209 -10.03 -26.71 -16.88
CA GLN A 209 -9.40 -26.40 -18.19
C GLN A 209 -7.99 -25.82 -17.96
N SER A 210 -7.79 -25.03 -16.91
CA SER A 210 -6.49 -24.40 -16.54
C SER A 210 -5.51 -25.46 -16.05
N GLN A 211 -5.99 -26.38 -15.21
CA GLN A 211 -5.18 -27.51 -14.65
C GLN A 211 -4.65 -28.35 -15.83
N THR A 212 -5.54 -28.67 -16.78
CA THR A 212 -5.23 -29.45 -18.00
C THR A 212 -4.03 -28.82 -18.72
N ILE A 213 -4.14 -27.52 -19.03
CA ILE A 213 -3.05 -26.79 -19.74
C ILE A 213 -1.76 -26.93 -18.93
N TYR A 214 -1.85 -26.72 -17.61
CA TYR A 214 -0.68 -26.77 -16.69
C TYR A 214 -0.01 -28.15 -16.81
N ASP A 215 -0.77 -29.21 -16.60
CA ASP A 215 -0.29 -30.62 -16.65
C ASP A 215 0.29 -30.94 -18.03
N THR A 216 -0.38 -30.47 -19.11
CA THR A 216 0.04 -30.68 -20.52
C THR A 216 1.43 -30.10 -20.73
N VAL A 217 1.64 -28.84 -20.30
CA VAL A 217 2.94 -28.14 -20.47
C VAL A 217 3.98 -28.88 -19.64
N ARG A 218 3.64 -29.22 -18.40
CA ARG A 218 4.53 -29.92 -17.44
C ARG A 218 5.05 -31.21 -18.08
N GLU A 219 4.15 -32.02 -18.63
CA GLU A 219 4.45 -33.34 -19.25
C GLU A 219 5.33 -33.16 -20.48
N LEU A 220 4.92 -32.29 -21.43
CA LEU A 220 5.57 -32.16 -22.76
C LEU A 220 6.88 -31.37 -22.64
N GLN A 221 6.96 -30.42 -21.71
CA GLN A 221 8.11 -29.47 -21.59
C GLN A 221 8.47 -29.30 -20.12
N PRO A 222 8.98 -30.37 -19.46
CA PRO A 222 9.23 -30.36 -18.02
C PRO A 222 9.94 -29.12 -17.46
N ASN A 223 10.86 -28.51 -18.21
CA ASN A 223 11.75 -27.42 -17.71
C ASN A 223 11.22 -26.03 -18.11
N CYS A 224 10.10 -25.96 -18.82
CA CYS A 224 9.40 -24.71 -19.21
C CYS A 224 8.85 -24.01 -17.96
N LEU A 225 9.20 -22.73 -17.78
CA LEU A 225 8.66 -21.82 -16.75
C LEU A 225 7.35 -21.21 -17.26
N ILE A 226 6.26 -21.34 -16.50
CA ILE A 226 4.88 -20.93 -16.90
C ILE A 226 4.56 -19.61 -16.20
N ASN A 227 4.03 -18.62 -16.93
CA ASN A 227 3.71 -17.28 -16.38
C ASN A 227 2.43 -17.38 -15.52
N SER A 228 2.21 -16.38 -14.67
CA SER A 228 1.14 -16.37 -13.63
C SER A 228 -0.25 -16.19 -14.26
N ARG A 229 -0.32 -15.77 -15.52
CA ARG A 229 -1.60 -15.44 -16.20
C ARG A 229 -2.38 -16.70 -16.58
N LEU A 230 -1.89 -17.90 -16.23
CA LEU A 230 -2.60 -19.16 -16.55
C LEU A 230 -3.74 -19.39 -15.55
N GLY A 231 -3.40 -19.38 -14.25
CA GLY A 231 -4.29 -19.74 -13.12
C GLY A 231 -3.49 -19.79 -11.82
N ASN A 232 -4.12 -19.42 -10.69
CA ASN A 232 -3.46 -19.31 -9.37
C ASN A 232 -2.88 -20.70 -9.01
N GLY A 233 -1.62 -20.75 -8.56
CA GLY A 233 -0.96 -22.01 -8.11
C GLY A 233 -0.48 -22.86 -9.28
N LYS A 234 -0.68 -22.38 -10.52
CA LYS A 234 -0.34 -23.08 -11.78
C LYS A 234 0.69 -22.25 -12.57
N TYR A 235 1.78 -21.80 -11.93
CA TYR A 235 2.81 -20.93 -12.56
C TYR A 235 4.17 -21.03 -11.85
N ASP A 236 5.25 -20.68 -12.54
CA ASP A 236 6.65 -20.70 -12.02
C ASP A 236 7.20 -19.28 -11.85
N PHE A 237 6.64 -18.28 -12.53
CA PHE A 237 7.02 -16.85 -12.37
C PHE A 237 5.78 -15.95 -12.51
N VAL A 238 5.85 -14.77 -11.89
CA VAL A 238 4.76 -13.76 -11.82
C VAL A 238 4.97 -12.76 -12.97
N SER A 239 3.94 -12.57 -13.78
CA SER A 239 3.84 -11.46 -14.77
C SER A 239 3.26 -10.26 -14.02
N LEU A 240 4.07 -9.22 -13.83
CA LEU A 240 3.65 -7.95 -13.16
C LEU A 240 3.12 -7.00 -14.23
N GLY A 241 1.90 -6.47 -13.99
CA GLY A 241 1.30 -5.37 -14.77
C GLY A 241 1.95 -4.07 -14.38
N ASP A 242 1.91 -3.05 -15.25
CA ASP A 242 2.63 -1.76 -15.03
C ASP A 242 2.30 -1.21 -13.64
N ASN A 243 1.01 -1.28 -13.28
CA ASN A 243 0.45 -0.81 -11.98
C ASN A 243 1.00 -1.61 -10.79
N GLU A 244 1.90 -2.58 -11.00
CA GLU A 244 2.42 -3.47 -9.92
C GLU A 244 3.94 -3.33 -9.75
N ILE A 245 4.62 -2.46 -10.49
CA ILE A 245 6.10 -2.32 -10.40
C ILE A 245 6.40 -1.53 -9.13
N PRO A 246 7.43 -1.91 -8.35
CA PRO A 246 7.98 -1.03 -7.30
C PRO A 246 8.41 0.39 -7.72
N LYS A 247 8.46 1.32 -6.74
CA LYS A 247 8.84 2.76 -6.87
C LYS A 247 10.36 2.95 -6.85
N ASN A 248 10.84 4.18 -7.13
CA ASN A 248 12.26 4.61 -6.91
C ASN A 248 12.27 6.04 -6.36
N PHE A 265 -1.93 -9.02 -4.85
CA PHE A 265 -0.64 -9.50 -5.43
C PHE A 265 -0.69 -11.02 -5.58
N LYS A 266 0.44 -11.61 -5.98
CA LYS A 266 0.58 -13.06 -6.29
C LYS A 266 1.92 -13.55 -5.76
N PRO A 267 1.94 -14.59 -4.90
CA PRO A 267 3.21 -15.12 -4.41
C PRO A 267 4.13 -15.60 -5.54
N SER A 268 5.45 -15.47 -5.33
CA SER A 268 6.51 -15.92 -6.23
C SER A 268 7.39 -16.94 -5.49
N PRO A 269 7.07 -18.26 -5.55
CA PRO A 269 7.74 -19.26 -4.74
C PRO A 269 9.24 -19.42 -5.06
N LEU A 270 9.61 -19.22 -6.33
CA LEU A 270 11.00 -19.42 -6.85
C LEU A 270 11.70 -18.06 -6.91
N GLY A 271 11.00 -16.98 -6.60
CA GLY A 271 11.50 -15.59 -6.64
C GLY A 271 11.72 -15.10 -8.05
N LEU A 272 10.80 -15.44 -8.96
CA LEU A 272 10.89 -15.16 -10.42
C LEU A 272 9.81 -14.15 -10.80
N TYR A 273 10.21 -13.11 -11.55
CA TYR A 273 9.35 -11.96 -11.92
C TYR A 273 9.70 -11.46 -13.32
N GLU A 274 8.68 -10.98 -14.04
CA GLU A 274 8.82 -10.42 -15.40
C GLU A 274 7.75 -9.34 -15.59
N THR A 275 8.13 -8.17 -16.10
CA THR A 275 7.16 -7.20 -16.65
C THR A 275 7.39 -7.08 -18.17
N ALA A 276 6.31 -7.20 -18.94
CA ALA A 276 6.29 -7.02 -20.40
C ALA A 276 5.95 -5.56 -20.69
N GLY A 277 6.66 -4.96 -21.65
CA GLY A 277 6.35 -3.64 -22.23
C GLY A 277 6.55 -3.63 -23.72
N THR A 278 6.03 -2.61 -24.39
CA THR A 278 6.24 -2.33 -25.82
C THR A 278 6.99 -1.00 -25.97
N ILE A 279 7.65 -0.77 -27.10
CA ILE A 279 8.55 0.41 -27.29
C ILE A 279 7.71 1.64 -27.63
N ASN A 280 6.72 1.52 -28.53
CA ASN A 280 5.66 2.55 -28.66
C ASN A 280 4.51 2.11 -27.76
N ASP A 281 3.26 2.43 -28.13
CA ASP A 281 2.08 2.18 -27.27
C ASP A 281 1.27 0.98 -27.79
N SER A 282 1.70 0.37 -28.90
CA SER A 282 1.00 -0.79 -29.51
C SER A 282 1.88 -2.03 -29.40
N TRP A 283 1.29 -3.20 -29.28
CA TRP A 283 2.02 -4.49 -29.31
C TRP A 283 2.20 -4.87 -30.78
N GLY A 284 1.11 -4.86 -31.53
CA GLY A 284 1.15 -5.03 -32.99
C GLY A 284 1.66 -3.77 -33.66
N PHE A 285 2.22 -3.91 -34.86
CA PHE A 285 2.71 -2.78 -35.69
C PHE A 285 1.54 -1.85 -36.04
N SER A 286 1.80 -0.54 -36.03
CA SER A 286 0.85 0.58 -36.29
C SER A 286 1.62 1.71 -36.96
N TYR A 287 1.32 2.04 -38.22
N TYR A 287 1.33 2.06 -38.22
CA TYR A 287 1.96 3.14 -38.98
CA TYR A 287 2.12 3.13 -38.90
C TYR A 287 1.83 4.45 -38.18
C TYR A 287 1.83 4.46 -38.18
N HIS A 288 0.60 4.72 -37.71
CA HIS A 288 0.25 6.01 -37.07
C HIS A 288 0.94 6.16 -35.70
N ASP A 289 1.37 5.09 -35.04
CA ASP A 289 2.01 5.17 -33.69
C ASP A 289 3.54 5.35 -33.81
N GLN A 290 4.00 6.60 -33.80
CA GLN A 290 5.44 6.96 -33.78
C GLN A 290 5.86 7.43 -32.37
N ASN A 291 5.11 7.06 -31.33
CA ASN A 291 5.38 7.43 -29.92
C ASN A 291 6.40 6.48 -29.29
N TRP A 292 7.56 6.32 -29.91
CA TRP A 292 8.66 5.44 -29.44
C TRP A 292 9.25 5.98 -28.15
N LYS A 293 9.28 5.18 -27.09
CA LYS A 293 10.06 5.51 -25.87
C LYS A 293 11.52 5.73 -26.25
N THR A 294 12.15 6.74 -25.68
CA THR A 294 13.56 7.12 -25.96
C THR A 294 14.49 6.07 -25.38
N PRO A 295 15.73 5.97 -25.94
CA PRO A 295 16.76 5.10 -25.38
C PRO A 295 16.86 5.21 -23.84
N ARG A 296 16.85 6.44 -23.32
CA ARG A 296 17.05 6.69 -21.86
C ARG A 296 15.88 6.10 -21.07
N THR A 297 14.64 6.30 -21.53
CA THR A 297 13.43 5.70 -20.91
C THR A 297 13.59 4.18 -20.86
N LEU A 298 13.96 3.55 -21.99
CA LEU A 298 14.09 2.08 -22.10
C LEU A 298 15.16 1.61 -21.10
N TYR A 299 16.33 2.25 -21.09
CA TYR A 299 17.48 1.82 -20.26
C TYR A 299 17.14 1.99 -18.78
N ARG A 300 16.63 3.16 -18.39
CA ARG A 300 16.26 3.46 -16.99
C ARG A 300 15.23 2.46 -16.50
N TYR A 301 14.17 2.21 -17.28
CA TYR A 301 13.09 1.28 -16.86
C TYR A 301 13.71 -0.10 -16.63
N LYS A 302 14.53 -0.57 -17.58
CA LYS A 302 15.20 -1.89 -17.48
C LYS A 302 16.02 -1.95 -16.18
N GLN A 303 16.81 -0.92 -15.89
CA GLN A 303 17.73 -0.86 -14.72
C GLN A 303 16.90 -0.93 -13.44
N HIS A 304 15.74 -0.26 -13.42
CA HIS A 304 14.86 -0.19 -12.22
C HIS A 304 14.23 -1.57 -11.96
N LEU A 305 13.71 -2.21 -13.00
CA LEU A 305 13.15 -3.58 -12.92
C LEU A 305 14.26 -4.55 -12.46
N ASN A 306 15.40 -4.52 -13.14
CA ASN A 306 16.55 -5.44 -12.87
C ASN A 306 16.97 -5.31 -11.41
N ASP A 307 17.15 -4.08 -10.91
CA ASP A 307 17.54 -3.80 -9.50
C ASP A 307 16.57 -4.47 -8.53
N PHE A 308 15.29 -4.62 -8.91
CA PHE A 308 14.21 -5.24 -8.09
C PHE A 308 14.07 -6.74 -8.40
N GLY A 309 15.03 -7.33 -9.11
CA GLY A 309 15.00 -8.75 -9.48
C GLY A 309 13.86 -9.07 -10.43
N ILE A 310 13.50 -8.14 -11.33
CA ILE A 310 12.40 -8.30 -12.33
C ILE A 310 13.01 -8.28 -13.75
N ASN A 311 12.66 -9.27 -14.57
CA ASN A 311 13.08 -9.35 -16.01
C ASN A 311 12.22 -8.37 -16.82
N TYR A 312 12.84 -7.67 -17.77
CA TYR A 312 12.17 -6.77 -18.74
C TYR A 312 11.95 -7.52 -20.05
N LEU A 313 10.70 -7.77 -20.41
CA LEU A 313 10.35 -8.44 -21.69
C LEU A 313 9.81 -7.35 -22.64
N LEU A 314 10.65 -6.92 -23.58
CA LEU A 314 10.42 -5.70 -24.39
C LEU A 314 9.92 -6.12 -25.78
N ASN A 315 8.71 -5.70 -26.13
CA ASN A 315 7.99 -6.13 -27.35
C ASN A 315 8.51 -5.38 -28.58
N VAL A 316 8.69 -6.11 -29.67
CA VAL A 316 8.83 -5.55 -31.06
C VAL A 316 7.61 -6.02 -31.85
N GLY A 317 6.99 -5.13 -32.60
CA GLY A 317 5.85 -5.44 -33.48
C GLY A 317 6.29 -5.41 -34.94
N LEU A 318 6.53 -6.58 -35.54
CA LEU A 318 7.12 -6.67 -36.91
C LEU A 318 6.14 -6.08 -37.93
N ASP A 319 6.68 -5.47 -38.98
CA ASP A 319 5.90 -4.76 -40.04
C ASP A 319 5.44 -5.78 -41.09
N PRO A 320 4.62 -5.37 -42.08
CA PRO A 320 4.09 -6.32 -43.06
C PRO A 320 5.16 -7.05 -43.87
N LEU A 321 6.38 -6.53 -44.01
CA LEU A 321 7.48 -7.24 -44.74
C LEU A 321 8.33 -8.06 -43.75
N GLY A 322 7.94 -8.14 -42.48
CA GLY A 322 8.64 -8.93 -41.44
C GLY A 322 9.85 -8.23 -40.86
N ARG A 323 9.86 -6.89 -40.89
CA ARG A 323 10.99 -6.06 -40.41
C ARG A 323 10.68 -5.54 -39.00
N VAL A 324 11.72 -5.50 -38.17
CA VAL A 324 11.79 -4.63 -36.98
C VAL A 324 11.74 -3.20 -37.48
N PRO A 325 10.74 -2.38 -37.10
CA PRO A 325 10.72 -0.96 -37.47
C PRO A 325 12.04 -0.24 -37.17
N MET A 326 12.46 0.60 -38.12
CA MET A 326 13.75 1.34 -38.06
C MET A 326 13.90 2.01 -36.68
N MET A 327 12.87 2.70 -36.22
CA MET A 327 12.98 3.49 -34.95
C MET A 327 13.04 2.55 -33.73
N ALA A 328 12.36 1.42 -33.76
CA ALA A 328 12.48 0.39 -32.69
C ALA A 328 13.92 -0.13 -32.64
N GLU A 329 14.50 -0.44 -33.79
CA GLU A 329 15.89 -0.99 -33.86
C GLU A 329 16.87 0.07 -33.32
N GLU A 330 16.75 1.32 -33.78
CA GLU A 330 17.60 2.46 -33.31
C GLU A 330 17.51 2.60 -31.79
N ASN A 331 16.29 2.59 -31.24
CA ASN A 331 16.09 2.87 -29.80
C ASN A 331 16.64 1.72 -28.95
N LEU A 332 16.50 0.47 -29.42
CA LEU A 332 17.04 -0.72 -28.70
C LEU A 332 18.57 -0.62 -28.64
N LEU A 333 19.19 -0.29 -29.76
CA LEU A 333 20.68 -0.24 -29.88
C LEU A 333 21.23 0.91 -29.05
N ALA A 334 20.56 2.06 -29.05
CA ALA A 334 21.01 3.25 -28.30
C ALA A 334 20.82 3.02 -26.80
N ALA A 335 19.75 2.34 -26.39
CA ALA A 335 19.51 1.95 -24.98
C ALA A 335 20.66 1.04 -24.51
N LYS A 336 21.12 0.15 -25.37
CA LYS A 336 22.23 -0.78 -25.07
C LYS A 336 23.53 0.03 -24.89
N ALA A 337 23.75 1.03 -25.74
CA ALA A 337 24.96 1.88 -25.69
C ALA A 337 24.95 2.65 -24.37
N LEU A 338 23.79 3.22 -23.98
CA LEU A 338 23.62 3.93 -22.69
C LEU A 338 23.96 2.95 -21.55
N GLU A 339 23.41 1.74 -21.60
CA GLU A 339 23.53 0.73 -20.52
C GLU A 339 25.01 0.35 -20.31
N ASP A 340 25.73 0.12 -21.41
CA ASP A 340 27.16 -0.31 -21.39
C ASP A 340 28.04 0.82 -20.85
N GLU A 341 27.80 2.04 -21.36
CA GLU A 341 28.47 3.28 -20.86
C GLU A 341 28.27 3.36 -19.34
N ALA A 342 27.01 3.34 -18.90
CA ALA A 342 26.63 3.39 -17.47
C ALA A 342 27.37 2.31 -16.68
N ASN A 343 27.44 1.07 -17.18
CA ASN A 343 27.95 -0.13 -16.45
C ASN A 343 29.48 -0.17 -16.46
N ARG A 344 30.15 0.84 -17.03
CA ARG A 344 31.61 1.04 -16.85
C ARG A 344 31.79 2.18 -15.86
N LEU A 345 32.73 2.12 -14.92
CA LEU A 345 32.96 3.16 -13.86
C LEU A 345 33.00 2.49 -12.50
N ASN B 2 35.33 3.50 17.39
CA ASN B 2 34.01 3.92 16.87
C ASN B 2 33.23 4.50 18.06
N ASP B 3 32.55 5.63 17.85
CA ASP B 3 31.71 6.34 18.86
C ASP B 3 30.66 5.38 19.43
N ASN B 4 30.35 4.30 18.69
CA ASN B 4 29.33 3.27 19.05
C ASN B 4 29.63 2.64 20.42
N VAL B 5 30.90 2.51 20.83
CA VAL B 5 31.25 1.90 22.15
C VAL B 5 30.73 2.82 23.27
N ALA B 6 31.08 4.11 23.20
CA ALA B 6 30.64 5.15 24.16
C ALA B 6 29.11 5.19 24.18
N TRP B 7 28.50 5.29 22.99
CA TRP B 7 27.02 5.40 22.81
C TRP B 7 26.32 4.19 23.47
N PHE B 8 26.82 2.98 23.26
CA PHE B 8 26.19 1.72 23.75
C PHE B 8 26.28 1.67 25.29
N LYS B 9 27.40 2.10 25.87
CA LYS B 9 27.60 2.10 27.33
C LYS B 9 26.57 3.02 28.01
N GLN B 10 25.99 3.98 27.28
CA GLN B 10 25.05 4.99 27.86
C GLN B 10 23.66 4.87 27.23
N ALA B 11 23.40 3.83 26.44
CA ALA B 11 22.12 3.64 25.71
C ALA B 11 21.01 3.21 26.69
N LYS B 12 21.32 2.26 27.56
CA LYS B 12 20.49 1.84 28.74
C LYS B 12 19.31 0.96 28.33
N TYR B 13 18.65 1.28 27.21
CA TYR B 13 17.28 0.80 26.91
C TYR B 13 17.11 0.63 25.39
N GLY B 14 16.68 -0.57 24.97
CA GLY B 14 16.39 -0.89 23.56
C GLY B 14 15.10 -1.68 23.44
N MET B 15 14.39 -1.51 22.32
CA MET B 15 13.22 -2.36 21.98
C MET B 15 13.70 -3.53 21.12
N MET B 16 13.24 -4.74 21.40
CA MET B 16 13.47 -5.93 20.53
C MET B 16 12.13 -6.30 19.89
N ILE B 17 12.14 -6.86 18.68
CA ILE B 17 10.88 -7.28 17.99
C ILE B 17 11.05 -8.72 17.46
N HIS B 18 10.19 -9.62 17.93
CA HIS B 18 9.97 -10.97 17.35
C HIS B 18 8.66 -10.94 16.57
N TRP B 19 8.71 -11.31 15.30
CA TRP B 19 7.56 -11.27 14.37
C TRP B 19 7.85 -12.20 13.19
N GLY B 20 6.85 -12.99 12.80
CA GLY B 20 7.01 -14.00 11.76
C GLY B 20 5.75 -14.80 11.55
N LEU B 21 5.84 -15.90 10.79
CA LEU B 21 4.66 -16.74 10.52
C LEU B 21 4.13 -17.26 11.87
N TYR B 22 5.02 -17.53 12.83
CA TYR B 22 4.67 -18.04 14.19
C TYR B 22 3.59 -17.16 14.83
N SER B 23 3.67 -15.86 14.61
CA SER B 23 2.75 -14.84 15.16
C SER B 23 1.30 -15.12 14.76
N LEU B 24 1.05 -15.69 13.57
CA LEU B 24 -0.34 -15.92 13.10
C LEU B 24 -0.96 -17.04 13.93
N LEU B 25 -0.19 -18.07 14.28
CA LEU B 25 -0.69 -19.20 15.09
C LEU B 25 -0.87 -18.76 16.54
N ALA B 26 -0.12 -17.77 16.99
CA ALA B 26 -0.33 -17.05 18.28
C ALA B 26 -0.40 -18.02 19.48
N GLY B 27 0.50 -18.99 19.56
CA GLY B 27 0.72 -19.84 20.76
C GLY B 27 -0.20 -21.03 20.81
N GLU B 28 -0.93 -21.29 19.73
CA GLU B 28 -2.03 -22.29 19.67
C GLU B 28 -1.91 -23.07 18.37
N TYR B 29 -2.06 -24.40 18.40
CA TYR B 29 -2.12 -25.25 17.18
C TYR B 29 -3.06 -26.41 17.43
N ARG B 30 -4.13 -26.46 16.64
CA ARG B 30 -5.19 -27.49 16.66
C ARG B 30 -5.62 -27.82 18.08
N GLY B 31 -5.99 -26.78 18.85
CA GLY B 31 -6.59 -26.92 20.20
C GLY B 31 -5.58 -27.19 21.29
N GLU B 32 -4.29 -27.06 20.99
CA GLU B 32 -3.20 -27.30 21.97
C GLU B 32 -2.21 -26.14 22.01
N SER B 33 -1.56 -26.02 23.16
CA SER B 33 -0.73 -24.87 23.57
C SER B 33 0.72 -25.08 23.14
N SER B 34 1.36 -24.05 22.63
CA SER B 34 2.84 -24.01 22.50
C SER B 34 3.44 -24.08 23.91
N SER B 35 4.75 -24.20 24.03
CA SER B 35 5.51 -23.88 25.27
C SER B 35 5.40 -22.37 25.53
N ALA B 36 6.06 -21.87 26.59
CA ALA B 36 6.17 -20.43 26.89
C ALA B 36 6.63 -19.67 25.65
N TYR B 37 7.45 -20.30 24.79
CA TYR B 37 8.01 -19.68 23.56
C TYR B 37 7.13 -20.07 22.36
N ALA B 38 6.19 -19.18 22.04
CA ALA B 38 5.21 -19.33 20.95
C ALA B 38 5.93 -19.36 19.59
N GLU B 39 7.07 -18.64 19.46
CA GLU B 39 7.87 -18.56 18.21
C GLU B 39 8.47 -19.93 17.85
N TRP B 40 8.57 -20.85 18.81
CA TRP B 40 9.09 -22.24 18.64
C TRP B 40 7.96 -23.20 18.22
N ILE B 41 6.78 -22.70 17.85
CA ILE B 41 5.58 -23.56 17.71
C ILE B 41 5.78 -24.62 16.62
N GLN B 42 6.54 -24.31 15.55
CA GLN B 42 6.72 -25.26 14.43
C GLN B 42 7.43 -26.52 14.96
N SER B 43 8.51 -26.35 15.73
CA SER B 43 9.26 -27.48 16.35
C SER B 43 8.35 -28.20 17.35
N LYS B 44 7.61 -27.44 18.15
CA LYS B 44 6.72 -27.95 19.23
C LYS B 44 5.77 -29.01 18.66
N PHE B 45 5.16 -28.75 17.51
CA PHE B 45 4.12 -29.62 16.90
C PHE B 45 4.63 -30.32 15.62
N GLN B 46 5.91 -30.13 15.28
CA GLN B 46 6.54 -30.73 14.08
C GLN B 46 5.63 -30.47 12.87
N ILE B 47 5.26 -29.21 12.68
CA ILE B 47 4.39 -28.78 11.56
C ILE B 47 5.23 -28.88 10.29
N PRO B 48 4.84 -29.72 9.30
CA PRO B 48 5.58 -29.82 8.05
C PRO B 48 5.74 -28.43 7.39
N ASN B 49 6.89 -28.21 6.74
CA ASN B 49 7.23 -26.95 6.01
C ASN B 49 6.09 -26.61 5.06
N ALA B 50 5.54 -27.57 4.32
CA ALA B 50 4.42 -27.34 3.37
C ALA B 50 3.28 -26.60 4.06
N GLU B 51 2.82 -27.08 5.22
CA GLU B 51 1.67 -26.48 5.97
C GLU B 51 2.09 -25.16 6.62
N TYR B 52 3.19 -25.16 7.36
CA TYR B 52 3.68 -23.97 8.12
C TYR B 52 3.94 -22.82 7.13
N GLY B 53 4.67 -23.11 6.04
CA GLY B 53 5.00 -22.10 5.02
C GLY B 53 3.74 -21.47 4.44
N ASN B 54 2.67 -22.26 4.34
CA ASN B 54 1.37 -21.79 3.80
C ASN B 54 0.81 -20.61 4.63
N LEU B 55 1.25 -20.45 5.88
CA LEU B 55 0.87 -19.29 6.72
C LEU B 55 1.22 -17.98 6.00
N ALA B 56 2.28 -18.00 5.18
CA ALA B 56 2.70 -16.82 4.37
C ALA B 56 1.53 -16.30 3.55
N THR B 57 0.66 -17.18 3.04
CA THR B 57 -0.51 -16.81 2.21
C THR B 57 -1.52 -16.04 3.05
N ALA B 58 -1.51 -16.17 4.37
CA ALA B 58 -2.47 -15.50 5.28
C ALA B 58 -1.83 -14.28 5.97
N PHE B 59 -0.56 -13.98 5.72
CA PHE B 59 0.19 -12.89 6.39
C PHE B 59 -0.13 -11.56 5.70
N ASN B 60 -1.04 -10.76 6.25
CA ASN B 60 -1.50 -9.46 5.69
C ASN B 60 -1.71 -8.45 6.81
N PRO B 61 -0.65 -8.07 7.56
CA PRO B 61 -0.79 -7.23 8.74
C PRO B 61 -1.15 -5.77 8.41
N LEU B 62 -2.43 -5.55 8.14
CA LEU B 62 -3.00 -4.25 7.71
C LEU B 62 -2.56 -3.11 8.62
N TYR B 63 -2.32 -3.33 9.92
CA TYR B 63 -2.09 -2.23 10.89
C TYR B 63 -0.60 -2.06 11.19
N PHE B 64 0.30 -2.86 10.58
CA PHE B 64 1.77 -2.68 10.74
C PHE B 64 2.13 -1.25 10.36
N ASP B 65 2.95 -0.59 11.17
CA ASP B 65 3.30 0.84 11.02
C ASP B 65 4.63 1.10 11.72
N ALA B 66 5.73 0.94 11.00
CA ALA B 66 7.11 1.12 11.49
C ALA B 66 7.23 2.47 12.20
N LYS B 67 6.66 3.52 11.62
CA LYS B 67 6.79 4.91 12.14
C LYS B 67 6.24 4.93 13.58
N LYS B 68 5.07 4.32 13.80
CA LYS B 68 4.36 4.33 15.10
C LYS B 68 5.11 3.47 16.13
N ILE B 69 5.61 2.31 15.71
CA ILE B 69 6.40 1.40 16.58
C ILE B 69 7.65 2.14 17.07
N VAL B 70 8.33 2.85 16.19
CA VAL B 70 9.56 3.61 16.54
C VAL B 70 9.18 4.79 17.45
N ALA B 71 8.01 5.40 17.22
CA ALA B 71 7.51 6.52 18.05
C ALA B 71 7.35 6.04 19.51
N LEU B 72 6.76 4.86 19.70
CA LEU B 72 6.53 4.25 21.03
C LEU B 72 7.87 4.03 21.73
N ALA B 73 8.80 3.36 21.05
CA ALA B 73 10.14 3.05 21.58
C ALA B 73 10.80 4.36 22.04
N LYS B 74 10.70 5.40 21.22
CA LYS B 74 11.38 6.70 21.50
C LYS B 74 10.70 7.38 22.69
N GLN B 75 9.39 7.26 22.81
CA GLN B 75 8.57 7.87 23.89
C GLN B 75 8.95 7.23 25.24
N CYS B 76 9.40 5.98 25.21
CA CYS B 76 9.82 5.19 26.39
C CYS B 76 11.30 5.41 26.71
N GLY B 77 12.00 6.25 25.95
CA GLY B 77 13.43 6.52 26.15
C GLY B 77 14.32 5.42 25.58
N MET B 78 13.78 4.47 24.80
CA MET B 78 14.62 3.47 24.07
C MET B 78 15.44 4.19 22.99
N GLN B 79 16.73 3.90 22.94
CA GLN B 79 17.71 4.60 22.05
C GLN B 79 18.04 3.71 20.84
N TYR B 80 17.57 2.47 20.83
CA TYR B 80 17.81 1.53 19.71
C TYR B 80 16.73 0.47 19.62
N LEU B 81 16.75 -0.26 18.53
CA LEU B 81 15.70 -1.25 18.17
C LEU B 81 16.39 -2.43 17.49
N VAL B 82 15.95 -3.65 17.77
CA VAL B 82 16.59 -4.90 17.25
C VAL B 82 15.47 -5.85 16.79
N VAL B 83 15.46 -6.21 15.50
CA VAL B 83 14.34 -6.97 14.87
C VAL B 83 14.84 -8.32 14.40
N THR B 84 13.98 -9.34 14.50
CA THR B 84 14.18 -10.66 13.87
C THR B 84 14.20 -10.49 12.34
N THR B 85 15.36 -10.65 11.69
CA THR B 85 15.47 -10.69 10.19
C THR B 85 15.09 -12.09 9.72
N LYS B 86 15.45 -13.10 10.51
CA LYS B 86 15.10 -14.51 10.29
C LYS B 86 15.31 -15.27 11.59
N HIS B 87 14.26 -15.95 12.07
CA HIS B 87 14.30 -16.74 13.34
C HIS B 87 14.57 -18.20 12.96
N HIS B 88 14.34 -19.14 13.88
CA HIS B 88 14.66 -20.58 13.70
C HIS B 88 13.82 -21.20 12.56
N ASP B 89 12.65 -20.63 12.23
CA ASP B 89 11.70 -21.22 11.22
C ASP B 89 12.29 -21.02 9.81
N GLY B 90 13.28 -20.12 9.68
CA GLY B 90 14.06 -19.90 8.45
C GLY B 90 13.37 -18.92 7.50
N PHE B 91 12.27 -18.30 7.94
CA PHE B 91 11.46 -17.36 7.13
C PHE B 91 12.03 -15.95 7.30
N ALA B 92 12.57 -15.38 6.23
CA ALA B 92 13.19 -14.04 6.25
C ALA B 92 12.08 -12.98 6.31
N MET B 93 12.30 -11.91 7.09
CA MET B 93 11.35 -10.77 7.23
C MET B 93 11.86 -9.57 6.43
N TYR B 94 12.68 -9.83 5.40
CA TYR B 94 13.22 -8.82 4.45
C TYR B 94 13.18 -9.44 3.06
N HIS B 95 13.45 -8.65 2.01
CA HIS B 95 13.43 -9.15 0.62
C HIS B 95 14.77 -9.83 0.31
N SER B 96 14.82 -11.16 0.42
CA SER B 96 16.08 -11.96 0.25
C SER B 96 16.25 -12.41 -1.20
N LYS B 97 17.29 -11.92 -1.90
CA LYS B 97 17.64 -12.37 -3.27
C LYS B 97 17.82 -13.90 -3.27
N VAL B 98 18.41 -14.44 -2.21
CA VAL B 98 18.90 -15.86 -2.16
C VAL B 98 17.76 -16.83 -1.86
N ASP B 99 16.73 -16.40 -1.12
CA ASP B 99 15.65 -17.33 -0.69
C ASP B 99 14.28 -16.63 -0.77
N ALA B 100 13.41 -17.18 -1.61
CA ALA B 100 12.04 -16.72 -1.89
C ALA B 100 11.11 -17.00 -0.69
N TYR B 101 11.61 -17.68 0.35
CA TYR B 101 10.89 -17.95 1.61
C TYR B 101 11.01 -16.73 2.53
N ASN B 102 10.36 -15.64 2.11
CA ASN B 102 10.49 -14.30 2.75
C ASN B 102 9.18 -13.54 2.65
N VAL B 103 9.04 -12.50 3.48
CA VAL B 103 7.80 -11.70 3.70
C VAL B 103 7.40 -10.96 2.42
N TYR B 104 8.37 -10.61 1.57
CA TYR B 104 8.15 -9.87 0.30
C TYR B 104 7.59 -10.79 -0.79
N ASP B 105 8.20 -11.94 -0.99
CA ASP B 105 7.90 -12.84 -2.14
C ASP B 105 6.74 -13.78 -1.79
N ALA B 106 6.62 -14.20 -0.54
CA ALA B 106 5.72 -15.31 -0.14
C ALA B 106 4.37 -14.82 0.38
N THR B 107 4.20 -13.52 0.70
CA THR B 107 2.98 -13.01 1.40
C THR B 107 2.26 -11.97 0.58
N PRO B 108 0.91 -11.87 0.68
CA PRO B 108 0.17 -10.83 -0.03
C PRO B 108 0.57 -9.43 0.46
N PHE B 109 1.07 -9.31 1.70
CA PHE B 109 1.52 -8.00 2.25
C PHE B 109 2.58 -7.41 1.30
N HIS B 110 3.48 -8.27 0.80
CA HIS B 110 4.44 -7.99 -0.29
C HIS B 110 5.19 -6.69 0.01
N ARG B 111 5.77 -6.61 1.22
CA ARG B 111 6.59 -5.47 1.69
C ARG B 111 7.79 -5.94 2.50
N ASP B 112 8.80 -5.08 2.64
CA ASP B 112 10.07 -5.35 3.35
C ASP B 112 10.02 -4.73 4.76
N ILE B 113 9.58 -5.53 5.75
CA ILE B 113 9.44 -5.13 7.18
C ILE B 113 10.73 -4.48 7.66
N ILE B 114 11.88 -5.14 7.45
CA ILE B 114 13.20 -4.66 7.96
C ILE B 114 13.50 -3.28 7.34
N GLY B 115 13.26 -3.13 6.03
CA GLY B 115 13.48 -1.87 5.31
C GLY B 115 12.68 -0.73 5.92
N GLU B 116 11.41 -0.97 6.22
CA GLU B 116 10.50 0.08 6.77
C GLU B 116 11.00 0.50 8.16
N LEU B 117 11.37 -0.47 9.00
CA LEU B 117 11.85 -0.19 10.38
C LEU B 117 13.19 0.54 10.30
N ALA B 118 14.09 0.09 9.42
CA ALA B 118 15.40 0.72 9.16
C ALA B 118 15.20 2.22 8.90
N GLU B 119 14.23 2.56 8.04
CA GLU B 119 13.95 3.96 7.61
C GLU B 119 13.36 4.76 8.78
N ALA B 120 12.34 4.20 9.42
CA ALA B 120 11.65 4.83 10.58
C ALA B 120 12.69 5.15 11.67
N CYS B 121 13.56 4.20 11.99
CA CYS B 121 14.67 4.33 12.99
C CYS B 121 15.60 5.48 12.55
N GLN B 122 16.11 5.39 11.32
CA GLN B 122 17.02 6.39 10.71
C GLN B 122 16.42 7.79 10.93
N LYS B 123 15.12 7.97 10.66
CA LYS B 123 14.44 9.28 10.73
C LYS B 123 14.28 9.76 12.18
N ALA B 124 13.99 8.84 13.11
CA ALA B 124 13.63 9.16 14.51
C ALA B 124 14.90 9.41 15.34
N GLY B 125 16.07 9.05 14.82
CA GLY B 125 17.35 9.16 15.53
C GLY B 125 17.67 7.91 16.33
N LEU B 126 16.92 6.83 16.13
CA LEU B 126 17.13 5.54 16.84
C LEU B 126 18.15 4.70 16.06
N LYS B 127 19.11 4.07 16.74
CA LYS B 127 20.04 3.09 16.15
C LYS B 127 19.26 1.82 15.80
N PHE B 128 19.78 1.02 14.87
CA PHE B 128 19.09 -0.14 14.28
C PHE B 128 19.99 -1.36 14.39
N GLY B 129 19.45 -2.48 14.90
CA GLY B 129 20.19 -3.74 15.07
C GLY B 129 19.42 -4.89 14.49
N LEU B 130 20.11 -5.99 14.16
CA LEU B 130 19.52 -7.15 13.46
C LEU B 130 19.79 -8.43 14.24
N TYR B 131 18.77 -9.28 14.35
CA TYR B 131 18.83 -10.65 14.89
C TYR B 131 18.76 -11.62 13.71
N TYR B 132 19.72 -12.54 13.61
CA TYR B 132 19.68 -13.63 12.59
C TYR B 132 19.96 -14.96 13.28
N SER B 133 19.14 -15.98 13.02
CA SER B 133 19.40 -17.38 13.44
C SER B 133 20.43 -18.01 12.50
N GLN B 134 21.72 -17.97 12.86
CA GLN B 134 22.84 -18.38 11.99
C GLN B 134 23.04 -19.90 12.02
N ASP B 135 22.37 -20.63 12.94
CA ASP B 135 22.60 -22.07 13.15
C ASP B 135 21.33 -22.85 12.79
N LEU B 136 20.25 -22.64 13.55
CA LEU B 136 18.97 -23.34 13.36
C LEU B 136 18.27 -22.75 12.14
N ASP B 137 17.73 -23.60 11.27
CA ASP B 137 16.90 -23.16 10.12
C ASP B 137 16.01 -24.32 9.68
N TRP B 138 14.73 -24.30 10.07
CA TRP B 138 13.82 -25.46 9.98
C TRP B 138 13.30 -25.63 8.55
N HIS B 139 13.52 -24.66 7.69
CA HIS B 139 13.08 -24.69 6.27
C HIS B 139 14.16 -25.34 5.41
N ASP B 140 15.39 -25.42 5.92
CA ASP B 140 16.59 -25.90 5.16
C ASP B 140 16.89 -27.35 5.50
N PRO B 141 17.07 -28.24 4.50
CA PRO B 141 17.35 -29.65 4.78
C PRO B 141 18.60 -29.87 5.65
N ASN B 142 19.53 -28.92 5.61
CA ASN B 142 20.82 -29.01 6.33
C ASN B 142 20.89 -27.94 7.41
N GLY B 143 19.73 -27.49 7.90
CA GLY B 143 19.66 -26.57 9.04
C GLY B 143 20.30 -27.19 10.27
N GLY B 144 20.87 -26.35 11.14
CA GLY B 144 21.65 -26.79 12.32
C GLY B 144 20.81 -27.42 13.43
N GLY B 145 21.49 -28.03 14.40
CA GLY B 145 20.95 -28.57 15.64
C GLY B 145 20.77 -30.07 15.62
N TYR B 146 21.19 -30.75 14.55
CA TYR B 146 21.00 -32.21 14.40
C TYR B 146 22.04 -32.99 15.23
N LYS B 147 22.98 -32.31 15.89
CA LYS B 147 24.00 -32.96 16.77
C LYS B 147 23.68 -32.67 18.25
N SER B 148 22.58 -31.96 18.55
CA SER B 148 22.35 -31.31 19.88
C SER B 148 21.12 -31.87 20.62
N ASN B 149 20.52 -32.96 20.15
CA ASN B 149 19.16 -33.38 20.56
C ASN B 149 19.19 -34.25 21.83
N ASP B 150 20.31 -34.30 22.55
CA ASP B 150 20.35 -34.92 23.92
C ASP B 150 20.00 -33.85 24.97
N VAL B 151 19.71 -32.62 24.55
CA VAL B 151 19.20 -31.51 25.42
C VAL B 151 17.80 -31.13 24.93
N GLU B 152 16.85 -30.95 25.85
CA GLU B 152 15.42 -30.60 25.56
C GLU B 152 15.35 -29.15 25.07
N THR B 153 14.29 -28.80 24.34
CA THR B 153 14.06 -27.46 23.73
C THR B 153 12.67 -26.90 24.09
N ALA B 154 12.38 -25.66 23.66
CA ALA B 154 11.06 -25.01 23.74
C ALA B 154 10.09 -25.59 22.69
N GLY B 155 10.56 -26.51 21.83
CA GLY B 155 9.72 -27.26 20.87
C GLY B 155 9.90 -28.75 21.08
N THR B 156 10.23 -29.51 20.01
CA THR B 156 10.67 -30.93 20.09
C THR B 156 12.20 -30.94 19.92
N THR B 157 12.69 -31.09 18.70
CA THR B 157 14.15 -31.13 18.38
C THR B 157 14.64 -29.72 18.01
N TRP B 158 15.95 -29.50 18.13
CA TRP B 158 16.64 -28.25 17.71
C TRP B 158 16.51 -28.06 16.19
N ASP B 159 16.69 -29.14 15.43
CA ASP B 159 16.59 -29.14 13.93
C ASP B 159 15.16 -29.50 13.52
N ASN B 160 14.82 -29.25 12.24
CA ASN B 160 13.61 -29.84 11.61
C ASN B 160 13.95 -31.31 11.32
N SER B 161 13.54 -32.23 12.20
CA SER B 161 13.79 -33.69 12.14
C SER B 161 12.55 -34.42 11.62
N TRP B 162 11.53 -33.69 11.15
CA TRP B 162 10.25 -34.29 10.68
C TRP B 162 10.20 -34.28 9.16
N ASP B 163 10.36 -33.11 8.52
CA ASP B 163 10.51 -32.99 7.04
C ASP B 163 11.84 -33.59 6.60
N PHE B 164 12.84 -33.57 7.48
CA PHE B 164 14.23 -34.03 7.20
C PHE B 164 14.64 -35.05 8.25
N PRO B 165 14.07 -36.28 8.22
CA PRO B 165 14.38 -37.30 9.22
C PRO B 165 15.80 -37.90 9.16
N ASP B 166 16.44 -37.96 7.98
CA ASP B 166 17.74 -38.64 7.76
C ASP B 166 18.86 -37.80 8.39
N GLU B 167 19.06 -37.96 9.71
CA GLU B 167 20.07 -37.22 10.53
C GLU B 167 21.47 -37.46 9.95
N ASP B 168 21.87 -38.73 9.74
CA ASP B 168 23.25 -39.11 9.30
C ASP B 168 23.61 -38.51 7.93
N GLN B 169 22.63 -38.15 7.09
CA GLN B 169 22.87 -37.60 5.72
C GLN B 169 23.00 -36.07 5.77
N LYS B 170 22.70 -35.43 6.90
CA LYS B 170 22.68 -33.95 7.04
C LYS B 170 24.11 -33.41 7.11
N ASN B 171 24.29 -32.16 6.68
CA ASN B 171 25.61 -31.52 6.46
C ASN B 171 25.42 -29.99 6.47
N PHE B 172 25.65 -29.36 7.61
CA PHE B 172 25.37 -27.92 7.89
C PHE B 172 26.16 -27.01 6.92
N ASP B 173 27.30 -27.48 6.42
CA ASP B 173 28.16 -26.70 5.48
C ASP B 173 27.30 -26.23 4.28
N LEU B 174 26.47 -27.12 3.73
CA LEU B 174 25.61 -26.81 2.54
C LEU B 174 24.68 -25.63 2.87
N CYS B 175 24.04 -25.68 4.03
CA CYS B 175 23.12 -24.63 4.55
C CYS B 175 23.90 -23.35 4.86
N PHE B 176 25.07 -23.45 5.49
CA PHE B 176 25.92 -22.28 5.86
C PHE B 176 26.34 -21.53 4.59
N ASP B 177 26.86 -22.27 3.60
CA ASP B 177 27.48 -21.72 2.37
C ASP B 177 26.41 -21.13 1.46
N ASN B 178 25.22 -21.74 1.39
CA ASN B 178 24.20 -21.41 0.36
C ASN B 178 23.06 -20.54 0.92
N LYS B 179 22.93 -20.41 2.23
CA LYS B 179 21.82 -19.60 2.83
C LYS B 179 22.33 -18.67 3.93
N ILE B 180 22.99 -19.19 4.98
CA ILE B 180 23.33 -18.38 6.19
C ILE B 180 24.21 -17.21 5.76
N LEU B 181 25.37 -17.48 5.18
CA LEU B 181 26.38 -16.42 4.91
C LEU B 181 25.85 -15.47 3.85
N PRO B 182 25.24 -15.95 2.74
CA PRO B 182 24.59 -15.07 1.78
C PRO B 182 23.59 -14.12 2.47
N GLN B 183 22.68 -14.64 3.29
CA GLN B 183 21.60 -13.84 3.95
C GLN B 183 22.22 -12.81 4.90
N ILE B 184 23.27 -13.17 5.65
CA ILE B 184 23.98 -12.23 6.57
C ILE B 184 24.57 -11.08 5.75
N LYS B 185 25.17 -11.40 4.60
CA LYS B 185 25.75 -10.38 3.67
C LYS B 185 24.64 -9.43 3.20
N GLU B 186 23.45 -9.96 2.89
CA GLU B 186 22.33 -9.12 2.36
C GLU B 186 21.91 -8.09 3.43
N ILE B 187 21.61 -8.55 4.65
CA ILE B 187 21.07 -7.69 5.75
C ILE B 187 22.15 -6.69 6.21
N MET B 188 23.42 -7.06 6.13
CA MET B 188 24.56 -6.17 6.52
C MET B 188 24.96 -5.27 5.34
N SER B 189 24.28 -5.34 4.19
CA SER B 189 24.61 -4.55 2.97
C SER B 189 23.49 -3.55 2.67
N ASN B 190 22.25 -4.05 2.62
CA ASN B 190 21.04 -3.21 2.44
C ASN B 190 20.71 -2.64 3.82
N TYR B 191 19.76 -1.71 3.94
CA TYR B 191 19.20 -1.30 5.27
C TYR B 191 20.18 -0.40 6.06
N GLY B 192 21.19 0.17 5.42
CA GLY B 192 22.02 1.25 6.01
C GLY B 192 22.91 0.77 7.13
N ASP B 193 23.43 1.73 7.91
CA ASP B 193 24.27 1.51 9.12
C ASP B 193 23.53 0.56 10.08
N ILE B 194 24.24 -0.45 10.58
CA ILE B 194 23.75 -1.42 11.59
C ILE B 194 24.59 -1.26 12.87
N ALA B 195 23.96 -0.82 13.97
CA ALA B 195 24.61 -0.53 15.27
C ALA B 195 24.93 -1.81 16.04
N THR B 196 24.12 -2.86 15.87
CA THR B 196 24.11 -4.07 16.73
C THR B 196 23.79 -5.31 15.91
N ALA B 197 24.53 -6.40 16.11
CA ALA B 197 24.30 -7.69 15.43
C ALA B 197 24.07 -8.75 16.52
N TRP B 198 22.94 -9.44 16.44
CA TRP B 198 22.44 -10.33 17.51
C TRP B 198 22.31 -11.75 16.95
N PHE B 199 23.22 -12.65 17.31
CA PHE B 199 23.22 -14.05 16.79
C PHE B 199 22.67 -14.98 17.87
N ALA B 200 22.20 -16.14 17.44
CA ALA B 200 21.62 -17.22 18.28
C ALA B 200 22.76 -18.01 18.91
N VAL B 201 22.40 -18.93 19.80
CA VAL B 201 23.39 -19.79 20.52
C VAL B 201 23.82 -20.85 19.52
N PRO B 202 25.12 -20.88 19.14
CA PRO B 202 25.62 -21.80 18.13
C PRO B 202 25.85 -23.19 18.72
N MET B 203 25.58 -24.23 17.94
CA MET B 203 25.68 -25.65 18.36
C MET B 203 26.33 -26.46 17.25
N THR B 204 25.97 -26.17 16.00
CA THR B 204 26.43 -26.89 14.78
C THR B 204 27.63 -26.18 14.16
N LEU B 205 27.63 -24.83 14.13
CA LEU B 205 28.73 -23.99 13.57
C LEU B 205 30.09 -24.49 14.02
N SER B 206 31.05 -24.59 13.09
CA SER B 206 32.50 -24.75 13.36
C SER B 206 33.08 -23.40 13.80
N GLU B 207 34.25 -23.42 14.42
CA GLU B 207 35.05 -22.21 14.77
C GLU B 207 35.29 -21.40 13.49
N ALA B 208 35.62 -22.08 12.38
CA ALA B 208 35.84 -21.46 11.05
C ALA B 208 34.60 -20.65 10.65
N GLN B 209 33.46 -21.31 10.60
CA GLN B 209 32.15 -20.73 10.16
C GLN B 209 31.82 -19.48 11.00
N SER B 210 32.17 -19.48 12.30
CA SER B 210 31.94 -18.35 13.23
C SER B 210 32.86 -17.18 12.90
N GLN B 211 34.13 -17.48 12.61
CA GLN B 211 35.16 -16.48 12.22
C GLN B 211 34.70 -15.75 10.96
N THR B 212 34.22 -16.52 9.97
CA THR B 212 33.69 -16.02 8.68
C THR B 212 32.61 -14.96 8.96
N ILE B 213 31.60 -15.32 9.75
CA ILE B 213 30.48 -14.39 10.07
C ILE B 213 31.08 -13.13 10.71
N TYR B 214 32.00 -13.30 11.66
CA TYR B 214 32.64 -12.17 12.39
C TYR B 214 33.29 -11.22 11.38
N ASP B 215 34.18 -11.75 10.53
CA ASP B 215 34.94 -10.99 9.52
C ASP B 215 33.97 -10.33 8.54
N THR B 216 32.93 -11.03 8.12
CA THR B 216 31.89 -10.54 7.17
C THR B 216 31.22 -9.30 7.75
N VAL B 217 30.78 -9.36 9.00
CA VAL B 217 30.09 -8.24 9.68
C VAL B 217 31.10 -7.08 9.82
N ARG B 218 32.31 -7.39 10.25
CA ARG B 218 33.40 -6.39 10.46
C ARG B 218 33.61 -5.60 9.16
N GLU B 219 33.76 -6.30 8.03
CA GLU B 219 34.00 -5.70 6.70
C GLU B 219 32.81 -4.84 6.25
N LEU B 220 31.61 -5.41 6.27
CA LEU B 220 30.38 -4.77 5.69
C LEU B 220 29.88 -3.65 6.61
N GLN B 221 30.05 -3.79 7.93
CA GLN B 221 29.47 -2.87 8.95
C GLN B 221 30.50 -2.59 10.04
N PRO B 222 31.61 -1.89 9.69
CA PRO B 222 32.72 -1.66 10.61
C PRO B 222 32.36 -1.24 12.03
N ASN B 223 31.29 -0.46 12.23
CA ASN B 223 30.97 0.15 13.56
C ASN B 223 29.92 -0.67 14.32
N CYS B 224 29.41 -1.75 13.72
CA CYS B 224 28.42 -2.67 14.32
C CYS B 224 29.04 -3.42 15.50
N LEU B 225 28.39 -3.36 16.66
CA LEU B 225 28.76 -4.11 17.89
C LEU B 225 28.10 -5.49 17.82
N ILE B 226 28.89 -6.56 17.97
CA ILE B 226 28.44 -7.98 17.79
C ILE B 226 28.27 -8.59 19.19
N ASN B 227 27.15 -9.27 19.43
CA ASN B 227 26.83 -9.87 20.76
C ASN B 227 27.69 -11.13 20.95
N SER B 228 27.80 -11.59 22.19
CA SER B 228 28.73 -12.66 22.65
C SER B 228 28.26 -14.03 22.17
N ARG B 229 27.01 -14.16 21.72
CA ARG B 229 26.41 -15.46 21.33
C ARG B 229 26.96 -15.96 19.99
N LEU B 230 27.90 -15.26 19.38
CA LEU B 230 28.49 -15.67 18.08
C LEU B 230 29.54 -16.76 18.31
N GLY B 231 30.53 -16.46 19.17
CA GLY B 231 31.73 -17.27 19.46
C GLY B 231 32.74 -16.50 20.31
N ASN B 232 33.43 -17.19 21.23
CA ASN B 232 34.36 -16.58 22.22
C ASN B 232 35.43 -15.77 21.47
N GLY B 233 35.69 -14.53 21.89
CA GLY B 233 36.71 -13.64 21.30
C GLY B 233 36.25 -12.98 20.00
N LYS B 234 35.01 -13.27 19.56
CA LYS B 234 34.40 -12.77 18.30
C LYS B 234 33.15 -11.95 18.64
N TYR B 235 33.25 -11.00 19.58
CA TYR B 235 32.12 -10.16 20.06
C TYR B 235 32.63 -8.83 20.64
N ASP B 236 31.76 -7.81 20.68
CA ASP B 236 32.06 -6.47 21.23
C ASP B 236 31.31 -6.23 22.56
N PHE B 237 30.20 -6.94 22.80
CA PHE B 237 29.43 -6.87 24.07
C PHE B 237 28.91 -8.24 24.47
N VAL B 238 28.71 -8.41 25.78
CA VAL B 238 28.25 -9.68 26.42
C VAL B 238 26.73 -9.63 26.55
N SER B 239 26.03 -10.66 26.05
CA SER B 239 24.61 -10.95 26.36
C SER B 239 24.55 -11.74 27.66
N LEU B 240 24.06 -11.13 28.73
CA LEU B 240 23.88 -11.80 30.05
C LEU B 240 22.47 -12.39 30.13
N GLY B 241 22.34 -13.64 30.55
CA GLY B 241 21.07 -14.20 31.08
C GLY B 241 20.81 -13.67 32.48
N ASP B 242 19.55 -13.56 32.92
CA ASP B 242 19.18 -12.98 34.26
C ASP B 242 20.01 -13.65 35.35
N ASN B 243 20.15 -14.97 35.24
CA ASN B 243 20.89 -15.86 36.18
C ASN B 243 22.41 -15.57 36.17
N GLU B 244 22.87 -14.58 35.39
CA GLU B 244 24.32 -14.29 35.23
C GLU B 244 24.68 -12.88 35.70
N ILE B 245 23.72 -12.07 36.19
CA ILE B 245 24.03 -10.67 36.61
C ILE B 245 24.73 -10.72 37.96
N PRO B 246 25.88 -10.00 38.13
CA PRO B 246 26.71 -10.16 39.33
C PRO B 246 26.05 -9.73 40.64
N PRO B 267 33.63 -12.46 29.51
CA PRO B 267 34.49 -11.29 29.77
C PRO B 267 34.36 -10.20 28.71
N SER B 268 34.38 -8.94 29.16
CA SER B 268 33.93 -7.74 28.41
C SER B 268 35.04 -6.70 28.40
N PRO B 269 35.95 -6.75 27.40
CA PRO B 269 37.11 -5.84 27.35
C PRO B 269 36.73 -4.36 27.20
N LEU B 270 35.60 -4.07 26.55
CA LEU B 270 35.11 -2.70 26.25
C LEU B 270 34.14 -2.23 27.35
N GLY B 271 33.79 -3.13 28.28
CA GLY B 271 32.83 -2.91 29.36
C GLY B 271 31.42 -2.74 28.85
N LEU B 272 31.00 -3.54 27.87
CA LEU B 272 29.66 -3.46 27.22
C LEU B 272 28.83 -4.69 27.58
N TYR B 273 27.59 -4.46 28.03
CA TYR B 273 26.68 -5.50 28.56
C TYR B 273 25.24 -5.22 28.16
N GLU B 274 24.49 -6.29 27.93
CA GLU B 274 23.05 -6.23 27.57
C GLU B 274 22.36 -7.48 28.11
N THR B 275 21.22 -7.31 28.77
CA THR B 275 20.26 -8.41 29.08
C THR B 275 18.98 -8.17 28.30
N ALA B 276 18.55 -9.20 27.57
CA ALA B 276 17.29 -9.20 26.79
C ALA B 276 16.22 -9.83 27.68
N GLY B 277 15.02 -9.24 27.69
CA GLY B 277 13.81 -9.80 28.29
C GLY B 277 12.61 -9.54 27.43
N THR B 278 11.53 -10.24 27.73
CA THR B 278 10.18 -10.05 27.12
C THR B 278 9.21 -9.61 28.23
N ILE B 279 8.11 -8.98 27.85
CA ILE B 279 7.16 -8.35 28.81
C ILE B 279 6.24 -9.42 29.42
N ASN B 280 5.72 -10.34 28.61
CA ASN B 280 5.12 -11.59 29.14
C ASN B 280 6.22 -12.66 29.13
N ASP B 281 5.87 -13.93 28.92
CA ASP B 281 6.85 -15.05 29.02
C ASP B 281 7.21 -15.57 27.62
N SER B 282 6.63 -15.01 26.56
CA SER B 282 6.88 -15.41 25.17
C SER B 282 7.62 -14.28 24.42
N TRP B 283 8.46 -14.65 23.46
CA TRP B 283 9.12 -13.67 22.58
C TRP B 283 8.17 -13.38 21.43
N GLY B 284 7.67 -14.42 20.79
CA GLY B 284 6.57 -14.31 19.82
C GLY B 284 5.26 -14.04 20.53
N PHE B 285 4.32 -13.40 19.82
CA PHE B 285 2.94 -13.15 20.26
C PHE B 285 2.23 -14.48 20.57
N SER B 286 1.44 -14.49 21.64
CA SER B 286 0.67 -15.64 22.20
C SER B 286 -0.62 -15.13 22.80
N TYR B 287 -1.78 -15.48 22.23
CA TYR B 287 -3.13 -15.09 22.74
C TYR B 287 -3.25 -15.53 24.22
N HIS B 288 -2.87 -16.77 24.50
CA HIS B 288 -3.10 -17.40 25.83
C HIS B 288 -2.17 -16.76 26.89
N ASP B 289 -1.05 -16.12 26.53
CA ASP B 289 -0.08 -15.57 27.51
C ASP B 289 -0.44 -14.11 27.86
N GLN B 290 -1.21 -13.91 28.92
CA GLN B 290 -1.58 -12.58 29.48
C GLN B 290 -0.78 -12.32 30.76
N ASN B 291 0.37 -12.97 30.95
CA ASN B 291 1.22 -12.83 32.16
C ASN B 291 2.20 -11.66 31.97
N TRP B 292 1.66 -10.47 31.70
CA TRP B 292 2.42 -9.23 31.48
C TRP B 292 3.09 -8.79 32.78
N LYS B 293 4.41 -8.60 32.78
CA LYS B 293 5.11 -7.94 33.89
C LYS B 293 4.52 -6.53 34.08
N THR B 294 4.28 -6.13 35.33
CA THR B 294 3.69 -4.82 35.69
C THR B 294 4.68 -3.71 35.39
N PRO B 295 4.17 -2.46 35.20
CA PRO B 295 5.03 -1.29 35.06
C PRO B 295 6.16 -1.24 36.09
N ARG B 296 5.85 -1.53 37.36
CA ARG B 296 6.83 -1.44 38.45
C ARG B 296 7.95 -2.48 38.27
N THR B 297 7.60 -3.72 37.92
CA THR B 297 8.56 -4.80 37.60
C THR B 297 9.49 -4.33 36.48
N LEU B 298 8.93 -3.81 35.40
CA LEU B 298 9.71 -3.38 34.20
C LEU B 298 10.67 -2.25 34.62
N TYR B 299 10.18 -1.25 35.34
CA TYR B 299 10.99 -0.05 35.73
C TYR B 299 12.11 -0.47 36.68
N ARG B 300 11.77 -1.23 37.72
CA ARG B 300 12.75 -1.70 38.74
C ARG B 300 13.83 -2.53 38.07
N TYR B 301 13.46 -3.46 37.20
CA TYR B 301 14.44 -4.35 36.52
C TYR B 301 15.38 -3.46 35.71
N LYS B 302 14.83 -2.53 34.93
CA LYS B 302 15.62 -1.57 34.11
C LYS B 302 16.62 -0.83 35.00
N GLN B 303 16.16 -0.29 36.12
CA GLN B 303 16.97 0.51 37.06
C GLN B 303 18.11 -0.34 37.62
N HIS B 304 17.85 -1.60 37.92
CA HIS B 304 18.84 -2.55 38.50
C HIS B 304 19.92 -2.85 37.47
N LEU B 305 19.53 -3.15 36.22
CA LEU B 305 20.47 -3.44 35.12
C LEU B 305 21.30 -2.18 34.86
N ASN B 306 20.63 -1.03 34.70
CA ASN B 306 21.28 0.26 34.36
C ASN B 306 22.32 0.59 35.44
N ASP B 307 21.97 0.48 36.73
CA ASP B 307 22.90 0.75 37.87
C ASP B 307 24.15 -0.11 37.75
N PHE B 308 24.05 -1.31 37.14
CA PHE B 308 25.18 -2.27 36.95
C PHE B 308 25.85 -2.07 35.58
N GLY B 309 25.55 -0.98 34.88
CA GLY B 309 26.09 -0.68 33.53
C GLY B 309 25.66 -1.70 32.51
N ILE B 310 24.42 -2.21 32.62
CA ILE B 310 23.85 -3.23 31.70
C ILE B 310 22.65 -2.60 30.96
N ASN B 311 22.63 -2.72 29.63
CA ASN B 311 21.51 -2.25 28.78
C ASN B 311 20.36 -3.26 28.88
N TYR B 312 19.14 -2.76 28.95
CA TYR B 312 17.88 -3.55 28.99
C TYR B 312 17.29 -3.56 27.59
N LEU B 313 17.26 -4.73 26.97
CA LEU B 313 16.67 -4.91 25.61
C LEU B 313 15.34 -5.63 25.80
N LEU B 314 14.25 -4.88 25.70
CA LEU B 314 12.90 -5.32 26.11
C LEU B 314 12.11 -5.68 24.86
N ASN B 315 11.71 -6.95 24.75
CA ASN B 315 11.06 -7.53 23.55
C ASN B 315 9.59 -7.13 23.48
N VAL B 316 9.13 -6.77 22.28
CA VAL B 316 7.69 -6.72 21.93
C VAL B 316 7.44 -7.79 20.87
N GLY B 317 6.37 -8.55 20.99
CA GLY B 317 5.97 -9.59 20.03
C GLY B 317 4.75 -9.13 19.25
N LEU B 318 4.94 -8.63 18.01
CA LEU B 318 3.83 -8.03 17.23
C LEU B 318 2.78 -9.10 16.91
N ASP B 319 1.51 -8.68 16.84
CA ASP B 319 0.34 -9.57 16.63
C ASP B 319 0.14 -9.79 15.13
N PRO B 320 -0.83 -10.63 14.73
CA PRO B 320 -1.05 -10.93 13.30
C PRO B 320 -1.34 -9.71 12.43
N LEU B 321 -1.88 -8.62 12.97
CA LEU B 321 -2.14 -7.37 12.19
C LEU B 321 -0.96 -6.40 12.29
N GLY B 322 0.14 -6.80 12.91
CA GLY B 322 1.37 -5.99 13.03
C GLY B 322 1.31 -4.96 14.15
N ARG B 323 0.50 -5.24 15.18
CA ARG B 323 0.26 -4.31 16.32
C ARG B 323 1.11 -4.74 17.51
N VAL B 324 1.65 -3.74 18.21
CA VAL B 324 2.09 -3.88 19.62
C VAL B 324 0.85 -4.21 20.43
N PRO B 325 0.80 -5.37 21.13
CA PRO B 325 -0.32 -5.69 22.02
C PRO B 325 -0.67 -4.55 22.98
N MET B 326 -1.97 -4.31 23.16
CA MET B 326 -2.51 -3.20 23.98
C MET B 326 -1.82 -3.19 25.35
N MET B 327 -1.74 -4.34 26.00
CA MET B 327 -1.20 -4.44 27.38
C MET B 327 0.32 -4.20 27.39
N ALA B 328 1.04 -4.64 26.37
CA ALA B 328 2.49 -4.34 26.24
C ALA B 328 2.69 -2.82 26.09
N GLU B 329 1.87 -2.16 25.27
CA GLU B 329 1.99 -0.70 25.06
C GLU B 329 1.70 0.03 26.39
N GLU B 330 0.61 -0.33 27.06
CA GLU B 330 0.22 0.26 28.37
C GLU B 330 1.34 0.12 29.38
N ASN B 331 1.92 -1.08 29.49
CA ASN B 331 2.93 -1.38 30.54
C ASN B 331 4.22 -0.62 30.25
N LEU B 332 4.61 -0.48 28.98
CA LEU B 332 5.84 0.26 28.58
C LEU B 332 5.66 1.73 28.97
N LEU B 333 4.51 2.31 28.66
CA LEU B 333 4.25 3.75 28.88
C LEU B 333 4.17 4.04 30.38
N ALA B 334 3.54 3.16 31.15
CA ALA B 334 3.37 3.33 32.62
C ALA B 334 4.71 3.15 33.32
N ALA B 335 5.55 2.23 32.84
CA ALA B 335 6.94 2.03 33.35
C ALA B 335 7.73 3.31 33.15
N LYS B 336 7.54 3.97 32.01
CA LYS B 336 8.24 5.23 31.67
C LYS B 336 7.77 6.33 32.63
N ALA B 337 6.47 6.39 32.93
CA ALA B 337 5.91 7.42 33.83
C ALA B 337 6.48 7.21 35.23
N LEU B 338 6.55 5.96 35.71
CA LEU B 338 7.18 5.63 37.01
C LEU B 338 8.64 6.11 37.00
N GLU B 339 9.38 5.80 35.93
CA GLU B 339 10.83 6.08 35.83
C GLU B 339 11.08 7.61 35.89
N ASP B 340 10.28 8.40 35.17
CA ASP B 340 10.39 9.88 35.10
C ASP B 340 10.06 10.50 36.46
N GLU B 341 8.96 10.05 37.06
CA GLU B 341 8.55 10.44 38.44
C GLU B 341 9.71 10.18 39.39
N ALA B 342 10.22 8.95 39.42
CA ALA B 342 11.37 8.52 40.25
C ALA B 342 12.57 9.46 40.02
N ASN B 343 12.89 9.78 38.76
CA ASN B 343 14.12 10.53 38.37
C ASN B 343 13.97 12.03 38.61
N ARG B 344 12.84 12.49 39.13
CA ARG B 344 12.67 13.88 39.63
C ARG B 344 12.71 13.88 41.16
N ASN C 2 -19.93 27.33 55.42
CA ASN C 2 -19.55 25.93 55.12
C ASN C 2 -18.51 25.95 53.99
N ASP C 3 -17.23 26.17 54.31
CA ASP C 3 -16.10 26.07 53.35
C ASP C 3 -16.06 24.70 52.67
N ASN C 4 -16.71 23.71 53.28
CA ASN C 4 -16.80 22.31 52.78
C ASN C 4 -17.39 22.24 51.36
N VAL C 5 -18.28 23.15 50.97
CA VAL C 5 -18.88 23.16 49.60
C VAL C 5 -17.77 23.47 48.58
N ALA C 6 -17.03 24.56 48.81
CA ALA C 6 -15.89 25.00 47.97
C ALA C 6 -14.85 23.87 47.92
N TRP C 7 -14.45 23.35 49.08
CA TRP C 7 -13.43 22.29 49.24
C TRP C 7 -13.84 21.04 48.42
N PHE C 8 -15.10 20.61 48.50
CA PHE C 8 -15.58 19.37 47.85
C PHE C 8 -15.58 19.55 46.33
N LYS C 9 -15.93 20.75 45.83
CA LYS C 9 -15.97 21.04 44.37
C LYS C 9 -14.56 20.90 43.78
N GLN C 10 -13.51 21.03 44.60
CA GLN C 10 -12.10 21.02 44.12
C GLN C 10 -11.33 19.83 44.69
N ALA C 11 -11.99 18.88 45.35
CA ALA C 11 -11.34 17.72 46.01
C ALA C 11 -10.88 16.69 44.96
N LYS C 12 -11.75 16.41 43.97
CA LYS C 12 -11.45 15.63 42.74
C LYS C 12 -11.36 14.13 43.01
N TYR C 13 -10.76 13.72 44.13
CA TYR C 13 -10.24 12.35 44.34
C TYR C 13 -10.35 11.94 45.81
N GLY C 14 -10.99 10.81 46.09
CA GLY C 14 -11.13 10.24 47.44
C GLY C 14 -10.88 8.74 47.42
N MET C 15 -10.35 8.20 48.53
CA MET C 15 -10.24 6.74 48.74
C MET C 15 -11.48 6.26 49.49
N MET C 16 -12.08 5.15 49.07
CA MET C 16 -13.17 4.46 49.81
C MET C 16 -12.60 3.16 50.36
N ILE C 17 -13.10 2.69 51.50
CA ILE C 17 -12.67 1.40 52.10
C ILE C 17 -13.87 0.54 52.47
N HIS C 18 -13.97 -0.65 51.89
CA HIS C 18 -14.87 -1.76 52.30
C HIS C 18 -14.03 -2.79 53.05
N TRP C 19 -14.43 -3.10 54.28
CA TRP C 19 -13.68 -4.06 55.15
C TRP C 19 -14.64 -4.56 56.25
N GLY C 20 -14.61 -5.86 56.51
CA GLY C 20 -15.55 -6.49 57.44
C GLY C 20 -15.33 -7.99 57.53
N LEU C 21 -16.27 -8.69 58.16
CA LEU C 21 -16.15 -10.16 58.30
C LEU C 21 -16.10 -10.79 56.90
N TYR C 22 -16.82 -10.20 55.93
CA TYR C 22 -16.89 -10.67 54.51
C TYR C 22 -15.47 -10.85 53.95
N SER C 23 -14.56 -9.97 54.31
CA SER C 23 -13.15 -9.94 53.86
C SER C 23 -12.43 -11.27 54.20
N LEU C 24 -12.77 -11.93 55.31
CA LEU C 24 -12.07 -13.17 55.71
C LEU C 24 -12.46 -14.31 54.75
N LEU C 25 -13.72 -14.34 54.30
CA LEU C 25 -14.19 -15.38 53.36
C LEU C 25 -13.62 -15.10 51.96
N ALA C 26 -13.34 -13.83 51.65
CA ALA C 26 -12.58 -13.42 50.44
C ALA C 26 -13.18 -13.98 49.13
N GLY C 27 -14.50 -13.92 48.97
CA GLY C 27 -15.21 -14.18 47.71
C GLY C 27 -15.52 -15.66 47.50
N GLU C 28 -15.30 -16.48 48.52
CA GLU C 28 -15.35 -17.96 48.44
C GLU C 28 -16.11 -18.49 49.67
N TYR C 29 -17.02 -19.43 49.48
CA TYR C 29 -17.70 -20.16 50.59
C TYR C 29 -17.94 -21.60 50.19
N ARG C 30 -17.33 -22.52 50.93
CA ARG C 30 -17.43 -24.00 50.77
C ARG C 30 -17.30 -24.40 49.29
N GLY C 31 -16.23 -23.97 48.64
CA GLY C 31 -15.87 -24.42 47.28
C GLY C 31 -16.62 -23.67 46.18
N GLU C 32 -17.36 -22.62 46.54
CA GLU C 32 -18.20 -21.88 45.58
C GLU C 32 -17.96 -20.37 45.69
N SER C 33 -18.24 -19.70 44.57
CA SER C 33 -17.88 -18.28 44.32
C SER C 33 -19.01 -17.37 44.76
N SER C 34 -18.69 -16.25 45.39
CA SER C 34 -19.63 -15.12 45.55
C SER C 34 -19.96 -14.59 44.15
N SER C 35 -20.92 -13.69 44.06
CA SER C 35 -21.09 -12.79 42.89
C SER C 35 -19.89 -11.84 42.79
N ALA C 36 -19.89 -10.94 41.81
CA ALA C 36 -18.88 -9.87 41.67
C ALA C 36 -18.67 -9.15 43.00
N TYR C 37 -19.73 -9.03 43.81
CA TYR C 37 -19.72 -8.33 45.12
C TYR C 37 -19.51 -9.34 46.25
N ALA C 38 -18.25 -9.51 46.64
CA ALA C 38 -17.79 -10.45 47.68
C ALA C 38 -18.37 -10.04 49.06
N GLU C 39 -18.58 -8.73 49.29
CA GLU C 39 -19.13 -8.19 50.57
C GLU C 39 -20.58 -8.64 50.80
N TRP C 40 -21.27 -9.09 49.74
CA TRP C 40 -22.66 -9.62 49.77
C TRP C 40 -22.68 -11.13 50.04
N ILE C 41 -21.55 -11.72 50.44
CA ILE C 41 -21.41 -13.21 50.45
C ILE C 41 -22.41 -13.84 51.43
N GLN C 42 -22.74 -13.17 52.53
CA GLN C 42 -23.66 -13.74 53.55
C GLN C 42 -25.03 -13.98 52.91
N SER C 43 -25.56 -12.98 52.18
CA SER C 43 -26.85 -13.09 51.46
C SER C 43 -26.74 -14.16 50.37
N LYS C 44 -25.62 -14.16 49.64
CA LYS C 44 -25.35 -15.06 48.48
C LYS C 44 -25.57 -16.52 48.89
N PHE C 45 -25.05 -16.91 50.06
CA PHE C 45 -25.08 -18.32 50.55
C PHE C 45 -26.02 -18.49 51.75
N GLN C 46 -26.74 -17.43 52.15
CA GLN C 46 -27.70 -17.48 53.30
C GLN C 46 -27.00 -18.09 54.50
N ILE C 47 -25.81 -17.57 54.82
CA ILE C 47 -24.99 -18.04 55.97
C ILE C 47 -25.70 -17.58 57.24
N PRO C 48 -26.15 -18.51 58.11
CA PRO C 48 -26.80 -18.13 59.38
C PRO C 48 -25.92 -17.17 60.20
N ASN C 49 -26.54 -16.21 60.89
CA ASN C 49 -25.85 -15.19 61.74
C ASN C 49 -24.89 -15.89 62.70
N ALA C 50 -25.29 -16.98 63.33
CA ALA C 50 -24.45 -17.77 64.27
C ALA C 50 -23.10 -18.10 63.62
N GLU C 51 -23.11 -18.67 62.41
CA GLU C 51 -21.87 -19.10 61.69
C GLU C 51 -21.10 -17.87 61.17
N TYR C 52 -21.77 -16.96 60.48
CA TYR C 52 -21.14 -15.75 59.88
C TYR C 52 -20.49 -14.92 60.99
N GLY C 53 -21.24 -14.64 62.06
CA GLY C 53 -20.74 -13.86 63.22
C GLY C 53 -19.48 -14.49 63.81
N ASN C 54 -19.37 -15.81 63.74
CA ASN C 54 -18.20 -16.56 64.29
C ASN C 54 -16.91 -16.14 63.58
N LEU C 55 -17.00 -15.58 62.37
CA LEU C 55 -15.82 -15.03 61.66
C LEU C 55 -15.11 -13.99 62.53
N ALA C 56 -15.86 -13.28 63.40
CA ALA C 56 -15.33 -12.29 64.35
C ALA C 56 -14.19 -12.92 65.18
N THR C 57 -14.33 -14.19 65.54
CA THR C 57 -13.34 -14.91 66.39
C THR C 57 -12.03 -15.09 65.62
N ALA C 58 -12.06 -15.04 64.28
CA ALA C 58 -10.86 -15.24 63.43
C ALA C 58 -10.31 -13.91 62.90
N PHE C 59 -10.94 -12.77 63.22
CA PHE C 59 -10.57 -11.45 62.67
C PHE C 59 -9.38 -10.87 63.46
N ASN C 60 -8.16 -11.00 62.94
CA ASN C 60 -6.91 -10.56 63.65
C ASN C 60 -5.93 -9.95 62.64
N PRO C 61 -6.29 -8.82 62.01
CA PRO C 61 -5.50 -8.24 60.92
C PRO C 61 -4.19 -7.60 61.41
N LEU C 62 -3.19 -8.45 61.65
CA LEU C 62 -1.86 -8.08 62.20
C LEU C 62 -1.25 -6.90 61.42
N TYR C 63 -1.51 -6.75 60.12
CA TYR C 63 -0.76 -5.76 59.29
C TYR C 63 -1.60 -4.50 59.05
N PHE C 64 -2.82 -4.40 59.59
CA PHE C 64 -3.65 -3.17 59.50
C PHE C 64 -2.83 -1.99 60.02
N ASP C 65 -2.82 -0.87 59.30
CA ASP C 65 -1.98 0.30 59.65
C ASP C 65 -2.61 1.56 59.02
N ALA C 66 -3.50 2.22 59.76
CA ALA C 66 -4.28 3.40 59.32
C ALA C 66 -3.30 4.44 58.77
N LYS C 67 -2.17 4.65 59.45
CA LYS C 67 -1.19 5.70 59.07
C LYS C 67 -0.73 5.45 57.64
N LYS C 68 -0.38 4.20 57.32
CA LYS C 68 0.18 3.80 56.00
C LYS C 68 -0.89 3.88 54.91
N ILE C 69 -2.12 3.44 55.22
CA ILE C 69 -3.28 3.51 54.28
C ILE C 69 -3.51 4.99 53.91
N VAL C 70 -3.49 5.89 54.90
CA VAL C 70 -3.73 7.34 54.65
C VAL C 70 -2.53 7.91 53.86
N ALA C 71 -1.32 7.42 54.13
CA ALA C 71 -0.10 7.85 53.41
C ALA C 71 -0.25 7.55 51.91
N LEU C 72 -0.74 6.34 51.58
CA LEU C 72 -0.96 5.89 50.19
C LEU C 72 -1.96 6.82 49.51
N ALA C 73 -3.11 7.02 50.13
CA ALA C 73 -4.20 7.88 49.60
C ALA C 73 -3.62 9.26 49.30
N LYS C 74 -2.83 9.81 50.23
CA LYS C 74 -2.29 11.18 50.12
C LYS C 74 -1.25 11.24 49.00
N GLN C 75 -0.48 10.17 48.82
CA GLN C 75 0.58 10.06 47.79
C GLN C 75 -0.06 10.05 46.40
N CYS C 76 -1.29 9.57 46.30
CA CYS C 76 -2.10 9.49 45.05
C CYS C 76 -2.90 10.77 44.82
N GLY C 77 -2.76 11.77 45.69
CA GLY C 77 -3.48 13.05 45.57
C GLY C 77 -4.92 12.96 46.07
N MET C 78 -5.33 11.87 46.71
CA MET C 78 -6.67 11.78 47.35
C MET C 78 -6.74 12.75 48.53
N GLN C 79 -7.81 13.53 48.61
CA GLN C 79 -7.97 14.64 49.60
C GLN C 79 -8.92 14.21 50.71
N TYR C 80 -9.54 13.04 50.57
CA TYR C 80 -10.49 12.52 51.59
C TYR C 80 -10.57 11.00 51.52
N LEU C 81 -11.20 10.44 52.53
CA LEU C 81 -11.29 8.97 52.75
C LEU C 81 -12.68 8.68 53.28
N VAL C 82 -13.29 7.57 52.85
CA VAL C 82 -14.67 7.19 53.25
C VAL C 82 -14.67 5.69 53.57
N VAL C 83 -15.02 5.32 54.81
CA VAL C 83 -14.91 3.92 55.32
C VAL C 83 -16.29 3.37 55.63
N THR C 84 -16.49 2.08 55.40
CA THR C 84 -17.65 1.32 55.90
C THR C 84 -17.61 1.30 57.43
N THR C 85 -18.54 2.00 58.10
CA THR C 85 -18.72 1.93 59.59
C THR C 85 -19.55 0.69 59.91
N LYS C 86 -20.50 0.39 59.03
CA LYS C 86 -21.34 -0.83 59.09
C LYS C 86 -21.95 -1.03 57.70
N HIS C 87 -21.74 -2.22 57.12
CA HIS C 87 -22.29 -2.57 55.79
C HIS C 87 -23.59 -3.35 56.02
N HIS C 88 -24.09 -4.04 55.00
CA HIS C 88 -25.39 -4.75 55.02
C HIS C 88 -25.39 -5.89 56.06
N ASP C 89 -24.23 -6.44 56.42
CA ASP C 89 -24.11 -7.62 57.32
C ASP C 89 -24.45 -7.20 58.77
N GLY C 90 -24.42 -5.89 59.03
CA GLY C 90 -24.83 -5.25 60.30
C GLY C 90 -23.71 -5.25 61.31
N PHE C 91 -22.49 -5.63 60.92
CA PHE C 91 -21.31 -5.72 61.81
C PHE C 91 -20.60 -4.36 61.80
N ALA C 92 -20.58 -3.68 62.93
CA ALA C 92 -19.99 -2.34 63.07
C ALA C 92 -18.46 -2.48 63.09
N MET C 93 -17.75 -1.56 62.45
CA MET C 93 -16.26 -1.53 62.41
C MET C 93 -15.74 -0.43 63.34
N TYR C 94 -16.54 -0.08 64.36
CA TYR C 94 -16.20 0.88 65.44
C TYR C 94 -16.74 0.30 66.76
N HIS C 95 -16.39 0.91 67.88
CA HIS C 95 -16.82 0.43 69.23
C HIS C 95 -18.23 0.98 69.50
N SER C 96 -19.27 0.17 69.24
CA SER C 96 -20.70 0.60 69.36
C SER C 96 -21.25 0.32 70.76
N LYS C 97 -21.60 1.36 71.52
CA LYS C 97 -22.29 1.24 72.83
C LYS C 97 -23.54 0.37 72.66
N VAL C 98 -24.28 0.55 71.58
CA VAL C 98 -25.66 0.00 71.39
C VAL C 98 -25.60 -1.47 70.94
N ASP C 99 -24.55 -1.91 70.25
CA ASP C 99 -24.50 -3.29 69.70
C ASP C 99 -23.09 -3.87 69.82
N ALA C 100 -22.99 -4.97 70.57
CA ALA C 100 -21.73 -5.72 70.86
C ALA C 100 -21.28 -6.50 69.62
N TYR C 101 -22.06 -6.47 68.53
CA TYR C 101 -21.72 -7.09 67.21
C TYR C 101 -20.81 -6.11 66.45
N ASN C 102 -19.59 -5.94 66.95
CA ASN C 102 -18.63 -4.93 66.45
C ASN C 102 -17.20 -5.44 66.60
N VAL C 103 -16.29 -4.78 65.88
CA VAL C 103 -14.86 -5.18 65.70
C VAL C 103 -14.11 -5.12 67.04
N TYR C 104 -14.54 -4.26 67.96
CA TYR C 104 -13.90 -4.05 69.29
C TYR C 104 -14.28 -5.18 70.24
N ASP C 105 -15.57 -5.49 70.36
CA ASP C 105 -16.10 -6.39 71.39
C ASP C 105 -16.03 -7.85 70.92
N ALA C 106 -16.21 -8.10 69.63
CA ALA C 106 -16.43 -9.47 69.09
C ALA C 106 -15.12 -10.12 68.59
N THR C 107 -14.03 -9.39 68.42
CA THR C 107 -12.80 -9.89 67.72
C THR C 107 -11.58 -9.84 68.63
N PRO C 108 -10.62 -10.78 68.48
CA PRO C 108 -9.38 -10.72 69.25
C PRO C 108 -8.57 -9.46 68.92
N PHE C 109 -8.74 -8.89 67.74
CA PHE C 109 -8.03 -7.63 67.36
C PHE C 109 -8.34 -6.54 68.39
N HIS C 110 -9.61 -6.48 68.82
CA HIS C 110 -10.11 -5.68 69.97
C HIS C 110 -9.61 -4.24 69.83
N ARG C 111 -9.84 -3.64 68.66
CA ARG C 111 -9.49 -2.23 68.35
C ARG C 111 -10.58 -1.57 67.50
N ASP C 112 -10.61 -0.23 67.52
CA ASP C 112 -11.61 0.63 66.81
C ASP C 112 -11.01 1.12 65.47
N ILE C 113 -11.27 0.37 64.38
CA ILE C 113 -10.79 0.66 63.00
C ILE C 113 -11.13 2.11 62.63
N ILE C 114 -12.38 2.52 62.80
CA ILE C 114 -12.86 3.88 62.41
C ILE C 114 -12.06 4.93 63.20
N GLY C 115 -11.87 4.72 64.51
CA GLY C 115 -11.10 5.64 65.36
C GLY C 115 -9.68 5.84 64.85
N GLU C 116 -9.00 4.75 64.48
CA GLU C 116 -7.60 4.79 64.02
C GLU C 116 -7.53 5.58 62.71
N LEU C 117 -8.44 5.31 61.77
CA LEU C 117 -8.48 5.99 60.45
C LEU C 117 -8.82 7.48 60.66
N ALA C 118 -9.79 7.77 61.52
CA ALA C 118 -10.18 9.14 61.88
C ALA C 118 -8.95 9.95 62.32
N GLU C 119 -8.11 9.35 63.16
CA GLU C 119 -6.90 9.99 63.72
C GLU C 119 -5.84 10.17 62.64
N ALA C 120 -5.55 9.11 61.90
CA ALA C 120 -4.57 9.11 60.79
C ALA C 120 -4.94 10.19 59.78
N CYS C 121 -6.22 10.27 59.39
CA CYS C 121 -6.77 11.29 58.45
C CYS C 121 -6.54 12.69 59.04
N GLN C 122 -6.99 12.91 60.27
CA GLN C 122 -6.87 14.20 61.01
C GLN C 122 -5.40 14.66 60.93
N LYS C 123 -4.45 13.76 61.16
CA LYS C 123 -2.99 14.08 61.22
C LYS C 123 -2.44 14.40 59.83
N ALA C 124 -2.89 13.68 58.79
CA ALA C 124 -2.34 13.75 57.42
C ALA C 124 -2.92 14.96 56.67
N GLY C 125 -3.96 15.57 57.20
CA GLY C 125 -4.65 16.70 56.56
C GLY C 125 -5.81 16.26 55.70
N LEU C 126 -6.17 14.98 55.73
CA LEU C 126 -7.23 14.38 54.87
C LEU C 126 -8.57 14.53 55.58
N LYS C 127 -9.63 14.89 54.85
CA LYS C 127 -11.01 14.89 55.37
C LYS C 127 -11.47 13.43 55.56
N PHE C 128 -12.47 13.22 56.41
CA PHE C 128 -12.94 11.87 56.82
C PHE C 128 -14.44 11.80 56.61
N GLY C 129 -14.90 10.74 55.93
CA GLY C 129 -16.32 10.51 55.65
C GLY C 129 -16.71 9.10 56.06
N LEU C 130 -18.01 8.89 56.28
CA LEU C 130 -18.52 7.62 56.86
C LEU C 130 -19.61 7.06 55.95
N TYR C 131 -19.57 5.75 55.72
CA TYR C 131 -20.62 4.96 55.03
C TYR C 131 -21.36 4.15 56.09
N TYR C 132 -22.69 4.26 56.13
CA TYR C 132 -23.54 3.46 57.03
C TYR C 132 -24.68 2.87 56.21
N SER C 133 -24.93 1.56 56.36
CA SER C 133 -26.12 0.88 55.78
C SER C 133 -27.33 1.17 56.66
N GLN C 134 -28.12 2.20 56.32
CA GLN C 134 -29.22 2.69 57.19
C GLN C 134 -30.50 1.85 56.98
N ASP C 135 -30.54 0.97 55.98
CA ASP C 135 -31.76 0.23 55.58
C ASP C 135 -31.53 -1.26 55.81
N LEU C 136 -30.62 -1.87 55.06
CA LEU C 136 -30.32 -3.32 55.14
C LEU C 136 -29.49 -3.57 56.40
N ASP C 137 -29.84 -4.61 57.16
CA ASP C 137 -29.05 -5.08 58.34
C ASP C 137 -29.37 -6.54 58.61
N TRP C 138 -28.50 -7.45 58.19
CA TRP C 138 -28.78 -8.90 58.12
C TRP C 138 -28.68 -9.54 59.50
N HIS C 139 -28.13 -8.82 60.47
CA HIS C 139 -27.95 -9.31 61.87
C HIS C 139 -29.23 -9.01 62.69
N ASP C 140 -30.07 -8.10 62.20
CA ASP C 140 -31.26 -7.57 62.92
C ASP C 140 -32.53 -8.23 62.42
N PRO C 141 -33.39 -8.78 63.31
CA PRO C 141 -34.61 -9.45 62.88
C PRO C 141 -35.52 -8.57 62.02
N ASN C 142 -35.44 -7.25 62.19
CA ASN C 142 -36.30 -6.27 61.48
C ASN C 142 -35.46 -5.43 60.53
N GLY C 143 -34.32 -5.98 60.07
CA GLY C 143 -33.50 -5.32 59.03
C GLY C 143 -34.29 -5.11 57.76
N GLY C 144 -33.98 -4.07 57.01
CA GLY C 144 -34.75 -3.63 55.82
C GLY C 144 -34.59 -4.57 54.62
N GLY C 145 -35.44 -4.35 53.60
CA GLY C 145 -35.35 -5.01 52.29
C GLY C 145 -36.37 -6.13 52.12
N TYR C 146 -37.22 -6.36 53.11
CA TYR C 146 -38.22 -7.46 53.09
C TYR C 146 -39.41 -7.07 52.20
N LYS C 147 -39.46 -5.87 51.64
CA LYS C 147 -40.55 -5.40 50.74
C LYS C 147 -40.04 -5.35 49.29
N SER C 148 -38.77 -5.70 49.04
CA SER C 148 -38.05 -5.35 47.79
C SER C 148 -37.63 -6.59 46.98
N ASN C 149 -38.09 -7.79 47.34
CA ASN C 149 -37.51 -9.07 46.85
C ASN C 149 -38.12 -9.49 45.51
N ASP C 150 -38.84 -8.60 44.81
CA ASP C 150 -39.25 -8.81 43.39
C ASP C 150 -38.12 -8.38 42.45
N VAL C 151 -37.01 -7.85 42.98
CA VAL C 151 -35.79 -7.45 42.22
C VAL C 151 -34.63 -8.31 42.74
N GLU C 152 -33.80 -8.83 41.83
CA GLU C 152 -32.63 -9.72 42.14
C GLU C 152 -31.51 -8.85 42.73
N THR C 153 -30.58 -9.47 43.48
CA THR C 153 -29.48 -8.81 44.23
C THR C 153 -28.13 -9.49 43.90
N ALA C 154 -27.04 -8.94 44.44
CA ALA C 154 -25.68 -9.52 44.42
C ALA C 154 -25.55 -10.71 45.40
N GLY C 155 -26.61 -11.01 46.16
CA GLY C 155 -26.70 -12.20 47.01
C GLY C 155 -27.92 -13.04 46.65
N THR C 156 -28.78 -13.37 47.63
CA THR C 156 -30.13 -13.94 47.40
C THR C 156 -31.14 -12.81 47.60
N THR C 157 -31.66 -12.64 48.83
CA THR C 157 -32.66 -11.59 49.17
C THR C 157 -31.94 -10.34 49.70
N TRP C 158 -32.62 -9.20 49.64
CA TRP C 158 -32.14 -7.89 50.20
C TRP C 158 -32.04 -8.00 51.72
N ASP C 159 -33.02 -8.63 52.37
CA ASP C 159 -33.07 -8.85 53.84
C ASP C 159 -32.44 -10.20 54.18
N ASN C 160 -32.10 -10.44 55.45
CA ASN C 160 -31.83 -11.79 56.01
C ASN C 160 -33.18 -12.50 56.13
N SER C 161 -33.53 -13.32 55.13
CA SER C 161 -34.80 -14.09 55.04
C SER C 161 -34.59 -15.55 55.45
N TRP C 162 -33.40 -15.89 55.98
CA TRP C 162 -33.05 -17.29 56.34
C TRP C 162 -33.12 -17.46 57.86
N ASP C 163 -32.39 -16.63 58.63
CA ASP C 163 -32.50 -16.59 60.11
C ASP C 163 -33.87 -16.01 60.50
N PHE C 164 -34.46 -15.16 59.65
CA PHE C 164 -35.72 -14.43 59.91
C PHE C 164 -36.69 -14.69 58.75
N PRO C 165 -37.24 -15.92 58.65
CA PRO C 165 -38.13 -16.27 57.54
C PRO C 165 -39.51 -15.61 57.53
N ASP C 166 -40.07 -15.24 58.69
CA ASP C 166 -41.45 -14.68 58.79
C ASP C 166 -41.46 -13.24 58.26
N GLU C 167 -41.55 -13.08 56.93
CA GLU C 167 -41.50 -11.77 56.21
C GLU C 167 -42.66 -10.87 56.70
N ASP C 168 -43.89 -11.40 56.70
CA ASP C 168 -45.16 -10.70 57.03
C ASP C 168 -45.13 -10.12 58.45
N GLN C 169 -44.34 -10.69 59.38
CA GLN C 169 -44.29 -10.28 60.81
C GLN C 169 -43.22 -9.20 61.02
N LYS C 170 -42.39 -8.91 60.02
CA LYS C 170 -41.23 -7.97 60.15
C LYS C 170 -41.72 -6.53 60.20
N ASN C 171 -40.92 -5.65 60.80
CA ASN C 171 -41.30 -4.25 61.14
C ASN C 171 -40.03 -3.41 61.32
N PHE C 172 -39.62 -2.72 60.26
CA PHE C 172 -38.33 -1.97 60.17
C PHE C 172 -38.22 -0.90 61.25
N ASP C 173 -39.35 -0.38 61.73
CA ASP C 173 -39.41 0.69 62.77
C ASP C 173 -38.57 0.23 63.98
N LEU C 174 -38.74 -1.02 64.42
CA LEU C 174 -38.03 -1.58 65.61
C LEU C 174 -36.52 -1.51 65.39
N CYS C 175 -36.05 -1.90 64.21
CA CYS C 175 -34.61 -1.87 63.81
C CYS C 175 -34.13 -0.43 63.68
N PHE C 176 -34.93 0.45 63.06
CA PHE C 176 -34.58 1.89 62.87
C PHE C 176 -34.36 2.57 64.23
N ASP C 177 -35.34 2.37 65.14
CA ASP C 177 -35.43 3.08 66.44
C ASP C 177 -34.35 2.55 67.40
N ASN C 178 -34.02 1.26 67.35
CA ASN C 178 -33.19 0.59 68.38
C ASN C 178 -31.76 0.37 67.91
N LYS C 179 -31.46 0.48 66.61
CA LYS C 179 -30.09 0.23 66.09
C LYS C 179 -29.64 1.33 65.12
N ILE C 180 -30.39 1.58 64.03
CA ILE C 180 -29.91 2.49 62.94
C ILE C 180 -29.63 3.87 63.53
N LEU C 181 -30.65 4.52 64.10
CA LEU C 181 -30.51 5.94 64.51
C LEU C 181 -29.53 6.06 65.68
N PRO C 182 -29.59 5.17 66.70
CA PRO C 182 -28.56 5.15 67.74
C PRO C 182 -27.14 5.09 67.14
N GLN C 183 -26.88 4.14 66.23
CA GLN C 183 -25.53 3.92 65.65
C GLN C 183 -25.10 5.15 64.82
N ILE C 184 -26.00 5.78 64.07
CA ILE C 184 -25.71 7.01 63.29
C ILE C 184 -25.28 8.11 64.25
N LYS C 185 -25.98 8.25 65.39
CA LYS C 185 -25.67 9.26 66.43
C LYS C 185 -24.26 9.00 66.98
N GLU C 186 -23.87 7.73 67.19
CA GLU C 186 -22.54 7.38 67.75
C GLU C 186 -21.43 7.84 66.80
N ILE C 187 -21.50 7.45 65.53
CA ILE C 187 -20.43 7.71 64.51
C ILE C 187 -20.36 9.21 64.20
N MET C 188 -21.49 9.91 64.28
CA MET C 188 -21.56 11.39 64.05
C MET C 188 -21.21 12.16 65.33
N SER C 189 -20.88 11.49 66.45
CA SER C 189 -20.58 12.12 67.76
C SER C 189 -19.11 11.90 68.14
N ASN C 190 -18.68 10.65 68.10
CA ASN C 190 -17.27 10.23 68.33
C ASN C 190 -16.55 10.46 67.01
N TYR C 191 -15.21 10.36 66.96
CA TYR C 191 -14.46 10.34 65.67
C TYR C 191 -14.38 11.74 65.02
N GLY C 192 -14.65 12.81 65.76
CA GLY C 192 -14.35 14.19 65.34
C GLY C 192 -15.24 14.68 64.20
N ASP C 193 -14.81 15.78 63.57
CA ASP C 193 -15.42 16.39 62.35
C ASP C 193 -15.59 15.32 61.27
N ILE C 194 -16.79 15.25 60.68
CA ILE C 194 -17.13 14.34 59.55
C ILE C 194 -17.47 15.20 58.32
N ALA C 195 -16.66 15.11 57.27
CA ALA C 195 -16.77 15.93 56.04
C ALA C 195 -17.91 15.43 55.14
N THR C 196 -18.18 14.12 55.16
CA THR C 196 -19.04 13.42 54.17
C THR C 196 -19.82 12.30 54.86
N ALA C 197 -21.11 12.19 54.55
CA ALA C 197 -21.97 11.09 55.06
C ALA C 197 -22.54 10.34 53.86
N TRP C 198 -22.30 9.04 53.79
CA TRP C 198 -22.59 8.18 52.61
C TRP C 198 -23.60 7.12 53.01
N PHE C 199 -24.85 7.24 52.58
CA PHE C 199 -25.93 6.28 52.93
C PHE C 199 -26.19 5.38 51.74
N ALA C 200 -26.77 4.21 52.02
CA ALA C 200 -27.14 3.17 51.04
C ALA C 200 -28.43 3.57 50.34
N VAL C 201 -28.78 2.81 49.30
CA VAL C 201 -30.01 3.06 48.50
C VAL C 201 -31.18 2.58 49.36
N PRO C 202 -32.09 3.50 49.74
CA PRO C 202 -33.17 3.17 50.67
C PRO C 202 -34.31 2.48 49.93
N MET C 203 -34.95 1.51 50.59
CA MET C 203 -36.04 0.70 49.99
C MET C 203 -37.17 0.54 51.00
N THR C 204 -36.80 0.35 52.28
CA THR C 204 -37.76 0.16 53.41
C THR C 204 -38.05 1.50 54.10
N LEU C 205 -37.04 2.37 54.29
CA LEU C 205 -37.12 3.66 55.03
C LEU C 205 -38.36 4.44 54.57
N SER C 206 -39.13 4.98 55.53
CA SER C 206 -40.18 6.00 55.28
C SER C 206 -39.51 7.35 55.06
N GLU C 207 -40.24 8.30 54.45
CA GLU C 207 -39.87 9.74 54.32
C GLU C 207 -39.53 10.29 55.71
N ALA C 208 -40.33 9.97 56.73
CA ALA C 208 -40.14 10.38 58.14
C ALA C 208 -38.74 9.96 58.60
N GLN C 209 -38.46 8.65 58.50
CA GLN C 209 -37.19 8.02 58.97
C GLN C 209 -35.99 8.70 58.28
N SER C 210 -36.13 9.09 57.03
CA SER C 210 -35.07 9.76 56.22
C SER C 210 -34.83 11.19 56.73
N GLN C 211 -35.92 11.91 57.03
CA GLN C 211 -35.89 13.30 57.57
C GLN C 211 -35.12 13.29 58.89
N THR C 212 -35.43 12.32 59.76
CA THR C 212 -34.80 12.11 61.08
C THR C 212 -33.28 12.01 60.90
N ILE C 213 -32.82 11.11 60.03
CA ILE C 213 -31.37 10.91 59.77
C ILE C 213 -30.78 12.25 59.33
N TYR C 214 -31.45 12.95 58.41
CA TYR C 214 -30.99 14.23 57.83
C TYR C 214 -30.77 15.23 58.98
N ASP C 215 -31.80 15.46 59.78
CA ASP C 215 -31.79 16.43 60.91
C ASP C 215 -30.71 16.01 61.93
N THR C 216 -30.59 14.72 62.21
CA THR C 216 -29.60 14.15 63.17
C THR C 216 -28.18 14.53 62.72
N VAL C 217 -27.87 14.28 61.45
CA VAL C 217 -26.52 14.57 60.87
C VAL C 217 -26.30 16.08 60.91
N ARG C 218 -27.31 16.85 60.50
CA ARG C 218 -27.27 18.34 60.47
C ARG C 218 -26.89 18.88 61.85
N GLU C 219 -27.58 18.41 62.90
CA GLU C 219 -27.39 18.83 64.31
C GLU C 219 -25.99 18.44 64.80
N LEU C 220 -25.60 17.18 64.65
CA LEU C 220 -24.36 16.61 65.26
C LEU C 220 -23.13 17.07 64.46
N GLN C 221 -23.26 17.24 63.14
CA GLN C 221 -22.12 17.50 62.21
C GLN C 221 -22.53 18.57 61.21
N PRO C 222 -22.75 19.82 61.66
CA PRO C 222 -23.26 20.90 60.82
C PRO C 222 -22.62 21.05 59.44
N ASN C 223 -21.32 20.77 59.28
CA ASN C 223 -20.59 21.05 58.01
C ASN C 223 -20.46 19.80 57.12
N CYS C 224 -20.96 18.65 57.59
CA CYS C 224 -20.96 17.37 56.85
C CYS C 224 -21.85 17.46 55.62
N LEU C 225 -21.29 17.11 54.44
CA LEU C 225 -22.02 17.03 53.15
C LEU C 225 -22.63 15.62 53.05
N ILE C 226 -23.93 15.55 52.79
CA ILE C 226 -24.75 14.29 52.80
C ILE C 226 -24.99 13.89 51.34
N ASN C 227 -24.77 12.62 51.01
CA ASN C 227 -24.93 12.11 49.61
C ASN C 227 -26.43 11.97 49.31
N SER C 228 -26.76 11.89 48.03
CA SER C 228 -28.15 11.95 47.50
C SER C 228 -28.91 10.65 47.81
N ARG C 229 -28.20 9.58 48.19
CA ARG C 229 -28.80 8.23 48.38
C ARG C 229 -29.61 8.19 49.69
N LEU C 230 -29.74 9.30 50.42
CA LEU C 230 -30.53 9.36 51.66
C LEU C 230 -32.02 9.45 51.34
N GLY C 231 -32.39 10.48 50.56
CA GLY C 231 -33.78 10.92 50.29
C GLY C 231 -33.80 12.23 49.51
N ASN C 232 -34.75 12.39 48.58
CA ASN C 232 -34.87 13.58 47.69
C ASN C 232 -34.98 14.85 48.55
N GLY C 233 -34.19 15.87 48.25
CA GLY C 233 -34.21 17.17 48.95
C GLY C 233 -33.48 17.14 50.29
N LYS C 234 -32.91 15.98 50.66
CA LYS C 234 -32.21 15.74 51.95
C LYS C 234 -30.75 15.36 51.67
N TYR C 235 -30.03 16.16 50.86
CA TYR C 235 -28.62 15.89 50.44
C TYR C 235 -27.92 17.18 50.02
N ASP C 236 -26.58 17.18 50.05
CA ASP C 236 -25.72 18.34 49.65
C ASP C 236 -24.98 18.03 48.34
N PHE C 237 -24.76 16.75 48.01
CA PHE C 237 -24.13 16.34 46.73
C PHE C 237 -24.80 15.08 46.16
N VAL C 238 -24.73 14.93 44.84
CA VAL C 238 -25.35 13.81 44.06
C VAL C 238 -24.31 12.71 43.90
N SER C 239 -24.66 11.48 44.29
CA SER C 239 -23.93 10.23 43.93
C SER C 239 -24.43 9.77 42.57
N LEU C 240 -23.59 9.89 41.53
CA LEU C 240 -23.91 9.46 40.16
C LEU C 240 -23.44 8.01 39.96
N GLY C 241 -24.28 7.14 39.41
CA GLY C 241 -23.83 5.88 38.77
C GLY C 241 -23.21 6.19 37.42
N ASP C 242 -22.29 5.35 36.92
CA ASP C 242 -21.56 5.60 35.64
C ASP C 242 -22.56 5.91 34.53
N ASN C 243 -23.66 5.14 34.51
CA ASN C 243 -24.78 5.25 33.52
C ASN C 243 -25.53 6.58 33.64
N GLU C 244 -25.11 7.49 34.53
CA GLU C 244 -25.84 8.77 34.78
C GLU C 244 -24.98 9.99 34.46
N ILE C 245 -23.72 9.83 34.03
CA ILE C 245 -22.84 11.00 33.75
C ILE C 245 -23.26 11.62 32.41
N PRO C 246 -23.48 12.94 32.34
CA PRO C 246 -24.22 13.54 31.23
C PRO C 246 -23.58 13.44 29.84
N PRO C 267 -30.79 17.35 40.97
CA PRO C 267 -30.43 18.59 40.28
C PRO C 267 -29.14 19.25 40.75
N SER C 268 -28.71 18.95 41.99
CA SER C 268 -27.46 19.44 42.64
C SER C 268 -27.44 20.95 42.82
N PRO C 269 -28.07 21.49 43.89
CA PRO C 269 -28.17 22.95 44.06
C PRO C 269 -26.82 23.65 44.27
N LEU C 270 -25.85 22.96 44.87
CA LEU C 270 -24.51 23.48 45.22
C LEU C 270 -23.50 23.14 44.11
N GLY C 271 -23.94 22.37 43.11
CA GLY C 271 -23.11 21.89 41.98
C GLY C 271 -22.05 20.90 42.44
N LEU C 272 -22.43 19.97 43.33
CA LEU C 272 -21.51 18.97 43.93
C LEU C 272 -21.89 17.58 43.43
N TYR C 273 -20.89 16.82 42.96
CA TYR C 273 -21.06 15.50 42.31
C TYR C 273 -19.92 14.55 42.70
N GLU C 274 -20.25 13.28 42.79
CA GLU C 274 -19.28 12.19 43.10
C GLU C 274 -19.73 10.90 42.42
N THR C 275 -18.83 10.21 41.74
CA THR C 275 -19.02 8.81 41.27
C THR C 275 -18.04 7.91 42.01
N ALA C 276 -18.56 6.85 42.63
CA ALA C 276 -17.77 5.82 43.35
C ALA C 276 -17.49 4.68 42.36
N GLY C 277 -16.26 4.18 42.38
CA GLY C 277 -15.87 2.93 41.70
C GLY C 277 -14.93 2.10 42.55
N THR C 278 -14.72 0.86 42.15
CA THR C 278 -13.73 -0.07 42.74
C THR C 278 -12.66 -0.39 41.66
N ILE C 279 -11.49 -0.85 42.06
CA ILE C 279 -10.33 -1.08 41.15
C ILE C 279 -10.50 -2.41 40.41
N ASN C 280 -10.89 -3.49 41.10
CA ASN C 280 -11.40 -4.71 40.40
C ASN C 280 -12.92 -4.58 40.32
N ASP C 281 -13.66 -5.69 40.37
CA ASP C 281 -15.14 -5.67 40.19
C ASP C 281 -15.87 -5.86 41.52
N SER C 282 -15.13 -6.03 42.62
CA SER C 282 -15.70 -6.23 43.98
C SER C 282 -15.36 -5.03 44.86
N TRP C 283 -16.24 -4.71 45.79
CA TRP C 283 -15.99 -3.65 46.79
C TRP C 283 -15.21 -4.28 47.94
N GLY C 284 -15.72 -5.41 48.45
CA GLY C 284 -14.97 -6.24 49.40
C GLY C 284 -13.87 -7.01 48.70
N PHE C 285 -12.82 -7.38 49.42
CA PHE C 285 -11.70 -8.23 48.95
C PHE C 285 -12.22 -9.59 48.49
N SER C 286 -11.64 -10.08 47.39
CA SER C 286 -11.97 -11.37 46.70
C SER C 286 -10.68 -11.96 46.12
N TYR C 287 -10.20 -13.09 46.62
CA TYR C 287 -9.00 -13.80 46.10
C TYR C 287 -9.16 -14.06 44.59
N HIS C 288 -10.32 -14.56 44.19
CA HIS C 288 -10.57 -15.01 42.79
C HIS C 288 -10.65 -13.81 41.85
N ASP C 289 -10.93 -12.59 42.30
CA ASP C 289 -11.09 -11.39 41.43
C ASP C 289 -9.75 -10.68 41.23
N GLN C 290 -9.03 -11.02 40.17
CA GLN C 290 -7.75 -10.36 39.75
C GLN C 290 -8.01 -9.46 38.55
N ASN C 291 -9.23 -9.00 38.32
CA ASN C 291 -9.62 -8.15 37.17
C ASN C 291 -9.37 -6.66 37.47
N TRP C 292 -8.14 -6.34 37.88
CA TRP C 292 -7.73 -4.96 38.27
C TRP C 292 -7.75 -4.04 37.05
N LYS C 293 -8.49 -2.94 37.10
CA LYS C 293 -8.40 -1.88 36.07
C LYS C 293 -6.96 -1.39 35.99
N THR C 294 -6.46 -1.18 34.77
CA THR C 294 -5.07 -0.74 34.53
C THR C 294 -4.88 0.70 34.99
N PRO C 295 -3.63 1.11 35.29
CA PRO C 295 -3.30 2.50 35.59
C PRO C 295 -3.97 3.49 34.61
N ARG C 296 -3.92 3.20 33.32
CA ARG C 296 -4.43 4.11 32.27
C ARG C 296 -5.95 4.25 32.39
N THR C 297 -6.67 3.15 32.59
CA THR C 297 -8.14 3.15 32.83
C THR C 297 -8.45 4.04 34.03
N LEU C 298 -7.75 3.84 35.15
CA LEU C 298 -8.00 4.60 36.40
C LEU C 298 -7.75 6.09 36.14
N TYR C 299 -6.64 6.44 35.51
CA TYR C 299 -6.24 7.86 35.28
C TYR C 299 -7.24 8.54 34.33
N ARG C 300 -7.52 7.89 33.20
CA ARG C 300 -8.48 8.41 32.18
C ARG C 300 -9.85 8.62 32.82
N TYR C 301 -10.37 7.66 33.57
CA TYR C 301 -11.71 7.77 34.18
C TYR C 301 -11.70 8.98 35.12
N LYS C 302 -10.66 9.10 35.97
CA LYS C 302 -10.52 10.23 36.92
C LYS C 302 -10.57 11.55 36.15
N GLN C 303 -9.80 11.65 35.08
CA GLN C 303 -9.67 12.88 34.27
C GLN C 303 -11.02 13.26 33.66
N HIS C 304 -11.78 12.25 33.21
CA HIS C 304 -13.11 12.44 32.56
C HIS C 304 -14.11 12.97 33.58
N LEU C 305 -14.16 12.36 34.78
CA LEU C 305 -15.06 12.78 35.86
C LEU C 305 -14.67 14.22 36.28
N ASN C 306 -13.38 14.43 36.54
CA ASN C 306 -12.84 15.74 37.02
C ASN C 306 -13.22 16.84 36.02
N ASP C 307 -13.00 16.62 34.73
CA ASP C 307 -13.32 17.59 33.64
C ASP C 307 -14.81 17.98 33.70
N PHE C 308 -15.68 17.07 34.16
CA PHE C 308 -17.15 17.29 34.28
C PHE C 308 -17.52 17.80 35.69
N GLY C 309 -16.54 18.21 36.49
CA GLY C 309 -16.75 18.69 37.88
C GLY C 309 -17.30 17.61 38.78
N ILE C 310 -16.88 16.35 38.58
CA ILE C 310 -17.32 15.16 39.37
C ILE C 310 -16.10 14.59 40.12
N ASN C 311 -16.25 14.36 41.43
CA ASN C 311 -15.22 13.73 42.28
C ASN C 311 -15.22 12.22 42.02
N TYR C 312 -14.02 11.63 41.96
CA TYR C 312 -13.79 10.17 41.79
C TYR C 312 -13.51 9.57 43.17
N LEU C 313 -14.41 8.73 43.66
CA LEU C 313 -14.22 8.04 44.95
C LEU C 313 -13.87 6.59 44.65
N LEU C 314 -12.58 6.25 44.79
CA LEU C 314 -12.02 4.97 44.31
C LEU C 314 -11.86 4.02 45.51
N ASN C 315 -12.55 2.88 45.45
CA ASN C 315 -12.61 1.90 46.57
C ASN C 315 -11.34 1.04 46.62
N VAL C 316 -10.85 0.80 47.82
CA VAL C 316 -9.89 -0.30 48.13
C VAL C 316 -10.60 -1.29 49.06
N GLY C 317 -10.47 -2.58 48.82
CA GLY C 317 -11.04 -3.63 49.67
C GLY C 317 -9.94 -4.36 50.44
N LEU C 318 -9.77 -4.02 51.72
CA LEU C 318 -8.62 -4.51 52.52
C LEU C 318 -8.74 -6.02 52.69
N ASP C 319 -7.58 -6.71 52.76
CA ASP C 319 -7.49 -8.19 52.84
C ASP C 319 -7.62 -8.62 54.30
N PRO C 320 -7.65 -9.93 54.59
CA PRO C 320 -7.83 -10.42 55.96
C PRO C 320 -6.76 -9.93 56.96
N LEU C 321 -5.56 -9.57 56.52
CA LEU C 321 -4.51 -9.03 57.44
C LEU C 321 -4.55 -7.50 57.49
N GLY C 322 -5.55 -6.88 56.85
CA GLY C 322 -5.74 -5.40 56.86
C GLY C 322 -4.84 -4.68 55.85
N ARG C 323 -4.44 -5.37 54.79
CA ARG C 323 -3.53 -4.83 53.74
C ARG C 323 -4.33 -4.38 52.53
N VAL C 324 -3.92 -3.27 51.95
CA VAL C 324 -4.21 -2.91 50.53
C VAL C 324 -3.58 -4.00 49.67
N PRO C 325 -4.34 -4.76 48.86
CA PRO C 325 -3.76 -5.71 47.90
C PRO C 325 -2.63 -5.10 47.06
N MET C 326 -1.56 -5.87 46.86
CA MET C 326 -0.34 -5.46 46.13
C MET C 326 -0.73 -4.82 44.80
N MET C 327 -1.61 -5.45 44.03
CA MET C 327 -1.96 -4.99 42.67
C MET C 327 -2.79 -3.70 42.73
N ALA C 328 -3.65 -3.53 43.73
CA ALA C 328 -4.40 -2.26 43.93
C ALA C 328 -3.39 -1.14 44.23
N GLU C 329 -2.42 -1.38 45.10
CA GLU C 329 -1.43 -0.37 45.49
C GLU C 329 -0.61 0.04 44.23
N GLU C 330 -0.11 -0.96 43.48
CA GLU C 330 0.67 -0.75 42.23
C GLU C 330 -0.13 0.10 41.25
N ASN C 331 -1.39 -0.23 41.03
CA ASN C 331 -2.23 0.42 40.00
C ASN C 331 -2.52 1.87 40.42
N LEU C 332 -2.76 2.12 41.70
CA LEU C 332 -3.04 3.49 42.21
C LEU C 332 -1.80 4.36 41.98
N LEU C 333 -0.62 3.84 42.32
CA LEU C 333 0.64 4.62 42.24
C LEU C 333 0.99 4.90 40.79
N ALA C 334 0.79 3.93 39.90
CA ALA C 334 1.11 4.07 38.45
C ALA C 334 0.11 5.03 37.79
N ALA C 335 -1.15 5.02 38.20
CA ALA C 335 -2.18 5.96 37.72
C ALA C 335 -1.75 7.40 38.10
N LYS C 336 -1.19 7.56 39.30
CA LYS C 336 -0.72 8.87 39.80
C LYS C 336 0.47 9.33 38.94
N ALA C 337 1.37 8.42 38.60
CA ALA C 337 2.57 8.73 37.78
C ALA C 337 2.10 9.17 36.39
N LEU C 338 1.14 8.47 35.80
CA LEU C 338 0.52 8.84 34.49
C LEU C 338 -0.05 10.27 34.61
N GLU C 339 -0.82 10.53 35.67
CA GLU C 339 -1.53 11.81 35.87
C GLU C 339 -0.52 12.98 35.96
N ASP C 340 0.55 12.80 36.71
CA ASP C 340 1.61 13.82 36.94
C ASP C 340 2.37 14.08 35.63
N GLU C 341 2.76 13.01 34.94
CA GLU C 341 3.39 13.08 33.58
C GLU C 341 2.48 13.91 32.67
N ALA C 342 1.21 13.52 32.55
CA ALA C 342 0.19 14.24 31.74
C ALA C 342 0.14 15.74 32.14
N ASN C 343 0.12 16.05 33.43
CA ASN C 343 -0.09 17.42 33.99
C ASN C 343 1.18 18.28 33.89
N ARG C 344 2.28 17.74 33.35
CA ARG C 344 3.48 18.53 32.99
C ARG C 344 3.48 18.82 31.48
N LEU C 345 2.95 17.92 30.62
CA LEU C 345 2.91 18.07 29.13
C LEU C 345 2.67 19.54 28.77
N ASN D 2 51.10 29.79 -32.71
CA ASN D 2 49.63 29.65 -32.58
C ASN D 2 49.26 28.16 -32.52
N ASP D 3 49.32 27.57 -31.32
CA ASP D 3 48.95 26.15 -31.07
C ASP D 3 47.48 25.91 -31.48
N ASN D 4 46.71 26.99 -31.63
CA ASN D 4 45.26 26.95 -32.00
C ASN D 4 45.06 26.23 -33.35
N VAL D 5 46.01 26.29 -34.29
CA VAL D 5 45.85 25.60 -35.61
C VAL D 5 45.85 24.08 -35.39
N ALA D 6 46.86 23.58 -34.66
CA ALA D 6 47.01 22.15 -34.30
C ALA D 6 45.76 21.71 -33.53
N TRP D 7 45.39 22.47 -32.49
CA TRP D 7 44.25 22.18 -31.60
C TRP D 7 42.95 22.07 -32.41
N PHE D 8 42.71 22.98 -33.35
CA PHE D 8 41.44 23.06 -34.14
C PHE D 8 41.36 21.85 -35.08
N LYS D 9 42.48 21.44 -35.66
CA LYS D 9 42.54 20.28 -36.61
C LYS D 9 42.13 19.01 -35.87
N GLN D 10 42.26 18.96 -34.54
CA GLN D 10 41.98 17.73 -33.74
C GLN D 10 40.81 17.95 -32.77
N ALA D 11 40.08 19.05 -32.88
CA ALA D 11 38.98 19.42 -31.93
C ALA D 11 37.75 18.58 -32.21
N LYS D 12 37.39 18.40 -33.49
CA LYS D 12 36.38 17.42 -34.00
C LYS D 12 34.95 17.91 -33.75
N TYR D 13 34.69 18.52 -32.59
CA TYR D 13 33.32 18.64 -32.03
C TYR D 13 33.20 19.92 -31.21
N GLY D 14 32.22 20.76 -31.54
CA GLY D 14 31.90 22.00 -30.80
C GLY D 14 30.41 22.15 -30.59
N MET D 15 30.01 22.79 -29.50
CA MET D 15 28.60 23.19 -29.27
C MET D 15 28.42 24.63 -29.79
N MET D 16 27.33 24.89 -30.50
CA MET D 16 26.93 26.25 -30.91
C MET D 16 25.67 26.60 -30.11
N ILE D 17 25.45 27.88 -29.82
CA ILE D 17 24.25 28.35 -29.06
C ILE D 17 23.63 29.55 -29.77
N HIS D 18 22.37 29.40 -30.16
CA HIS D 18 21.46 30.49 -30.62
C HIS D 18 20.48 30.78 -29.49
N TRP D 19 20.44 32.03 -29.05
CA TRP D 19 19.62 32.47 -27.90
C TRP D 19 19.43 33.99 -27.97
N GLY D 20 18.20 34.44 -27.76
CA GLY D 20 17.84 35.85 -27.89
C GLY D 20 16.37 36.08 -27.64
N LEU D 21 15.88 37.27 -27.96
CA LEU D 21 14.45 37.61 -27.78
C LEU D 21 13.62 36.62 -28.61
N TYR D 22 14.12 36.20 -29.78
CA TYR D 22 13.41 35.26 -30.71
C TYR D 22 12.98 34.00 -29.93
N SER D 23 13.82 33.55 -29.02
CA SER D 23 13.60 32.34 -28.18
C SER D 23 12.27 32.43 -27.39
N LEU D 24 11.86 33.63 -26.96
CA LEU D 24 10.64 33.78 -26.14
C LEU D 24 9.41 33.50 -27.02
N LEU D 25 9.44 33.93 -28.29
CA LEU D 25 8.31 33.71 -29.22
C LEU D 25 8.27 32.23 -29.65
N ALA D 26 9.41 31.54 -29.62
CA ALA D 26 9.53 30.08 -29.78
C ALA D 26 8.81 29.56 -31.05
N GLY D 27 8.99 30.20 -32.19
CA GLY D 27 8.57 29.70 -33.52
C GLY D 27 7.13 30.03 -33.85
N GLU D 28 6.48 30.86 -33.04
CA GLU D 28 5.02 31.14 -33.09
C GLU D 28 4.81 32.66 -32.96
N TYR D 29 3.93 33.24 -33.77
CA TYR D 29 3.50 34.65 -33.61
C TYR D 29 2.05 34.80 -34.06
N ARG D 30 1.19 35.23 -33.14
CA ARG D 30 -0.27 35.48 -33.35
C ARG D 30 -0.91 34.34 -34.12
N GLY D 31 -0.75 33.11 -33.62
CA GLY D 31 -1.46 31.92 -34.11
C GLY D 31 -0.82 31.32 -35.35
N GLU D 32 0.36 31.81 -35.75
CA GLU D 32 1.01 31.38 -37.01
C GLU D 32 2.46 31.01 -36.78
N SER D 33 2.96 30.15 -37.67
CA SER D 33 4.27 29.49 -37.59
C SER D 33 5.35 30.35 -38.25
N SER D 34 6.52 30.42 -37.63
CA SER D 34 7.76 30.88 -38.30
C SER D 34 8.07 29.92 -39.44
N SER D 35 9.06 30.23 -40.26
CA SER D 35 9.75 29.24 -41.14
C SER D 35 10.52 28.25 -40.26
N ALA D 36 11.23 27.30 -40.87
CA ALA D 36 12.13 26.35 -40.17
C ALA D 36 13.04 27.10 -39.21
N TYR D 37 13.42 28.34 -39.54
CA TYR D 37 14.34 29.20 -38.76
C TYR D 37 13.51 30.16 -37.89
N ALA D 38 13.29 29.73 -36.65
CA ALA D 38 12.51 30.46 -35.63
C ALA D 38 13.20 31.77 -35.27
N GLU D 39 14.54 31.82 -35.32
CA GLU D 39 15.35 33.03 -34.96
C GLU D 39 15.11 34.16 -35.95
N TRP D 40 14.57 33.85 -37.16
CA TRP D 40 14.22 34.81 -38.23
C TRP D 40 12.80 35.35 -38.06
N ILE D 41 12.15 35.08 -36.92
CA ILE D 41 10.68 35.32 -36.76
C ILE D 41 10.36 36.82 -36.94
N GLN D 42 11.26 37.74 -36.52
CA GLN D 42 10.96 39.19 -36.62
C GLN D 42 10.77 39.57 -38.09
N SER D 43 11.67 39.12 -38.96
CA SER D 43 11.59 39.35 -40.43
C SER D 43 10.34 38.66 -41.00
N LYS D 44 10.09 37.42 -40.56
CA LYS D 44 8.98 36.56 -41.04
C LYS D 44 7.65 37.32 -40.94
N PHE D 45 7.41 37.99 -39.81
CA PHE D 45 6.12 38.66 -39.50
C PHE D 45 6.27 40.19 -39.50
N GLN D 46 7.45 40.71 -39.85
CA GLN D 46 7.73 42.17 -39.91
C GLN D 46 7.25 42.82 -38.60
N ILE D 47 7.67 42.25 -37.47
CA ILE D 47 7.32 42.76 -36.12
C ILE D 47 8.07 44.07 -35.92
N PRO D 48 7.37 45.21 -35.73
CA PRO D 48 8.03 46.49 -35.47
C PRO D 48 9.01 46.41 -34.29
N ASN D 49 10.13 47.12 -34.39
CA ASN D 49 11.20 47.15 -33.34
C ASN D 49 10.58 47.45 -31.97
N ALA D 50 9.67 48.42 -31.90
CA ALA D 50 8.96 48.81 -30.65
C ALA D 50 8.38 47.58 -29.97
N GLU D 51 7.61 46.74 -30.68
CA GLU D 51 6.93 45.54 -30.12
C GLU D 51 7.96 44.44 -29.84
N TYR D 52 8.79 44.11 -30.81
CA TYR D 52 9.78 43.01 -30.70
C TYR D 52 10.72 43.30 -29.52
N GLY D 53 11.28 44.52 -29.47
CA GLY D 53 12.21 44.95 -28.41
C GLY D 53 11.58 44.80 -27.03
N ASN D 54 10.25 44.97 -26.94
CA ASN D 54 9.51 44.85 -25.66
C ASN D 54 9.67 43.43 -25.09
N LEU D 55 9.99 42.43 -25.90
CA LEU D 55 10.29 41.06 -25.42
C LEU D 55 11.38 41.09 -24.35
N ALA D 56 12.30 42.05 -24.44
CA ALA D 56 13.40 42.26 -23.44
C ALA D 56 12.80 42.36 -22.03
N THR D 57 11.63 42.99 -21.90
CA THR D 57 10.97 43.20 -20.58
C THR D 57 10.51 41.85 -20.01
N ALA D 58 10.34 40.82 -20.84
CA ALA D 58 9.85 39.49 -20.41
C ALA D 58 10.99 38.48 -20.32
N PHE D 59 12.22 38.85 -20.65
CA PHE D 59 13.39 37.94 -20.70
C PHE D 59 13.95 37.75 -19.29
N ASN D 60 13.60 36.64 -18.62
CA ASN D 60 14.03 36.34 -17.21
C ASN D 60 14.30 34.84 -17.08
N PRO D 61 15.31 34.31 -17.79
CA PRO D 61 15.57 32.87 -17.83
C PRO D 61 16.15 32.33 -16.50
N LEU D 62 15.25 32.10 -15.54
CA LEU D 62 15.57 31.65 -14.18
C LEU D 62 16.47 30.43 -14.17
N TYR D 63 16.43 29.55 -15.17
CA TYR D 63 17.15 28.24 -15.11
C TYR D 63 18.46 28.30 -15.93
N PHE D 64 18.79 29.44 -16.57
CA PHE D 64 20.08 29.60 -17.29
C PHE D 64 21.22 29.28 -16.34
N ASP D 65 22.19 28.49 -16.76
CA ASP D 65 23.30 28.00 -15.91
C ASP D 65 24.48 27.62 -16.81
N ALA D 66 25.36 28.59 -17.07
CA ALA D 66 26.54 28.45 -17.95
C ALA D 66 27.33 27.22 -17.53
N LYS D 67 27.52 27.02 -16.22
CA LYS D 67 28.35 25.91 -15.70
C LYS D 67 27.79 24.57 -16.20
N LYS D 68 26.47 24.39 -16.11
CA LYS D 68 25.78 23.13 -16.48
C LYS D 68 25.81 22.92 -18.01
N ILE D 69 25.60 24.00 -18.79
CA ILE D 69 25.65 23.96 -20.27
C ILE D 69 27.05 23.50 -20.70
N VAL D 70 28.08 24.05 -20.09
CA VAL D 70 29.49 23.69 -20.44
C VAL D 70 29.76 22.24 -20.00
N ALA D 71 29.17 21.81 -18.88
CA ALA D 71 29.32 20.43 -18.36
C ALA D 71 28.79 19.44 -19.41
N LEU D 72 27.61 19.73 -19.99
CA LEU D 72 26.94 18.89 -21.01
C LEU D 72 27.85 18.76 -22.23
N ALA D 73 28.30 19.91 -22.75
CA ALA D 73 29.18 19.98 -23.95
C ALA D 73 30.41 19.11 -23.68
N LYS D 74 31.00 19.24 -22.50
CA LYS D 74 32.26 18.52 -22.16
C LYS D 74 32.00 17.02 -22.04
N GLN D 75 30.83 16.62 -21.52
CA GLN D 75 30.43 15.20 -21.32
C GLN D 75 30.29 14.53 -22.69
N CYS D 76 29.91 15.31 -23.70
CA CYS D 76 29.70 14.86 -25.10
C CYS D 76 31.01 14.91 -25.92
N GLY D 77 32.13 15.29 -25.29
CA GLY D 77 33.44 15.37 -25.95
C GLY D 77 33.59 16.62 -26.80
N MET D 78 32.67 17.59 -26.71
CA MET D 78 32.85 18.92 -27.36
C MET D 78 34.02 19.65 -26.69
N GLN D 79 34.93 20.19 -27.49
CA GLN D 79 36.20 20.79 -27.02
C GLN D 79 36.09 22.32 -27.10
N TYR D 80 34.99 22.84 -27.65
CA TYR D 80 34.78 24.30 -27.76
C TYR D 80 33.29 24.61 -27.85
N LEU D 81 32.99 25.89 -27.72
CA LEU D 81 31.60 26.42 -27.62
C LEU D 81 31.56 27.75 -28.36
N VAL D 82 30.47 28.02 -29.08
CA VAL D 82 30.33 29.24 -29.94
C VAL D 82 28.92 29.79 -29.75
N VAL D 83 28.81 31.03 -29.25
CA VAL D 83 27.52 31.65 -28.83
C VAL D 83 27.22 32.85 -29.71
N THR D 84 25.93 33.06 -30.01
CA THR D 84 25.42 34.30 -30.62
C THR D 84 25.65 35.47 -29.65
N THR D 85 26.57 36.38 -29.96
CA THR D 85 26.77 37.65 -29.20
C THR D 85 25.73 38.66 -29.66
N LYS D 86 25.40 38.62 -30.96
CA LYS D 86 24.30 39.40 -31.58
C LYS D 86 23.94 38.74 -32.91
N HIS D 87 22.67 38.40 -33.09
CA HIS D 87 22.12 37.78 -34.31
C HIS D 87 21.53 38.90 -35.17
N HIS D 88 20.73 38.56 -36.19
CA HIS D 88 20.19 39.51 -37.20
C HIS D 88 19.26 40.55 -36.55
N ASP D 89 18.65 40.25 -35.39
CA ASP D 89 17.63 41.12 -34.73
C ASP D 89 18.34 42.35 -34.12
N GLY D 90 19.66 42.26 -33.97
CA GLY D 90 20.54 43.37 -33.55
C GLY D 90 20.62 43.46 -32.03
N PHE D 91 20.03 42.52 -31.30
CA PHE D 91 19.97 42.51 -29.81
C PHE D 91 21.22 41.80 -29.27
N ALA D 92 22.08 42.52 -28.59
CA ALA D 92 23.35 41.99 -28.05
C ALA D 92 23.05 41.11 -26.82
N MET D 93 23.76 40.00 -26.67
CA MET D 93 23.63 39.07 -25.51
C MET D 93 24.81 39.24 -24.55
N TYR D 94 25.40 40.44 -24.57
CA TYR D 94 26.49 40.87 -23.65
C TYR D 94 26.23 42.32 -23.25
N HIS D 95 26.99 42.86 -22.30
CA HIS D 95 26.83 44.26 -21.81
C HIS D 95 27.55 45.20 -22.78
N SER D 96 26.83 45.81 -23.73
CA SER D 96 27.40 46.66 -24.80
C SER D 96 27.42 48.13 -24.38
N LYS D 97 28.60 48.72 -24.21
CA LYS D 97 28.77 50.19 -23.96
C LYS D 97 28.04 50.97 -25.05
N VAL D 98 28.11 50.53 -26.30
CA VAL D 98 27.69 51.31 -27.50
C VAL D 98 26.17 51.25 -27.71
N ASP D 99 25.52 50.17 -27.28
CA ASP D 99 24.06 50.00 -27.55
C ASP D 99 23.35 49.40 -26.34
N ALA D 100 22.39 50.15 -25.80
CA ALA D 100 21.53 49.82 -24.64
C ALA D 100 20.55 48.68 -24.99
N TYR D 101 20.48 48.30 -26.27
CA TYR D 101 19.62 47.20 -26.79
C TYR D 101 20.35 45.87 -26.58
N ASN D 102 20.49 45.49 -25.30
CA ASN D 102 21.30 44.32 -24.87
C ASN D 102 20.69 43.67 -23.62
N VAL D 103 21.12 42.44 -23.34
CA VAL D 103 20.54 41.52 -22.33
C VAL D 103 20.74 42.09 -20.91
N TYR D 104 21.81 42.86 -20.70
CA TYR D 104 22.16 43.45 -19.38
C TYR D 104 21.27 44.67 -19.08
N ASP D 105 21.13 45.59 -20.02
CA ASP D 105 20.49 46.91 -19.79
C ASP D 105 18.98 46.81 -20.00
N ALA D 106 18.51 45.97 -20.93
CA ALA D 106 17.12 45.99 -21.42
C ALA D 106 16.24 44.96 -20.70
N THR D 107 16.81 43.99 -19.96
CA THR D 107 16.05 42.83 -19.42
C THR D 107 16.12 42.79 -17.89
N PRO D 108 15.05 42.30 -17.21
CA PRO D 108 15.10 42.13 -15.77
C PRO D 108 16.17 41.13 -15.34
N PHE D 109 16.55 40.19 -16.21
CA PHE D 109 17.62 39.21 -15.91
C PHE D 109 18.90 39.95 -15.53
N HIS D 110 19.19 41.03 -16.25
CA HIS D 110 20.23 42.06 -15.94
C HIS D 110 21.57 41.35 -15.64
N ARG D 111 21.99 40.47 -16.54
CA ARG D 111 23.26 39.71 -16.47
C ARG D 111 23.86 39.57 -17.87
N ASP D 112 25.17 39.30 -17.92
CA ASP D 112 25.99 39.18 -19.16
C ASP D 112 26.16 37.70 -19.52
N ILE D 113 25.27 37.18 -20.37
CA ILE D 113 25.26 35.75 -20.85
C ILE D 113 26.66 35.36 -21.36
N ILE D 114 27.23 36.18 -22.26
CA ILE D 114 28.54 35.88 -22.89
C ILE D 114 29.62 35.79 -21.79
N GLY D 115 29.60 36.73 -20.85
CA GLY D 115 30.57 36.74 -19.73
C GLY D 115 30.51 35.46 -18.91
N GLU D 116 29.31 34.99 -18.58
CA GLU D 116 29.11 33.77 -17.74
C GLU D 116 29.63 32.56 -18.50
N LEU D 117 29.32 32.44 -19.79
CA LEU D 117 29.75 31.28 -20.63
C LEU D 117 31.27 31.34 -20.80
N ALA D 118 31.81 32.53 -21.06
CA ALA D 118 33.27 32.76 -21.17
C ALA D 118 33.98 32.18 -19.94
N GLU D 119 33.45 32.47 -18.75
CA GLU D 119 34.05 32.05 -17.45
C GLU D 119 33.91 30.54 -17.27
N ALA D 120 32.71 30.01 -17.46
CA ALA D 120 32.41 28.56 -17.36
C ALA D 120 33.34 27.77 -18.29
N CYS D 121 33.49 28.21 -19.55
CA CYS D 121 34.38 27.61 -20.57
C CYS D 121 35.83 27.63 -20.06
N GLN D 122 36.31 28.82 -19.67
CA GLN D 122 37.67 29.06 -19.13
C GLN D 122 37.94 28.02 -18.02
N LYS D 123 36.99 27.82 -17.11
CA LYS D 123 37.14 26.93 -15.93
C LYS D 123 37.17 25.46 -16.34
N ALA D 124 36.36 25.07 -17.32
CA ALA D 124 36.15 23.66 -17.73
C ALA D 124 37.28 23.19 -18.64
N GLY D 125 38.08 24.11 -19.18
CA GLY D 125 39.15 23.81 -20.15
C GLY D 125 38.64 23.85 -21.59
N LEU D 126 37.43 24.34 -21.82
CA LEU D 126 36.82 24.44 -23.17
C LEU D 126 37.23 25.77 -23.81
N LYS D 127 37.57 25.76 -25.09
CA LYS D 127 37.82 27.01 -25.87
C LYS D 127 36.49 27.72 -26.09
N PHE D 128 36.54 29.03 -26.34
CA PHE D 128 35.35 29.90 -26.45
C PHE D 128 35.40 30.66 -27.76
N GLY D 129 34.30 30.65 -28.52
CA GLY D 129 34.19 31.36 -29.80
C GLY D 129 32.94 32.21 -29.84
N LEU D 130 32.91 33.20 -30.74
CA LEU D 130 31.83 34.22 -30.78
C LEU D 130 31.26 34.32 -32.18
N TYR D 131 29.95 34.41 -32.27
CA TYR D 131 29.17 34.65 -33.51
C TYR D 131 28.65 36.08 -33.45
N TYR D 132 28.91 36.88 -34.48
CA TYR D 132 28.36 38.25 -34.60
C TYR D 132 27.77 38.41 -36.01
N SER D 133 26.55 38.92 -36.11
CA SER D 133 25.92 39.33 -37.39
C SER D 133 26.49 40.70 -37.81
N GLN D 134 27.53 40.69 -38.66
CA GLN D 134 28.31 41.93 -39.00
C GLN D 134 27.61 42.72 -40.12
N ASP D 135 26.58 42.16 -40.75
CA ASP D 135 25.92 42.73 -41.96
C ASP D 135 24.48 43.07 -41.61
N LEU D 136 23.64 42.06 -41.33
CA LEU D 136 22.21 42.24 -41.04
C LEU D 136 22.07 42.79 -39.63
N ASP D 137 21.24 43.81 -39.42
CA ASP D 137 20.89 44.33 -38.07
C ASP D 137 19.54 45.04 -38.14
N TRP D 138 18.47 44.38 -37.68
CA TRP D 138 17.07 44.80 -37.94
C TRP D 138 16.67 45.95 -37.01
N HIS D 139 17.48 46.22 -35.98
CA HIS D 139 17.24 47.30 -34.99
C HIS D 139 17.82 48.62 -35.52
N ASP D 140 18.72 48.55 -36.48
CA ASP D 140 19.50 49.71 -37.00
C ASP D 140 18.91 50.23 -38.31
N PRO D 141 18.62 51.55 -38.43
CA PRO D 141 18.02 52.09 -39.66
C PRO D 141 18.86 51.80 -40.92
N ASN D 142 20.18 51.61 -40.76
CA ASN D 142 21.11 51.38 -41.88
C ASN D 142 21.68 49.95 -41.80
N GLY D 143 20.93 49.03 -41.18
CA GLY D 143 21.30 47.61 -41.15
C GLY D 143 21.36 47.04 -42.55
N GLY D 144 22.23 46.05 -42.78
CA GLY D 144 22.53 45.50 -44.12
C GLY D 144 21.39 44.68 -44.71
N GLY D 145 21.53 44.34 -46.00
CA GLY D 145 20.64 43.41 -46.74
C GLY D 145 19.63 44.11 -47.63
N TYR D 146 19.68 45.43 -47.70
CA TYR D 146 18.72 46.25 -48.50
C TYR D 146 19.08 46.20 -49.99
N LYS D 147 20.19 45.57 -50.38
CA LYS D 147 20.59 45.43 -51.80
C LYS D 147 20.36 43.98 -52.28
N SER D 148 19.86 43.10 -51.42
CA SER D 148 19.89 41.63 -51.59
C SER D 148 18.50 41.00 -51.75
N ASN D 149 17.44 41.80 -51.88
CA ASN D 149 16.04 41.32 -51.73
C ASN D 149 15.49 40.74 -53.05
N ASP D 150 16.34 40.46 -54.04
CA ASP D 150 16.00 39.64 -55.24
C ASP D 150 16.15 38.14 -54.92
N VAL D 151 16.59 37.78 -53.71
CA VAL D 151 16.70 36.39 -53.22
C VAL D 151 15.78 36.26 -52.01
N GLU D 152 14.99 35.17 -51.91
CA GLU D 152 14.03 34.90 -50.79
C GLU D 152 14.82 34.53 -49.53
N THR D 153 14.22 34.70 -48.35
CA THR D 153 14.86 34.46 -47.03
C THR D 153 14.00 33.53 -46.15
N ALA D 154 14.51 33.19 -44.96
CA ALA D 154 13.78 32.48 -43.89
C ALA D 154 12.77 33.38 -43.17
N GLY D 155 12.71 34.67 -43.53
CA GLY D 155 11.69 35.63 -43.05
C GLY D 155 10.96 36.25 -44.22
N THR D 156 10.91 37.58 -44.29
CA THR D 156 10.46 38.35 -45.49
C THR D 156 11.70 38.87 -46.19
N THR D 157 12.15 40.09 -45.86
CA THR D 157 13.36 40.73 -46.44
C THR D 157 14.59 40.44 -45.58
N TRP D 158 15.78 40.57 -46.16
CA TRP D 158 17.10 40.45 -45.47
C TRP D 158 17.23 41.59 -44.44
N ASP D 159 16.84 42.80 -44.81
CA ASP D 159 16.89 44.02 -43.94
C ASP D 159 15.55 44.17 -43.22
N ASN D 160 15.50 45.02 -42.18
CA ASN D 160 14.24 45.56 -41.60
C ASN D 160 13.71 46.61 -42.60
N SER D 161 12.78 46.21 -43.47
CA SER D 161 12.16 47.05 -44.53
C SER D 161 10.77 47.53 -44.09
N TRP D 162 10.39 47.30 -42.83
CA TRP D 162 9.04 47.68 -42.32
C TRP D 162 9.15 48.93 -41.45
N ASP D 163 10.01 48.93 -40.42
CA ASP D 163 10.32 50.13 -39.60
C ASP D 163 11.11 51.13 -40.47
N PHE D 164 11.86 50.64 -41.45
CA PHE D 164 12.77 51.45 -42.30
C PHE D 164 12.44 51.17 -43.78
N PRO D 165 11.28 51.66 -44.27
CA PRO D 165 10.86 51.38 -45.65
C PRO D 165 11.69 52.04 -46.77
N ASP D 166 12.29 53.21 -46.54
CA ASP D 166 12.98 53.99 -47.61
C ASP D 166 14.33 53.31 -47.97
N GLU D 167 14.29 52.30 -48.83
CA GLU D 167 15.45 51.47 -49.25
C GLU D 167 16.58 52.35 -49.82
N ASP D 168 16.26 53.20 -50.81
CA ASP D 168 17.26 53.99 -51.58
C ASP D 168 18.00 54.99 -50.66
N GLN D 169 17.42 55.38 -49.52
CA GLN D 169 18.00 56.39 -48.60
C GLN D 169 18.93 55.70 -47.57
N LYS D 170 18.96 54.37 -47.52
CA LYS D 170 19.78 53.61 -46.53
C LYS D 170 21.25 53.64 -46.91
N ASN D 171 22.13 53.45 -45.93
CA ASN D 171 23.60 53.64 -46.06
C ASN D 171 24.32 52.87 -44.96
N PHE D 172 24.76 51.65 -45.27
CA PHE D 172 25.34 50.66 -44.33
C PHE D 172 26.58 51.21 -43.61
N ASP D 173 27.30 52.14 -44.23
CA ASP D 173 28.51 52.78 -43.64
C ASP D 173 28.18 53.31 -42.24
N LEU D 174 27.05 53.99 -42.08
CA LEU D 174 26.62 54.63 -40.80
C LEU D 174 26.49 53.54 -39.72
N CYS D 175 25.84 52.43 -40.06
CA CYS D 175 25.63 51.25 -39.18
C CYS D 175 26.97 50.56 -38.89
N PHE D 176 27.82 50.38 -39.90
CA PHE D 176 29.14 49.72 -39.75
C PHE D 176 30.01 50.51 -38.77
N ASP D 177 30.10 51.83 -38.98
CA ASP D 177 31.03 52.74 -38.27
C ASP D 177 30.57 52.93 -36.82
N ASN D 178 29.25 52.98 -36.58
CA ASN D 178 28.68 53.44 -35.29
C ASN D 178 28.20 52.25 -34.44
N LYS D 179 28.05 51.04 -35.00
CA LYS D 179 27.55 49.87 -34.22
C LYS D 179 28.41 48.62 -34.48
N ILE D 180 28.57 48.18 -35.73
CA ILE D 180 29.20 46.86 -36.03
C ILE D 180 30.63 46.86 -35.46
N LEU D 181 31.48 47.76 -35.93
CA LEU D 181 32.93 47.72 -35.59
C LEU D 181 33.11 48.00 -34.09
N PRO D 182 32.44 49.01 -33.51
CA PRO D 182 32.49 49.19 -32.05
C PRO D 182 32.15 47.89 -31.30
N GLN D 183 31.02 47.24 -31.64
CA GLN D 183 30.55 46.01 -30.93
C GLN D 183 31.58 44.86 -31.09
N ILE D 184 32.17 44.71 -32.28
CA ILE D 184 33.20 43.66 -32.55
C ILE D 184 34.41 43.92 -31.63
N LYS D 185 34.81 45.19 -31.49
CA LYS D 185 35.93 45.60 -30.61
C LYS D 185 35.61 45.22 -29.16
N GLU D 186 34.36 45.41 -28.72
CA GLU D 186 33.95 45.13 -27.30
C GLU D 186 34.12 43.63 -27.01
N ILE D 187 33.51 42.78 -27.84
CA ILE D 187 33.47 41.29 -27.64
C ILE D 187 34.88 40.70 -27.76
N MET D 188 35.72 41.30 -28.62
CA MET D 188 37.13 40.84 -28.82
C MET D 188 38.06 41.45 -27.76
N SER D 189 37.56 42.27 -26.83
CA SER D 189 38.37 42.97 -25.78
C SER D 189 38.04 42.43 -24.38
N ASN D 190 36.75 42.39 -24.06
CA ASN D 190 36.22 41.80 -22.81
C ASN D 190 36.16 40.28 -23.05
N TYR D 191 35.89 39.46 -22.04
CA TYR D 191 35.55 38.02 -22.23
C TYR D 191 36.78 37.17 -22.55
N GLY D 192 37.99 37.66 -22.32
CA GLY D 192 39.22 36.83 -22.33
C GLY D 192 39.60 36.36 -23.73
N ASP D 193 40.49 35.37 -23.78
CA ASP D 193 40.97 34.72 -25.04
C ASP D 193 39.76 34.23 -25.84
N ILE D 194 39.73 34.51 -27.15
CA ILE D 194 38.69 34.03 -28.09
C ILE D 194 39.36 33.12 -29.12
N ALA D 195 39.01 31.82 -29.14
CA ALA D 195 39.62 30.79 -30.00
C ALA D 195 39.11 30.89 -31.44
N THR D 196 37.87 31.33 -31.64
CA THR D 196 37.12 31.23 -32.91
C THR D 196 36.22 32.46 -33.09
N ALA D 197 36.19 33.03 -34.29
CA ALA D 197 35.33 34.18 -34.63
C ALA D 197 34.45 33.79 -35.81
N TRP D 198 33.14 33.87 -35.65
CA TRP D 198 32.14 33.30 -36.57
C TRP D 198 31.26 34.42 -37.14
N PHE D 199 31.46 34.81 -38.38
CA PHE D 199 30.70 35.92 -39.02
C PHE D 199 29.63 35.34 -39.93
N ALA D 200 28.61 36.16 -40.22
CA ALA D 200 27.44 35.85 -41.07
C ALA D 200 27.85 35.99 -42.53
N VAL D 201 26.94 35.59 -43.42
CA VAL D 201 27.17 35.67 -44.89
C VAL D 201 27.04 37.13 -45.27
N PRO D 202 28.12 37.77 -45.77
CA PRO D 202 28.11 39.19 -46.06
C PRO D 202 27.44 39.45 -47.42
N MET D 203 26.70 40.55 -47.53
CA MET D 203 25.93 40.92 -48.73
C MET D 203 26.11 42.42 -48.99
N THR D 204 26.10 43.23 -47.93
CA THR D 204 26.19 44.70 -47.98
C THR D 204 27.65 45.16 -47.80
N LEU D 205 28.42 44.51 -46.91
CA LEU D 205 29.84 44.85 -46.58
C LEU D 205 30.65 45.08 -47.85
N SER D 206 31.45 46.15 -47.87
CA SER D 206 32.55 46.39 -48.85
C SER D 206 33.73 45.50 -48.48
N GLU D 207 34.64 45.30 -49.43
CA GLU D 207 35.97 44.63 -49.24
C GLU D 207 36.72 45.37 -48.13
N ALA D 208 36.70 46.71 -48.13
CA ALA D 208 37.33 47.58 -47.11
C ALA D 208 36.81 47.20 -45.72
N GLN D 209 35.49 47.26 -45.55
CA GLN D 209 34.79 46.99 -44.26
C GLN D 209 35.18 45.60 -43.72
N SER D 210 35.35 44.62 -44.60
CA SER D 210 35.74 43.22 -44.25
C SER D 210 37.19 43.17 -43.77
N GLN D 211 38.08 43.90 -44.46
CA GLN D 211 39.53 43.99 -44.10
C GLN D 211 39.66 44.57 -42.69
N THR D 212 38.92 45.63 -42.41
CA THR D 212 38.86 46.32 -41.11
C THR D 212 38.56 45.30 -40.01
N ILE D 213 37.47 44.55 -40.16
CA ILE D 213 37.05 43.53 -39.15
C ILE D 213 38.21 42.54 -38.97
N TYR D 214 38.81 42.09 -40.07
CA TYR D 214 39.90 41.08 -40.06
C TYR D 214 41.06 41.62 -39.20
N ASP D 215 41.55 42.81 -39.54
CA ASP D 215 42.69 43.47 -38.87
C ASP D 215 42.35 43.71 -37.38
N THR D 216 41.11 44.13 -37.10
CA THR D 216 40.61 44.40 -35.73
C THR D 216 40.72 43.13 -34.87
N VAL D 217 40.21 42.00 -35.39
CA VAL D 217 40.22 40.70 -34.67
C VAL D 217 41.69 40.28 -34.49
N ARG D 218 42.49 40.40 -35.54
CA ARG D 218 43.93 40.02 -35.55
C ARG D 218 44.65 40.75 -34.41
N GLU D 219 44.47 42.07 -34.31
CA GLU D 219 45.12 42.94 -33.31
C GLU D 219 44.65 42.56 -31.89
N LEU D 220 43.34 42.49 -31.67
CA LEU D 220 42.74 42.32 -30.30
C LEU D 220 42.89 40.87 -29.82
N GLN D 221 42.86 39.90 -30.73
CA GLN D 221 42.82 38.44 -30.42
C GLN D 221 43.74 37.68 -31.37
N PRO D 222 45.08 37.92 -31.28
CA PRO D 222 46.04 37.34 -32.22
C PRO D 222 45.86 35.87 -32.60
N ASN D 223 45.43 35.03 -31.66
CA ASN D 223 45.38 33.54 -31.85
C ASN D 223 43.99 33.05 -32.25
N CYS D 224 43.01 33.95 -32.36
CA CYS D 224 41.63 33.67 -32.81
C CYS D 224 41.63 33.23 -34.27
N LEU D 225 41.05 32.07 -34.56
CA LEU D 225 40.82 31.53 -35.93
C LEU D 225 39.50 32.10 -36.47
N ILE D 226 39.54 32.71 -37.65
CA ILE D 226 38.39 33.46 -38.25
C ILE D 226 37.78 32.57 -39.34
N ASN D 227 36.44 32.43 -39.35
CA ASN D 227 35.73 31.56 -40.33
C ASN D 227 35.71 32.26 -41.70
N SER D 228 35.44 31.49 -42.75
CA SER D 228 35.55 31.91 -44.17
C SER D 228 34.43 32.88 -44.55
N ARG D 229 33.36 32.95 -43.74
CA ARG D 229 32.15 33.75 -44.06
C ARG D 229 32.41 35.25 -43.87
N LEU D 230 33.63 35.67 -43.54
CA LEU D 230 33.97 37.11 -43.39
C LEU D 230 34.17 37.72 -44.77
N GLY D 231 35.11 37.15 -45.57
CA GLY D 231 35.60 37.70 -46.84
C GLY D 231 36.79 36.90 -47.37
N ASN D 232 36.90 36.75 -48.70
CA ASN D 232 37.92 35.88 -49.36
C ASN D 232 39.32 36.35 -48.92
N GLY D 233 40.20 35.42 -48.50
CA GLY D 233 41.59 35.73 -48.12
C GLY D 233 41.71 36.30 -46.71
N LYS D 234 40.56 36.46 -46.02
CA LYS D 234 40.46 37.06 -44.67
C LYS D 234 39.87 36.03 -43.69
N TYR D 235 40.45 34.81 -43.66
CA TYR D 235 39.97 33.68 -42.80
C TYR D 235 41.09 32.67 -42.52
N ASP D 236 40.95 31.88 -41.46
CA ASP D 236 41.91 30.82 -41.05
C ASP D 236 41.33 29.43 -41.27
N PHE D 237 40.00 29.28 -41.29
CA PHE D 237 39.30 28.00 -41.57
C PHE D 237 38.05 28.23 -42.42
N VAL D 238 37.68 27.20 -43.17
CA VAL D 238 36.53 27.19 -44.13
C VAL D 238 35.30 26.66 -43.41
N SER D 239 34.20 27.43 -43.43
CA SER D 239 32.85 26.98 -43.05
C SER D 239 32.23 26.36 -44.28
N LEU D 240 32.01 25.04 -44.24
CA LEU D 240 31.38 24.27 -45.35
C LEU D 240 29.87 24.25 -45.13
N GLY D 241 29.10 24.62 -46.17
CA GLY D 241 27.64 24.43 -46.22
C GLY D 241 27.33 22.98 -46.50
N ASP D 242 26.12 22.51 -46.15
CA ASP D 242 25.71 21.08 -46.25
C ASP D 242 26.07 20.55 -47.64
N ASN D 243 25.76 21.36 -48.67
CA ASN D 243 25.96 21.06 -50.12
C ASN D 243 27.45 20.95 -50.46
N GLU D 244 28.37 21.08 -49.51
CA GLU D 244 29.84 21.09 -49.77
C GLU D 244 30.56 19.94 -49.02
N ILE D 245 29.86 19.07 -48.31
CA ILE D 245 30.52 17.97 -47.54
C ILE D 245 30.93 16.89 -48.54
N PRO D 246 32.14 16.31 -48.41
CA PRO D 246 32.52 15.11 -49.17
C PRO D 246 31.61 13.86 -49.04
N LYS D 247 31.69 12.95 -50.02
CA LYS D 247 30.79 11.78 -50.25
C LYS D 247 31.36 10.52 -49.58
N ASN D 248 30.90 9.32 -50.00
CA ASN D 248 31.38 7.95 -49.63
C ASN D 248 32.91 7.86 -49.61
N PHE D 265 34.70 26.27 -54.96
CA PHE D 265 35.15 25.99 -53.56
C PHE D 265 35.97 27.18 -53.05
N LYS D 266 36.60 27.03 -51.88
CA LYS D 266 37.38 28.08 -51.18
C LYS D 266 38.60 27.42 -50.56
N PRO D 267 39.84 27.83 -50.90
CA PRO D 267 41.02 27.15 -50.36
C PRO D 267 41.15 27.24 -48.85
N SER D 268 41.77 26.23 -48.25
CA SER D 268 42.05 26.09 -46.80
C SER D 268 43.56 25.97 -46.60
N PRO D 269 44.30 27.08 -46.42
CA PRO D 269 45.76 27.04 -46.41
C PRO D 269 46.34 26.28 -45.21
N LEU D 270 45.64 26.28 -44.08
CA LEU D 270 46.08 25.63 -42.81
C LEU D 270 45.46 24.25 -42.69
N GLY D 271 44.58 23.88 -43.63
CA GLY D 271 43.84 22.60 -43.67
C GLY D 271 42.82 22.51 -42.55
N LEU D 272 42.09 23.60 -42.30
CA LEU D 272 41.09 23.72 -41.20
C LEU D 272 39.69 23.85 -41.80
N TYR D 273 38.75 23.05 -41.29
CA TYR D 273 37.37 22.91 -41.82
C TYR D 273 36.37 22.71 -40.69
N GLU D 274 35.17 23.25 -40.88
CA GLU D 274 34.05 23.14 -39.92
C GLU D 274 32.73 23.16 -40.70
N THR D 275 31.82 22.24 -40.39
CA THR D 275 30.39 22.36 -40.81
C THR D 275 29.54 22.54 -39.55
N ALA D 276 28.67 23.54 -39.57
CA ALA D 276 27.69 23.83 -38.50
C ALA D 276 26.38 23.14 -38.87
N GLY D 277 25.73 22.52 -37.89
CA GLY D 277 24.37 21.97 -38.01
C GLY D 277 23.58 22.20 -36.74
N THR D 278 22.26 22.02 -36.81
CA THR D 278 21.34 22.07 -35.66
C THR D 278 20.71 20.68 -35.49
N ILE D 279 20.20 20.37 -34.29
CA ILE D 279 19.71 19.00 -33.94
C ILE D 279 18.29 18.81 -34.49
N ASN D 280 17.40 19.78 -34.35
CA ASN D 280 16.14 19.81 -35.13
C ASN D 280 16.41 20.64 -36.39
N ASP D 281 15.41 21.35 -36.91
CA ASP D 281 15.54 22.08 -38.20
C ASP D 281 15.67 23.59 -37.95
N SER D 282 15.62 24.04 -36.70
CA SER D 282 15.74 25.47 -36.32
C SER D 282 17.03 25.69 -35.56
N TRP D 283 17.61 26.89 -35.67
CA TRP D 283 18.79 27.28 -34.88
C TRP D 283 18.29 27.84 -33.56
N GLY D 284 17.34 28.77 -33.63
CA GLY D 284 16.61 29.23 -32.44
C GLY D 284 15.61 28.18 -31.97
N PHE D 285 15.26 28.22 -30.69
CA PHE D 285 14.24 27.34 -30.07
C PHE D 285 12.89 27.59 -30.72
N SER D 286 12.14 26.50 -30.92
CA SER D 286 10.81 26.44 -31.58
C SER D 286 10.00 25.33 -30.89
N TYR D 287 8.92 25.65 -30.20
N TYR D 287 8.91 25.63 -30.20
CA TYR D 287 8.01 24.68 -29.53
CA TYR D 287 8.15 24.57 -29.49
C TYR D 287 7.53 23.64 -30.56
C TYR D 287 7.52 23.62 -30.55
N HIS D 288 7.07 24.13 -31.71
CA HIS D 288 6.42 23.29 -32.74
C HIS D 288 7.44 22.35 -33.42
N ASP D 289 8.74 22.63 -33.39
CA ASP D 289 9.76 21.78 -34.08
C ASP D 289 10.27 20.67 -33.15
N GLN D 290 9.66 19.49 -33.23
CA GLN D 290 10.09 18.27 -32.50
C GLN D 290 10.79 17.29 -33.44
N ASN D 291 11.31 17.77 -34.58
CA ASN D 291 12.00 16.93 -35.61
C ASN D 291 13.47 16.75 -35.25
N TRP D 292 13.75 16.24 -34.05
CA TRP D 292 15.12 16.03 -33.53
C TRP D 292 15.79 14.90 -34.31
N LYS D 293 16.96 15.15 -34.88
CA LYS D 293 17.81 14.08 -35.46
C LYS D 293 18.12 13.07 -34.35
N THR D 294 18.07 11.79 -34.70
CA THR D 294 18.30 10.66 -33.75
C THR D 294 19.77 10.63 -33.37
N PRO D 295 20.08 10.03 -32.20
CA PRO D 295 21.46 9.76 -31.79
C PRO D 295 22.33 9.21 -32.94
N ARG D 296 21.81 8.23 -33.67
CA ARG D 296 22.58 7.53 -34.72
C ARG D 296 22.90 8.50 -35.87
N THR D 297 21.93 9.31 -36.31
CA THR D 297 22.14 10.37 -37.33
C THR D 297 23.26 11.30 -36.87
N LEU D 298 23.20 11.79 -35.63
CA LEU D 298 24.18 12.76 -35.08
C LEU D 298 25.56 12.11 -35.09
N TYR D 299 25.67 10.87 -34.58
CA TYR D 299 26.97 10.17 -34.41
C TYR D 299 27.58 9.88 -35.80
N ARG D 300 26.78 9.30 -36.69
CA ARG D 300 27.24 8.96 -38.07
C ARG D 300 27.72 10.22 -38.80
N TYR D 301 26.95 11.31 -38.76
CA TYR D 301 27.34 12.55 -39.46
C TYR D 301 28.68 13.04 -38.88
N LYS D 302 28.80 13.08 -37.55
CA LYS D 302 30.05 13.51 -36.87
C LYS D 302 31.23 12.66 -37.36
N GLN D 303 31.06 11.33 -37.40
CA GLN D 303 32.13 10.37 -37.77
C GLN D 303 32.56 10.63 -39.21
N HIS D 304 31.60 10.94 -40.10
CA HIS D 304 31.86 11.17 -41.54
C HIS D 304 32.66 12.47 -41.73
N LEU D 305 32.23 13.53 -41.06
CA LEU D 305 32.94 14.85 -41.09
C LEU D 305 34.35 14.66 -40.51
N ASN D 306 34.45 14.04 -39.33
CA ASN D 306 35.73 13.84 -38.60
C ASN D 306 36.70 13.08 -39.49
N ASP D 307 36.27 11.98 -40.11
CA ASP D 307 37.10 11.13 -41.00
C ASP D 307 37.68 11.99 -42.14
N PHE D 308 36.98 13.05 -42.56
CA PHE D 308 37.40 13.97 -43.64
C PHE D 308 38.16 15.20 -43.08
N GLY D 309 38.55 15.15 -41.81
CA GLY D 309 39.24 16.26 -41.12
C GLY D 309 38.38 17.51 -41.02
N ILE D 310 37.07 17.34 -40.82
CA ILE D 310 36.08 18.45 -40.68
C ILE D 310 35.49 18.42 -39.27
N ASN D 311 35.50 19.56 -38.58
CA ASN D 311 34.91 19.73 -37.23
C ASN D 311 33.39 19.86 -37.38
N TYR D 312 32.66 19.22 -36.47
CA TYR D 312 31.17 19.26 -36.38
C TYR D 312 30.79 20.28 -35.31
N LEU D 313 30.16 21.38 -35.70
CA LEU D 313 29.70 22.42 -34.74
C LEU D 313 28.18 22.29 -34.63
N LEU D 314 27.72 21.70 -33.54
CA LEU D 314 26.33 21.23 -33.38
C LEU D 314 25.58 22.23 -32.49
N ASN D 315 24.53 22.84 -33.06
CA ASN D 315 23.78 23.94 -32.42
C ASN D 315 22.80 23.41 -31.37
N VAL D 316 22.74 24.10 -30.22
CA VAL D 316 21.62 24.00 -29.25
C VAL D 316 20.92 25.35 -29.22
N GLY D 317 19.60 25.36 -29.24
CA GLY D 317 18.77 26.58 -29.16
C GLY D 317 18.10 26.66 -27.81
N LEU D 318 18.62 27.47 -26.89
CA LEU D 318 18.14 27.50 -25.48
C LEU D 318 16.70 28.00 -25.44
N ASP D 319 15.92 27.51 -24.48
CA ASP D 319 14.47 27.82 -24.32
C ASP D 319 14.32 29.12 -23.53
N PRO D 320 13.09 29.64 -23.36
CA PRO D 320 12.88 30.90 -22.65
C PRO D 320 13.39 30.92 -21.21
N LEU D 321 13.52 29.77 -20.52
CA LEU D 321 14.08 29.73 -19.14
C LEU D 321 15.60 29.49 -19.17
N GLY D 322 16.22 29.46 -20.36
CA GLY D 322 17.68 29.26 -20.53
C GLY D 322 18.09 27.80 -20.44
N ARG D 323 17.18 26.89 -20.77
CA ARG D 323 17.42 25.41 -20.70
C ARG D 323 17.76 24.88 -22.09
N VAL D 324 18.71 23.95 -22.13
CA VAL D 324 18.87 22.97 -23.24
C VAL D 324 17.58 22.15 -23.27
N PRO D 325 16.81 22.14 -24.38
CA PRO D 325 15.65 21.26 -24.50
C PRO D 325 15.95 19.81 -24.11
N MET D 326 15.03 19.18 -23.40
CA MET D 326 15.18 17.79 -22.86
C MET D 326 15.59 16.85 -23.99
N MET D 327 14.93 16.92 -25.15
CA MET D 327 15.20 15.96 -26.25
C MET D 327 16.56 16.26 -26.90
N ALA D 328 16.99 17.52 -26.98
CA ALA D 328 18.35 17.86 -27.46
C ALA D 328 19.40 17.25 -26.52
N GLU D 329 19.20 17.39 -25.21
CA GLU D 329 20.17 16.87 -24.21
C GLU D 329 20.23 15.33 -24.33
N GLU D 330 19.06 14.66 -24.38
CA GLU D 330 18.96 13.18 -24.52
C GLU D 330 19.70 12.71 -25.77
N ASN D 331 19.48 13.37 -26.91
CA ASN D 331 20.04 12.92 -28.20
C ASN D 331 21.56 13.13 -28.21
N LEU D 332 22.06 14.22 -27.62
CA LEU D 332 23.52 14.49 -27.54
C LEU D 332 24.17 13.38 -26.71
N LEU D 333 23.60 13.04 -25.56
CA LEU D 333 24.18 12.06 -24.61
C LEU D 333 24.15 10.66 -25.23
N ALA D 334 23.07 10.29 -25.92
CA ALA D 334 22.92 8.97 -26.57
C ALA D 334 23.87 8.84 -27.77
N ALA D 335 24.07 9.93 -28.53
CA ALA D 335 25.05 9.99 -29.64
C ALA D 335 26.45 9.73 -29.08
N LYS D 336 26.75 10.26 -27.89
CA LYS D 336 28.07 10.09 -27.24
C LYS D 336 28.24 8.63 -26.83
N ALA D 337 27.17 8.01 -26.33
CA ALA D 337 27.21 6.60 -25.90
C ALA D 337 27.48 5.72 -27.11
N LEU D 338 26.78 5.98 -28.23
CA LEU D 338 27.01 5.27 -29.52
C LEU D 338 28.47 5.43 -29.93
N GLU D 339 28.99 6.66 -29.89
CA GLU D 339 30.35 6.99 -30.37
C GLU D 339 31.40 6.21 -29.57
N ASP D 340 31.26 6.19 -28.24
CA ASP D 340 32.21 5.53 -27.30
C ASP D 340 32.16 4.02 -27.50
N GLU D 341 30.96 3.45 -27.58
CA GLU D 341 30.73 2.01 -27.88
C GLU D 341 31.48 1.68 -29.19
N ALA D 342 31.18 2.42 -30.26
CA ALA D 342 31.82 2.24 -31.59
C ALA D 342 33.35 2.30 -31.45
N ASN D 343 33.90 3.26 -30.71
CA ASN D 343 35.36 3.56 -30.63
C ASN D 343 36.08 2.59 -29.69
N ARG D 344 35.37 1.61 -29.11
CA ARG D 344 36.01 0.47 -28.39
C ARG D 344 36.02 -0.76 -29.32
N LEU D 345 34.99 -0.97 -30.16
CA LEU D 345 34.99 -1.99 -31.25
C LEU D 345 36.23 -1.76 -32.10
N ASP E 3 -33.23 30.03 -14.52
CA ASP E 3 -33.11 30.15 -16.02
C ASP E 3 -31.75 29.60 -16.47
N ASN E 4 -30.74 29.63 -15.57
CA ASN E 4 -29.41 28.99 -15.77
C ASN E 4 -29.55 27.48 -16.03
N VAL E 5 -30.57 26.83 -15.49
CA VAL E 5 -30.81 25.36 -15.70
C VAL E 5 -31.15 25.13 -17.18
N ALA E 6 -32.12 25.87 -17.72
CA ALA E 6 -32.54 25.81 -19.13
C ALA E 6 -31.34 26.12 -20.03
N TRP E 7 -30.64 27.23 -19.73
CA TRP E 7 -29.47 27.71 -20.53
C TRP E 7 -28.38 26.63 -20.57
N PHE E 8 -28.07 26.00 -19.44
CA PHE E 8 -26.97 25.00 -19.33
C PHE E 8 -27.31 23.73 -20.12
N LYS E 9 -28.59 23.32 -20.10
CA LYS E 9 -29.06 22.11 -20.82
C LYS E 9 -28.85 22.30 -22.34
N GLN E 10 -28.77 23.55 -22.82
CA GLN E 10 -28.69 23.85 -24.27
C GLN E 10 -27.36 24.55 -24.62
N ALA E 11 -26.40 24.63 -23.68
CA ALA E 11 -25.12 25.33 -23.87
C ALA E 11 -24.19 24.53 -24.78
N LYS E 12 -24.10 23.21 -24.54
CA LYS E 12 -23.44 22.20 -25.42
C LYS E 12 -21.91 22.25 -25.31
N TYR E 13 -21.33 23.44 -25.21
CA TYR E 13 -19.90 23.68 -25.52
C TYR E 13 -19.35 24.80 -24.63
N GLY E 14 -18.26 24.54 -23.91
CA GLY E 14 -17.55 25.53 -23.09
C GLY E 14 -16.06 25.42 -23.28
N MET E 15 -15.34 26.53 -23.16
CA MET E 15 -13.86 26.54 -23.10
C MET E 15 -13.41 26.49 -21.64
N MET E 16 -12.42 25.66 -21.33
CA MET E 16 -11.78 25.63 -20.00
C MET E 16 -10.36 26.19 -20.17
N ILE E 17 -9.80 26.80 -19.13
CA ILE E 17 -8.42 27.37 -19.18
C ILE E 17 -7.65 26.94 -17.93
N HIS E 18 -6.54 26.23 -18.14
CA HIS E 18 -5.50 25.95 -17.12
C HIS E 18 -4.30 26.83 -17.43
N TRP E 19 -3.89 27.62 -16.44
CA TRP E 19 -2.80 28.62 -16.59
C TRP E 19 -2.28 28.98 -15.20
N GLY E 20 -0.96 29.02 -15.07
CA GLY E 20 -0.30 29.25 -13.78
C GLY E 20 1.19 29.21 -13.90
N LEU E 21 1.90 29.19 -12.78
CA LEU E 21 3.37 29.13 -12.75
C LEU E 21 3.80 27.85 -13.48
N TYR E 22 3.05 26.75 -13.36
CA TYR E 22 3.33 25.44 -14.02
C TYR E 22 3.59 25.64 -15.53
N SER E 23 2.83 26.54 -16.14
CA SER E 23 2.89 26.88 -17.58
C SER E 23 4.30 27.33 -18.00
N LEU E 24 5.05 27.99 -17.13
CA LEU E 24 6.40 28.50 -17.50
C LEU E 24 7.36 27.33 -17.63
N LEU E 25 7.24 26.30 -16.78
CA LEU E 25 8.12 25.11 -16.85
C LEU E 25 7.74 24.25 -18.06
N ALA E 26 6.47 24.32 -18.50
CA ALA E 26 5.98 23.73 -19.76
C ALA E 26 6.35 22.24 -19.92
N GLY E 27 6.13 21.44 -18.87
CA GLY E 27 6.18 19.96 -18.92
C GLY E 27 7.58 19.41 -18.73
N GLU E 28 8.53 20.27 -18.36
CA GLU E 28 9.98 19.94 -18.33
C GLU E 28 10.58 20.49 -17.03
N TYR E 29 11.41 19.71 -16.34
CA TYR E 29 12.17 20.18 -15.17
C TYR E 29 13.52 19.46 -15.11
N ARG E 30 14.60 20.24 -15.22
CA ARG E 30 16.01 19.82 -15.15
C ARG E 30 16.24 18.57 -16.01
N GLY E 31 15.86 18.64 -17.28
CA GLY E 31 16.15 17.61 -18.29
C GLY E 31 15.23 16.40 -18.22
N GLU E 32 14.16 16.50 -17.45
CA GLU E 32 13.18 15.40 -17.28
C GLU E 32 11.75 15.87 -17.49
N SER E 33 10.93 14.91 -17.89
CA SER E 33 9.53 15.09 -18.34
C SER E 33 8.58 15.02 -17.14
N SER E 34 7.59 15.90 -17.12
CA SER E 34 6.40 15.74 -16.24
C SER E 34 5.68 14.46 -16.67
N SER E 35 4.67 14.06 -15.92
CA SER E 35 3.63 13.09 -16.38
C SER E 35 2.82 13.76 -17.50
N ALA E 36 1.81 13.08 -18.03
CA ALA E 36 0.86 13.65 -19.01
C ALA E 36 0.32 14.99 -18.50
N TYR E 37 0.19 15.16 -17.18
CA TYR E 37 -0.36 16.38 -16.53
C TYR E 37 0.81 17.27 -16.09
N ALA E 38 1.14 18.23 -16.96
CA ALA E 38 2.23 19.22 -16.79
C ALA E 38 1.93 20.13 -15.59
N GLU E 39 0.65 20.42 -15.33
CA GLU E 39 0.20 21.32 -14.21
C GLU E 39 0.55 20.70 -12.84
N TRP E 40 0.78 19.38 -12.79
CA TRP E 40 1.17 18.62 -11.56
C TRP E 40 2.69 18.63 -11.35
N ILE E 41 3.43 19.43 -12.11
CA ILE E 41 4.93 19.29 -12.19
C ILE E 41 5.54 19.52 -10.80
N GLN E 42 4.99 20.41 -9.97
CA GLN E 42 5.60 20.72 -8.65
C GLN E 42 5.62 19.44 -7.80
N SER E 43 4.50 18.71 -7.74
CA SER E 43 4.39 17.42 -7.02
C SER E 43 5.32 16.38 -7.66
N LYS E 44 5.33 16.33 -8.99
CA LYS E 44 6.11 15.35 -9.79
C LYS E 44 7.57 15.36 -9.36
N PHE E 45 8.16 16.56 -9.21
CA PHE E 45 9.60 16.74 -8.91
C PHE E 45 9.84 17.27 -7.49
N GLN E 46 8.78 17.39 -6.68
CA GLN E 46 8.87 17.87 -5.28
C GLN E 46 9.70 19.17 -5.24
N ILE E 47 9.33 20.12 -6.09
CA ILE E 47 10.01 21.44 -6.20
C ILE E 47 9.66 22.22 -4.95
N PRO E 48 10.65 22.59 -4.09
CA PRO E 48 10.38 23.39 -2.90
C PRO E 48 9.61 24.68 -3.24
N ASN E 49 8.69 25.09 -2.36
CA ASN E 49 7.86 26.32 -2.52
C ASN E 49 8.76 27.52 -2.85
N ALA E 50 9.88 27.68 -2.15
CA ALA E 50 10.84 28.80 -2.37
C ALA E 50 11.22 28.87 -3.85
N GLU E 51 11.64 27.76 -4.46
CA GLU E 51 12.07 27.73 -5.90
C GLU E 51 10.87 27.87 -6.85
N TYR E 52 9.83 27.08 -6.64
CA TYR E 52 8.62 27.06 -7.51
C TYR E 52 7.98 28.45 -7.51
N GLY E 53 7.77 29.02 -6.33
CA GLY E 53 7.18 30.37 -6.15
C GLY E 53 7.96 31.42 -6.92
N ASN E 54 9.29 31.24 -7.02
CA ASN E 54 10.18 32.18 -7.73
C ASN E 54 9.80 32.29 -9.22
N LEU E 55 9.10 31.31 -9.77
CA LEU E 55 8.56 31.38 -11.16
C LEU E 55 7.71 32.65 -11.33
N ALA E 56 7.06 33.09 -10.26
CA ALA E 56 6.23 34.33 -10.26
C ALA E 56 7.06 35.51 -10.77
N THR E 57 8.35 35.56 -10.45
CA THR E 57 9.26 36.67 -10.87
C THR E 57 9.45 36.65 -12.38
N ALA E 58 9.22 35.51 -13.05
CA ALA E 58 9.45 35.35 -14.50
C ALA E 58 8.11 35.37 -15.26
N PHE E 59 6.98 35.50 -14.57
CA PHE E 59 5.64 35.45 -15.19
C PHE E 59 5.28 36.82 -15.79
N ASN E 60 5.47 37.02 -17.10
CA ASN E 60 5.24 38.30 -17.80
C ASN E 60 4.63 38.04 -19.18
N PRO E 61 3.42 37.46 -19.25
CA PRO E 61 2.81 37.04 -20.51
C PRO E 61 2.37 38.21 -21.38
N LEU E 62 3.33 38.79 -22.09
CA LEU E 62 3.16 40.00 -22.95
C LEU E 62 1.99 39.84 -23.92
N TYR E 63 1.65 38.63 -24.37
CA TYR E 63 0.65 38.45 -25.47
C TYR E 63 -0.72 38.04 -24.90
N PHE E 64 -0.87 37.89 -23.58
CA PHE E 64 -2.19 37.58 -22.95
C PHE E 64 -3.21 38.62 -23.40
N ASP E 65 -4.40 38.19 -23.81
CA ASP E 65 -5.44 39.08 -24.38
C ASP E 65 -6.81 38.41 -24.18
N ALA E 66 -7.46 38.70 -23.06
CA ALA E 66 -8.76 38.11 -22.66
C ALA E 66 -9.76 38.28 -23.81
N LYS E 67 -9.78 39.46 -24.43
CA LYS E 67 -10.76 39.78 -25.50
C LYS E 67 -10.62 38.75 -26.62
N LYS E 68 -9.39 38.47 -27.06
CA LYS E 68 -9.08 37.57 -28.20
C LYS E 68 -9.41 36.11 -27.84
N ILE E 69 -9.06 35.68 -26.61
CA ILE E 69 -9.36 34.31 -26.12
C ILE E 69 -10.87 34.09 -26.14
N VAL E 70 -11.64 35.08 -25.67
CA VAL E 70 -13.12 34.98 -25.63
C VAL E 70 -13.66 34.99 -27.08
N ALA E 71 -13.03 35.74 -27.97
CA ALA E 71 -13.42 35.82 -29.40
C ALA E 71 -13.31 34.42 -30.03
N LEU E 72 -12.22 33.72 -29.76
CA LEU E 72 -11.95 32.35 -30.28
C LEU E 72 -13.05 31.40 -29.79
N ALA E 73 -13.28 31.38 -28.48
CA ALA E 73 -14.31 30.54 -27.84
C ALA E 73 -15.65 30.80 -28.52
N LYS E 74 -16.01 32.07 -28.72
CA LYS E 74 -17.32 32.46 -29.29
C LYS E 74 -17.39 32.03 -30.76
N GLN E 75 -16.29 32.09 -31.49
CA GLN E 75 -16.20 31.73 -32.93
C GLN E 75 -16.44 30.23 -33.09
N CYS E 76 -16.08 29.44 -32.07
CA CYS E 76 -16.22 27.97 -32.02
C CYS E 76 -17.59 27.56 -31.49
N GLY E 77 -18.47 28.52 -31.17
CA GLY E 77 -19.82 28.23 -30.65
C GLY E 77 -19.82 27.91 -29.16
N MET E 78 -18.69 28.08 -28.46
CA MET E 78 -18.65 27.95 -26.98
C MET E 78 -19.48 29.07 -26.34
N GLN E 79 -20.36 28.71 -25.40
CA GLN E 79 -21.35 29.62 -24.79
C GLN E 79 -20.89 30.02 -23.38
N TYR E 80 -19.80 29.41 -22.90
CA TYR E 80 -19.27 29.73 -21.56
C TYR E 80 -17.78 29.39 -21.48
N LEU E 81 -17.16 29.85 -20.41
CA LEU E 81 -15.70 29.77 -20.20
C LEU E 81 -15.46 29.49 -18.72
N VAL E 82 -14.49 28.63 -18.40
CA VAL E 82 -14.18 28.21 -17.01
C VAL E 82 -12.67 28.24 -16.80
N VAL E 83 -12.19 29.05 -15.84
CA VAL E 83 -10.75 29.34 -15.64
C VAL E 83 -10.30 28.83 -14.29
N THR E 84 -9.08 28.34 -14.20
CA THR E 84 -8.38 28.04 -12.93
C THR E 84 -8.17 29.36 -12.17
N THR E 85 -8.89 29.58 -11.06
CA THR E 85 -8.66 30.74 -10.14
C THR E 85 -7.48 30.40 -9.22
N LYS E 86 -7.39 29.12 -8.85
CA LYS E 86 -6.26 28.55 -8.08
C LYS E 86 -6.29 27.03 -8.25
N HIS E 87 -5.19 26.45 -8.72
CA HIS E 87 -5.01 25.00 -8.93
C HIS E 87 -4.33 24.41 -7.70
N HIS E 88 -3.82 23.19 -7.77
CA HIS E 88 -3.24 22.45 -6.62
C HIS E 88 -1.99 23.17 -6.06
N ASP E 89 -1.30 23.97 -6.87
CA ASP E 89 -0.01 24.62 -6.48
C ASP E 89 -0.29 25.74 -5.45
N GLY E 90 -1.56 26.17 -5.37
CA GLY E 90 -2.04 27.14 -4.37
C GLY E 90 -1.83 28.58 -4.81
N PHE E 91 -1.39 28.81 -6.04
CA PHE E 91 -1.10 30.15 -6.60
C PHE E 91 -2.38 30.71 -7.24
N ALA E 92 -2.91 31.77 -6.68
CA ALA E 92 -4.17 32.40 -7.14
C ALA E 92 -3.88 33.18 -8.43
N MET E 93 -4.81 33.12 -9.40
CA MET E 93 -4.69 33.85 -10.69
C MET E 93 -5.62 35.07 -10.69
N TYR E 94 -5.91 35.59 -9.49
CA TYR E 94 -6.70 36.81 -9.25
C TYR E 94 -6.02 37.58 -8.10
N HIS E 95 -6.46 38.81 -7.84
CA HIS E 95 -5.89 39.66 -6.75
C HIS E 95 -6.52 39.25 -5.42
N SER E 96 -5.85 38.40 -4.65
CA SER E 96 -6.39 37.84 -3.37
C SER E 96 -5.98 38.71 -2.19
N LYS E 97 -6.95 39.34 -1.51
CA LYS E 97 -6.69 40.12 -0.26
C LYS E 97 -5.97 39.21 0.75
N VAL E 98 -6.38 37.94 0.83
CA VAL E 98 -5.99 37.01 1.92
C VAL E 98 -4.59 36.43 1.69
N ASP E 99 -4.14 36.29 0.45
CA ASP E 99 -2.84 35.62 0.15
C ASP E 99 -2.11 36.36 -0.97
N ALA E 100 -0.91 36.86 -0.64
CA ALA E 100 0.02 37.60 -1.51
C ALA E 100 0.62 36.68 -2.59
N TYR E 101 0.38 35.36 -2.50
CA TYR E 101 0.86 34.34 -3.45
C TYR E 101 -0.12 34.28 -4.63
N ASN E 102 -0.13 35.35 -5.42
CA ASN E 102 -1.10 35.57 -6.52
C ASN E 102 -0.46 36.36 -7.67
N VAL E 103 -1.14 36.33 -8.82
CA VAL E 103 -0.63 36.82 -10.14
C VAL E 103 -0.44 38.34 -10.10
N TYR E 104 -1.23 39.04 -9.28
CA TYR E 104 -1.20 40.53 -9.15
C TYR E 104 0.00 40.98 -8.31
N ASP E 105 0.19 40.38 -7.14
CA ASP E 105 1.17 40.85 -6.13
C ASP E 105 2.55 40.27 -6.40
N ALA E 106 2.64 39.03 -6.90
CA ALA E 106 3.89 38.25 -6.94
C ALA E 106 4.61 38.37 -8.30
N THR E 107 3.96 38.87 -9.35
CA THR E 107 4.49 38.83 -10.74
C THR E 107 4.68 40.23 -11.32
N PRO E 108 5.69 40.44 -12.19
CA PRO E 108 5.85 41.72 -12.87
C PRO E 108 4.65 42.05 -13.77
N PHE E 109 3.90 41.06 -14.23
CA PHE E 109 2.70 41.29 -15.06
C PHE E 109 1.72 42.19 -14.29
N HIS E 110 1.60 41.94 -12.98
CA HIS E 110 0.89 42.79 -11.98
C HIS E 110 -0.50 43.16 -12.52
N ARG E 111 -1.27 42.15 -12.92
CA ARG E 111 -2.66 42.26 -13.43
C ARG E 111 -3.51 41.09 -12.95
N ASP E 112 -4.83 41.26 -12.96
CA ASP E 112 -5.84 40.28 -12.49
C ASP E 112 -6.43 39.53 -13.69
N ILE E 113 -5.86 38.37 -14.02
CA ILE E 113 -6.27 37.48 -15.15
C ILE E 113 -7.78 37.23 -15.08
N ILE E 114 -8.28 36.80 -13.92
CA ILE E 114 -9.72 36.42 -13.75
C ILE E 114 -10.59 37.65 -14.04
N GLY E 115 -10.20 38.82 -13.53
CA GLY E 115 -10.93 40.08 -13.75
C GLY E 115 -11.06 40.41 -15.23
N GLU E 116 -9.97 40.28 -15.98
CA GLU E 116 -9.94 40.61 -17.44
C GLU E 116 -10.86 39.63 -18.19
N LEU E 117 -10.79 38.35 -17.88
CA LEU E 117 -11.61 37.31 -18.55
C LEU E 117 -13.09 37.52 -18.18
N ALA E 118 -13.37 37.80 -16.92
CA ALA E 118 -14.71 38.12 -16.40
C ALA E 118 -15.34 39.23 -17.26
N GLU E 119 -14.57 40.29 -17.53
CA GLU E 119 -15.03 41.48 -18.28
C GLU E 119 -15.23 41.14 -19.75
N ALA E 120 -14.24 40.50 -20.37
CA ALA E 120 -14.28 40.05 -21.78
C ALA E 120 -15.51 39.18 -22.02
N CYS E 121 -15.76 38.20 -21.13
CA CYS E 121 -16.94 37.29 -21.16
C CYS E 121 -18.23 38.12 -21.08
N GLN E 122 -18.33 38.95 -20.04
CA GLN E 122 -19.48 39.85 -19.78
C GLN E 122 -19.82 40.61 -21.07
N LYS E 123 -18.82 41.14 -21.76
CA LYS E 123 -18.99 41.99 -22.99
C LYS E 123 -19.43 41.15 -24.18
N ALA E 124 -18.90 39.94 -24.32
CA ALA E 124 -19.09 39.07 -25.50
C ALA E 124 -20.44 38.34 -25.43
N GLY E 125 -21.07 38.33 -24.24
CA GLY E 125 -22.31 37.59 -23.98
C GLY E 125 -22.06 36.17 -23.53
N LEU E 126 -20.80 35.83 -23.21
CA LEU E 126 -20.43 34.47 -22.73
C LEU E 126 -20.61 34.40 -21.21
N LYS E 127 -21.15 33.29 -20.70
CA LYS E 127 -21.22 33.02 -19.23
C LYS E 127 -19.81 32.74 -18.72
N PHE E 128 -19.58 32.94 -17.42
CA PHE E 128 -18.24 32.85 -16.78
C PHE E 128 -18.32 31.89 -15.60
N GLY E 129 -17.39 30.93 -15.52
CA GLY E 129 -17.33 29.93 -14.43
C GLY E 129 -15.94 29.86 -13.86
N LEU E 130 -15.82 29.37 -12.63
CA LEU E 130 -14.56 29.40 -11.85
C LEU E 130 -14.23 27.99 -11.36
N TYR E 131 -12.96 27.62 -11.48
CA TYR E 131 -12.36 26.38 -10.93
C TYR E 131 -11.52 26.79 -9.71
N TYR E 132 -11.76 26.17 -8.56
CA TYR E 132 -10.92 26.38 -7.35
C TYR E 132 -10.56 25.00 -6.77
N SER E 133 -9.28 24.79 -6.46
CA SER E 133 -8.80 23.59 -5.74
C SER E 133 -9.08 23.78 -4.25
N GLN E 134 -10.20 23.26 -3.75
CA GLN E 134 -10.70 23.52 -2.38
C GLN E 134 -10.03 22.59 -1.37
N ASP E 135 -9.28 21.57 -1.84
CA ASP E 135 -8.71 20.52 -0.95
C ASP E 135 -7.18 20.60 -1.00
N LEU E 136 -6.60 20.33 -2.16
CA LEU E 136 -5.12 20.30 -2.35
C LEU E 136 -4.63 21.75 -2.39
N ASP E 137 -3.54 22.06 -1.68
CA ASP E 137 -2.87 23.38 -1.76
C ASP E 137 -1.41 23.23 -1.31
N TRP E 138 -0.49 23.17 -2.27
CA TRP E 138 0.92 22.75 -2.03
C TRP E 138 1.73 23.87 -1.40
N HIS E 139 1.19 25.09 -1.38
CA HIS E 139 1.84 26.29 -0.81
C HIS E 139 1.53 26.40 0.69
N ASP E 140 0.47 25.71 1.15
CA ASP E 140 -0.06 25.81 2.52
C ASP E 140 0.42 24.64 3.38
N PRO E 141 0.98 24.88 4.59
CA PRO E 141 1.48 23.78 5.44
C PRO E 141 0.42 22.73 5.75
N ASN E 142 -0.85 23.12 5.74
CA ASN E 142 -2.00 22.26 6.11
C ASN E 142 -2.87 22.00 4.88
N GLY E 143 -2.28 22.09 3.68
CA GLY E 143 -2.98 21.75 2.43
C GLY E 143 -3.41 20.29 2.45
N GLY E 144 -4.52 19.97 1.78
CA GLY E 144 -5.16 18.64 1.82
C GLY E 144 -4.37 17.55 1.11
N GLY E 145 -4.78 16.30 1.31
CA GLY E 145 -4.30 15.10 0.58
C GLY E 145 -3.30 14.28 1.38
N TYR E 146 -3.03 14.65 2.62
CA TYR E 146 -2.04 13.97 3.49
C TYR E 146 -2.62 12.67 4.05
N LYS E 147 -3.90 12.36 3.79
CA LYS E 147 -4.55 11.10 4.25
C LYS E 147 -4.77 10.15 3.06
N SER E 148 -4.33 10.52 1.86
CA SER E 148 -4.76 9.88 0.58
C SER E 148 -3.61 9.21 -0.17
N ASN E 149 -2.41 9.10 0.44
CA ASN E 149 -1.16 8.79 -0.31
C ASN E 149 -0.94 7.29 -0.47
N ASP E 150 -1.95 6.45 -0.22
CA ASP E 150 -1.91 4.99 -0.56
C ASP E 150 -2.40 4.80 -2.00
N VAL E 151 -2.78 5.89 -2.70
CA VAL E 151 -3.14 5.90 -4.15
C VAL E 151 -2.13 6.82 -4.87
N GLU E 152 -1.60 6.39 -6.01
CA GLU E 152 -0.59 7.13 -6.83
C GLU E 152 -1.28 8.31 -7.54
N THR E 153 -0.50 9.30 -7.95
CA THR E 153 -0.98 10.60 -8.55
C THR E 153 -0.25 10.90 -9.87
N ALA E 154 -0.61 12.00 -10.52
CA ALA E 154 0.08 12.57 -11.71
C ALA E 154 1.39 13.28 -11.31
N GLY E 155 1.70 13.35 -10.01
CA GLY E 155 2.97 13.85 -9.46
C GLY E 155 3.63 12.80 -8.58
N THR E 156 3.99 13.15 -7.34
CA THR E 156 4.41 12.20 -6.28
C THR E 156 3.23 12.01 -5.32
N THR E 157 3.15 12.82 -4.26
CA THR E 157 2.06 12.77 -3.25
C THR E 157 0.97 13.78 -3.61
N TRP E 158 -0.25 13.57 -3.07
CA TRP E 158 -1.41 14.48 -3.21
C TRP E 158 -1.11 15.82 -2.53
N ASP E 159 -0.50 15.78 -1.34
CA ASP E 159 -0.11 16.98 -0.55
C ASP E 159 1.34 17.38 -0.89
N ASN E 160 1.76 18.59 -0.52
CA ASN E 160 3.19 18.98 -0.45
C ASN E 160 3.79 18.29 0.79
N SER E 161 4.43 17.14 0.58
CA SER E 161 5.05 16.30 1.64
C SER E 161 6.57 16.51 1.69
N TRP E 162 7.09 17.50 0.96
CA TRP E 162 8.56 17.77 0.88
C TRP E 162 8.90 19.00 1.74
N ASP E 163 8.24 20.14 1.50
CA ASP E 163 8.38 21.35 2.35
C ASP E 163 7.73 21.08 3.72
N PHE E 164 6.71 20.20 3.75
CA PHE E 164 5.90 19.89 4.96
C PHE E 164 5.91 18.38 5.20
N PRO E 165 7.04 17.80 5.63
CA PRO E 165 7.15 16.34 5.81
C PRO E 165 6.35 15.72 6.96
N ASP E 166 6.11 16.45 8.05
CA ASP E 166 5.50 15.85 9.28
C ASP E 166 3.99 15.69 9.06
N GLU E 167 3.61 14.55 8.45
CA GLU E 167 2.21 14.20 8.04
C GLU E 167 1.30 14.24 9.27
N ASP E 168 1.66 13.55 10.37
CA ASP E 168 0.80 13.36 11.57
C ASP E 168 0.47 14.70 12.25
N GLN E 169 1.29 15.74 12.06
CA GLN E 169 1.10 17.06 12.72
C GLN E 169 0.21 17.98 11.86
N LYS E 170 -0.12 17.59 10.63
CA LYS E 170 -0.92 18.42 9.69
C LYS E 170 -2.39 18.45 10.12
N ASN E 171 -3.11 19.48 9.71
CA ASN E 171 -4.49 19.80 10.18
C ASN E 171 -5.18 20.71 9.18
N PHE E 172 -5.97 20.13 8.26
CA PHE E 172 -6.61 20.81 7.10
C PHE E 172 -7.53 21.95 7.54
N ASP E 173 -8.09 21.87 8.75
CA ASP E 173 -9.00 22.91 9.30
C ASP E 173 -8.32 24.28 9.21
N LEU E 174 -7.03 24.37 9.59
CA LEU E 174 -6.27 25.65 9.61
C LEU E 174 -6.23 26.25 8.20
N CYS E 175 -5.94 25.41 7.20
CA CYS E 175 -5.89 25.79 5.76
C CYS E 175 -7.29 26.14 5.26
N PHE E 176 -8.32 25.36 5.61
CA PHE E 176 -9.72 25.60 5.18
C PHE E 176 -10.20 26.97 5.69
N ASP E 177 -10.00 27.21 6.99
CA ASP E 177 -10.52 28.40 7.72
C ASP E 177 -9.79 29.67 7.28
N ASN E 178 -8.49 29.59 7.00
CA ASN E 178 -7.62 30.79 6.82
C ASN E 178 -7.34 31.06 5.33
N LYS E 179 -7.58 30.11 4.42
CA LYS E 179 -7.28 30.31 2.98
C LYS E 179 -8.45 29.87 2.09
N ILE E 180 -8.90 28.61 2.18
CA ILE E 180 -9.88 28.05 1.20
C ILE E 180 -11.15 28.91 1.23
N LEU E 181 -11.82 28.99 2.38
CA LEU E 181 -13.17 29.61 2.45
C LEU E 181 -13.04 31.11 2.20
N PRO E 182 -12.04 31.82 2.79
CA PRO E 182 -11.81 33.22 2.42
C PRO E 182 -11.68 33.41 0.90
N GLN E 183 -10.83 32.63 0.23
CA GLN E 183 -10.55 32.76 -1.22
C GLN E 183 -11.83 32.48 -2.04
N ILE E 184 -12.62 31.48 -1.65
CA ILE E 184 -13.92 31.14 -2.34
C ILE E 184 -14.86 32.34 -2.23
N LYS E 185 -14.92 32.97 -1.05
CA LYS E 185 -15.75 34.18 -0.82
C LYS E 185 -15.29 35.30 -1.74
N GLU E 186 -13.98 35.48 -1.94
CA GLU E 186 -13.42 36.58 -2.77
C GLU E 186 -13.89 36.41 -4.22
N ILE E 187 -13.66 35.22 -4.81
CA ILE E 187 -13.94 34.94 -6.25
C ILE E 187 -15.45 34.96 -6.50
N MET E 188 -16.25 34.58 -5.51
CA MET E 188 -17.73 34.57 -5.61
C MET E 188 -18.32 35.95 -5.27
N SER E 189 -17.49 36.95 -4.94
CA SER E 189 -17.92 38.31 -4.54
C SER E 189 -17.51 39.36 -5.57
N ASN E 190 -16.23 39.36 -5.94
CA ASN E 190 -15.66 40.19 -7.02
C ASN E 190 -16.00 39.47 -8.34
N TYR E 191 -15.78 40.09 -9.49
CA TYR E 191 -15.85 39.37 -10.81
C TYR E 191 -17.29 39.08 -11.25
N GLY E 192 -18.29 39.73 -10.65
CA GLY E 192 -19.67 39.73 -11.14
C GLY E 192 -20.37 38.39 -11.02
N ASP E 193 -21.48 38.23 -11.74
CA ASP E 193 -22.27 36.99 -11.87
C ASP E 193 -21.36 35.82 -12.25
N ILE E 194 -21.46 34.70 -11.54
CA ILE E 194 -20.73 33.42 -11.83
C ILE E 194 -21.76 32.34 -12.19
N ALA E 195 -21.72 31.85 -13.44
CA ALA E 195 -22.70 30.86 -13.99
C ALA E 195 -22.40 29.44 -13.46
N THR E 196 -21.14 29.11 -13.20
CA THR E 196 -20.66 27.73 -12.96
C THR E 196 -19.54 27.73 -11.91
N ALA E 197 -19.57 26.81 -10.96
CA ALA E 197 -18.54 26.64 -9.92
C ALA E 197 -17.99 25.22 -10.02
N TRP E 198 -16.67 25.08 -10.22
CA TRP E 198 -16.00 23.81 -10.58
C TRP E 198 -14.99 23.46 -9.50
N PHE E 199 -15.29 22.49 -8.64
CA PHE E 199 -14.42 22.10 -7.50
C PHE E 199 -13.67 20.82 -7.86
N ALA E 200 -12.55 20.58 -7.17
CA ALA E 200 -11.67 19.39 -7.31
C ALA E 200 -12.31 18.22 -6.57
N VAL E 201 -11.72 17.03 -6.76
CA VAL E 201 -12.20 15.78 -6.10
C VAL E 201 -11.74 15.87 -4.65
N PRO E 202 -12.67 15.93 -3.68
CA PRO E 202 -12.34 16.13 -2.28
C PRO E 202 -11.86 14.82 -1.65
N MET E 203 -10.89 14.90 -0.75
CA MET E 203 -10.26 13.73 -0.08
C MET E 203 -10.11 14.03 1.41
N THR E 204 -9.74 15.26 1.76
CA THR E 204 -9.47 15.71 3.14
C THR E 204 -10.72 16.38 3.74
N LEU E 205 -11.46 17.18 2.94
CA LEU E 205 -12.67 17.94 3.39
C LEU E 205 -13.59 17.04 4.20
N SER E 206 -14.10 17.55 5.33
CA SER E 206 -15.24 16.98 6.09
C SER E 206 -16.54 17.31 5.34
N GLU E 207 -17.61 16.58 5.63
CA GLU E 207 -19.00 16.85 5.16
C GLU E 207 -19.38 18.28 5.57
N ALA E 208 -19.05 18.70 6.79
CA ALA E 208 -19.28 20.07 7.32
C ALA E 208 -18.65 21.09 6.36
N GLN E 209 -17.34 20.98 6.13
CA GLN E 209 -16.52 21.91 5.29
C GLN E 209 -17.12 22.02 3.89
N SER E 210 -17.67 20.92 3.34
CA SER E 210 -18.31 20.87 2.00
C SER E 210 -19.64 21.64 2.01
N GLN E 211 -20.44 21.46 3.07
CA GLN E 211 -21.75 22.14 3.26
C GLN E 211 -21.52 23.65 3.30
N THR E 212 -20.51 24.08 4.05
CA THR E 212 -20.08 25.50 4.19
C THR E 212 -19.86 26.09 2.79
N ILE E 213 -19.00 25.45 1.98
CA ILE E 213 -18.69 25.94 0.61
C ILE E 213 -20.02 26.04 -0.16
N TYR E 214 -20.87 25.01 -0.08
CA TYR E 214 -22.15 24.94 -0.82
C TYR E 214 -23.00 26.17 -0.46
N ASP E 215 -23.25 26.36 0.84
CA ASP E 215 -24.08 27.48 1.38
C ASP E 215 -23.46 28.83 0.98
N THR E 216 -22.13 28.95 1.05
CA THR E 216 -21.37 30.18 0.71
C THR E 216 -21.64 30.55 -0.75
N VAL E 217 -21.51 29.59 -1.67
CA VAL E 217 -21.74 29.81 -3.13
C VAL E 217 -23.20 30.18 -3.33
N ARG E 218 -24.11 29.44 -2.69
CA ARG E 218 -25.58 29.64 -2.79
C ARG E 218 -25.93 31.08 -2.43
N GLU E 219 -25.41 31.56 -1.29
CA GLU E 219 -25.66 32.91 -0.74
C GLU E 219 -25.10 33.99 -1.67
N LEU E 220 -23.81 33.88 -2.03
CA LEU E 220 -23.06 34.93 -2.77
C LEU E 220 -23.48 34.94 -4.24
N GLN E 221 -23.80 33.78 -4.82
CA GLN E 221 -24.05 33.61 -6.28
C GLN E 221 -25.26 32.71 -6.48
N PRO E 222 -26.47 33.17 -6.10
CA PRO E 222 -27.68 32.35 -6.15
C PRO E 222 -27.92 31.55 -7.43
N ASN E 223 -27.52 32.05 -8.61
CA ASN E 223 -27.82 31.39 -9.91
C ASN E 223 -26.68 30.51 -10.42
N CYS E 224 -25.56 30.45 -9.69
CA CYS E 224 -24.38 29.62 -10.01
C CYS E 224 -24.72 28.14 -9.90
N LEU E 225 -24.48 27.37 -10.96
CA LEU E 225 -24.60 25.89 -11.03
C LEU E 225 -23.29 25.28 -10.52
N ILE E 226 -23.38 24.38 -9.54
CA ILE E 226 -22.22 23.79 -8.82
C ILE E 226 -22.01 22.36 -9.35
N ASN E 227 -20.78 22.00 -9.69
CA ASN E 227 -20.45 20.67 -10.26
C ASN E 227 -20.50 19.62 -9.14
N SER E 228 -20.59 18.34 -9.50
CA SER E 228 -20.84 17.20 -8.59
C SER E 228 -19.61 16.89 -7.74
N ARG E 229 -18.43 17.41 -8.12
CA ARG E 229 -17.15 17.08 -7.44
C ARG E 229 -17.05 17.76 -6.06
N LEU E 230 -18.07 18.49 -5.62
CA LEU E 230 -18.03 19.21 -4.31
C LEU E 230 -18.33 18.20 -3.19
N GLY E 231 -19.48 17.52 -3.30
CA GLY E 231 -20.03 16.56 -2.32
C GLY E 231 -21.43 16.12 -2.69
N ASN E 232 -21.81 14.87 -2.35
CA ASN E 232 -23.10 14.25 -2.76
C ASN E 232 -24.25 15.12 -2.24
N GLY E 233 -25.23 15.44 -3.09
CA GLY E 233 -26.44 16.22 -2.73
C GLY E 233 -26.16 17.72 -2.65
N LYS E 234 -24.92 18.14 -2.94
CA LYS E 234 -24.44 19.55 -2.87
C LYS E 234 -23.95 19.98 -4.27
N TYR E 235 -24.76 19.75 -5.31
CA TYR E 235 -24.41 20.07 -6.73
C TYR E 235 -25.68 20.26 -7.58
N ASP E 236 -25.56 20.97 -8.71
CA ASP E 236 -26.67 21.24 -9.66
C ASP E 236 -26.46 20.45 -10.97
N PHE E 237 -25.23 20.07 -11.31
CA PHE E 237 -24.90 19.24 -12.51
C PHE E 237 -23.79 18.24 -12.20
N VAL E 238 -23.80 17.13 -12.96
CA VAL E 238 -22.85 16.00 -12.79
C VAL E 238 -21.68 16.20 -13.75
N SER E 239 -20.45 16.16 -13.23
CA SER E 239 -19.20 16.05 -14.01
C SER E 239 -18.94 14.57 -14.29
N LEU E 240 -19.11 14.14 -15.54
CA LEU E 240 -18.91 12.75 -15.98
C LEU E 240 -17.48 12.58 -16.48
N GLY E 241 -16.77 11.54 -16.05
CA GLY E 241 -15.58 11.01 -16.76
C GLY E 241 -16.02 10.24 -17.99
N ASP E 242 -15.19 10.15 -19.04
CA ASP E 242 -15.55 9.49 -20.33
C ASP E 242 -16.11 8.09 -20.04
N ASN E 243 -15.47 7.37 -19.12
CA ASN E 243 -15.79 5.99 -18.68
C ASN E 243 -17.15 5.93 -17.96
N GLU E 244 -17.88 7.06 -17.86
CA GLU E 244 -19.17 7.13 -17.10
C GLU E 244 -20.35 7.50 -18.00
N ILE E 245 -20.14 7.71 -19.30
CA ILE E 245 -21.27 7.83 -20.29
C ILE E 245 -21.84 6.43 -20.53
N PRO E 246 -23.17 6.25 -20.68
CA PRO E 246 -23.73 4.98 -21.18
C PRO E 246 -23.43 4.66 -22.66
N SER E 268 -29.53 12.40 -12.62
CA SER E 268 -29.47 13.56 -11.68
C SER E 268 -30.63 14.53 -11.93
N PRO E 269 -31.13 15.18 -10.85
CA PRO E 269 -32.54 15.60 -10.79
C PRO E 269 -32.91 16.69 -11.80
N LEU E 270 -31.96 17.55 -12.18
CA LEU E 270 -32.21 18.71 -13.10
C LEU E 270 -31.88 18.32 -14.54
N GLY E 271 -31.28 17.12 -14.71
CA GLY E 271 -30.88 16.59 -16.03
C GLY E 271 -29.74 17.39 -16.64
N LEU E 272 -28.76 17.80 -15.83
CA LEU E 272 -27.60 18.63 -16.26
C LEU E 272 -26.31 17.80 -16.19
N TYR E 273 -25.52 17.81 -17.26
CA TYR E 273 -24.32 16.95 -17.44
C TYR E 273 -23.23 17.71 -18.19
N GLU E 274 -21.99 17.43 -17.83
CA GLU E 274 -20.79 18.03 -18.45
C GLU E 274 -19.64 17.03 -18.39
N THR E 275 -18.94 16.81 -19.51
CA THR E 275 -17.64 16.11 -19.55
C THR E 275 -16.56 17.09 -19.97
N ALA E 276 -15.48 17.16 -19.20
CA ALA E 276 -14.30 18.02 -19.47
C ALA E 276 -13.28 17.16 -20.20
N GLY E 277 -12.65 17.72 -21.23
CA GLY E 277 -11.49 17.14 -21.92
C GLY E 277 -10.46 18.23 -22.25
N THR E 278 -9.26 17.79 -22.62
CA THR E 278 -8.17 18.64 -23.13
C THR E 278 -7.86 18.20 -24.58
N ILE E 279 -7.25 19.07 -25.37
CA ILE E 279 -7.02 18.86 -26.84
C ILE E 279 -5.79 17.96 -27.03
N ASN E 280 -4.69 18.19 -26.32
CA ASN E 280 -3.61 17.17 -26.22
C ASN E 280 -3.90 16.34 -24.96
N ASP E 281 -2.86 15.85 -24.26
CA ASP E 281 -3.05 14.92 -23.12
C ASP E 281 -2.77 15.64 -21.79
N SER E 282 -2.42 16.93 -21.84
CA SER E 282 -2.13 17.74 -20.63
C SER E 282 -3.19 18.84 -20.48
N TRP E 283 -3.48 19.24 -19.25
CA TRP E 283 -4.39 20.37 -18.97
C TRP E 283 -3.55 21.66 -19.04
N GLY E 284 -2.43 21.65 -18.31
CA GLY E 284 -1.43 22.73 -18.42
C GLY E 284 -0.64 22.57 -19.70
N PHE E 285 -0.09 23.68 -20.19
CA PHE E 285 0.79 23.74 -21.39
C PHE E 285 2.02 22.87 -21.17
N SER E 286 2.44 22.16 -22.23
CA SER E 286 3.59 21.23 -22.26
C SER E 286 4.22 21.28 -23.65
N TYR E 287 5.46 21.79 -23.78
CA TYR E 287 6.08 21.91 -25.15
CA TYR E 287 6.21 21.89 -25.07
C TYR E 287 6.28 20.50 -25.70
N HIS E 288 6.64 19.49 -24.91
CA HIS E 288 6.91 18.13 -25.41
C HIS E 288 5.61 17.44 -25.90
N ASP E 289 4.42 17.85 -25.45
CA ASP E 289 3.14 17.18 -25.82
C ASP E 289 2.55 17.81 -27.09
N GLN E 290 2.85 17.24 -28.24
CA GLN E 290 2.29 17.65 -29.57
C GLN E 290 1.22 16.65 -30.02
N ASN E 291 0.64 15.88 -29.10
CA ASN E 291 -0.39 14.84 -29.39
C ASN E 291 -1.78 15.48 -29.44
N TRP E 292 -1.95 16.49 -30.28
CA TRP E 292 -3.23 17.22 -30.46
C TRP E 292 -4.27 16.30 -31.11
N LYS E 293 -5.43 16.11 -30.47
CA LYS E 293 -6.58 15.45 -31.11
C LYS E 293 -6.93 16.21 -32.40
N THR E 294 -7.22 15.47 -33.47
CA THR E 294 -7.56 16.04 -34.80
C THR E 294 -8.92 16.72 -34.74
N PRO E 295 -9.16 17.68 -35.67
CA PRO E 295 -10.48 18.31 -35.80
C PRO E 295 -11.62 17.29 -35.77
N ARG E 296 -11.47 16.18 -36.50
CA ARG E 296 -12.55 15.16 -36.62
C ARG E 296 -12.81 14.50 -35.26
N THR E 297 -11.77 14.13 -34.52
CA THR E 297 -11.88 13.58 -33.15
C THR E 297 -12.65 14.57 -32.28
N LEU E 298 -12.26 15.84 -32.29
CA LEU E 298 -12.89 16.89 -31.43
C LEU E 298 -14.37 17.02 -31.80
N TYR E 299 -14.69 17.12 -33.09
CA TYR E 299 -16.07 17.35 -33.58
C TYR E 299 -16.94 16.13 -33.24
N ARG E 300 -16.46 14.93 -33.57
CA ARG E 300 -17.20 13.67 -33.32
C ARG E 300 -17.47 13.52 -31.82
N TYR E 301 -16.48 13.74 -30.97
CA TYR E 301 -16.66 13.59 -29.50
C TYR E 301 -17.73 14.58 -29.04
N LYS E 302 -17.64 15.84 -29.47
CA LYS E 302 -18.64 16.88 -29.13
C LYS E 302 -20.04 16.42 -29.52
N GLN E 303 -20.19 15.93 -30.75
CA GLN E 303 -21.49 15.50 -31.33
C GLN E 303 -22.05 14.35 -30.49
N HIS E 304 -21.19 13.42 -30.03
CA HIS E 304 -21.59 12.22 -29.25
C HIS E 304 -22.09 12.65 -27.87
N LEU E 305 -21.35 13.52 -27.20
CA LEU E 305 -21.74 14.08 -25.87
C LEU E 305 -23.05 14.84 -26.02
N ASN E 306 -23.12 15.75 -27.00
CA ASN E 306 -24.31 16.61 -27.24
C ASN E 306 -25.54 15.73 -27.48
N ASP E 307 -25.44 14.72 -28.34
CA ASP E 307 -26.55 13.76 -28.64
C ASP E 307 -27.06 13.11 -27.36
N PHE E 308 -26.20 12.95 -26.33
CA PHE E 308 -26.54 12.33 -25.02
C PHE E 308 -26.95 13.40 -23.99
N GLY E 309 -27.17 14.65 -24.43
CA GLY E 309 -27.52 15.78 -23.55
C GLY E 309 -26.40 16.13 -22.59
N ILE E 310 -25.15 16.01 -23.02
CA ILE E 310 -23.93 16.28 -22.19
C ILE E 310 -23.17 17.46 -22.82
N ASN E 311 -22.82 18.45 -21.99
CA ASN E 311 -22.00 19.62 -22.40
C ASN E 311 -20.53 19.18 -22.49
N TYR E 312 -19.82 19.64 -23.54
CA TYR E 312 -18.38 19.39 -23.78
C TYR E 312 -17.61 20.61 -23.29
N LEU E 313 -16.81 20.45 -22.23
CA LEU E 313 -15.95 21.53 -21.69
C LEU E 313 -14.52 21.23 -22.12
N LEU E 314 -14.05 21.95 -23.13
CA LEU E 314 -12.78 21.65 -23.86
C LEU E 314 -11.69 22.59 -23.37
N ASN E 315 -10.64 22.03 -22.77
CA ASN E 315 -9.55 22.77 -22.10
C ASN E 315 -8.57 23.34 -23.12
N VAL E 316 -8.16 24.58 -22.92
CA VAL E 316 -6.96 25.17 -23.56
C VAL E 316 -5.95 25.46 -22.44
N GLY E 317 -4.69 25.12 -22.65
CA GLY E 317 -3.60 25.36 -21.69
C GLY E 317 -2.71 26.46 -22.21
N LEU E 318 -2.87 27.71 -21.74
CA LEU E 318 -2.18 28.89 -22.29
C LEU E 318 -0.67 28.74 -22.07
N ASP E 319 0.11 29.29 -23.01
CA ASP E 319 1.60 29.19 -23.01
C ASP E 319 2.17 30.30 -22.13
N PRO E 320 3.50 30.33 -21.90
CA PRO E 320 4.10 31.33 -21.00
C PRO E 320 3.85 32.78 -21.42
N LEU E 321 3.59 33.09 -22.70
CA LEU E 321 3.27 34.47 -23.14
C LEU E 321 1.76 34.74 -23.12
N GLY E 322 0.96 33.79 -22.63
CA GLY E 322 -0.51 33.94 -22.50
C GLY E 322 -1.25 33.65 -23.81
N ARG E 323 -0.65 32.83 -24.68
CA ARG E 323 -1.21 32.50 -26.00
C ARG E 323 -1.89 31.13 -25.95
N VAL E 324 -3.03 31.03 -26.64
CA VAL E 324 -3.59 29.74 -27.11
C VAL E 324 -2.55 29.15 -28.07
N PRO E 325 -1.99 27.95 -27.79
CA PRO E 325 -1.09 27.29 -28.75
C PRO E 325 -1.66 27.24 -30.17
N MET E 326 -0.80 27.51 -31.15
CA MET E 326 -1.18 27.60 -32.58
C MET E 326 -1.97 26.35 -32.98
N MET E 327 -1.51 25.16 -32.61
CA MET E 327 -2.15 23.90 -33.05
C MET E 327 -3.50 23.70 -32.37
N ALA E 328 -3.65 24.12 -31.10
CA ALA E 328 -4.94 24.09 -30.40
C ALA E 328 -5.93 25.02 -31.12
N GLU E 329 -5.50 26.23 -31.48
CA GLU E 329 -6.38 27.21 -32.16
C GLU E 329 -6.82 26.64 -33.52
N GLU E 330 -5.88 26.12 -34.31
CA GLU E 330 -6.15 25.50 -35.64
C GLU E 330 -7.18 24.38 -35.50
N ASN E 331 -6.99 23.48 -34.53
CA ASN E 331 -7.83 22.27 -34.39
C ASN E 331 -9.24 22.67 -33.94
N LEU E 332 -9.37 23.68 -33.06
CA LEU E 332 -10.69 24.17 -32.58
C LEU E 332 -11.47 24.75 -33.77
N LEU E 333 -10.81 25.57 -34.58
CA LEU E 333 -11.46 26.27 -35.72
C LEU E 333 -11.86 25.25 -36.78
N ALA E 334 -11.03 24.25 -37.06
CA ALA E 334 -11.28 23.22 -38.10
C ALA E 334 -12.41 22.29 -37.63
N ALA E 335 -12.47 21.98 -36.33
CA ALA E 335 -13.56 21.18 -35.73
C ALA E 335 -14.89 21.93 -35.92
N LYS E 336 -14.86 23.26 -35.77
CA LYS E 336 -16.07 24.10 -35.94
C LYS E 336 -16.50 24.08 -37.41
N ALA E 337 -15.55 24.12 -38.33
CA ALA E 337 -15.84 24.10 -39.79
C ALA E 337 -16.47 22.76 -40.14
N LEU E 338 -15.93 21.65 -39.63
CA LEU E 338 -16.50 20.29 -39.81
C LEU E 338 -17.94 20.29 -39.29
N GLU E 339 -18.16 20.81 -38.09
CA GLU E 339 -19.47 20.78 -37.40
C GLU E 339 -20.52 21.52 -38.22
N ASP E 340 -20.18 22.71 -38.72
CA ASP E 340 -21.09 23.59 -39.50
C ASP E 340 -21.42 22.94 -40.85
N GLU E 341 -20.40 22.42 -41.53
CA GLU E 341 -20.55 21.65 -42.80
C GLU E 341 -21.53 20.51 -42.54
N ALA E 342 -21.26 19.67 -41.53
CA ALA E 342 -22.12 18.52 -41.14
C ALA E 342 -23.56 19.00 -40.91
N ASN E 343 -23.75 20.12 -40.19
CA ASN E 343 -25.08 20.60 -39.71
C ASN E 343 -25.84 21.32 -40.83
N ARG E 344 -25.29 21.40 -42.04
CA ARG E 344 -26.04 21.86 -43.24
C ARG E 344 -26.46 20.64 -44.08
N LEU E 345 -25.67 19.54 -44.11
CA LEU E 345 -25.96 18.32 -44.94
C LEU E 345 -27.48 18.15 -45.18
N ASP F 3 4.46 -55.81 51.41
CA ASP F 3 3.13 -55.62 50.74
C ASP F 3 2.86 -54.13 50.52
N ASN F 4 3.50 -53.25 51.29
CA ASN F 4 3.60 -51.77 51.06
C ASN F 4 4.20 -51.49 49.67
N VAL F 5 5.13 -52.36 49.24
CA VAL F 5 5.84 -52.23 47.92
C VAL F 5 4.80 -52.44 46.82
N ALA F 6 4.06 -53.53 46.87
CA ALA F 6 2.97 -53.88 45.90
C ALA F 6 1.95 -52.73 45.87
N TRP F 7 1.46 -52.31 47.05
CA TRP F 7 0.43 -51.25 47.19
C TRP F 7 0.90 -49.95 46.53
N PHE F 8 2.16 -49.55 46.77
CA PHE F 8 2.71 -48.26 46.28
C PHE F 8 2.87 -48.30 44.75
N LYS F 9 3.26 -49.46 44.19
CA LYS F 9 3.45 -49.62 42.73
C LYS F 9 2.11 -49.45 42.01
N GLN F 10 0.97 -49.62 42.71
CA GLN F 10 -0.39 -49.58 42.09
C GLN F 10 -1.21 -48.42 42.67
N ALA F 11 -0.61 -47.53 43.47
CA ALA F 11 -1.32 -46.42 44.15
C ALA F 11 -1.67 -45.31 43.15
N LYS F 12 -0.70 -44.96 42.29
CA LYS F 12 -0.89 -44.09 41.09
C LYS F 12 -1.00 -42.61 41.47
N TYR F 13 -1.73 -42.29 42.55
CA TYR F 13 -2.27 -40.93 42.80
C TYR F 13 -2.31 -40.65 44.31
N GLY F 14 -1.69 -39.55 44.73
CA GLY F 14 -1.70 -39.07 46.13
C GLY F 14 -1.94 -37.58 46.20
N MET F 15 -2.59 -37.11 47.28
CA MET F 15 -2.70 -35.66 47.57
C MET F 15 -1.55 -35.26 48.48
N MET F 16 -0.91 -34.13 48.20
CA MET F 16 0.10 -33.52 49.11
C MET F 16 -0.51 -32.25 49.68
N ILE F 17 -0.12 -31.85 50.90
CA ILE F 17 -0.64 -30.61 51.56
C ILE F 17 0.54 -29.81 52.12
N HIS F 18 0.68 -28.57 51.63
CA HIS F 18 1.54 -27.51 52.22
C HIS F 18 0.64 -26.52 52.95
N TRP F 19 0.92 -26.30 54.24
CA TRP F 19 0.09 -25.45 55.12
C TRP F 19 0.92 -25.04 56.34
N GLY F 20 0.85 -23.76 56.70
CA GLY F 20 1.69 -23.20 57.77
C GLY F 20 1.44 -21.73 57.94
N LEU F 21 2.31 -21.07 58.71
CA LEU F 21 2.15 -19.62 58.95
C LEU F 21 2.27 -18.90 57.61
N TYR F 22 3.09 -19.41 56.69
CA TYR F 22 3.33 -18.83 55.33
C TYR F 22 1.98 -18.59 54.62
N SER F 23 1.05 -19.51 54.81
CA SER F 23 -0.32 -19.48 54.20
C SER F 23 -1.07 -18.19 54.55
N LEU F 24 -0.85 -17.61 55.74
CA LEU F 24 -1.60 -16.40 56.16
C LEU F 24 -1.11 -15.21 55.34
N LEU F 25 0.19 -15.14 55.04
CA LEU F 25 0.77 -14.03 54.22
C LEU F 25 0.36 -14.21 52.75
N ALA F 26 0.10 -15.43 52.31
CA ALA F 26 -0.50 -15.75 51.00
C ALA F 26 0.24 -15.11 49.81
N GLY F 27 1.58 -15.16 49.81
CA GLY F 27 2.40 -14.79 48.64
C GLY F 27 2.72 -13.30 48.57
N GLU F 28 2.39 -12.56 49.63
CA GLU F 28 2.45 -11.09 49.66
C GLU F 28 3.08 -10.65 50.99
N TYR F 29 4.00 -9.67 50.94
CA TYR F 29 4.55 -9.03 52.17
C TYR F 29 4.87 -7.57 51.89
N ARG F 30 4.21 -6.68 52.63
CA ARG F 30 4.38 -5.20 52.58
C ARG F 30 4.39 -4.71 51.13
N GLY F 31 3.37 -5.06 50.38
CA GLY F 31 3.11 -4.52 49.03
C GLY F 31 3.92 -5.23 47.95
N GLU F 32 4.62 -6.31 48.28
CA GLU F 32 5.56 -6.99 47.35
C GLU F 32 5.31 -8.49 47.33
N SER F 33 5.70 -9.09 46.22
CA SER F 33 5.40 -10.48 45.83
C SER F 33 6.49 -11.42 46.34
N SER F 34 6.10 -12.57 46.87
CA SER F 34 7.03 -13.73 47.06
C SER F 34 7.52 -14.15 45.67
N SER F 35 8.48 -15.07 45.61
CA SER F 35 8.78 -15.87 44.40
C SER F 35 7.57 -16.80 44.12
N ALA F 36 7.66 -17.62 43.08
CA ALA F 36 6.66 -18.66 42.75
C ALA F 36 6.32 -19.47 43.98
N TYR F 37 7.28 -19.67 44.89
CA TYR F 37 7.14 -20.48 46.13
C TYR F 37 6.81 -19.54 47.30
N ALA F 38 5.52 -19.40 47.57
CA ALA F 38 4.97 -18.53 48.63
C ALA F 38 5.39 -19.06 50.02
N GLU F 39 5.58 -20.37 50.18
CA GLU F 39 5.99 -21.00 51.46
C GLU F 39 7.40 -20.57 51.88
N TRP F 40 8.20 -20.06 50.93
CA TRP F 40 9.59 -19.54 51.14
C TRP F 40 9.58 -18.05 51.52
N ILE F 41 8.41 -17.49 51.83
CA ILE F 41 8.26 -15.99 51.92
C ILE F 41 9.17 -15.45 53.04
N GLN F 42 9.35 -16.19 54.14
CA GLN F 42 10.15 -15.70 55.30
C GLN F 42 11.59 -15.42 54.84
N SER F 43 12.19 -16.37 54.10
CA SER F 43 13.56 -16.22 53.53
C SER F 43 13.57 -15.07 52.52
N LYS F 44 12.55 -15.01 51.66
CA LYS F 44 12.41 -14.03 50.57
C LYS F 44 12.57 -12.60 51.11
N PHE F 45 11.93 -12.29 52.24
CA PHE F 45 11.87 -10.93 52.83
C PHE F 45 12.67 -10.85 54.15
N GLN F 46 13.34 -11.94 54.54
CA GLN F 46 14.17 -11.98 55.77
C GLN F 46 13.33 -11.46 56.94
N ILE F 47 12.12 -11.99 57.08
CA ILE F 47 11.18 -11.58 58.16
C ILE F 47 11.75 -12.13 59.47
N PRO F 48 12.09 -11.27 60.45
CA PRO F 48 12.58 -11.74 61.74
C PRO F 48 11.63 -12.75 62.40
N ASN F 49 12.17 -13.75 63.08
CA ASN F 49 11.41 -14.82 63.79
C ASN F 49 10.35 -14.16 64.69
N ALA F 50 10.68 -13.10 65.42
CA ALA F 50 9.74 -12.38 66.32
C ALA F 50 8.46 -12.02 65.54
N GLU F 51 8.58 -11.38 64.37
CA GLU F 51 7.41 -10.93 63.57
C GLU F 51 6.72 -12.12 62.90
N TYR F 52 7.48 -12.98 62.23
CA TYR F 52 6.92 -14.14 61.48
C TYR F 52 6.17 -15.05 62.45
N GLY F 53 6.81 -15.40 63.57
CA GLY F 53 6.22 -16.27 64.61
C GLY F 53 4.90 -15.71 65.11
N ASN F 54 4.78 -14.39 65.14
CA ASN F 54 3.56 -13.70 65.62
C ASN F 54 2.35 -14.08 64.77
N LEU F 55 2.57 -14.54 63.53
CA LEU F 55 1.47 -15.05 62.66
C LEU F 55 0.69 -16.15 63.37
N ALA F 56 1.35 -16.92 64.24
CA ALA F 56 0.72 -17.99 65.06
C ALA F 56 -0.50 -17.42 65.80
N THR F 57 -0.41 -16.17 66.28
CA THR F 57 -1.50 -15.50 67.06
C THR F 57 -2.72 -15.27 66.15
N ALA F 58 -2.53 -15.23 64.84
CA ALA F 58 -3.61 -14.94 63.86
C ALA F 58 -4.09 -16.23 63.17
N PHE F 59 -3.50 -17.38 63.47
CA PHE F 59 -3.82 -18.68 62.80
C PHE F 59 -5.07 -19.29 63.45
N ASN F 60 -6.24 -19.11 62.83
CA ASN F 60 -7.55 -19.60 63.34
C ASN F 60 -8.41 -20.10 62.18
N PRO F 61 -7.97 -21.17 61.47
CA PRO F 61 -8.66 -21.63 60.26
C PRO F 61 -10.01 -22.30 60.56
N LEU F 62 -11.03 -21.47 60.78
CA LEU F 62 -12.39 -21.88 61.16
C LEU F 62 -12.94 -22.97 60.23
N TYR F 63 -12.56 -23.02 58.95
CA TYR F 63 -13.21 -23.92 57.96
C TYR F 63 -12.37 -25.19 57.73
N PHE F 64 -11.20 -25.34 58.38
CA PHE F 64 -10.37 -26.58 58.27
C PHE F 64 -11.24 -27.77 58.65
N ASP F 65 -11.19 -28.84 57.87
CA ASP F 65 -12.06 -30.03 58.01
C ASP F 65 -11.38 -31.23 57.37
N ALA F 66 -10.58 -31.95 58.15
CA ALA F 66 -9.80 -33.13 57.72
C ALA F 66 -10.70 -34.11 56.98
N LYS F 67 -11.89 -34.35 57.52
CA LYS F 67 -12.84 -35.35 56.95
C LYS F 67 -13.15 -34.98 55.50
N LYS F 68 -13.45 -33.70 55.25
CA LYS F 68 -13.86 -33.20 53.92
C LYS F 68 -12.68 -33.22 52.93
N ILE F 69 -11.49 -32.82 53.39
CA ILE F 69 -10.24 -32.85 52.58
C ILE F 69 -9.99 -34.28 52.14
N VAL F 70 -10.11 -35.26 53.04
CA VAL F 70 -9.87 -36.68 52.71
C VAL F 70 -10.97 -37.18 51.77
N ALA F 71 -12.21 -36.68 51.92
CA ALA F 71 -13.35 -37.04 51.05
C ALA F 71 -13.02 -36.63 49.60
N LEU F 72 -12.50 -35.41 49.41
CA LEU F 72 -12.13 -34.85 48.09
C LEU F 72 -11.06 -35.75 47.45
N ALA F 73 -9.98 -36.01 48.19
CA ALA F 73 -8.85 -36.84 47.73
C ALA F 73 -9.40 -38.18 47.26
N LYS F 74 -10.29 -38.79 48.06
CA LYS F 74 -10.81 -40.15 47.78
C LYS F 74 -11.73 -40.10 46.55
N GLN F 75 -12.47 -39.01 46.36
CA GLN F 75 -13.41 -38.83 45.23
C GLN F 75 -12.62 -38.72 43.92
N CYS F 76 -11.38 -38.24 44.00
CA CYS F 76 -10.45 -38.07 42.86
C CYS F 76 -9.61 -39.34 42.61
N GLY F 77 -9.85 -40.41 43.38
CA GLY F 77 -9.11 -41.67 43.25
C GLY F 77 -7.74 -41.63 43.89
N MET F 78 -7.41 -40.59 44.67
CA MET F 78 -6.14 -40.56 45.46
C MET F 78 -6.21 -41.62 46.55
N GLN F 79 -5.15 -42.42 46.69
CA GLN F 79 -5.09 -43.59 47.59
C GLN F 79 -4.24 -43.26 48.82
N TYR F 80 -3.62 -42.08 48.84
CA TYR F 80 -2.79 -41.66 49.99
C TYR F 80 -2.69 -40.14 50.05
N LEU F 81 -2.18 -39.66 51.17
CA LEU F 81 -2.12 -38.22 51.51
C LEU F 81 -0.80 -37.96 52.21
N VAL F 82 -0.14 -36.84 51.93
CA VAL F 82 1.19 -36.49 52.51
C VAL F 82 1.16 -35.01 52.93
N VAL F 83 1.39 -34.74 54.21
CA VAL F 83 1.22 -33.38 54.82
C VAL F 83 2.56 -32.88 55.33
N THR F 84 2.79 -31.57 55.23
CA THR F 84 3.90 -30.86 55.89
C THR F 84 3.70 -30.95 57.41
N THR F 85 4.54 -31.72 58.12
CA THR F 85 4.56 -31.76 59.61
C THR F 85 5.37 -30.56 60.11
N LYS F 86 6.42 -30.22 59.37
CA LYS F 86 7.25 -29.00 59.60
C LYS F 86 8.02 -28.70 58.31
N HIS F 87 7.86 -27.49 57.78
CA HIS F 87 8.54 -27.01 56.56
C HIS F 87 9.79 -26.23 56.99
N HIS F 88 10.41 -25.47 56.09
CA HIS F 88 11.70 -24.77 56.32
C HIS F 88 11.59 -23.71 57.43
N ASP F 89 10.39 -23.17 57.70
CA ASP F 89 10.18 -22.06 58.68
C ASP F 89 10.33 -22.61 60.11
N GLY F 90 10.29 -23.94 60.26
CA GLY F 90 10.56 -24.66 61.52
C GLY F 90 9.34 -24.75 62.41
N PHE F 91 8.17 -24.32 61.92
CA PHE F 91 6.89 -24.33 62.68
C PHE F 91 6.20 -25.67 62.49
N ALA F 92 6.07 -26.44 63.56
CA ALA F 92 5.47 -27.79 63.54
C ALA F 92 3.95 -27.65 63.41
N MET F 93 3.31 -28.52 62.62
CA MET F 93 1.83 -28.52 62.42
C MET F 93 1.22 -29.69 63.19
N TYR F 94 1.90 -30.13 64.25
CA TYR F 94 1.44 -31.16 65.21
C TYR F 94 1.83 -30.69 66.63
N HIS F 95 1.35 -31.39 67.65
CA HIS F 95 1.63 -31.05 69.08
C HIS F 95 3.00 -31.62 69.45
N SER F 96 4.06 -30.80 69.40
CA SER F 96 5.45 -31.23 69.64
C SER F 96 5.84 -31.05 71.11
N LYS F 97 6.11 -32.15 71.82
CA LYS F 97 6.64 -32.11 73.22
C LYS F 97 7.90 -31.23 73.26
N VAL F 98 8.76 -31.35 72.23
CA VAL F 98 10.15 -30.81 72.23
C VAL F 98 10.15 -29.31 71.91
N ASP F 99 9.19 -28.81 71.13
CA ASP F 99 9.19 -27.39 70.69
C ASP F 99 7.77 -26.81 70.71
N ALA F 100 7.60 -25.76 71.52
CA ALA F 100 6.33 -25.00 71.73
C ALA F 100 6.00 -24.16 70.49
N TYR F 101 6.89 -24.12 69.49
CA TYR F 101 6.69 -23.40 68.20
C TYR F 101 5.90 -24.33 67.27
N ASN F 102 4.62 -24.55 67.62
CA ASN F 102 3.73 -25.51 66.95
C ASN F 102 2.28 -25.01 66.97
N VAL F 103 1.46 -25.62 66.12
CA VAL F 103 0.06 -25.19 65.81
C VAL F 103 -0.84 -25.34 67.04
N TYR F 104 -0.52 -26.29 67.93
CA TYR F 104 -1.30 -26.59 69.15
C TYR F 104 -1.04 -25.55 70.24
N ASP F 105 0.22 -25.26 70.52
CA ASP F 105 0.64 -24.44 71.69
C ASP F 105 0.62 -22.96 71.32
N ALA F 106 0.95 -22.60 70.07
CA ALA F 106 1.24 -21.20 69.68
C ALA F 106 0.02 -20.48 69.08
N THR F 107 -1.05 -21.20 68.72
CA THR F 107 -2.19 -20.63 67.94
C THR F 107 -3.50 -20.73 68.71
N PRO F 108 -4.43 -19.76 68.53
CA PRO F 108 -5.74 -19.88 69.18
C PRO F 108 -6.53 -21.09 68.65
N PHE F 109 -6.23 -21.57 67.43
CA PHE F 109 -6.88 -22.77 66.87
C PHE F 109 -6.70 -23.95 67.84
N HIS F 110 -5.50 -24.06 68.43
CA HIS F 110 -5.16 -24.97 69.55
C HIS F 110 -5.66 -26.39 69.24
N ARG F 111 -5.28 -26.90 68.06
CA ARG F 111 -5.61 -28.27 67.57
C ARG F 111 -4.42 -28.85 66.80
N ASP F 112 -4.37 -30.19 66.73
CA ASP F 112 -3.30 -30.98 66.09
C ASP F 112 -3.74 -31.38 64.67
N ILE F 113 -3.37 -30.56 63.68
CA ILE F 113 -3.69 -30.74 62.22
C ILE F 113 -3.33 -32.17 61.80
N ILE F 114 -2.10 -32.59 62.08
CA ILE F 114 -1.58 -33.92 61.64
C ILE F 114 -2.46 -35.03 62.26
N GLY F 115 -2.79 -34.90 63.55
CA GLY F 115 -3.64 -35.87 64.26
C GLY F 115 -5.00 -36.03 63.59
N GLU F 116 -5.64 -34.91 63.24
CA GLU F 116 -7.00 -34.91 62.63
C GLU F 116 -6.93 -35.59 61.26
N LEU F 117 -5.92 -35.27 60.45
CA LEU F 117 -5.75 -35.84 59.09
C LEU F 117 -5.44 -37.34 59.22
N ALA F 118 -4.56 -37.69 60.15
CA ALA F 118 -4.20 -39.10 60.45
C ALA F 118 -5.47 -39.91 60.68
N GLU F 119 -6.39 -39.38 61.48
CA GLU F 119 -7.65 -40.06 61.87
C GLU F 119 -8.60 -40.16 60.66
N ALA F 120 -8.81 -39.04 59.99
CA ALA F 120 -9.68 -38.95 58.79
C ALA F 120 -9.21 -39.98 57.73
N CYS F 121 -7.90 -40.01 57.47
CA CYS F 121 -7.24 -40.97 56.52
C CYS F 121 -7.53 -42.41 56.97
N GLN F 122 -7.18 -42.71 58.22
CA GLN F 122 -7.39 -44.04 58.86
C GLN F 122 -8.82 -44.51 58.61
N LYS F 123 -9.79 -43.63 58.81
CA LYS F 123 -11.25 -43.94 58.68
C LYS F 123 -11.66 -44.17 57.23
N ALA F 124 -11.10 -43.39 56.29
CA ALA F 124 -11.51 -43.38 54.87
C ALA F 124 -10.86 -44.54 54.11
N GLY F 125 -9.85 -45.18 54.69
CA GLY F 125 -9.05 -46.24 54.06
C GLY F 125 -7.87 -45.68 53.28
N LEU F 126 -7.55 -44.39 53.44
CA LEU F 126 -6.40 -43.74 52.75
C LEU F 126 -5.13 -43.93 53.59
N LYS F 127 -4.01 -44.25 52.96
CA LYS F 127 -2.68 -44.30 53.61
C LYS F 127 -2.24 -42.88 53.95
N PHE F 128 -1.35 -42.73 54.92
CA PHE F 128 -0.93 -41.42 55.49
C PHE F 128 0.60 -41.32 55.45
N GLY F 129 1.12 -40.21 54.93
CA GLY F 129 2.57 -39.95 54.82
C GLY F 129 2.93 -38.60 55.38
N LEU F 130 4.19 -38.40 55.77
CA LEU F 130 4.64 -37.19 56.49
C LEU F 130 5.84 -36.58 55.76
N TYR F 131 5.83 -35.26 55.62
CA TYR F 131 6.93 -34.43 55.09
C TYR F 131 7.58 -33.70 56.28
N TYR F 132 8.89 -33.83 56.45
CA TYR F 132 9.64 -33.09 57.50
C TYR F 132 10.88 -32.46 56.86
N SER F 133 11.12 -31.17 57.11
CA SER F 133 12.35 -30.46 56.73
C SER F 133 13.46 -30.80 57.73
N GLN F 134 14.28 -31.81 57.42
CA GLN F 134 15.27 -32.39 58.36
C GLN F 134 16.56 -31.55 58.37
N ASP F 135 16.71 -30.59 57.45
CA ASP F 135 17.98 -29.83 57.27
C ASP F 135 17.72 -28.35 57.58
N LEU F 136 16.89 -27.69 56.77
CA LEU F 136 16.58 -26.25 56.91
C LEU F 136 15.62 -26.08 58.09
N ASP F 137 15.88 -25.09 58.96
CA ASP F 137 14.95 -24.70 60.06
C ASP F 137 15.24 -23.26 60.48
N TRP F 138 14.42 -22.32 60.02
CA TRP F 138 14.71 -20.87 60.08
C TRP F 138 14.45 -20.32 61.49
N HIS F 139 13.78 -21.11 62.35
CA HIS F 139 13.47 -20.73 63.74
C HIS F 139 14.63 -21.09 64.67
N ASP F 140 15.51 -21.98 64.22
CA ASP F 140 16.61 -22.56 65.04
C ASP F 140 17.93 -21.86 64.75
N PRO F 141 18.69 -21.38 65.77
CA PRO F 141 19.95 -20.68 65.53
C PRO F 141 20.95 -21.51 64.71
N ASN F 142 20.85 -22.84 64.78
CA ASN F 142 21.79 -23.78 64.13
C ASN F 142 21.06 -24.55 63.03
N GLY F 143 20.00 -23.97 62.48
CA GLY F 143 19.29 -24.54 61.31
C GLY F 143 20.22 -24.66 60.12
N GLY F 144 20.00 -25.66 59.28
CA GLY F 144 20.89 -26.01 58.15
C GLY F 144 20.88 -25.00 57.02
N GLY F 145 21.84 -25.14 56.09
CA GLY F 145 21.92 -24.39 54.82
C GLY F 145 22.94 -23.27 54.86
N TYR F 146 23.68 -23.12 55.95
CA TYR F 146 24.67 -22.03 56.12
C TYR F 146 25.95 -22.32 55.35
N LYS F 147 26.09 -23.50 54.74
CA LYS F 147 27.28 -23.87 53.92
C LYS F 147 26.92 -23.88 52.44
N SER F 148 25.69 -23.52 52.07
CA SER F 148 25.10 -23.80 50.72
C SER F 148 24.76 -22.51 49.95
N ASN F 149 25.19 -21.33 50.42
CA ASN F 149 24.65 -20.03 49.94
C ASN F 149 25.39 -19.53 48.69
N ASP F 150 26.20 -20.38 48.03
CA ASP F 150 26.77 -20.12 46.69
C ASP F 150 25.76 -20.53 45.61
N VAL F 151 24.59 -21.05 45.98
CA VAL F 151 23.46 -21.40 45.06
C VAL F 151 22.27 -20.54 45.47
N GLU F 152 21.55 -19.94 44.50
CA GLU F 152 20.36 -19.07 44.72
C GLU F 152 19.18 -19.94 45.14
N THR F 153 18.18 -19.34 45.81
CA THR F 153 16.98 -20.04 46.38
C THR F 153 15.68 -19.35 45.95
N ALA F 154 14.54 -19.92 46.34
CA ALA F 154 13.18 -19.33 46.18
C ALA F 154 12.94 -18.20 47.20
N GLY F 155 13.90 -17.94 48.11
CA GLY F 155 13.91 -16.81 49.04
C GLY F 155 15.16 -15.96 48.88
N THR F 156 15.89 -15.70 49.96
CA THR F 156 17.26 -15.13 49.94
C THR F 156 18.26 -16.27 50.17
N THR F 157 18.63 -16.54 51.43
CA THR F 157 19.59 -17.61 51.81
C THR F 157 18.82 -18.89 52.18
N TRP F 158 19.51 -20.03 52.13
CA TRP F 158 18.98 -21.36 52.55
C TRP F 158 18.69 -21.35 54.05
N ASP F 159 19.59 -20.76 54.85
CA ASP F 159 19.45 -20.64 56.33
C ASP F 159 18.79 -19.31 56.68
N ASN F 160 18.31 -19.18 57.91
CA ASN F 160 17.98 -17.86 58.52
C ASN F 160 19.30 -17.17 58.85
N SER F 161 19.76 -16.28 57.95
CA SER F 161 21.03 -15.52 58.06
C SER F 161 20.77 -14.10 58.54
N TRP F 162 19.54 -13.78 58.95
CA TRP F 162 19.15 -12.40 59.37
C TRP F 162 19.05 -12.34 60.90
N ASP F 163 18.25 -13.22 61.52
CA ASP F 163 18.18 -13.37 63.00
C ASP F 163 19.50 -13.97 63.50
N PHE F 164 20.16 -14.77 62.66
CA PHE F 164 21.40 -15.52 63.02
C PHE F 164 22.48 -15.20 61.99
N PRO F 165 23.05 -13.97 62.01
CA PRO F 165 24.06 -13.56 61.03
C PRO F 165 25.42 -14.25 61.12
N ASP F 166 25.86 -14.68 62.30
CA ASP F 166 27.24 -15.22 62.52
C ASP F 166 27.33 -16.63 61.92
N GLU F 167 27.57 -16.72 60.61
CA GLU F 167 27.61 -18.00 59.82
C GLU F 167 28.67 -18.94 60.39
N ASP F 168 29.90 -18.47 60.56
CA ASP F 168 31.09 -19.29 60.96
C ASP F 168 30.90 -19.90 62.36
N GLN F 169 30.05 -19.32 63.21
CA GLN F 169 29.82 -19.78 64.61
C GLN F 169 28.71 -20.84 64.65
N LYS F 170 27.98 -21.07 63.55
CA LYS F 170 26.82 -22.00 63.52
C LYS F 170 27.31 -23.45 63.53
N ASN F 171 26.45 -24.37 63.96
CA ASN F 171 26.78 -25.79 64.24
C ASN F 171 25.52 -26.64 64.22
N PHE F 172 25.23 -27.25 63.07
CA PHE F 172 23.97 -27.99 62.78
C PHE F 172 23.74 -29.15 63.76
N ASP F 173 24.82 -29.71 64.33
CA ASP F 173 24.75 -30.82 65.31
C ASP F 173 23.77 -30.44 66.44
N LEU F 174 23.88 -29.22 66.97
CA LEU F 174 23.04 -28.74 68.11
C LEU F 174 21.56 -28.79 67.72
N CYS F 175 21.23 -28.33 66.52
CA CYS F 175 19.86 -28.32 65.94
C CYS F 175 19.39 -29.76 65.66
N PHE F 176 20.26 -30.59 65.08
CA PHE F 176 19.94 -32.01 64.76
C PHE F 176 19.58 -32.78 66.04
N ASP F 177 20.44 -32.66 67.06
CA ASP F 177 20.37 -33.45 68.32
C ASP F 177 19.18 -32.99 69.16
N ASN F 178 18.86 -31.70 69.16
CA ASN F 178 17.90 -31.10 70.14
C ASN F 178 16.53 -30.86 69.50
N LYS F 179 16.41 -30.87 68.18
CA LYS F 179 15.11 -30.60 67.51
C LYS F 179 14.80 -31.63 66.41
N ILE F 180 15.66 -31.80 65.41
CA ILE F 180 15.32 -32.62 64.20
C ILE F 180 14.99 -34.04 64.66
N LEU F 181 15.94 -34.74 65.29
CA LEU F 181 15.78 -36.19 65.58
C LEU F 181 14.66 -36.37 66.60
N PRO F 182 14.59 -35.58 67.69
CA PRO F 182 13.43 -35.63 68.60
C PRO F 182 12.10 -35.54 67.84
N GLN F 183 11.94 -34.51 66.98
CA GLN F 183 10.67 -34.25 66.26
C GLN F 183 10.34 -35.42 65.31
N ILE F 184 11.33 -35.99 64.63
CA ILE F 184 11.13 -37.16 63.71
C ILE F 184 10.60 -38.34 64.53
N LYS F 185 11.18 -38.56 65.72
CA LYS F 185 10.75 -39.64 66.65
C LYS F 185 9.28 -39.43 67.05
N GLU F 186 8.87 -38.16 67.30
CA GLU F 186 7.49 -37.86 67.75
C GLU F 186 6.49 -38.24 66.65
N ILE F 187 6.71 -37.75 65.42
CA ILE F 187 5.76 -37.92 64.27
C ILE F 187 5.71 -39.39 63.86
N MET F 188 6.82 -40.12 64.02
CA MET F 188 6.90 -41.57 63.68
C MET F 188 6.41 -42.44 64.84
N SER F 189 5.97 -41.85 65.97
CA SER F 189 5.53 -42.57 67.20
C SER F 189 4.04 -42.35 67.44
N ASN F 190 3.61 -41.09 67.44
CA ASN F 190 2.18 -40.69 67.54
C ASN F 190 1.60 -40.84 66.13
N TYR F 191 0.28 -40.74 65.94
CA TYR F 191 -0.32 -40.62 64.58
C TYR F 191 -0.34 -41.96 63.83
N GLY F 192 -0.14 -43.08 64.51
CA GLY F 192 -0.37 -44.43 63.95
C GLY F 192 0.60 -44.80 62.84
N ASP F 193 0.25 -45.83 62.07
CA ASP F 193 0.99 -46.34 60.90
C ASP F 193 1.27 -45.20 59.92
N ILE F 194 2.51 -45.08 59.45
CA ILE F 194 2.96 -44.08 58.44
C ILE F 194 3.43 -44.85 57.19
N ALA F 195 2.73 -44.69 56.06
CA ALA F 195 2.99 -45.39 54.78
C ALA F 195 4.21 -44.82 54.06
N THR F 196 4.48 -43.52 54.21
CA THR F 196 5.43 -42.75 53.37
C THR F 196 6.14 -41.69 54.21
N ALA F 197 7.45 -41.55 54.06
CA ALA F 197 8.27 -40.53 54.76
C ALA F 197 8.98 -39.69 53.71
N TRP F 198 8.76 -38.39 53.74
CA TRP F 198 9.15 -37.44 52.66
C TRP F 198 10.12 -36.41 53.24
N PHE F 199 11.42 -36.52 52.95
CA PHE F 199 12.45 -35.61 53.50
C PHE F 199 12.85 -34.60 52.41
N ALA F 200 13.41 -33.47 52.85
CA ALA F 200 13.89 -32.36 52.01
C ALA F 200 15.25 -32.72 51.43
N VAL F 201 15.76 -31.88 50.54
CA VAL F 201 17.10 -32.08 49.91
C VAL F 201 18.13 -31.70 50.98
N PRO F 202 18.97 -32.67 51.41
CA PRO F 202 19.95 -32.42 52.47
C PRO F 202 21.19 -31.70 51.91
N MET F 203 21.75 -30.80 52.70
CA MET F 203 22.90 -29.94 52.30
C MET F 203 23.90 -29.88 53.45
N THR F 204 23.40 -29.77 54.69
CA THR F 204 24.20 -29.63 55.92
C THR F 204 24.42 -31.00 56.59
N LEU F 205 23.39 -31.88 56.60
CA LEU F 205 23.43 -33.24 57.23
C LEU F 205 24.73 -33.96 56.87
N SER F 206 25.37 -34.58 57.87
CA SER F 206 26.44 -35.59 57.69
C SER F 206 25.81 -36.92 57.26
N GLU F 207 26.63 -37.81 56.70
CA GLU F 207 26.28 -39.22 56.39
C GLU F 207 25.74 -39.90 57.65
N ALA F 208 26.40 -39.68 58.79
CA ALA F 208 26.02 -40.22 60.12
C ALA F 208 24.58 -39.80 60.42
N GLN F 209 24.32 -38.49 60.42
CA GLN F 209 23.01 -37.87 60.77
C GLN F 209 21.89 -38.46 59.89
N SER F 210 22.19 -38.75 58.61
CA SER F 210 21.23 -39.34 57.64
C SER F 210 20.92 -40.79 58.00
N GLN F 211 21.97 -41.56 58.36
CA GLN F 211 21.85 -42.99 58.76
C GLN F 211 20.92 -43.08 59.98
N THR F 212 21.14 -42.21 60.96
CA THR F 212 20.34 -42.12 62.21
C THR F 212 18.86 -41.98 61.85
N ILE F 213 18.51 -40.99 61.03
CA ILE F 213 17.09 -40.75 60.62
C ILE F 213 16.56 -42.03 59.98
N TYR F 214 17.34 -42.64 59.07
CA TYR F 214 16.94 -43.86 58.33
C TYR F 214 16.59 -44.97 59.34
N ASP F 215 17.52 -45.28 60.23
CA ASP F 215 17.38 -46.35 61.27
C ASP F 215 16.19 -46.04 62.18
N THR F 216 16.03 -44.76 62.57
CA THR F 216 14.94 -44.29 63.45
C THR F 216 13.58 -44.60 62.80
N VAL F 217 13.41 -44.24 61.53
CA VAL F 217 12.14 -44.46 60.78
C VAL F 217 11.92 -45.97 60.66
N ARG F 218 12.98 -46.71 60.29
CA ARG F 218 12.94 -48.18 60.10
C ARG F 218 12.41 -48.85 61.38
N GLU F 219 12.98 -48.48 62.53
CA GLU F 219 12.63 -49.06 63.86
C GLU F 219 11.18 -48.71 64.23
N LEU F 220 10.82 -47.43 64.17
CA LEU F 220 9.51 -46.92 64.69
C LEU F 220 8.38 -47.27 63.71
N GLN F 221 8.67 -47.32 62.41
CA GLN F 221 7.64 -47.49 61.33
C GLN F 221 8.16 -48.47 60.30
N PRO F 222 8.33 -49.76 60.66
CA PRO F 222 8.92 -50.76 59.77
C PRO F 222 8.41 -50.80 58.33
N ASN F 223 7.14 -50.48 58.08
CA ASN F 223 6.51 -50.63 56.73
C ASN F 223 6.50 -49.31 55.95
N CYS F 224 6.98 -48.22 56.55
CA CYS F 224 7.06 -46.88 55.93
C CYS F 224 8.08 -46.89 54.79
N LEU F 225 7.66 -46.47 53.59
CA LEU F 225 8.52 -46.29 52.38
C LEU F 225 9.13 -44.88 52.46
N ILE F 226 10.46 -44.80 52.37
CA ILE F 226 11.25 -43.55 52.57
C ILE F 226 11.67 -43.04 51.18
N ASN F 227 11.48 -41.74 50.91
CA ASN F 227 11.78 -41.13 49.59
C ASN F 227 13.31 -40.97 49.47
N SER F 228 13.79 -40.78 48.24
CA SER F 228 15.23 -40.80 47.86
C SER F 228 15.95 -39.55 48.36
N ARG F 229 15.22 -38.51 48.76
CA ARG F 229 15.81 -37.20 49.14
C ARG F 229 16.48 -37.27 50.52
N LEU F 230 16.52 -38.44 51.17
CA LEU F 230 17.13 -38.57 52.53
C LEU F 230 18.66 -38.68 52.37
N GLY F 231 19.10 -39.65 51.57
CA GLY F 231 20.52 -39.97 51.29
C GLY F 231 20.62 -41.26 50.47
N ASN F 232 21.67 -41.38 49.64
CA ASN F 232 21.88 -42.51 48.69
C ASN F 232 21.91 -43.82 49.49
N GLY F 233 21.15 -44.84 49.06
CA GLY F 233 21.10 -46.17 49.69
C GLY F 233 20.24 -46.21 50.94
N LYS F 234 19.62 -45.07 51.29
CA LYS F 234 18.77 -44.88 52.51
C LYS F 234 17.35 -44.49 52.06
N TYR F 235 16.75 -45.24 51.12
CA TYR F 235 15.39 -44.95 50.56
C TYR F 235 14.75 -46.22 49.96
N ASP F 236 13.41 -46.21 49.84
CA ASP F 236 12.62 -47.33 49.26
C ASP F 236 12.03 -46.94 47.90
N PHE F 237 11.84 -45.65 47.63
CA PHE F 237 11.35 -45.14 46.32
C PHE F 237 12.08 -43.85 45.92
N VAL F 238 12.14 -43.61 44.62
CA VAL F 238 12.85 -42.44 43.99
C VAL F 238 11.82 -41.33 43.78
N SER F 239 12.11 -40.13 44.30
CA SER F 239 11.40 -38.88 43.96
C SER F 239 12.02 -38.31 42.69
N LEU F 240 11.29 -38.35 41.58
CA LEU F 240 11.76 -37.83 40.27
C LEU F 240 11.31 -36.38 40.13
N GLY F 241 12.21 -35.48 39.73
CA GLY F 241 11.85 -34.17 39.16
C GLY F 241 11.34 -34.34 37.73
N ASP F 242 10.48 -33.44 37.23
CA ASP F 242 9.87 -33.58 35.88
C ASP F 242 10.97 -33.80 34.84
N ASN F 243 12.07 -33.07 34.98
CA ASN F 243 13.28 -33.11 34.10
C ASN F 243 14.00 -34.47 34.17
N GLU F 244 13.49 -35.45 34.94
CA GLU F 244 14.17 -36.75 35.15
C GLU F 244 13.31 -37.92 34.65
N ILE F 245 12.11 -37.69 34.11
CA ILE F 245 11.23 -38.81 33.65
C ILE F 245 11.79 -39.32 32.31
N PRO F 246 12.02 -40.65 32.16
CA PRO F 246 13.04 -41.18 31.22
C PRO F 246 12.80 -40.95 29.72
N SER F 268 16.39 -47.45 41.70
CA SER F 268 15.13 -47.95 42.31
C SER F 268 15.10 -49.48 42.32
N PRO F 269 15.67 -50.13 43.34
CA PRO F 269 15.74 -51.60 43.39
C PRO F 269 14.38 -52.29 43.48
N LEU F 270 13.39 -51.62 44.07
CA LEU F 270 12.01 -52.16 44.29
C LEU F 270 11.09 -51.73 43.15
N GLY F 271 11.59 -50.89 42.24
CA GLY F 271 10.86 -50.34 41.08
C GLY F 271 9.76 -49.38 41.51
N LEU F 272 10.03 -48.53 42.50
CA LEU F 272 9.05 -47.56 43.08
C LEU F 272 9.45 -46.13 42.73
N TYR F 273 8.49 -45.36 42.22
CA TYR F 273 8.72 -44.00 41.67
C TYR F 273 7.54 -43.08 42.01
N GLU F 274 7.86 -41.82 42.26
CA GLU F 274 6.87 -40.76 42.55
C GLU F 274 7.40 -39.43 42.01
N THR F 275 6.55 -38.69 41.30
CA THR F 275 6.79 -37.26 40.96
C THR F 275 5.74 -36.42 41.68
N ALA F 276 6.20 -35.41 42.42
CA ALA F 276 5.34 -34.42 43.11
C ALA F 276 5.17 -33.22 42.18
N GLY F 277 3.94 -32.72 42.09
CA GLY F 277 3.60 -31.44 41.42
C GLY F 277 2.59 -30.66 42.23
N THR F 278 2.44 -29.38 41.89
CA THR F 278 1.41 -28.47 42.45
C THR F 278 0.47 -28.06 41.30
N ILE F 279 -0.74 -27.62 41.61
CA ILE F 279 -1.80 -27.31 40.61
C ILE F 279 -1.54 -25.92 39.99
N ASN F 280 -1.22 -24.90 40.80
CA ASN F 280 -0.64 -23.64 40.24
C ASN F 280 0.88 -23.79 40.32
N ASP F 281 1.63 -22.69 40.55
CA ASP F 281 3.11 -22.71 40.53
C ASP F 281 3.68 -22.62 41.94
N SER F 282 2.83 -22.53 42.96
CA SER F 282 3.26 -22.43 44.38
C SER F 282 2.85 -23.70 45.14
N TRP F 283 3.63 -24.10 46.13
CA TRP F 283 3.27 -25.22 47.01
C TRP F 283 2.38 -24.68 48.11
N GLY F 284 2.82 -23.60 48.77
CA GLY F 284 1.98 -22.86 49.71
C GLY F 284 0.97 -22.02 48.96
N PHE F 285 -0.15 -21.71 49.61
CA PHE F 285 -1.21 -20.82 49.08
C PHE F 285 -0.64 -19.42 48.80
N SER F 286 -1.09 -18.84 47.68
CA SER F 286 -0.66 -17.53 47.12
C SER F 286 -1.87 -16.91 46.42
N TYR F 287 -2.44 -15.81 46.93
CA TYR F 287 -3.67 -15.23 46.29
C TYR F 287 -3.28 -14.73 44.90
N HIS F 288 -2.07 -14.18 44.69
CA HIS F 288 -1.69 -13.60 43.37
C HIS F 288 -1.52 -14.71 42.32
N ASP F 289 -1.26 -15.97 42.69
CA ASP F 289 -1.03 -17.07 41.72
C ASP F 289 -2.36 -17.74 41.33
N GLN F 290 -2.97 -17.31 40.23
CA GLN F 290 -4.20 -17.94 39.65
C GLN F 290 -3.85 -18.76 38.40
N ASN F 291 -2.59 -19.20 38.26
CA ASN F 291 -2.09 -19.97 37.09
C ASN F 291 -2.39 -21.48 37.26
N TRP F 292 -3.66 -21.81 37.53
CA TRP F 292 -4.11 -23.20 37.76
C TRP F 292 -3.98 -24.04 36.49
N LYS F 293 -3.26 -25.16 36.55
CA LYS F 293 -3.25 -26.15 35.46
C LYS F 293 -4.68 -26.60 35.21
N THR F 294 -5.07 -26.73 33.94
CA THR F 294 -6.42 -27.13 33.51
C THR F 294 -6.65 -28.61 33.84
N PRO F 295 -7.93 -29.02 33.97
CA PRO F 295 -8.28 -30.42 34.16
C PRO F 295 -7.52 -31.34 33.19
N ARG F 296 -7.45 -30.96 31.90
CA ARG F 296 -6.84 -31.80 30.85
C ARG F 296 -5.33 -31.95 31.11
N THR F 297 -4.63 -30.87 31.45
CA THR F 297 -3.20 -30.90 31.83
C THR F 297 -3.00 -31.88 32.99
N LEU F 298 -3.82 -31.77 34.04
CA LEU F 298 -3.69 -32.62 35.26
C LEU F 298 -3.90 -34.08 34.87
N TYR F 299 -4.96 -34.37 34.11
CA TYR F 299 -5.32 -35.77 33.73
C TYR F 299 -4.23 -36.36 32.84
N ARG F 300 -3.82 -35.64 31.80
CA ARG F 300 -2.79 -36.11 30.84
C ARG F 300 -1.48 -36.36 31.57
N TYR F 301 -1.05 -35.46 32.45
CA TYR F 301 0.23 -35.62 33.18
C TYR F 301 0.13 -36.89 34.02
N LYS F 302 -0.97 -37.06 34.74
CA LYS F 302 -1.21 -38.27 35.59
C LYS F 302 -1.08 -39.53 34.73
N GLN F 303 -1.75 -39.55 33.58
CA GLN F 303 -1.80 -40.72 32.67
C GLN F 303 -0.39 -41.04 32.18
N HIS F 304 0.42 -40.01 31.89
CA HIS F 304 1.80 -40.15 31.36
C HIS F 304 2.70 -40.75 32.43
N LEU F 305 2.63 -40.22 33.66
CA LEU F 305 3.42 -40.74 34.81
C LEU F 305 2.99 -42.19 35.07
N ASN F 306 1.68 -42.43 35.19
CA ASN F 306 1.11 -43.76 35.53
C ASN F 306 1.59 -44.79 34.49
N ASP F 307 1.50 -44.47 33.19
CA ASP F 307 1.93 -45.35 32.09
C ASP F 307 3.40 -45.74 32.26
N PHE F 308 4.21 -44.89 32.88
CA PHE F 308 5.67 -45.10 33.14
C PHE F 308 5.90 -45.73 34.52
N GLY F 309 4.84 -46.20 35.19
CA GLY F 309 4.92 -46.78 36.55
C GLY F 309 5.36 -45.76 37.58
N ILE F 310 4.95 -44.50 37.44
CA ILE F 310 5.30 -43.38 38.36
C ILE F 310 4.02 -42.88 39.04
N ASN F 311 4.03 -42.76 40.36
CA ASN F 311 2.90 -42.19 41.16
C ASN F 311 2.92 -40.67 41.03
N TYR F 312 1.73 -40.07 40.87
CA TYR F 312 1.53 -38.60 40.80
C TYR F 312 1.11 -38.12 42.19
N LEU F 313 1.95 -37.33 42.85
CA LEU F 313 1.64 -36.73 44.17
C LEU F 313 1.33 -35.26 43.93
N LEU F 314 0.03 -34.93 43.95
CA LEU F 314 -0.49 -33.61 43.49
C LEU F 314 -0.76 -32.74 44.72
N ASN F 315 -0.06 -31.62 44.84
CA ASN F 315 -0.10 -30.71 46.01
C ASN F 315 -1.35 -29.85 45.99
N VAL F 316 -1.98 -29.71 47.17
CA VAL F 316 -2.96 -28.62 47.45
C VAL F 316 -2.35 -27.73 48.53
N GLY F 317 -2.47 -26.41 48.36
CA GLY F 317 -1.96 -25.43 49.35
C GLY F 317 -3.12 -24.77 50.05
N LEU F 318 -3.46 -25.21 51.27
CA LEU F 318 -4.68 -24.76 52.00
C LEU F 318 -4.56 -23.26 52.30
N ASP F 319 -5.71 -22.57 52.29
CA ASP F 319 -5.81 -21.11 52.48
C ASP F 319 -5.84 -20.78 53.97
N PRO F 320 -5.85 -19.49 54.36
CA PRO F 320 -5.81 -19.13 55.78
C PRO F 320 -6.98 -19.67 56.62
N LEU F 321 -8.14 -19.98 56.02
CA LEU F 321 -9.29 -20.57 56.76
C LEU F 321 -9.24 -22.10 56.71
N GLY F 322 -8.19 -22.69 56.13
CA GLY F 322 -8.01 -24.16 56.05
C GLY F 322 -8.78 -24.79 54.91
N ARG F 323 -9.06 -24.01 53.85
CA ARG F 323 -9.86 -24.46 52.68
C ARG F 323 -8.91 -24.84 51.54
N VAL F 324 -9.27 -25.91 50.84
CA VAL F 324 -8.81 -26.18 49.45
C VAL F 324 -9.35 -25.03 48.60
N PRO F 325 -8.48 -24.24 47.93
CA PRO F 325 -8.95 -23.19 47.02
C PRO F 325 -10.00 -23.69 46.03
N MET F 326 -11.02 -22.88 45.79
CA MET F 326 -12.19 -23.23 44.93
C MET F 326 -11.69 -23.79 43.59
N MET F 327 -10.73 -23.11 42.95
CA MET F 327 -10.26 -23.48 41.59
C MET F 327 -9.44 -24.78 41.63
N ALA F 328 -8.68 -25.02 42.70
CA ALA F 328 -7.97 -26.30 42.88
C ALA F 328 -9.00 -27.44 43.00
N GLU F 329 -10.05 -27.25 43.79
CA GLU F 329 -11.08 -28.29 43.99
C GLU F 329 -11.78 -28.58 42.65
N GLU F 330 -12.20 -27.53 41.94
CA GLU F 330 -12.87 -27.63 40.60
C GLU F 330 -11.99 -28.44 39.63
N ASN F 331 -10.70 -28.09 39.57
CA ASN F 331 -9.77 -28.68 38.56
C ASN F 331 -9.52 -30.15 38.90
N LEU F 332 -9.40 -30.50 40.18
CA LEU F 332 -9.19 -31.91 40.61
C LEU F 332 -10.40 -32.75 40.19
N LEU F 333 -11.60 -32.25 40.46
CA LEU F 333 -12.86 -32.99 40.20
C LEU F 333 -13.07 -33.15 38.68
N ALA F 334 -12.78 -32.12 37.89
CA ALA F 334 -12.95 -32.14 36.43
C ALA F 334 -11.90 -33.05 35.78
N ALA F 335 -10.68 -33.09 36.31
CA ALA F 335 -9.61 -34.01 35.87
C ALA F 335 -10.07 -35.45 36.07
N LYS F 336 -10.76 -35.71 37.19
CA LYS F 336 -11.26 -37.06 37.52
C LYS F 336 -12.36 -37.44 36.52
N ALA F 337 -13.23 -36.49 36.16
CA ALA F 337 -14.33 -36.74 35.24
C ALA F 337 -13.75 -37.07 33.86
N LEU F 338 -12.74 -36.31 33.42
CA LEU F 338 -12.01 -36.58 32.14
C LEU F 338 -11.42 -37.99 32.20
N GLU F 339 -10.75 -38.34 33.30
CA GLU F 339 -10.03 -39.64 33.46
C GLU F 339 -11.03 -40.82 33.33
N ASP F 340 -12.17 -40.72 34.00
CA ASP F 340 -13.22 -41.79 34.04
C ASP F 340 -13.85 -41.94 32.66
N GLU F 341 -14.21 -40.81 32.02
CA GLU F 341 -14.71 -40.76 30.63
C GLU F 341 -13.70 -41.47 29.72
N ALA F 342 -12.44 -41.06 29.75
CA ALA F 342 -11.33 -41.65 28.96
C ALA F 342 -11.27 -43.16 29.20
N ASN F 343 -11.35 -43.62 30.45
CA ASN F 343 -11.13 -45.03 30.86
C ASN F 343 -12.34 -45.90 30.56
N ARG F 344 -13.41 -45.35 29.99
CA ARG F 344 -14.53 -46.15 29.42
C ARG F 344 -14.40 -46.14 27.89
N ASP G 3 -10.54 22.98 -76.26
CA ASP G 3 -11.78 23.23 -75.40
C ASP G 3 -11.46 22.88 -73.93
N ASN G 4 -10.52 21.95 -73.72
CA ASN G 4 -9.89 21.64 -72.40
C ASN G 4 -9.19 22.87 -71.84
N VAL G 5 -8.78 23.85 -72.66
CA VAL G 5 -8.14 25.12 -72.23
C VAL G 5 -9.06 25.86 -71.26
N ALA G 6 -10.33 26.09 -71.63
CA ALA G 6 -11.32 26.80 -70.79
C ALA G 6 -11.47 26.05 -69.46
N TRP G 7 -11.72 24.74 -69.55
CA TRP G 7 -11.96 23.84 -68.40
C TRP G 7 -10.76 23.88 -67.44
N PHE G 8 -9.53 23.81 -67.97
CA PHE G 8 -8.29 23.73 -67.14
C PHE G 8 -8.08 25.06 -66.39
N LYS G 9 -8.37 26.19 -67.03
CA LYS G 9 -8.20 27.53 -66.42
C LYS G 9 -9.13 27.66 -65.20
N GLN G 10 -10.20 26.86 -65.12
CA GLN G 10 -11.22 26.99 -64.04
C GLN G 10 -11.28 25.70 -63.18
N ALA G 11 -10.34 24.77 -63.37
CA ALA G 11 -10.34 23.45 -62.67
C ALA G 11 -9.91 23.63 -61.20
N LYS G 12 -8.84 24.40 -60.97
CA LYS G 12 -8.39 24.90 -59.65
C LYS G 12 -7.67 23.81 -58.85
N TYR G 13 -8.16 22.57 -58.90
CA TYR G 13 -7.83 21.51 -57.91
C TYR G 13 -7.82 20.13 -58.57
N GLY G 14 -6.71 19.39 -58.42
CA GLY G 14 -6.57 18.01 -58.92
C GLY G 14 -5.91 17.13 -57.87
N MET G 15 -6.25 15.84 -57.86
CA MET G 15 -5.54 14.83 -57.05
C MET G 15 -4.43 14.20 -57.91
N MET G 16 -3.25 14.02 -57.35
CA MET G 16 -2.15 13.26 -57.98
C MET G 16 -1.95 11.96 -57.19
N ILE G 17 -1.49 10.89 -57.84
CA ILE G 17 -1.26 9.58 -57.16
C ILE G 17 0.11 9.03 -57.54
N HIS G 18 0.97 8.83 -56.56
CA HIS G 18 2.23 8.05 -56.64
C HIS G 18 2.01 6.70 -55.97
N TRP G 19 2.26 5.63 -56.70
CA TRP G 19 2.01 4.24 -56.24
C TRP G 19 2.83 3.28 -57.08
N GLY G 20 3.48 2.33 -56.43
CA GLY G 20 4.40 1.39 -57.10
C GLY G 20 5.04 0.43 -56.13
N LEU G 21 6.05 -0.31 -56.59
CA LEU G 21 6.77 -1.26 -55.71
C LEU G 21 7.37 -0.48 -54.54
N TYR G 22 7.83 0.76 -54.77
CA TYR G 22 8.45 1.64 -53.73
C TYR G 22 7.53 1.72 -52.50
N SER G 23 6.22 1.77 -52.72
CA SER G 23 5.18 1.87 -51.66
C SER G 23 5.29 0.72 -50.65
N LEU G 24 5.69 -0.48 -51.07
CA LEU G 24 5.76 -1.64 -50.15
C LEU G 24 6.91 -1.45 -49.17
N LEU G 25 8.03 -0.87 -49.62
CA LEU G 25 9.20 -0.61 -48.72
C LEU G 25 8.88 0.55 -47.77
N ALA G 26 7.99 1.46 -48.18
CA ALA G 26 7.42 2.53 -47.34
C ALA G 26 8.49 3.37 -46.62
N GLY G 27 9.55 3.78 -47.31
CA GLY G 27 10.52 4.79 -46.84
C GLY G 27 11.63 4.19 -45.99
N GLU G 28 11.71 2.86 -45.97
CA GLU G 28 12.61 2.10 -45.06
C GLU G 28 13.27 0.97 -45.84
N TYR G 29 14.57 0.75 -45.65
CA TYR G 29 15.30 -0.40 -46.24
C TYR G 29 16.43 -0.81 -45.31
N ARG G 30 16.36 -2.04 -44.82
CA ARG G 30 17.35 -2.70 -43.93
C ARG G 30 17.77 -1.76 -42.80
N GLY G 31 16.79 -1.22 -42.06
CA GLY G 31 17.05 -0.45 -40.83
C GLY G 31 17.42 0.99 -41.08
N GLU G 32 17.32 1.45 -42.33
CA GLU G 32 17.70 2.82 -42.71
C GLU G 32 16.62 3.50 -43.52
N SER G 33 16.65 4.83 -43.44
CA SER G 33 15.64 5.76 -43.97
C SER G 33 15.96 6.13 -45.41
N SER G 34 14.94 6.18 -46.26
CA SER G 34 15.01 6.86 -47.57
C SER G 34 15.29 8.33 -47.33
N SER G 35 15.55 9.10 -48.39
CA SER G 35 15.44 10.58 -48.37
C SER G 35 13.97 10.96 -48.19
N ALA G 36 13.66 12.25 -48.16
CA ALA G 36 12.27 12.78 -48.14
C ALA G 36 11.42 12.07 -49.20
N TYR G 37 12.03 11.71 -50.33
CA TYR G 37 11.34 11.07 -51.49
C TYR G 37 11.53 9.55 -51.40
N ALA G 38 10.53 8.90 -50.79
CA ALA G 38 10.49 7.43 -50.56
C ALA G 38 10.43 6.68 -51.90
N GLU G 39 9.82 7.28 -52.93
CA GLU G 39 9.67 6.65 -54.28
C GLU G 39 11.03 6.48 -54.97
N TRP G 40 12.06 7.23 -54.50
CA TRP G 40 13.46 7.17 -55.00
C TRP G 40 14.28 6.10 -54.26
N ILE G 41 13.64 5.24 -53.47
CA ILE G 41 14.36 4.36 -52.50
C ILE G 41 15.31 3.41 -53.24
N GLN G 42 14.95 2.95 -54.45
CA GLN G 42 15.81 1.98 -55.18
C GLN G 42 17.18 2.62 -55.47
N SER G 43 17.19 3.85 -55.96
CA SER G 43 18.42 4.64 -56.24
C SER G 43 19.16 4.91 -54.92
N LYS G 44 18.42 5.29 -53.89
CA LYS G 44 18.95 5.66 -52.55
C LYS G 44 19.85 4.55 -52.02
N PHE G 45 19.43 3.28 -52.14
CA PHE G 45 20.15 2.12 -51.57
C PHE G 45 20.75 1.22 -52.66
N GLN G 46 20.65 1.63 -53.94
CA GLN G 46 21.20 0.87 -55.09
C GLN G 46 20.73 -0.58 -54.99
N ILE G 47 19.42 -0.77 -54.82
CA ILE G 47 18.81 -2.12 -54.70
C ILE G 47 18.86 -2.75 -56.10
N PRO G 48 19.57 -3.90 -56.27
CA PRO G 48 19.60 -4.58 -57.56
C PRO G 48 18.18 -4.87 -58.09
N ASN G 49 18.00 -4.77 -59.42
CA ASN G 49 16.71 -5.02 -60.12
C ASN G 49 16.13 -6.37 -59.67
N ALA G 50 16.95 -7.41 -59.59
CA ALA G 50 16.53 -8.76 -59.16
C ALA G 50 15.77 -8.69 -57.84
N GLU G 51 16.32 -8.03 -56.82
CA GLU G 51 15.71 -7.94 -55.46
C GLU G 51 14.51 -6.99 -55.48
N TYR G 52 14.67 -5.79 -56.02
CA TYR G 52 13.61 -4.75 -56.03
C TYR G 52 12.40 -5.30 -56.80
N GLY G 53 12.63 -5.85 -58.00
CA GLY G 53 11.56 -6.42 -58.85
C GLY G 53 10.77 -7.48 -58.12
N ASN G 54 11.44 -8.24 -57.23
CA ASN G 54 10.80 -9.32 -56.45
C ASN G 54 9.67 -8.76 -55.57
N LEU G 55 9.67 -7.46 -55.27
CA LEU G 55 8.57 -6.80 -54.52
C LEU G 55 7.24 -7.03 -55.25
N ALA G 56 7.26 -7.17 -56.58
CA ALA G 56 6.08 -7.48 -57.40
C ALA G 56 5.35 -8.73 -56.86
N THR G 57 6.10 -9.71 -56.37
CA THR G 57 5.54 -10.98 -55.84
C THR G 57 4.75 -10.70 -54.55
N ALA G 58 5.01 -9.60 -53.86
CA ALA G 58 4.37 -9.25 -52.58
C ALA G 58 3.30 -8.17 -52.78
N PHE G 59 3.08 -7.68 -54.00
CA PHE G 59 2.13 -6.57 -54.28
C PHE G 59 0.71 -7.13 -54.39
N ASN G 60 -0.11 -7.04 -53.33
CA ASN G 60 -1.49 -7.57 -53.29
C ASN G 60 -2.41 -6.62 -52.51
N PRO G 61 -2.60 -5.38 -53.01
CA PRO G 61 -3.33 -4.35 -52.25
C PRO G 61 -4.83 -4.61 -52.17
N LEU G 62 -5.20 -5.48 -51.23
CA LEU G 62 -6.59 -5.96 -51.02
C LEU G 62 -7.58 -4.81 -50.92
N TYR G 63 -7.21 -3.64 -50.44
CA TYR G 63 -8.20 -2.54 -50.15
C TYR G 63 -8.21 -1.50 -51.27
N PHE G 64 -7.40 -1.64 -52.33
CA PHE G 64 -7.42 -0.70 -53.48
C PHE G 64 -8.85 -0.61 -54.02
N ASP G 65 -9.35 0.59 -54.27
CA ASP G 65 -10.76 0.83 -54.68
C ASP G 65 -10.84 2.17 -55.41
N ALA G 66 -10.65 2.12 -56.73
CA ALA G 66 -10.64 3.31 -57.63
C ALA G 66 -11.90 4.14 -57.38
N LYS G 67 -13.06 3.48 -57.24
CA LYS G 67 -14.35 4.19 -57.09
C LYS G 67 -14.28 5.11 -55.87
N LYS G 68 -13.79 4.58 -54.75
CA LYS G 68 -13.73 5.30 -53.44
C LYS G 68 -12.70 6.44 -53.50
N ILE G 69 -11.53 6.19 -54.10
CA ILE G 69 -10.46 7.21 -54.27
C ILE G 69 -11.03 8.38 -55.07
N VAL G 70 -11.76 8.11 -56.15
CA VAL G 70 -12.34 9.17 -57.01
C VAL G 70 -13.45 9.88 -56.23
N ALA G 71 -14.20 9.15 -55.39
CA ALA G 71 -15.27 9.74 -54.54
C ALA G 71 -14.66 10.80 -53.62
N LEU G 72 -13.53 10.48 -52.98
CA LEU G 72 -12.80 11.38 -52.04
C LEU G 72 -12.39 12.65 -52.79
N ALA G 73 -11.70 12.47 -53.92
CA ALA G 73 -11.22 13.59 -54.77
C ALA G 73 -12.41 14.50 -55.10
N LYS G 74 -13.54 13.92 -55.50
CA LYS G 74 -14.73 14.68 -55.95
C LYS G 74 -15.35 15.41 -54.75
N GLN G 75 -15.32 14.80 -53.56
CA GLN G 75 -15.90 15.37 -52.32
C GLN G 75 -15.09 16.62 -51.91
N CYS G 76 -13.80 16.64 -52.26
CA CYS G 76 -12.86 17.75 -51.96
C CYS G 76 -12.89 18.82 -53.07
N GLY G 77 -13.74 18.66 -54.07
CA GLY G 77 -13.87 19.62 -55.18
C GLY G 77 -12.77 19.46 -56.23
N MET G 78 -11.96 18.40 -56.16
CA MET G 78 -10.96 18.09 -57.23
C MET G 78 -11.73 17.70 -58.50
N GLN G 79 -11.34 18.29 -59.64
CA GLN G 79 -12.04 18.16 -60.93
C GLN G 79 -11.27 17.20 -61.86
N TYR G 80 -10.08 16.78 -61.43
CA TYR G 80 -9.25 15.85 -62.23
C TYR G 80 -8.29 15.06 -61.34
N LEU G 81 -7.67 14.05 -61.95
CA LEU G 81 -6.81 13.08 -61.25
C LEU G 81 -5.64 12.74 -62.16
N VAL G 82 -4.44 12.58 -61.61
CA VAL G 82 -3.19 12.31 -62.39
C VAL G 82 -2.39 11.22 -61.69
N VAL G 83 -2.16 10.09 -62.35
CA VAL G 83 -1.58 8.85 -61.73
C VAL G 83 -0.23 8.54 -62.38
N THR G 84 0.71 8.03 -61.59
CA THR G 84 1.96 7.41 -62.08
C THR G 84 1.63 6.17 -62.91
N THR G 85 1.83 6.21 -64.24
CA THR G 85 1.72 5.02 -65.13
C THR G 85 3.02 4.23 -65.05
N LYS G 86 4.13 4.95 -64.92
CA LYS G 86 5.48 4.39 -64.71
C LYS G 86 6.39 5.49 -64.16
N HIS G 87 7.00 5.28 -63.01
CA HIS G 87 7.93 6.23 -62.34
C HIS G 87 9.36 5.83 -62.73
N HIS G 88 10.36 6.35 -62.04
CA HIS G 88 11.81 6.18 -62.37
C HIS G 88 12.23 4.71 -62.28
N ASP G 89 11.54 3.88 -61.48
CA ASP G 89 11.93 2.47 -61.22
C ASP G 89 11.65 1.62 -62.48
N GLY G 90 10.84 2.15 -63.40
CA GLY G 90 10.55 1.56 -64.71
C GLY G 90 9.43 0.53 -64.65
N PHE G 91 8.76 0.39 -63.51
CA PHE G 91 7.67 -0.59 -63.29
C PHE G 91 6.34 0.06 -63.69
N ALA G 92 5.72 -0.47 -64.74
CA ALA G 92 4.44 0.06 -65.28
C ALA G 92 3.30 -0.33 -64.33
N MET G 93 2.34 0.59 -64.12
CA MET G 93 1.15 0.35 -63.26
C MET G 93 -0.09 0.14 -64.13
N TYR G 94 0.14 -0.34 -65.37
CA TYR G 94 -0.91 -0.72 -66.35
C TYR G 94 -0.45 -2.01 -67.05
N HIS G 95 -1.31 -2.63 -67.85
CA HIS G 95 -0.98 -3.89 -68.59
C HIS G 95 -0.21 -3.53 -69.86
N SER G 96 1.12 -3.60 -69.82
CA SER G 96 2.00 -3.18 -70.94
C SER G 96 2.30 -4.37 -71.87
N LYS G 97 1.84 -4.32 -73.12
CA LYS G 97 2.16 -5.35 -74.15
C LYS G 97 3.68 -5.48 -74.28
N VAL G 98 4.39 -4.34 -74.21
CA VAL G 98 5.84 -4.16 -74.52
C VAL G 98 6.72 -4.74 -73.40
N ASP G 99 6.30 -4.65 -72.14
CA ASP G 99 7.17 -4.99 -70.99
C ASP G 99 6.36 -5.71 -69.91
N ALA G 100 6.78 -6.93 -69.59
CA ALA G 100 6.18 -7.84 -68.57
C ALA G 100 6.45 -7.32 -67.16
N TYR G 101 7.28 -6.27 -67.01
CA TYR G 101 7.63 -5.63 -65.72
C TYR G 101 6.52 -4.61 -65.38
N ASN G 102 5.33 -5.14 -65.08
CA ASN G 102 4.11 -4.34 -64.87
C ASN G 102 3.20 -5.02 -63.83
N VAL G 103 2.24 -4.25 -63.31
CA VAL G 103 1.37 -4.59 -62.15
C VAL G 103 0.46 -5.78 -62.49
N TYR G 104 0.10 -5.94 -63.77
CA TYR G 104 -0.80 -7.01 -64.26
C TYR G 104 -0.07 -8.35 -64.35
N ASP G 105 1.12 -8.37 -64.97
CA ASP G 105 1.84 -9.61 -65.32
C ASP G 105 2.71 -10.08 -64.16
N ALA G 106 3.28 -9.15 -63.37
CA ALA G 106 4.35 -9.46 -62.39
C ALA G 106 3.79 -9.68 -60.99
N THR G 107 2.53 -9.32 -60.69
CA THR G 107 1.99 -9.29 -59.30
C THR G 107 0.80 -10.22 -59.13
N PRO G 108 0.60 -10.83 -57.94
CA PRO G 108 -0.57 -11.66 -57.70
C PRO G 108 -1.87 -10.83 -57.79
N PHE G 109 -1.81 -9.52 -57.56
CA PHE G 109 -3.01 -8.65 -57.67
C PHE G 109 -3.60 -8.81 -59.09
N HIS G 110 -2.72 -8.86 -60.10
CA HIS G 110 -3.04 -9.23 -61.51
C HIS G 110 -4.23 -8.41 -61.99
N ARG G 111 -4.15 -7.09 -61.83
CA ARG G 111 -5.16 -6.11 -62.28
C ARG G 111 -4.48 -4.83 -62.81
N ASP G 112 -5.21 -4.08 -63.65
CA ASP G 112 -4.75 -2.85 -64.34
C ASP G 112 -5.22 -1.61 -63.56
N ILE G 113 -4.37 -1.12 -62.66
CA ILE G 113 -4.64 0.06 -61.77
C ILE G 113 -5.13 1.24 -62.63
N ILE G 114 -4.39 1.58 -63.68
CA ILE G 114 -4.70 2.76 -64.55
C ILE G 114 -6.08 2.56 -65.18
N GLY G 115 -6.38 1.36 -65.67
CA GLY G 115 -7.70 1.03 -66.26
C GLY G 115 -8.84 1.30 -65.29
N GLU G 116 -8.70 0.83 -64.04
CA GLU G 116 -9.75 0.96 -63.01
C GLU G 116 -9.98 2.45 -62.70
N LEU G 117 -8.90 3.21 -62.53
CA LEU G 117 -8.99 4.66 -62.21
C LEU G 117 -9.60 5.41 -63.40
N ALA G 118 -9.16 5.07 -64.61
CA ALA G 118 -9.68 5.63 -65.87
C ALA G 118 -11.22 5.51 -65.89
N GLU G 119 -11.72 4.34 -65.53
CA GLU G 119 -13.17 4.01 -65.56
C GLU G 119 -13.90 4.79 -64.46
N ALA G 120 -13.39 4.71 -63.23
CA ALA G 120 -13.94 5.40 -62.05
C ALA G 120 -14.06 6.91 -62.34
N CYS G 121 -12.99 7.51 -62.88
CA CYS G 121 -12.94 8.95 -63.28
C CYS G 121 -14.03 9.23 -64.32
N GLN G 122 -14.02 8.46 -65.41
CA GLN G 122 -14.99 8.56 -66.53
C GLN G 122 -16.41 8.60 -65.95
N LYS G 123 -16.72 7.72 -65.00
CA LYS G 123 -18.08 7.57 -64.42
C LYS G 123 -18.44 8.75 -63.52
N ALA G 124 -17.47 9.27 -62.76
CA ALA G 124 -17.70 10.31 -61.73
C ALA G 124 -17.77 11.70 -62.35
N GLY G 125 -17.35 11.82 -63.62
CA GLY G 125 -17.27 13.11 -64.34
C GLY G 125 -15.93 13.80 -64.12
N LEU G 126 -14.94 13.11 -63.56
CA LEU G 126 -13.57 13.66 -63.31
C LEU G 126 -12.72 13.43 -64.57
N LYS G 127 -11.94 14.43 -64.98
CA LYS G 127 -10.93 14.28 -66.06
C LYS G 127 -9.80 13.38 -65.57
N PHE G 128 -9.07 12.76 -66.49
CA PHE G 128 -8.02 11.77 -66.17
C PHE G 128 -6.72 12.18 -66.87
N GLY G 129 -5.60 12.20 -66.12
CA GLY G 129 -4.27 12.54 -66.64
C GLY G 129 -3.25 11.49 -66.27
N LEU G 130 -2.14 11.43 -67.00
CA LEU G 130 -1.12 10.36 -66.87
C LEU G 130 0.26 10.96 -66.66
N TYR G 131 1.03 10.39 -65.75
CA TYR G 131 2.44 10.72 -65.45
C TYR G 131 3.30 9.57 -66.00
N TYR G 132 4.28 9.86 -66.84
CA TYR G 132 5.23 8.85 -67.34
C TYR G 132 6.65 9.38 -67.18
N SER G 133 7.57 8.58 -66.64
CA SER G 133 9.02 8.88 -66.59
C SER G 133 9.64 8.56 -67.95
N GLN G 134 9.75 9.56 -68.83
CA GLN G 134 10.17 9.38 -70.25
C GLN G 134 11.70 9.30 -70.37
N ASP G 135 12.44 9.61 -69.31
CA ASP G 135 13.92 9.75 -69.35
C ASP G 135 14.55 8.68 -68.46
N LEU G 136 14.32 8.78 -67.14
CA LEU G 136 14.89 7.84 -66.15
C LEU G 136 14.13 6.53 -66.24
N ASP G 137 14.84 5.39 -66.23
CA ASP G 137 14.22 4.04 -66.14
C ASP G 137 15.25 3.04 -65.60
N TRP G 138 15.15 2.70 -64.32
CA TRP G 138 16.22 1.99 -63.57
C TRP G 138 16.22 0.50 -63.90
N HIS G 139 15.16 0.01 -64.55
CA HIS G 139 15.01 -1.42 -64.94
C HIS G 139 15.67 -1.66 -66.30
N ASP G 140 15.92 -0.59 -67.06
CA ASP G 140 16.42 -0.64 -68.46
C ASP G 140 17.92 -0.38 -68.51
N PRO G 141 18.73 -1.24 -69.18
CA PRO G 141 20.18 -1.03 -69.24
C PRO G 141 20.58 0.33 -69.82
N ASN G 142 19.72 0.92 -70.67
CA ASN G 142 19.99 2.19 -71.36
C ASN G 142 19.04 3.27 -70.85
N GLY G 143 18.55 3.12 -69.62
CA GLY G 143 17.74 4.15 -68.95
C GLY G 143 18.52 5.45 -68.82
N GLY G 144 17.83 6.59 -68.86
CA GLY G 144 18.45 7.93 -68.89
C GLY G 144 19.10 8.33 -67.57
N GLY G 145 19.87 9.43 -67.63
CA GLY G 145 20.46 10.11 -66.45
C GLY G 145 21.93 9.79 -66.28
N TYR G 146 22.52 9.03 -67.20
CA TYR G 146 23.94 8.60 -67.11
C TYR G 146 24.87 9.74 -67.53
N LYS G 147 24.34 10.89 -67.96
CA LYS G 147 25.18 12.07 -68.34
C LYS G 147 25.05 13.16 -67.27
N SER G 148 24.28 12.93 -66.20
CA SER G 148 23.74 14.00 -65.30
C SER G 148 24.26 13.89 -63.87
N ASN G 149 25.25 13.04 -63.60
CA ASN G 149 25.58 12.61 -62.19
C ASN G 149 26.57 13.58 -61.53
N ASP G 150 26.80 14.77 -62.13
CA ASP G 150 27.54 15.89 -61.49
C ASP G 150 26.56 16.71 -60.62
N VAL G 151 25.27 16.35 -60.57
CA VAL G 151 24.23 16.98 -59.69
C VAL G 151 23.69 15.87 -58.78
N GLU G 152 23.52 16.18 -57.47
CA GLU G 152 22.98 15.25 -56.44
C GLU G 152 21.49 15.03 -56.66
N THR G 153 20.96 13.91 -56.15
CA THR G 153 19.55 13.44 -56.34
C THR G 153 18.92 13.06 -54.99
N ALA G 154 17.64 12.69 -55.01
CA ALA G 154 16.89 12.14 -53.85
C ALA G 154 17.27 10.67 -53.60
N GLY G 155 18.13 10.07 -54.45
CA GLY G 155 18.70 8.72 -54.24
C GLY G 155 20.22 8.78 -54.22
N THR G 156 20.88 7.97 -55.06
CA THR G 156 22.34 8.07 -55.34
C THR G 156 22.49 8.74 -56.72
N THR G 157 22.55 7.96 -57.79
CA THR G 157 22.70 8.45 -59.19
C THR G 157 21.31 8.58 -59.83
N TRP G 158 21.22 9.41 -60.89
CA TRP G 158 19.99 9.58 -61.71
C TRP G 158 19.63 8.28 -62.42
N ASP G 159 20.64 7.59 -62.95
CA ASP G 159 20.49 6.28 -63.67
C ASP G 159 20.69 5.14 -62.67
N ASN G 160 20.28 3.92 -63.03
CA ASN G 160 20.71 2.66 -62.37
C ASN G 160 22.17 2.42 -62.79
N SER G 161 23.11 2.83 -61.94
CA SER G 161 24.58 2.72 -62.16
C SER G 161 25.16 1.53 -61.38
N TRP G 162 24.31 0.68 -60.80
CA TRP G 162 24.75 -0.46 -59.97
C TRP G 162 24.58 -1.77 -60.76
N ASP G 163 23.37 -2.05 -61.27
CA ASP G 163 23.13 -3.20 -62.18
C ASP G 163 23.81 -2.92 -63.53
N PHE G 164 23.96 -1.65 -63.90
CA PHE G 164 24.50 -1.19 -65.21
C PHE G 164 25.65 -0.22 -64.96
N PRO G 165 26.81 -0.71 -64.47
CA PRO G 165 27.95 0.17 -64.14
C PRO G 165 28.67 0.85 -65.30
N ASP G 166 28.71 0.24 -66.49
CA ASP G 166 29.53 0.75 -67.64
C ASP G 166 28.85 1.99 -68.24
N GLU G 167 29.10 3.17 -67.66
CA GLU G 167 28.46 4.48 -68.02
C GLU G 167 28.67 4.78 -69.51
N ASP G 168 29.93 4.77 -69.97
CA ASP G 168 30.35 5.19 -71.34
C ASP G 168 29.71 4.30 -72.43
N GLN G 169 29.30 3.08 -72.10
CA GLN G 169 28.73 2.09 -73.07
C GLN G 169 27.22 2.24 -73.17
N LYS G 170 26.59 3.07 -72.32
CA LYS G 170 25.11 3.29 -72.33
C LYS G 170 24.69 4.10 -73.56
N ASN G 171 23.43 3.95 -73.98
CA ASN G 171 22.88 4.54 -75.23
C ASN G 171 21.36 4.62 -75.12
N PHE G 172 20.86 5.79 -74.70
CA PHE G 172 19.44 6.06 -74.38
C PHE G 172 18.51 5.78 -75.57
N ASP G 173 19.02 5.90 -76.81
CA ASP G 173 18.23 5.66 -78.05
C ASP G 173 17.56 4.28 -77.95
N LEU G 174 18.32 3.25 -77.53
CA LEU G 174 17.83 1.84 -77.47
C LEU G 174 16.63 1.77 -76.52
N CYS G 175 16.72 2.40 -75.34
CA CYS G 175 15.65 2.47 -74.32
C CYS G 175 14.47 3.31 -74.84
N PHE G 176 14.73 4.45 -75.48
CA PHE G 176 13.68 5.36 -76.02
C PHE G 176 12.84 4.61 -77.07
N ASP G 177 13.52 3.96 -78.02
CA ASP G 177 12.92 3.32 -79.22
C ASP G 177 12.15 2.07 -78.81
N ASN G 178 12.64 1.31 -77.83
CA ASN G 178 12.14 -0.07 -77.54
C ASN G 178 11.21 -0.08 -76.30
N LYS G 179 11.20 0.98 -75.48
CA LYS G 179 10.36 1.00 -74.25
C LYS G 179 9.59 2.32 -74.12
N ILE G 180 10.27 3.48 -74.10
CA ILE G 180 9.61 4.77 -73.75
C ILE G 180 8.48 5.03 -74.75
N LEU G 181 8.79 5.15 -76.04
CA LEU G 181 7.80 5.60 -77.05
C LEU G 181 6.70 4.54 -77.20
N PRO G 182 7.04 3.24 -77.29
CA PRO G 182 5.99 2.20 -77.27
C PRO G 182 5.04 2.37 -76.07
N GLN G 183 5.57 2.50 -74.85
CA GLN G 183 4.74 2.59 -73.60
C GLN G 183 3.86 3.85 -73.63
N ILE G 184 4.39 4.99 -74.10
CA ILE G 184 3.62 6.27 -74.22
C ILE G 184 2.44 6.05 -75.18
N LYS G 185 2.69 5.35 -76.30
CA LYS G 185 1.64 5.02 -77.30
C LYS G 185 0.55 4.16 -76.64
N GLU G 186 0.93 3.21 -75.78
CA GLU G 186 -0.05 2.27 -75.13
C GLU G 186 -1.00 3.09 -74.24
N ILE G 187 -0.45 3.89 -73.33
CA ILE G 187 -1.23 4.66 -72.29
C ILE G 187 -2.09 5.73 -72.99
N MET G 188 -1.61 6.29 -74.09
CA MET G 188 -2.34 7.33 -74.88
C MET G 188 -3.33 6.68 -75.86
N SER G 189 -3.43 5.35 -75.91
CA SER G 189 -4.31 4.59 -76.85
C SER G 189 -5.43 3.88 -76.10
N ASN G 190 -5.06 3.11 -75.08
CA ASN G 190 -6.00 2.42 -74.15
C ASN G 190 -6.44 3.48 -73.14
N TYR G 191 -7.45 3.22 -72.31
CA TYR G 191 -7.77 4.10 -71.14
C TYR G 191 -8.48 5.40 -71.55
N GLY G 192 -9.01 5.47 -72.78
CA GLY G 192 -9.95 6.55 -73.19
C GLY G 192 -9.30 7.91 -73.31
N ASP G 193 -10.13 8.96 -73.34
CA ASP G 193 -9.73 10.39 -73.38
C ASP G 193 -8.74 10.69 -72.24
N ILE G 194 -7.63 11.35 -72.54
CA ILE G 194 -6.60 11.80 -71.56
C ILE G 194 -6.56 13.35 -71.57
N ALA G 195 -6.94 13.99 -70.47
CA ALA G 195 -7.05 15.46 -70.32
C ALA G 195 -5.66 16.10 -70.15
N THR G 196 -4.71 15.40 -69.54
CA THR G 196 -3.42 15.95 -69.04
C THR G 196 -2.30 14.91 -69.19
N ALA G 197 -1.14 15.33 -69.67
CA ALA G 197 0.05 14.47 -69.83
C ALA G 197 1.20 15.09 -69.05
N TRP G 198 1.76 14.34 -68.11
CA TRP G 198 2.70 14.85 -67.07
C TRP G 198 4.04 14.13 -67.22
N PHE G 199 5.07 14.78 -67.76
CA PHE G 199 6.40 14.16 -68.02
C PHE G 199 7.37 14.63 -66.94
N ALA G 200 8.43 13.85 -66.76
CA ALA G 200 9.53 14.06 -65.79
C ALA G 200 10.49 15.09 -66.35
N VAL G 201 11.49 15.44 -65.55
CA VAL G 201 12.53 16.43 -65.94
C VAL G 201 13.48 15.71 -66.90
N PRO G 202 13.57 16.17 -68.16
CA PRO G 202 14.42 15.51 -69.15
C PRO G 202 15.88 15.94 -68.99
N MET G 203 16.81 15.02 -69.20
CA MET G 203 18.26 15.24 -69.05
C MET G 203 19.00 14.56 -70.19
N THR G 204 18.57 13.36 -70.58
CA THR G 204 19.21 12.50 -71.62
C THR G 204 18.53 12.71 -72.98
N LEU G 205 17.21 12.88 -73.02
CA LEU G 205 16.38 13.10 -74.25
C LEU G 205 17.06 14.12 -75.17
N SER G 206 17.15 13.82 -76.47
CA SER G 206 17.46 14.80 -77.54
C SER G 206 16.22 15.65 -77.82
N GLU G 207 16.40 16.79 -78.48
CA GLU G 207 15.32 17.67 -79.01
C GLU G 207 14.40 16.82 -79.90
N ALA G 208 14.98 15.96 -80.76
CA ALA G 208 14.25 15.05 -81.67
C ALA G 208 13.29 14.18 -80.85
N GLN G 209 13.83 13.45 -79.87
CA GLN G 209 13.10 12.48 -79.02
C GLN G 209 11.93 13.19 -78.30
N SER G 210 12.11 14.45 -77.91
CA SER G 210 11.08 15.27 -77.23
C SER G 210 9.95 15.63 -78.21
N GLN G 211 10.32 16.02 -79.43
CA GLN G 211 9.37 16.38 -80.52
C GLN G 211 8.47 15.17 -80.82
N THR G 212 9.09 14.00 -80.94
CA THR G 212 8.41 12.69 -81.20
C THR G 212 7.30 12.50 -80.16
N ILE G 213 7.66 12.57 -78.87
CA ILE G 213 6.67 12.37 -77.76
C ILE G 213 5.54 13.38 -77.96
N TYR G 214 5.89 14.64 -78.21
CA TYR G 214 4.90 15.74 -78.35
C TYR G 214 3.90 15.39 -79.46
N ASP G 215 4.42 15.11 -80.66
CA ASP G 215 3.62 14.78 -81.86
C ASP G 215 2.78 13.51 -81.60
N THR G 216 3.35 12.51 -80.94
CA THR G 216 2.68 11.22 -80.60
C THR G 216 1.44 11.51 -79.74
N VAL G 217 1.60 12.30 -78.69
CA VAL G 217 0.49 12.64 -77.75
C VAL G 217 -0.56 13.45 -78.54
N ARG G 218 -0.10 14.43 -79.30
CA ARG G 218 -0.97 15.32 -80.14
C ARG G 218 -1.87 14.47 -81.04
N GLU G 219 -1.27 13.51 -81.76
CA GLU G 219 -1.97 12.61 -82.71
C GLU G 219 -2.98 11.71 -81.98
N LEU G 220 -2.53 11.00 -80.94
CA LEU G 220 -3.33 9.95 -80.23
C LEU G 220 -4.40 10.60 -79.35
N GLN G 221 -4.11 11.78 -78.78
CA GLN G 221 -4.97 12.44 -77.76
C GLN G 221 -5.05 13.94 -78.05
N PRO G 222 -5.67 14.34 -79.18
CA PRO G 222 -5.68 15.72 -79.63
C PRO G 222 -5.94 16.80 -78.57
N ASN G 223 -6.81 16.54 -77.60
CA ASN G 223 -7.27 17.56 -76.61
C ASN G 223 -6.50 17.49 -75.30
N CYS G 224 -5.55 16.56 -75.17
CA CYS G 224 -4.65 16.41 -73.99
C CYS G 224 -3.73 17.63 -73.87
N LEU G 225 -3.73 18.26 -72.70
CA LEU G 225 -2.82 19.39 -72.33
C LEU G 225 -1.54 18.78 -71.76
N ILE G 226 -0.39 19.18 -72.32
CA ILE G 226 0.95 18.62 -72.01
C ILE G 226 1.69 19.60 -71.10
N ASN G 227 2.28 19.11 -70.01
CA ASN G 227 2.99 19.95 -69.01
C ASN G 227 4.33 20.40 -69.59
N SER G 228 4.92 21.44 -69.00
CA SER G 228 6.12 22.16 -69.51
C SER G 228 7.38 21.31 -69.34
N ARG G 229 7.34 20.27 -68.52
CA ARG G 229 8.54 19.44 -68.17
C ARG G 229 8.94 18.52 -69.34
N LEU G 230 8.26 18.58 -70.49
CA LEU G 230 8.59 17.72 -71.65
C LEU G 230 9.79 18.33 -72.39
N GLY G 231 9.68 19.61 -72.79
CA GLY G 231 10.69 20.38 -73.54
C GLY G 231 10.13 21.72 -74.01
N ASN G 232 11.00 22.72 -74.16
CA ASN G 232 10.61 24.13 -74.47
C ASN G 232 9.80 24.15 -75.77
N GLY G 233 8.64 24.82 -75.78
CA GLY G 233 7.79 24.97 -76.98
C GLY G 233 6.97 23.71 -77.29
N LYS G 234 7.07 22.69 -76.42
CA LYS G 234 6.37 21.38 -76.55
C LYS G 234 5.46 21.18 -75.33
N TYR G 235 4.63 22.19 -74.99
CA TYR G 235 3.72 22.14 -73.82
C TYR G 235 2.51 23.07 -74.00
N ASP G 236 1.42 22.79 -73.27
CA ASP G 236 0.16 23.60 -73.28
C ASP G 236 0.00 24.35 -71.96
N PHE G 237 0.60 23.86 -70.86
CA PHE G 237 0.57 24.54 -69.53
C PHE G 237 1.93 24.41 -68.84
N VAL G 238 2.21 25.38 -67.96
CA VAL G 238 3.50 25.50 -67.21
C VAL G 238 3.33 24.82 -65.85
N SER G 239 4.21 23.88 -65.52
CA SER G 239 4.39 23.33 -64.15
C SER G 239 5.32 24.26 -63.39
N LEU G 240 4.80 24.98 -62.40
CA LEU G 240 5.57 25.91 -61.54
C LEU G 240 6.04 25.15 -60.30
N GLY G 241 7.32 25.25 -59.94
CA GLY G 241 7.82 24.95 -58.58
C GLY G 241 7.41 26.04 -57.61
N ASP G 242 7.25 25.74 -56.31
CA ASP G 242 6.75 26.72 -55.29
C ASP G 242 7.56 28.02 -55.40
N ASN G 243 8.87 27.87 -55.55
CA ASN G 243 9.88 28.97 -55.65
C ASN G 243 9.69 29.78 -56.94
N GLU G 244 8.68 29.48 -57.77
CA GLU G 244 8.47 30.15 -59.08
C GLU G 244 7.14 30.89 -59.14
N ILE G 245 6.31 30.88 -58.09
CA ILE G 245 4.98 31.56 -58.12
C ILE G 245 5.20 33.09 -58.06
N PRO G 246 4.65 33.86 -59.03
CA PRO G 246 5.29 35.11 -59.45
C PRO G 246 5.29 36.26 -58.42
N PRO G 267 7.22 31.07 -71.09
CA PRO G 267 5.91 31.61 -71.43
C PRO G 267 4.77 30.59 -71.22
N SER G 268 3.56 31.11 -70.97
CA SER G 268 2.29 30.33 -70.98
C SER G 268 1.34 30.83 -72.05
N PRO G 269 1.38 30.29 -73.30
CA PRO G 269 0.13 30.11 -74.07
C PRO G 269 -0.72 28.96 -73.48
N GLY G 271 -2.35 30.70 -71.11
CA GLY G 271 -2.50 31.24 -69.74
C GLY G 271 -2.85 30.15 -68.74
N LEU G 272 -2.20 28.98 -68.87
CA LEU G 272 -2.49 27.75 -68.09
C LEU G 272 -1.30 27.44 -67.18
N TYR G 273 -1.59 27.19 -65.89
CA TYR G 273 -0.58 27.03 -64.82
C TYR G 273 -1.04 25.97 -63.81
N GLU G 274 -0.06 25.23 -63.29
CA GLU G 274 -0.29 24.18 -62.27
C GLU G 274 0.94 24.08 -61.38
N THR G 275 0.74 24.05 -60.06
CA THR G 275 1.77 23.67 -59.08
C THR G 275 1.36 22.37 -58.41
N ALA G 276 2.27 21.39 -58.41
CA ALA G 276 2.08 20.07 -57.76
C ALA G 276 2.69 20.18 -56.37
N GLY G 277 2.00 19.63 -55.38
CA GLY G 277 2.48 19.42 -54.00
C GLY G 277 2.06 18.08 -53.45
N THR G 278 2.69 17.68 -52.37
CA THR G 278 2.35 16.46 -51.59
C THR G 278 1.92 16.92 -50.18
N ILE G 279 1.18 16.09 -49.46
CA ILE G 279 0.55 16.46 -48.15
C ILE G 279 1.59 16.35 -47.04
N ASN G 280 2.38 15.27 -47.00
CA ASN G 280 3.62 15.24 -46.18
C ASN G 280 4.76 15.69 -47.10
N ASP G 281 5.97 15.16 -46.91
CA ASP G 281 7.19 15.61 -47.64
C ASP G 281 7.61 14.58 -48.69
N SER G 282 6.90 13.46 -48.80
CA SER G 282 7.20 12.37 -49.76
C SER G 282 6.07 12.30 -50.79
N TRP G 283 6.40 11.90 -52.02
CA TRP G 283 5.38 11.65 -53.06
C TRP G 283 4.88 10.22 -52.88
N GLY G 284 5.82 9.28 -52.80
CA GLY G 284 5.50 7.89 -52.45
C GLY G 284 5.22 7.76 -50.97
N PHE G 285 4.45 6.74 -50.60
CA PHE G 285 4.08 6.44 -49.19
C PHE G 285 5.36 6.14 -48.39
N SER G 286 5.39 6.64 -47.14
CA SER G 286 6.53 6.53 -46.18
C SER G 286 5.96 6.45 -44.76
N TYR G 287 6.12 5.32 -44.08
N TYR G 287 6.10 5.33 -44.05
CA TYR G 287 5.65 5.10 -42.68
CA TYR G 287 5.48 5.26 -42.69
C TYR G 287 6.26 6.17 -41.79
C TYR G 287 6.25 6.21 -41.77
N HIS G 288 7.56 6.41 -41.93
CA HIS G 288 8.33 7.32 -41.03
C HIS G 288 7.91 8.78 -41.22
N ASP G 289 7.34 9.17 -42.37
CA ASP G 289 6.96 10.59 -42.64
C ASP G 289 5.52 10.87 -42.17
N GLN G 290 5.36 11.36 -40.96
CA GLN G 290 4.05 11.80 -40.38
C GLN G 290 3.96 13.33 -40.38
N ASN G 291 4.74 14.02 -41.22
CA ASN G 291 4.79 15.51 -41.29
C ASN G 291 3.68 16.03 -42.22
N TRP G 292 2.44 15.67 -41.93
CA TRP G 292 1.24 16.06 -42.72
C TRP G 292 0.99 17.56 -42.58
N LYS G 293 0.93 18.28 -43.70
CA LYS G 293 0.46 19.69 -43.68
C LYS G 293 -0.96 19.74 -43.11
N THR G 294 -1.24 20.71 -42.25
CA THR G 294 -2.55 20.90 -41.57
C THR G 294 -3.61 21.32 -42.59
N PRO G 295 -4.89 21.06 -42.29
CA PRO G 295 -5.99 21.56 -43.12
C PRO G 295 -5.82 23.03 -43.53
N ARG G 296 -5.43 23.88 -42.59
CA ARG G 296 -5.32 25.34 -42.85
C ARG G 296 -4.20 25.63 -43.85
N THR G 297 -3.04 24.98 -43.70
CA THR G 297 -1.92 25.06 -44.68
C THR G 297 -2.43 24.67 -46.07
N LEU G 298 -3.11 23.53 -46.19
CA LEU G 298 -3.61 23.01 -47.49
C LEU G 298 -4.59 24.02 -48.09
N TYR G 299 -5.55 24.50 -47.31
CA TYR G 299 -6.61 25.42 -47.80
C TYR G 299 -5.99 26.76 -48.23
N ARG G 300 -5.16 27.35 -47.38
CA ARG G 300 -4.48 28.64 -47.64
C ARG G 300 -3.63 28.52 -48.92
N TYR G 301 -2.84 27.47 -49.06
CA TYR G 301 -1.96 27.30 -50.24
C TYR G 301 -2.84 27.23 -51.48
N LYS G 302 -3.90 26.43 -51.44
CA LYS G 302 -4.86 26.30 -52.58
C LYS G 302 -5.40 27.68 -52.95
N GLN G 303 -5.86 28.44 -51.97
CA GLN G 303 -6.48 29.78 -52.17
C GLN G 303 -5.46 30.73 -52.80
N HIS G 304 -4.19 30.65 -52.40
CA HIS G 304 -3.09 31.52 -52.90
C HIS G 304 -2.80 31.21 -54.36
N LEU G 305 -2.69 29.93 -54.71
CA LEU G 305 -2.46 29.48 -56.09
C LEU G 305 -3.65 29.89 -56.95
N ASN G 306 -4.87 29.56 -56.49
CA ASN G 306 -6.14 29.83 -57.23
C ASN G 306 -6.23 31.34 -57.52
N ASP G 307 -6.00 32.20 -56.52
CA ASP G 307 -6.03 33.69 -56.67
C ASP G 307 -5.08 34.14 -57.77
N PHE G 308 -3.99 33.41 -58.01
CA PHE G 308 -2.95 33.72 -59.04
C PHE G 308 -3.26 32.97 -60.36
N GLY G 309 -4.45 32.38 -60.50
CA GLY G 309 -4.85 31.61 -61.69
C GLY G 309 -4.01 30.38 -61.88
N ILE G 310 -3.61 29.72 -60.79
CA ILE G 310 -2.76 28.49 -60.80
C ILE G 310 -3.57 27.33 -60.21
N ASN G 311 -3.59 26.18 -60.89
CA ASN G 311 -4.23 24.93 -60.40
C ASN G 311 -3.33 24.28 -59.34
N TYR G 312 -3.93 23.77 -58.27
CA TYR G 312 -3.25 23.01 -57.19
C TYR G 312 -3.42 21.52 -57.47
N LEU G 313 -2.34 20.82 -57.77
CA LEU G 313 -2.34 19.34 -57.98
C LEU G 313 -1.73 18.70 -56.74
N LEU G 314 -2.59 18.16 -55.87
CA LEU G 314 -2.23 17.70 -54.51
C LEU G 314 -2.06 16.17 -54.52
N ASN G 315 -0.86 15.70 -54.22
CA ASN G 315 -0.45 14.28 -54.30
C ASN G 315 -0.98 13.50 -53.10
N VAL G 316 -1.49 12.29 -53.36
CA VAL G 316 -1.67 11.24 -52.33
C VAL G 316 -0.75 10.08 -52.69
N GLY G 317 -0.06 9.51 -51.70
CA GLY G 317 0.82 8.34 -51.89
C GLY G 317 0.18 7.12 -51.28
N LEU G 318 -0.45 6.25 -52.09
CA LEU G 318 -1.25 5.10 -51.60
C LEU G 318 -0.33 4.12 -50.86
N ASP G 319 -0.87 3.47 -49.83
CA ASP G 319 -0.13 2.54 -48.93
C ASP G 319 -0.10 1.15 -49.57
N PRO G 320 0.63 0.17 -48.98
CA PRO G 320 0.75 -1.15 -49.56
C PRO G 320 -0.59 -1.89 -49.78
N LEU G 321 -1.66 -1.56 -49.07
CA LEU G 321 -2.99 -2.18 -49.27
C LEU G 321 -3.83 -1.34 -50.25
N GLY G 322 -3.27 -0.29 -50.84
CA GLY G 322 -3.96 0.57 -51.83
C GLY G 322 -4.87 1.62 -51.19
N ARG G 323 -4.55 2.03 -49.96
CA ARG G 323 -5.37 2.98 -49.18
C ARG G 323 -4.73 4.37 -49.23
N VAL G 324 -5.58 5.39 -49.33
CA VAL G 324 -5.26 6.77 -48.93
C VAL G 324 -4.97 6.74 -47.43
N PRO G 325 -3.75 7.13 -46.98
CA PRO G 325 -3.47 7.23 -45.55
C PRO G 325 -4.53 8.02 -44.77
N MET G 326 -4.89 7.52 -43.59
CA MET G 326 -5.97 8.06 -42.74
C MET G 326 -5.75 9.57 -42.54
N MET G 327 -4.52 9.98 -42.23
CA MET G 327 -4.24 11.41 -41.91
C MET G 327 -4.33 12.28 -43.17
N ALA G 328 -3.94 11.76 -44.34
CA ALA G 328 -4.10 12.46 -45.62
C ALA G 328 -5.61 12.66 -45.90
N GLU G 329 -6.42 11.63 -45.69
CA GLU G 329 -7.88 11.71 -45.96
C GLU G 329 -8.50 12.76 -45.02
N GLU G 330 -8.18 12.69 -43.71
CA GLU G 330 -8.68 13.64 -42.69
C GLU G 330 -8.34 15.09 -43.09
N ASN G 331 -7.08 15.32 -43.46
CA ASN G 331 -6.59 16.70 -43.73
C ASN G 331 -7.24 17.23 -45.02
N LEU G 332 -7.45 16.40 -46.03
CA LEU G 332 -8.11 16.82 -47.30
C LEU G 332 -9.55 17.25 -47.00
N LEU G 333 -10.27 16.45 -46.22
CA LEU G 333 -11.70 16.70 -45.93
C LEU G 333 -11.85 17.96 -45.06
N ALA G 334 -10.96 18.15 -44.09
CA ALA G 334 -11.01 19.31 -43.17
C ALA G 334 -10.62 20.59 -43.93
N ALA G 335 -9.67 20.51 -44.87
CA ALA G 335 -9.29 21.64 -45.75
C ALA G 335 -10.51 22.06 -46.58
N LYS G 336 -11.30 21.09 -47.04
CA LYS G 336 -12.52 21.36 -47.85
C LYS G 336 -13.56 22.07 -46.97
N ALA G 337 -13.70 21.64 -45.72
CA ALA G 337 -14.67 22.24 -44.77
C ALA G 337 -14.27 23.69 -44.50
N LEU G 338 -12.97 23.93 -44.28
CA LEU G 338 -12.42 25.31 -44.10
C LEU G 338 -12.76 26.14 -45.34
N GLU G 339 -12.51 25.60 -46.54
CA GLU G 339 -12.67 26.33 -47.83
C GLU G 339 -14.14 26.75 -48.01
N ASP G 340 -15.07 25.84 -47.75
CA ASP G 340 -16.53 26.06 -47.93
C ASP G 340 -17.03 27.10 -46.91
N GLU G 341 -16.62 26.96 -45.65
CA GLU G 341 -16.90 27.92 -44.57
C GLU G 341 -16.43 29.32 -45.03
N ALA G 342 -15.15 29.42 -45.40
CA ALA G 342 -14.53 30.67 -45.90
C ALA G 342 -15.36 31.25 -47.07
N ASN G 343 -15.78 30.43 -48.03
CA ASN G 343 -16.43 30.87 -49.29
C ASN G 343 -17.92 31.21 -49.08
N ARG G 344 -18.41 31.12 -47.84
CA ARG G 344 -19.75 31.66 -47.47
C ARG G 344 -19.56 33.01 -46.75
N LEU G 345 -18.50 33.19 -45.94
CA LEU G 345 -18.12 34.49 -45.32
C LEU G 345 -18.00 35.51 -46.45
N VAL H 5 -41.26 -29.31 16.57
CA VAL H 5 -41.72 -28.90 17.95
C VAL H 5 -41.22 -29.95 18.95
N ALA H 6 -41.52 -31.23 18.71
CA ALA H 6 -41.14 -32.35 19.60
C ALA H 6 -39.61 -32.38 19.73
N TRP H 7 -38.90 -32.35 18.60
CA TRP H 7 -37.42 -32.41 18.53
C TRP H 7 -36.81 -31.26 19.35
N PHE H 8 -37.32 -30.04 19.21
CA PHE H 8 -36.76 -28.83 19.87
C PHE H 8 -36.97 -28.91 21.38
N LYS H 9 -38.11 -29.43 21.83
CA LYS H 9 -38.44 -29.56 23.29
C LYS H 9 -37.44 -30.52 23.94
N GLN H 10 -36.78 -31.40 23.18
CA GLN H 10 -35.86 -32.43 23.74
C GLN H 10 -34.43 -32.22 23.25
N ALA H 11 -34.13 -31.12 22.57
CA ALA H 11 -32.80 -30.85 21.97
C ALA H 11 -31.78 -30.48 23.06
N LYS H 12 -32.17 -29.62 24.00
CA LYS H 12 -31.46 -29.30 25.27
C LYS H 12 -30.26 -28.37 25.04
N TYR H 13 -29.52 -28.58 23.95
CA TYR H 13 -28.13 -28.07 23.80
C TYR H 13 -27.84 -27.75 22.33
N GLY H 14 -27.40 -26.52 22.04
CA GLY H 14 -27.00 -26.09 20.70
C GLY H 14 -25.71 -25.28 20.75
N MET H 15 -24.90 -25.35 19.69
CA MET H 15 -23.71 -24.47 19.52
C MET H 15 -24.14 -23.24 18.71
N MET H 16 -23.73 -22.05 19.13
CA MET H 16 -23.90 -20.80 18.34
C MET H 16 -22.51 -20.39 17.86
N ILE H 17 -22.42 -19.72 16.71
CA ILE H 17 -21.13 -19.22 16.15
C ILE H 17 -21.27 -17.76 15.75
N HIS H 18 -20.46 -16.89 16.36
CA HIS H 18 -20.21 -15.49 15.91
C HIS H 18 -18.85 -15.45 15.22
N TRP H 19 -18.83 -14.96 14.00
CA TRP H 19 -17.61 -14.92 13.16
C TRP H 19 -17.81 -13.91 12.04
N GLY H 20 -16.79 -13.08 11.81
CA GLY H 20 -16.88 -11.98 10.84
C GLY H 20 -15.62 -11.17 10.79
N LEU H 21 -15.65 -10.01 10.13
CA LEU H 21 -14.46 -9.15 10.03
C LEU H 21 -14.04 -8.74 11.45
N TYR H 22 -15.01 -8.55 12.36
CA TYR H 22 -14.78 -8.15 13.78
C TYR H 22 -13.73 -9.07 14.42
N SER H 23 -13.79 -10.36 14.09
CA SER H 23 -12.90 -11.41 14.62
C SER H 23 -11.42 -11.10 14.36
N LEU H 24 -11.09 -10.45 13.24
CA LEU H 24 -9.67 -10.16 12.90
C LEU H 24 -9.12 -9.11 13.86
N LEU H 25 -9.93 -8.13 14.24
CA LEU H 25 -9.50 -7.05 15.17
C LEU H 25 -9.40 -7.62 16.59
N ALA H 26 -10.18 -8.66 16.91
CA ALA H 26 -10.05 -9.48 18.15
C ALA H 26 -10.08 -8.61 19.41
N GLY H 27 -11.01 -7.65 19.50
CA GLY H 27 -11.31 -6.92 20.75
C GLY H 27 -10.41 -5.72 20.97
N GLU H 28 -9.61 -5.37 19.97
CA GLU H 28 -8.53 -4.35 20.07
C GLU H 28 -8.58 -3.46 18.82
N TYR H 29 -8.45 -2.16 18.99
CA TYR H 29 -8.32 -1.20 17.86
C TYR H 29 -7.44 -0.03 18.29
N ARG H 30 -6.31 0.12 17.60
CA ARG H 30 -5.28 1.17 17.80
C ARG H 30 -4.97 1.36 19.28
N GLY H 31 -4.61 0.29 19.96
CA GLY H 31 -4.09 0.33 21.35
C GLY H 31 -5.20 0.43 22.39
N GLU H 32 -6.45 0.27 21.98
CA GLU H 32 -7.62 0.43 22.89
C GLU H 32 -8.58 -0.74 22.75
N SER H 33 -9.32 -0.96 23.83
CA SER H 33 -10.18 -2.14 24.07
C SER H 33 -11.59 -1.89 23.54
N SER H 34 -12.18 -2.90 22.90
CA SER H 34 -13.64 -2.94 22.65
C SER H 34 -14.34 -2.96 23.99
N SER H 35 -15.68 -2.85 23.99
CA SER H 35 -16.52 -3.26 25.16
C SER H 35 -16.43 -4.79 25.32
N ALA H 36 -17.15 -5.36 26.29
CA ALA H 36 -17.27 -6.82 26.46
C ALA H 36 -17.62 -7.50 25.13
N TYR H 37 -18.38 -6.80 24.28
CA TYR H 37 -18.84 -7.31 22.96
C TYR H 37 -17.88 -6.81 21.87
N ALA H 38 -16.91 -7.67 21.54
CA ALA H 38 -15.86 -7.42 20.53
C ALA H 38 -16.49 -7.30 19.14
N GLU H 39 -17.60 -8.00 18.87
CA GLU H 39 -18.30 -7.99 17.55
C GLU H 39 -18.90 -6.60 17.26
N TRP H 40 -19.07 -5.76 18.28
CA TRP H 40 -19.59 -4.37 18.19
C TRP H 40 -18.46 -3.36 17.94
N ILE H 41 -17.25 -3.84 17.62
CA ILE H 41 -16.03 -2.96 17.65
C ILE H 41 -16.18 -1.82 16.63
N GLN H 42 -16.83 -2.05 15.49
CA GLN H 42 -16.96 -1.00 14.44
C GLN H 42 -17.71 0.20 15.01
N SER H 43 -18.83 -0.05 15.68
CA SER H 43 -19.66 1.01 16.34
C SER H 43 -18.85 1.66 17.48
N LYS H 44 -18.16 0.84 18.26
CA LYS H 44 -17.36 1.27 19.44
C LYS H 44 -16.37 2.37 19.04
N PHE H 45 -15.68 2.22 17.92
CA PHE H 45 -14.61 3.14 17.46
C PHE H 45 -15.05 3.95 16.22
N GLN H 46 -16.28 3.77 15.75
CA GLN H 46 -16.83 4.48 14.57
C GLN H 46 -15.83 4.32 13.41
N ILE H 47 -15.43 3.09 13.14
CA ILE H 47 -14.47 2.76 12.05
C ILE H 47 -15.20 2.96 10.72
N PRO H 48 -14.75 3.89 9.86
CA PRO H 48 -15.39 4.08 8.56
C PRO H 48 -15.48 2.77 7.75
N ASN H 49 -16.57 2.60 7.00
CA ASN H 49 -16.84 1.39 6.16
C ASN H 49 -15.62 1.09 5.29
N ALA H 50 -15.04 2.11 4.65
CA ALA H 50 -13.84 1.99 3.78
C ALA H 50 -12.74 1.19 4.51
N GLU H 51 -12.38 1.58 5.74
CA GLU H 51 -11.28 0.94 6.52
C GLU H 51 -11.73 -0.44 7.04
N TYR H 52 -12.89 -0.50 7.68
CA TYR H 52 -13.42 -1.75 8.29
C TYR H 52 -13.57 -2.82 7.19
N GLY H 53 -14.22 -2.47 6.08
CA GLY H 53 -14.44 -3.37 4.93
C GLY H 53 -13.13 -3.93 4.41
N ASN H 54 -12.06 -3.15 4.49
CA ASN H 54 -10.71 -3.55 4.02
C ASN H 54 -10.22 -4.79 4.78
N LEU H 55 -10.75 -5.06 5.98
CA LEU H 55 -10.43 -6.29 6.74
C LEU H 55 -10.71 -7.52 5.87
N ALA H 56 -11.69 -7.45 4.97
CA ALA H 56 -12.03 -8.55 4.02
C ALA H 56 -10.78 -9.00 3.27
N THR H 57 -9.89 -8.06 2.92
CA THR H 57 -8.65 -8.35 2.13
C THR H 57 -7.69 -9.19 2.98
N ALA H 58 -7.83 -9.17 4.31
CA ALA H 58 -6.91 -9.90 5.23
C ALA H 58 -7.57 -11.17 5.76
N PHE H 59 -8.82 -11.46 5.40
CA PHE H 59 -9.60 -12.61 5.94
C PHE H 59 -9.23 -13.89 5.19
N ASN H 60 -8.35 -14.71 5.77
CA ASN H 60 -7.83 -15.96 5.16
C ASN H 60 -7.69 -17.05 6.22
N PRO H 61 -8.81 -17.50 6.83
CA PRO H 61 -8.76 -18.45 7.94
C PRO H 61 -8.37 -19.87 7.51
N LEU H 62 -7.07 -20.07 7.31
CA LEU H 62 -6.43 -21.32 6.86
C LEU H 62 -6.95 -22.55 7.63
N TYR H 63 -7.30 -22.43 8.91
CA TYR H 63 -7.59 -23.63 9.75
C TYR H 63 -9.11 -23.82 9.90
N PHE H 64 -9.96 -22.97 9.32
CA PHE H 64 -11.44 -23.17 9.35
C PHE H 64 -11.75 -24.56 8.82
N ASP H 65 -12.62 -25.29 9.51
CA ASP H 65 -12.92 -26.71 9.18
C ASP H 65 -14.30 -27.05 9.77
N ALA H 66 -15.35 -26.84 8.97
CA ALA H 66 -16.76 -27.07 9.32
C ALA H 66 -16.91 -28.47 9.92
N LYS H 67 -16.28 -29.47 9.30
CA LYS H 67 -16.42 -30.89 9.72
C LYS H 67 -15.99 -31.02 11.19
N LYS H 68 -14.85 -30.43 11.54
CA LYS H 68 -14.25 -30.54 12.90
C LYS H 68 -15.08 -29.76 13.93
N ILE H 69 -15.56 -28.57 13.56
CA ILE H 69 -16.44 -27.74 14.43
C ILE H 69 -17.70 -28.52 14.76
N VAL H 70 -18.30 -29.17 13.77
CA VAL H 70 -19.55 -29.96 13.97
C VAL H 70 -19.22 -31.20 14.80
N ALA H 71 -18.03 -31.78 14.64
CA ALA H 71 -17.58 -32.96 15.40
C ALA H 71 -17.55 -32.60 16.89
N LEU H 72 -16.99 -31.44 17.23
CA LEU H 72 -16.86 -30.95 18.62
C LEU H 72 -18.26 -30.78 19.23
N ALA H 73 -19.14 -30.07 18.53
CA ALA H 73 -20.52 -29.80 18.96
C ALA H 73 -21.20 -31.14 19.26
N LYS H 74 -21.04 -32.11 18.36
CA LYS H 74 -21.72 -33.43 18.47
C LYS H 74 -21.15 -34.20 19.67
N GLN H 75 -19.85 -34.07 19.91
CA GLN H 75 -19.15 -34.78 21.01
C GLN H 75 -19.61 -34.26 22.36
N CYS H 76 -20.06 -33.00 22.40
CA CYS H 76 -20.59 -32.30 23.60
C CYS H 76 -22.10 -32.54 23.76
N GLY H 77 -22.72 -33.32 22.88
CA GLY H 77 -24.16 -33.61 22.93
C GLY H 77 -25.02 -32.50 22.37
N MET H 78 -24.42 -31.48 21.72
CA MET H 78 -25.20 -30.43 21.00
C MET H 78 -25.90 -31.08 19.79
N GLN H 79 -27.19 -30.80 19.63
CA GLN H 79 -28.07 -31.43 18.62
C GLN H 79 -28.33 -30.46 17.48
N TYR H 80 -27.87 -29.22 17.60
CA TYR H 80 -28.06 -28.20 16.55
C TYR H 80 -26.99 -27.13 16.63
N LEU H 81 -26.93 -26.31 15.60
CA LEU H 81 -25.86 -25.29 15.41
C LEU H 81 -26.52 -24.06 14.78
N VAL H 82 -26.11 -22.86 15.22
CA VAL H 82 -26.72 -21.58 14.76
C VAL H 82 -25.58 -20.59 14.48
N VAL H 83 -25.48 -20.12 13.23
CA VAL H 83 -24.32 -19.30 12.75
C VAL H 83 -24.82 -17.91 12.37
N THR H 84 -23.99 -16.89 12.61
CA THR H 84 -24.17 -15.52 12.07
C THR H 84 -24.05 -15.58 10.55
N THR H 85 -25.15 -15.38 9.81
CA THR H 85 -25.14 -15.25 8.33
C THR H 85 -24.75 -13.81 7.98
N LYS H 86 -25.21 -12.87 8.81
CA LYS H 86 -24.85 -11.43 8.74
C LYS H 86 -25.20 -10.80 10.09
N HIS H 87 -24.21 -10.17 10.72
CA HIS H 87 -24.34 -9.47 12.01
C HIS H 87 -24.59 -8.00 11.73
N HIS H 88 -24.44 -7.13 12.73
CA HIS H 88 -24.75 -5.68 12.65
C HIS H 88 -23.84 -4.97 11.65
N ASP H 89 -22.64 -5.50 11.37
CA ASP H 89 -21.63 -4.82 10.49
C ASP H 89 -22.09 -4.90 9.03
N GLY H 90 -23.05 -5.79 8.74
CA GLY H 90 -23.71 -5.92 7.43
C GLY H 90 -22.94 -6.81 6.48
N PHE H 91 -21.87 -7.46 6.95
CA PHE H 91 -20.98 -8.33 6.13
C PHE H 91 -21.54 -9.75 6.14
N ALA H 92 -21.99 -10.23 4.99
CA ALA H 92 -22.60 -11.57 4.85
C ALA H 92 -21.49 -12.63 4.90
N MET H 93 -21.76 -13.76 5.58
CA MET H 93 -20.79 -14.89 5.71
C MET H 93 -21.23 -16.04 4.79
N TYR H 94 -21.97 -15.70 3.72
CA TYR H 94 -22.40 -16.61 2.64
C TYR H 94 -22.25 -15.88 1.30
N HIS H 95 -22.42 -16.58 0.18
CA HIS H 95 -22.28 -16.01 -1.17
C HIS H 95 -23.61 -15.32 -1.53
N SER H 96 -23.69 -13.99 -1.34
CA SER H 96 -24.94 -13.19 -1.54
C SER H 96 -25.00 -12.64 -2.96
N LYS H 97 -25.97 -13.09 -3.76
CA LYS H 97 -26.23 -12.54 -5.13
C LYS H 97 -26.42 -11.02 -5.02
N VAL H 98 -27.11 -10.55 -3.98
CA VAL H 98 -27.61 -9.15 -3.87
C VAL H 98 -26.50 -8.20 -3.41
N ASP H 99 -25.52 -8.67 -2.62
CA ASP H 99 -24.50 -7.78 -2.03
C ASP H 99 -23.12 -8.45 -2.06
N ALA H 100 -22.19 -7.81 -2.76
CA ALA H 100 -20.78 -8.23 -2.97
C ALA H 100 -19.97 -8.07 -1.68
N TYR H 101 -20.57 -7.47 -0.63
CA TYR H 101 -19.95 -7.28 0.72
C TYR H 101 -20.15 -8.58 1.51
N ASN H 102 -19.46 -9.64 1.07
CA ASN H 102 -19.62 -11.01 1.60
C ASN H 102 -18.29 -11.77 1.55
N VAL H 103 -18.22 -12.87 2.29
CA VAL H 103 -17.00 -13.68 2.56
C VAL H 103 -16.47 -14.31 1.27
N TYR H 104 -17.35 -14.61 0.31
CA TYR H 104 -17.02 -15.26 -0.98
C TYR H 104 -16.37 -14.26 -1.94
N ASP H 105 -16.99 -13.10 -2.12
CA ASP H 105 -16.60 -12.13 -3.18
C ASP H 105 -15.49 -11.20 -2.67
N ALA H 106 -15.48 -10.86 -1.37
CA ALA H 106 -14.65 -9.76 -0.83
C ALA H 106 -13.33 -10.27 -0.24
N THR H 107 -13.16 -11.58 -0.01
CA THR H 107 -12.01 -12.13 0.76
C THR H 107 -11.18 -13.11 -0.06
N PRO H 108 -9.85 -13.19 0.16
CA PRO H 108 -9.04 -14.18 -0.54
C PRO H 108 -9.46 -15.61 -0.19
N PHE H 109 -10.06 -15.83 0.98
CA PHE H 109 -10.56 -17.17 1.38
C PHE H 109 -11.51 -17.70 0.30
N HIS H 110 -12.36 -16.82 -0.22
CA HIS H 110 -13.24 -17.03 -1.41
C HIS H 110 -13.97 -18.36 -1.27
N ARG H 111 -14.65 -18.54 -0.13
CA ARG H 111 -15.48 -19.74 0.18
C ARG H 111 -16.75 -19.32 0.94
N ASP H 112 -17.77 -20.18 0.89
CA ASP H 112 -19.10 -19.96 1.53
C ASP H 112 -19.16 -20.68 2.88
N ILE H 113 -18.82 -19.97 3.97
CA ILE H 113 -18.80 -20.48 5.37
C ILE H 113 -20.12 -21.19 5.67
N ILE H 114 -21.25 -20.52 5.43
CA ILE H 114 -22.60 -21.05 5.76
C ILE H 114 -22.83 -22.36 4.99
N GLY H 115 -22.46 -22.40 3.72
CA GLY H 115 -22.61 -23.61 2.88
C GLY H 115 -21.86 -24.79 3.45
N GLU H 116 -20.61 -24.58 3.86
CA GLU H 116 -19.74 -25.66 4.40
C GLU H 116 -20.35 -26.19 5.71
N LEU H 117 -20.80 -25.29 6.59
CA LEU H 117 -21.39 -25.69 7.90
C LEU H 117 -22.71 -26.42 7.66
N ALA H 118 -23.53 -25.89 6.74
CA ALA H 118 -24.81 -26.50 6.32
C ALA H 118 -24.57 -27.97 5.95
N GLU H 119 -23.53 -28.24 5.15
CA GLU H 119 -23.20 -29.59 4.64
C GLU H 119 -22.69 -30.48 5.77
N ALA H 120 -21.72 -29.98 6.53
CA ALA H 120 -21.13 -30.69 7.70
C ALA H 120 -22.24 -31.11 8.67
N CYS H 121 -23.16 -30.18 9.01
CA CYS H 121 -24.33 -30.41 9.89
C CYS H 121 -25.21 -31.52 9.30
N GLN H 122 -25.62 -31.33 8.04
CA GLN H 122 -26.49 -32.28 7.29
C GLN H 122 -25.89 -33.68 7.42
N LYS H 123 -24.58 -33.83 7.24
CA LYS H 123 -23.89 -35.14 7.24
C LYS H 123 -23.82 -35.74 8.65
N ALA H 124 -23.61 -34.92 9.67
CA ALA H 124 -23.36 -35.37 11.06
C ALA H 124 -24.68 -35.69 11.77
N GLY H 125 -25.81 -35.28 11.19
CA GLY H 125 -27.15 -35.48 11.79
C GLY H 125 -27.54 -34.31 12.67
N LEU H 126 -26.80 -33.20 12.62
CA LEU H 126 -27.10 -31.98 13.43
C LEU H 126 -28.07 -31.09 12.63
N LYS H 127 -29.07 -30.52 13.28
CA LYS H 127 -29.97 -29.49 12.69
C LYS H 127 -29.18 -28.19 12.51
N PHE H 128 -29.62 -27.34 11.60
CA PHE H 128 -28.90 -26.10 11.19
C PHE H 128 -29.84 -24.90 11.32
N GLY H 129 -29.37 -23.85 11.98
CA GLY H 129 -30.15 -22.60 12.19
C GLY H 129 -29.35 -21.39 11.79
N LEU H 130 -30.02 -20.29 11.48
CA LEU H 130 -29.39 -19.06 10.95
C LEU H 130 -29.75 -17.85 11.82
N TYR H 131 -28.76 -17.02 12.07
CA TYR H 131 -28.89 -15.69 12.71
C TYR H 131 -28.74 -14.63 11.60
N TYR H 132 -29.70 -13.72 11.48
CA TYR H 132 -29.60 -12.56 10.54
C TYR H 132 -29.97 -11.29 11.32
N SER H 133 -29.14 -10.25 11.22
CA SER H 133 -29.44 -8.90 11.74
C SER H 133 -30.39 -8.19 10.77
N GLN H 134 -31.70 -8.27 11.02
CA GLN H 134 -32.76 -7.81 10.07
C GLN H 134 -32.98 -6.29 10.22
N ASP H 135 -32.40 -5.65 11.25
CA ASP H 135 -32.65 -4.23 11.57
C ASP H 135 -31.37 -3.42 11.36
N LEU H 136 -30.36 -3.68 12.19
CA LEU H 136 -29.07 -2.94 12.18
C LEU H 136 -28.25 -3.43 10.99
N ASP H 137 -27.66 -2.50 10.24
CA ASP H 137 -26.72 -2.82 9.12
C ASP H 137 -25.81 -1.62 8.87
N TRP H 138 -24.59 -1.67 9.37
CA TRP H 138 -23.69 -0.48 9.46
C TRP H 138 -23.06 -0.18 8.09
N HIS H 139 -23.17 -1.10 7.14
CA HIS H 139 -22.63 -0.94 5.76
C HIS H 139 -23.64 -0.22 4.87
N ASP H 140 -24.91 -0.17 5.28
CA ASP H 140 -26.04 0.33 4.46
C ASP H 140 -26.41 1.76 4.89
N PRO H 141 -26.53 2.74 3.96
CA PRO H 141 -26.88 4.11 4.34
C PRO H 141 -28.19 4.22 5.12
N ASN H 142 -29.10 3.27 4.92
CA ASN H 142 -30.45 3.28 5.55
C ASN H 142 -30.57 2.10 6.53
N GLY H 143 -29.44 1.64 7.07
CA GLY H 143 -29.44 0.63 8.13
C GLY H 143 -30.18 1.13 9.35
N GLY H 144 -30.82 0.23 10.10
CA GLY H 144 -31.71 0.54 11.23
C GLY H 144 -30.99 1.07 12.45
N GLY H 145 -31.77 1.59 13.41
CA GLY H 145 -31.31 2.01 14.76
C GLY H 145 -31.14 3.51 14.89
N TYR H 146 -31.48 4.27 13.86
CA TYR H 146 -31.31 5.75 13.85
C TYR H 146 -32.43 6.42 14.65
N LYS H 147 -33.43 5.66 15.15
CA LYS H 147 -34.54 6.21 15.97
C LYS H 147 -34.36 5.81 17.43
N SER H 148 -33.29 5.09 17.78
CA SER H 148 -33.12 4.35 19.06
C SER H 148 -31.95 4.87 19.89
N ASN H 149 -31.34 6.01 19.52
CA ASN H 149 -30.06 6.48 20.11
C ASN H 149 -30.42 7.37 21.30
N ASP H 150 -29.53 7.59 22.27
CA ASP H 150 -29.88 8.15 23.62
C ASP H 150 -30.36 7.03 24.56
N VAL H 151 -30.41 5.77 24.08
CA VAL H 151 -30.28 4.53 24.93
C VAL H 151 -28.97 3.83 24.50
N GLU H 152 -28.13 3.47 25.49
CA GLU H 152 -26.67 3.20 25.30
C GLU H 152 -26.52 1.81 24.67
N THR H 153 -25.38 1.56 24.00
CA THR H 153 -25.06 0.29 23.28
C THR H 153 -23.69 -0.25 23.71
N ALA H 154 -23.33 -1.43 23.22
CA ALA H 154 -22.00 -2.07 23.35
C ALA H 154 -20.97 -1.39 22.42
N GLY H 155 -21.37 -0.42 21.60
CA GLY H 155 -20.49 0.41 20.78
C GLY H 155 -20.70 1.87 21.09
N THR H 156 -20.96 2.70 20.07
CA THR H 156 -21.43 4.11 20.22
C THR H 156 -22.94 4.13 19.93
N THR H 157 -23.35 4.36 18.68
CA THR H 157 -24.76 4.41 18.26
C THR H 157 -25.20 3.02 17.74
N TRP H 158 -26.51 2.79 17.71
CA TRP H 158 -27.15 1.58 17.15
C TRP H 158 -26.90 1.51 15.63
N ASP H 159 -27.03 2.65 14.94
CA ASP H 159 -26.81 2.79 13.48
C ASP H 159 -25.36 3.20 13.21
N ASN H 160 -24.90 3.07 11.96
CA ASN H 160 -23.66 3.74 11.48
C ASN H 160 -24.01 5.22 11.29
N SER H 161 -23.69 6.05 12.28
CA SER H 161 -23.97 7.50 12.32
C SER H 161 -22.72 8.31 11.96
N TRP H 162 -21.63 7.64 11.53
CA TRP H 162 -20.33 8.30 11.21
C TRP H 162 -20.18 8.41 9.69
N ASP H 163 -20.27 7.31 8.95
CA ASP H 163 -20.29 7.31 7.46
C ASP H 163 -21.61 7.93 6.98
N PHE H 164 -22.68 7.83 7.77
CA PHE H 164 -24.05 8.29 7.43
C PHE H 164 -24.56 9.21 8.52
N PRO H 165 -24.02 10.45 8.63
CA PRO H 165 -24.41 11.37 9.70
C PRO H 165 -25.83 11.96 9.60
N ASP H 166 -26.39 12.13 8.39
CA ASP H 166 -27.69 12.82 8.18
C ASP H 166 -28.84 11.88 8.65
N GLU H 167 -29.13 11.89 9.95
CA GLU H 167 -30.16 11.04 10.62
C GLU H 167 -31.53 11.27 9.98
N ASP H 168 -31.98 12.53 9.87
CA ASP H 168 -33.34 12.91 9.41
C ASP H 168 -33.60 12.45 7.96
N GLN H 169 -32.55 12.25 7.14
CA GLN H 169 -32.67 11.88 5.71
C GLN H 169 -32.72 10.35 5.56
N LYS H 170 -32.48 9.58 6.62
CA LYS H 170 -32.44 8.10 6.59
C LYS H 170 -33.85 7.54 6.49
N ASN H 171 -33.97 6.33 5.93
CA ASN H 171 -35.27 5.71 5.54
C ASN H 171 -35.06 4.20 5.41
N PHE H 172 -35.36 3.45 6.47
CA PHE H 172 -35.09 2.00 6.62
C PHE H 172 -35.76 1.18 5.53
N ASP H 173 -36.88 1.66 4.97
CA ASP H 173 -37.63 0.97 3.89
C ASP H 173 -36.68 0.62 2.75
N LEU H 174 -35.82 1.56 2.33
CA LEU H 174 -34.88 1.37 1.20
C LEU H 174 -33.94 0.20 1.49
N CYS H 175 -33.40 0.13 2.70
CA CYS H 175 -32.49 -0.94 3.19
C CYS H 175 -33.26 -2.26 3.32
N PHE H 176 -34.49 -2.23 3.87
CA PHE H 176 -35.34 -3.45 4.05
C PHE H 176 -35.64 -4.07 2.68
N ASP H 177 -36.09 -3.26 1.73
CA ASP H 177 -36.60 -3.69 0.41
C ASP H 177 -35.44 -4.19 -0.47
N ASN H 178 -34.25 -3.57 -0.37
CA ASN H 178 -33.14 -3.79 -1.33
C ASN H 178 -32.06 -4.72 -0.76
N LYS H 179 -32.03 -4.96 0.55
CA LYS H 179 -30.98 -5.82 1.17
C LYS H 179 -31.58 -6.84 2.14
N ILE H 180 -32.32 -6.42 3.17
CA ILE H 180 -32.74 -7.33 4.27
C ILE H 180 -33.57 -8.47 3.67
N LEU H 181 -34.69 -8.16 3.03
CA LEU H 181 -35.66 -9.20 2.59
C LEU H 181 -35.03 -10.05 1.49
N PRO H 182 -34.35 -9.46 0.48
CA PRO H 182 -33.60 -10.27 -0.48
C PRO H 182 -32.65 -11.27 0.20
N GLN H 183 -31.82 -10.81 1.14
CA GLN H 183 -30.79 -11.65 1.82
C GLN H 183 -31.48 -12.77 2.63
N ILE H 184 -32.59 -12.47 3.31
CA ILE H 184 -33.37 -13.49 4.10
C ILE H 184 -33.87 -14.57 3.13
N LYS H 185 -34.36 -14.16 1.96
CA LYS H 185 -34.85 -15.10 0.91
C LYS H 185 -33.69 -16.00 0.46
N GLU H 186 -32.49 -15.46 0.30
CA GLU H 186 -31.31 -16.24 -0.19
C GLU H 186 -30.98 -17.35 0.81
N ILE H 187 -30.79 -17.00 2.09
CA ILE H 187 -30.33 -17.94 3.16
C ILE H 187 -31.43 -18.99 3.43
N MET H 188 -32.71 -18.62 3.27
CA MET H 188 -33.86 -19.55 3.46
C MET H 188 -34.13 -20.37 2.18
N SER H 189 -33.36 -20.18 1.10
CA SER H 189 -33.56 -20.85 -0.21
C SER H 189 -32.40 -21.80 -0.52
N ASN H 190 -31.17 -21.29 -0.42
CA ASN H 190 -29.92 -22.08 -0.55
C ASN H 190 -29.70 -22.76 0.81
N TYR H 191 -28.77 -23.69 0.93
CA TYR H 191 -28.32 -24.23 2.24
C TYR H 191 -29.34 -25.19 2.87
N GLY H 192 -30.31 -25.70 2.10
CA GLY H 192 -31.18 -26.83 2.52
C GLY H 192 -32.16 -26.45 3.61
N ASP H 193 -32.76 -27.46 4.25
CA ASP H 193 -33.70 -27.32 5.40
C ASP H 193 -33.04 -26.49 6.51
N ILE H 194 -33.77 -25.53 7.06
CA ILE H 194 -33.36 -24.65 8.20
C ILE H 194 -34.29 -24.95 9.39
N ALA H 195 -33.74 -25.47 10.49
CA ALA H 195 -34.48 -25.87 11.71
C ALA H 195 -34.89 -24.66 12.56
N THR H 196 -34.12 -23.59 12.52
CA THR H 196 -34.19 -22.46 13.51
C THR H 196 -33.84 -21.15 12.81
N ALA H 197 -34.62 -20.09 13.05
CA ALA H 197 -34.36 -18.75 12.50
C ALA H 197 -34.24 -17.77 13.68
N TRP H 198 -33.10 -17.09 13.79
CA TRP H 198 -32.71 -16.27 14.95
C TRP H 198 -32.56 -14.82 14.52
N PHE H 199 -33.52 -13.95 14.87
CA PHE H 199 -33.50 -12.53 14.47
C PHE H 199 -33.06 -11.70 15.66
N ALA H 200 -32.55 -10.49 15.37
CA ALA H 200 -32.08 -9.48 16.35
C ALA H 200 -33.28 -8.76 16.94
N VAL H 201 -33.02 -7.91 17.93
CA VAL H 201 -34.06 -7.07 18.57
C VAL H 201 -34.44 -5.98 17.57
N PRO H 202 -35.70 -5.95 17.10
CA PRO H 202 -36.14 -4.94 16.13
C PRO H 202 -36.42 -3.61 16.81
N MET H 203 -36.08 -2.51 16.15
CA MET H 203 -36.18 -1.13 16.70
C MET H 203 -36.73 -0.21 15.61
N THR H 204 -36.27 -0.38 14.37
CA THR H 204 -36.69 0.42 13.18
C THR H 204 -37.84 -0.27 12.43
N LEU H 205 -37.82 -1.60 12.31
CA LEU H 205 -38.85 -2.43 11.61
C LEU H 205 -40.27 -1.98 11.96
N SER H 206 -41.12 -1.82 10.95
CA SER H 206 -42.60 -1.70 11.09
C SER H 206 -43.18 -3.10 11.35
N GLU H 207 -44.41 -3.13 11.85
CA GLU H 207 -45.22 -4.38 12.02
C GLU H 207 -45.35 -5.06 10.65
N ALA H 208 -45.57 -4.30 9.58
CA ALA H 208 -45.67 -4.79 8.18
C ALA H 208 -44.38 -5.56 7.83
N GLN H 209 -43.24 -4.90 7.96
CA GLN H 209 -41.90 -5.44 7.60
C GLN H 209 -41.64 -6.75 8.36
N SER H 210 -42.10 -6.86 9.61
CA SER H 210 -41.95 -8.06 10.47
C SER H 210 -42.83 -9.20 9.94
N GLN H 211 -44.07 -8.89 9.56
CA GLN H 211 -45.05 -9.87 9.00
C GLN H 211 -44.46 -10.48 7.72
N THR H 212 -43.90 -9.63 6.85
CA THR H 212 -43.23 -10.03 5.59
C THR H 212 -42.18 -11.10 5.89
N ILE H 213 -41.25 -10.80 6.80
CA ILE H 213 -40.16 -11.76 7.15
C ILE H 213 -40.80 -13.06 7.62
N TYR H 214 -41.81 -12.97 8.49
CA TYR H 214 -42.50 -14.15 9.08
C TYR H 214 -43.06 -15.03 7.96
N ASP H 215 -43.87 -14.44 7.08
CA ASP H 215 -44.53 -15.14 5.94
C ASP H 215 -43.46 -15.71 5.01
N THR H 216 -42.39 -14.97 4.75
CA THR H 216 -41.26 -15.38 3.86
C THR H 216 -40.64 -16.66 4.40
N VAL H 217 -40.30 -16.68 5.69
CA VAL H 217 -39.66 -17.85 6.35
C VAL H 217 -40.65 -19.02 6.30
N ARG H 218 -41.91 -18.76 6.65
CA ARG H 218 -42.99 -19.78 6.68
C ARG H 218 -43.07 -20.48 5.32
N GLU H 219 -43.14 -19.69 4.24
CA GLU H 219 -43.27 -20.19 2.84
C GLU H 219 -42.03 -21.00 2.43
N LEU H 220 -40.84 -20.42 2.60
CA LEU H 220 -39.57 -20.99 2.06
C LEU H 220 -39.12 -22.18 2.94
N GLN H 221 -39.39 -22.14 4.25
CA GLN H 221 -38.88 -23.12 5.23
C GLN H 221 -39.98 -23.51 6.20
N PRO H 222 -41.04 -24.21 5.71
CA PRO H 222 -42.22 -24.53 6.52
C PRO H 222 -41.95 -25.08 7.93
N ASN H 223 -40.87 -25.84 8.15
CA ASN H 223 -40.62 -26.54 9.44
C ASN H 223 -39.68 -25.75 10.35
N CYS H 224 -39.17 -24.59 9.89
CA CYS H 224 -38.26 -23.71 10.64
C CYS H 224 -39.00 -23.08 11.83
N LEU H 225 -38.44 -23.24 13.04
CA LEU H 225 -38.92 -22.59 14.30
C LEU H 225 -38.29 -21.20 14.39
N ILE H 226 -39.11 -20.17 14.55
CA ILE H 226 -38.70 -18.73 14.53
C ILE H 226 -38.64 -18.23 15.98
N ASN H 227 -37.57 -17.55 16.37
CA ASN H 227 -37.35 -17.05 17.75
C ASN H 227 -38.25 -15.83 17.98
N SER H 228 -38.47 -15.48 19.25
CA SER H 228 -39.46 -14.45 19.70
C SER H 228 -38.98 -13.04 19.36
N ARG H 229 -37.70 -12.87 19.03
CA ARG H 229 -37.10 -11.53 18.79
C ARG H 229 -37.55 -10.93 17.45
N LEU H 230 -38.43 -11.60 16.71
CA LEU H 230 -38.91 -11.10 15.39
C LEU H 230 -39.98 -10.03 15.60
N TYR H 235 -43.64 -15.92 16.10
CA TYR H 235 -42.55 -16.80 16.62
C TYR H 235 -43.10 -18.16 17.05
N ASP H 236 -42.23 -19.17 17.09
CA ASP H 236 -42.54 -20.56 17.53
C ASP H 236 -41.92 -20.87 18.90
N PHE H 237 -40.83 -20.19 19.28
CA PHE H 237 -40.17 -20.36 20.61
C PHE H 237 -39.70 -19.01 21.16
N VAL H 238 -39.60 -18.93 22.49
CA VAL H 238 -39.21 -17.72 23.25
C VAL H 238 -37.70 -17.76 23.51
N SER H 239 -36.98 -16.69 23.12
CA SER H 239 -35.59 -16.42 23.57
C SER H 239 -35.63 -15.70 24.91
N LEU H 240 -35.21 -16.38 25.97
CA LEU H 240 -35.19 -15.84 27.36
C LEU H 240 -33.82 -15.22 27.62
N GLY H 241 -33.80 -14.01 28.19
CA GLY H 241 -32.59 -13.42 28.80
C GLY H 241 -32.28 -14.10 30.13
N ASP H 242 -31.01 -14.12 30.56
CA ASP H 242 -30.56 -14.85 31.78
C ASP H 242 -31.45 -14.48 32.97
N ASN H 243 -31.76 -13.19 33.07
CA ASN H 243 -32.59 -12.57 34.14
C ASN H 243 -34.06 -13.05 34.06
N GLU H 244 -34.41 -13.95 33.13
CA GLU H 244 -35.81 -14.40 32.92
C GLU H 244 -35.97 -15.91 33.16
N ILE H 245 -34.91 -16.64 33.52
CA ILE H 245 -35.02 -18.09 33.85
C ILE H 245 -35.67 -18.20 35.24
N PRO H 267 -44.42 -15.92 25.97
CA PRO H 267 -45.44 -16.67 26.66
C PRO H 267 -45.60 -18.11 26.15
N SER H 268 -45.22 -18.40 24.92
CA SER H 268 -44.84 -19.73 24.38
C SER H 268 -46.00 -20.70 24.26
N PRO H 269 -46.82 -20.60 23.18
CA PRO H 269 -47.98 -21.47 23.01
C PRO H 269 -47.62 -22.97 22.81
N LEU H 270 -46.44 -23.24 22.25
CA LEU H 270 -45.95 -24.61 21.92
C LEU H 270 -45.08 -25.13 23.06
N GLY H 271 -44.80 -24.29 24.07
CA GLY H 271 -43.97 -24.61 25.24
C GLY H 271 -42.51 -24.80 24.86
N LEU H 272 -41.98 -23.94 23.98
CA LEU H 272 -40.58 -24.01 23.46
C LEU H 272 -39.79 -22.81 23.97
N TYR H 273 -38.59 -23.05 24.51
CA TYR H 273 -37.75 -22.04 25.20
C TYR H 273 -36.27 -22.27 24.91
N GLU H 274 -35.51 -21.17 24.82
CA GLU H 274 -34.06 -21.19 24.58
C GLU H 274 -33.42 -19.98 25.27
N THR H 275 -32.33 -20.19 26.00
CA THR H 275 -31.43 -19.10 26.47
C THR H 275 -30.08 -19.25 25.77
N ALA H 276 -29.59 -18.16 25.16
CA ALA H 276 -28.27 -18.08 24.52
C ALA H 276 -27.29 -17.52 25.54
N GLY H 277 -26.09 -18.11 25.60
CA GLY H 277 -24.93 -17.58 26.37
C GLY H 277 -23.64 -17.75 25.58
N THR H 278 -22.59 -17.06 26.02
CA THR H 278 -21.21 -17.19 25.51
C THR H 278 -20.31 -17.75 26.62
N ILE H 279 -19.17 -18.33 26.28
CA ILE H 279 -18.29 -19.03 27.26
C ILE H 279 -17.44 -18.01 28.02
N ASN H 280 -16.84 -17.04 27.35
CA ASN H 280 -16.29 -15.84 28.05
C ASN H 280 -17.40 -14.77 28.04
N ASP H 281 -17.04 -13.48 27.96
CA ASP H 281 -18.03 -12.38 28.06
C ASP H 281 -18.30 -11.74 26.71
N SER H 282 -17.63 -12.21 25.66
CA SER H 282 -17.79 -11.68 24.28
C SER H 282 -18.46 -12.74 23.40
N TRP H 283 -19.24 -12.31 22.43
CA TRP H 283 -19.83 -13.23 21.41
C TRP H 283 -18.79 -13.43 20.32
N GLY H 284 -18.25 -12.32 19.80
CA GLY H 284 -17.10 -12.36 18.89
C GLY H 284 -15.82 -12.65 19.65
N PHE H 285 -14.83 -13.20 18.98
CA PHE H 285 -13.49 -13.48 19.54
C PHE H 285 -12.81 -12.17 19.97
N SER H 286 -12.12 -12.24 21.12
CA SER H 286 -11.39 -11.15 21.81
C SER H 286 -10.16 -11.74 22.49
N TYR H 287 -8.94 -11.40 22.07
CA TYR H 287 -7.72 -12.03 22.66
C TYR H 287 -7.63 -11.57 24.12
N HIS H 288 -8.00 -10.33 24.47
CA HIS H 288 -7.85 -9.81 25.85
C HIS H 288 -8.85 -10.50 26.80
N ASP H 289 -9.96 -11.08 26.33
CA ASP H 289 -11.00 -11.71 27.18
C ASP H 289 -10.67 -13.18 27.46
N GLN H 290 -10.00 -13.46 28.57
CA GLN H 290 -9.67 -14.83 29.05
C GLN H 290 -10.59 -15.22 30.22
N ASN H 291 -11.75 -14.59 30.35
CA ASN H 291 -12.71 -14.83 31.46
C ASN H 291 -13.65 -16.01 31.13
N TRP H 292 -13.07 -17.16 30.79
CA TRP H 292 -13.80 -18.38 30.38
C TRP H 292 -14.57 -18.95 31.57
N LYS H 293 -15.88 -19.13 31.44
CA LYS H 293 -16.67 -19.89 32.44
C LYS H 293 -16.08 -21.31 32.55
N THR H 294 -15.95 -21.80 33.77
CA THR H 294 -15.36 -23.13 34.09
C THR H 294 -16.30 -24.23 33.63
N PRO H 295 -15.76 -25.45 33.39
CA PRO H 295 -16.58 -26.62 33.09
C PRO H 295 -17.80 -26.75 34.01
N ARG H 296 -17.60 -26.56 35.32
CA ARG H 296 -18.67 -26.75 36.32
C ARG H 296 -19.77 -25.70 36.12
N THR H 297 -19.42 -24.43 35.90
CA THR H 297 -20.37 -23.34 35.58
C THR H 297 -21.19 -23.74 34.35
N LEU H 298 -20.54 -24.18 33.28
CA LEU H 298 -21.21 -24.52 32.00
C LEU H 298 -22.17 -25.67 32.23
N TYR H 299 -21.73 -26.73 32.92
CA TYR H 299 -22.54 -27.96 33.15
C TYR H 299 -23.75 -27.62 34.02
N ARG H 300 -23.51 -26.94 35.15
CA ARG H 300 -24.57 -26.55 36.11
C ARG H 300 -25.61 -25.67 35.41
N TYR H 301 -25.17 -24.66 34.66
CA TYR H 301 -26.11 -23.74 33.97
C TYR H 301 -26.98 -24.56 33.01
N LYS H 302 -26.35 -25.43 32.22
CA LYS H 302 -27.08 -26.31 31.26
C LYS H 302 -28.14 -27.12 31.99
N GLN H 303 -27.76 -27.76 33.10
CA GLN H 303 -28.63 -28.65 33.90
C GLN H 303 -29.82 -27.84 34.45
N HIS H 304 -29.58 -26.61 34.86
CA HIS H 304 -30.62 -25.71 35.46
C HIS H 304 -31.63 -25.31 34.39
N LEU H 305 -31.15 -24.90 33.22
CA LEU H 305 -32.02 -24.54 32.06
C LEU H 305 -32.82 -25.78 31.65
N ASN H 306 -32.13 -26.91 31.45
CA ASN H 306 -32.74 -28.18 30.96
C ASN H 306 -33.86 -28.59 31.94
N ASP H 307 -33.60 -28.58 33.25
CA ASP H 307 -34.59 -28.93 34.31
C ASP H 307 -35.84 -28.06 34.18
N PHE H 308 -35.71 -26.84 33.67
CA PHE H 308 -36.84 -25.87 33.46
C PHE H 308 -37.41 -25.97 32.04
N GLY H 309 -37.04 -27.01 31.28
CA GLY H 309 -37.48 -27.21 29.89
C GLY H 309 -36.98 -26.12 28.96
N ILE H 310 -35.76 -25.61 29.19
CA ILE H 310 -35.13 -24.52 28.39
C ILE H 310 -33.88 -25.06 27.70
N ASN H 311 -33.75 -24.85 26.39
CA ASN H 311 -32.55 -25.23 25.59
C ASN H 311 -31.43 -24.22 25.87
N TYR H 312 -30.20 -24.72 26.01
CA TYR H 312 -28.96 -23.92 26.22
C TYR H 312 -28.27 -23.77 24.86
N LEU H 313 -28.21 -22.55 24.33
CA LEU H 313 -27.51 -22.26 23.06
C LEU H 313 -26.20 -21.55 23.42
N LEU H 314 -25.10 -22.28 23.35
CA LEU H 314 -23.78 -21.86 23.89
C LEU H 314 -22.91 -21.39 22.73
N ASN H 315 -22.52 -20.12 22.76
CA ASN H 315 -21.77 -19.44 21.68
C ASN H 315 -20.30 -19.83 21.71
N VAL H 316 -19.73 -20.07 20.53
CA VAL H 316 -18.26 -20.08 20.30
C VAL H 316 -17.95 -18.93 19.35
N GLY H 317 -16.90 -18.16 19.65
CA GLY H 317 -16.44 -17.05 18.79
C GLY H 317 -15.14 -17.43 18.11
N LEU H 318 -15.21 -17.82 16.83
CA LEU H 318 -14.04 -18.37 16.09
C LEU H 318 -12.98 -17.28 15.94
N ASP H 319 -11.72 -17.68 15.96
CA ASP H 319 -10.53 -16.79 15.89
C ASP H 319 -10.22 -16.45 14.44
N PRO H 320 -9.24 -15.56 14.17
CA PRO H 320 -8.93 -15.15 12.80
C PRO H 320 -8.54 -16.29 11.85
N LEU H 321 -8.03 -17.42 12.35
CA LEU H 321 -7.70 -18.59 11.49
C LEU H 321 -8.87 -19.57 11.39
N GLY H 322 -10.02 -19.23 11.96
CA GLY H 322 -11.25 -20.06 11.91
C GLY H 322 -11.26 -21.17 12.96
N ARG H 323 -10.53 -20.97 14.06
CA ARG H 323 -10.38 -21.99 15.13
C ARG H 323 -11.32 -21.67 16.29
N VAL H 324 -11.91 -22.71 16.86
CA VAL H 324 -12.44 -22.70 18.24
C VAL H 324 -11.26 -22.44 19.16
N PRO H 325 -11.24 -21.33 19.96
CA PRO H 325 -10.19 -21.11 20.95
C PRO H 325 -9.93 -22.33 21.83
N MET H 326 -8.65 -22.61 22.09
CA MET H 326 -8.19 -23.78 22.88
C MET H 326 -8.98 -23.89 24.18
N MET H 327 -9.13 -22.79 24.92
CA MET H 327 -9.75 -22.80 26.26
C MET H 327 -11.27 -23.03 26.13
N ALA H 328 -11.91 -22.51 25.08
CA ALA H 328 -13.34 -22.80 24.81
C ALA H 328 -13.52 -24.31 24.54
N GLU H 329 -12.64 -24.90 23.73
CA GLU H 329 -12.74 -26.34 23.38
C GLU H 329 -12.55 -27.18 24.66
N GLU H 330 -11.52 -26.88 25.45
CA GLU H 330 -11.22 -27.59 26.73
C GLU H 330 -12.44 -27.53 27.65
N ASN H 331 -13.03 -26.34 27.82
CA ASN H 331 -14.11 -26.14 28.82
C ASN H 331 -15.38 -26.88 28.35
N LEU H 332 -15.66 -26.89 27.04
CA LEU H 332 -16.84 -27.62 26.48
C LEU H 332 -16.69 -29.11 26.75
N LEU H 333 -15.51 -29.66 26.49
CA LEU H 333 -15.26 -31.12 26.62
C LEU H 333 -15.30 -31.53 28.09
N ALA H 334 -14.74 -30.72 28.99
CA ALA H 334 -14.71 -31.02 30.45
C ALA H 334 -16.12 -30.90 31.04
N ALA H 335 -16.93 -29.95 30.56
CA ALA H 335 -18.33 -29.80 30.97
C ALA H 335 -19.11 -31.06 30.58
N LYS H 336 -18.81 -31.63 29.43
CA LYS H 336 -19.47 -32.86 28.93
C LYS H 336 -19.08 -34.03 29.82
N ALA H 337 -17.81 -34.10 30.22
CA ALA H 337 -17.30 -35.19 31.08
C ALA H 337 -18.01 -35.10 32.45
N LEU H 338 -18.13 -33.90 33.01
CA LEU H 338 -18.87 -33.66 34.28
C LEU H 338 -20.31 -34.16 34.11
N GLU H 339 -20.97 -33.76 33.02
CA GLU H 339 -22.40 -34.06 32.76
C GLU H 339 -22.64 -35.58 32.71
N ASP H 340 -21.77 -36.30 31.98
CA ASP H 340 -21.88 -37.76 31.77
C ASP H 340 -21.63 -38.49 33.09
N GLU H 341 -20.59 -38.09 33.82
CA GLU H 341 -20.27 -38.60 35.18
C GLU H 341 -21.52 -38.45 36.05
N ALA H 342 -22.03 -37.23 36.16
CA ALA H 342 -23.25 -36.90 36.95
C ALA H 342 -24.41 -37.82 36.53
N ASN H 343 -24.64 -38.01 35.23
CA ASN H 343 -25.83 -38.71 34.67
C ASN H 343 -25.69 -40.23 34.75
N ARG H 344 -24.59 -40.75 35.31
CA ARG H 344 -24.46 -42.19 35.64
C ARG H 344 -24.67 -42.37 37.15
N LEU H 345 -24.25 -41.42 38.00
CA LEU H 345 -24.53 -41.48 39.48
C LEU H 345 -25.94 -40.91 39.76
C1 JFZ I . -2.94 -8.40 -23.58
C2 JFZ I . -3.40 -8.56 -25.02
O2 JFZ I . -4.79 -8.26 -25.08
C3 JFZ I . -2.54 -7.58 -25.92
O3 JFZ I . -3.02 -7.56 -27.27
C4 JFZ I . -1.02 -8.03 -25.81
O4 JFZ I . -0.87 -9.32 -26.24
C5 JFZ I . -0.57 -7.92 -24.32
C6 JFZ I . 0.88 -8.52 -24.23
O5 JFZ I . -1.50 -8.54 -23.43
O1 JFZ I . -3.49 -7.16 -23.00
C1' JFZ I . -2.76 -6.83 -21.87
C2' JFZ I . -1.76 -5.80 -21.97
C3' JFZ I . -0.94 -5.45 -20.88
C4' JFZ I . -1.08 -6.13 -19.66
C5' JFZ I . -2.05 -7.20 -19.51
C6' JFZ I . -2.88 -7.55 -20.62
N1' JFZ I . -0.07 -5.62 -18.57
O2' JFZ I . 1.09 -5.58 -18.76
O3' JFZ I . -0.67 -5.29 -17.55
C1 JFZ J . 16.69 -17.65 22.05
C2 JFZ J . 15.54 -18.18 21.06
O2 JFZ J . 15.43 -19.56 21.12
C3 JFZ J . 14.22 -17.57 21.48
O3 JFZ J . 13.17 -18.08 20.64
C4 JFZ J . 14.44 -15.96 21.43
O4 JFZ J . 14.75 -15.56 20.17
C5 JFZ J . 15.63 -15.50 22.38
C6 JFZ J . 15.84 -13.94 22.21
O5 JFZ J . 16.77 -16.22 22.12
O1 JFZ J . 16.43 -18.17 23.33
C1' JFZ J . 17.38 -18.31 24.32
C2' JFZ J . 18.79 -18.20 24.05
C3' JFZ J . 19.73 -18.37 25.11
C4' JFZ J . 19.30 -18.63 26.45
C5' JFZ J . 17.89 -18.75 26.74
C6' JFZ J . 16.96 -18.58 25.67
N1' JFZ J . 20.49 -18.81 27.54
O2' JFZ J . 21.63 -18.73 27.30
O3' JFZ J . 20.01 -19.08 28.65
C1 JFZ K . -23.85 -0.62 47.23
C2 JFZ K . -23.54 -1.89 48.11
O2 JFZ K . -24.44 -2.86 47.80
C3 JFZ K . -22.18 -2.42 47.76
O3 JFZ K . -21.88 -3.51 48.54
C4 JFZ K . -21.15 -1.26 48.01
O4 JFZ K . -21.17 -0.85 49.33
C5 JFZ K . -21.53 -0.04 47.04
C6 JFZ K . -20.46 1.09 47.24
O5 JFZ K . -22.83 0.35 47.28
O1 JFZ K . -23.93 -1.10 45.97
C1' JFZ K . -24.43 -0.39 44.91
C2' JFZ K . -25.76 0.11 44.90
C3' JFZ K . -26.25 0.80 43.76
C4' JFZ K . -25.40 0.99 42.62
C5' JFZ K . -24.06 0.48 42.61
C6' JFZ K . -23.59 -0.22 43.75
N1' JFZ K . -26.03 1.78 41.39
O2' JFZ K . -27.18 1.86 41.20
O3' JFZ K . -25.14 2.27 40.71
C1 JFZ L . 22.50 31.82 -41.00
C2 JFZ L . 21.46 32.60 -40.17
O2 JFZ L . 20.53 33.14 -41.10
C3 JFZ L . 20.73 31.58 -39.17
O3 JFZ L . 19.75 32.24 -38.39
C4 JFZ L . 21.82 30.91 -38.26
O4 JFZ L . 22.40 31.87 -37.43
C5 JFZ L . 22.93 30.17 -39.23
C6 JFZ L . 24.05 29.52 -38.31
O5 JFZ L . 23.43 31.07 -40.25
O1 JFZ L . 21.73 31.01 -41.85
C1' JFZ L . 22.34 30.36 -42.90
C2' JFZ L . 23.39 29.36 -42.67
C3' JFZ L . 24.01 28.71 -43.76
C4' JFZ L . 23.58 29.02 -45.09
C5' JFZ L . 22.54 30.00 -45.34
C6' JFZ L . 21.92 30.65 -44.25
N1' JFZ L . 24.34 28.22 -46.25
O2' JFZ L . 25.34 27.65 -46.09
O3' JFZ L . 23.71 28.29 -47.29
C1 JFZ M . -7.89 16.97 -12.01
C2 JFZ M . -6.59 17.77 -11.75
O2 JFZ M . -5.71 16.92 -11.05
C3 JFZ M . -5.95 18.18 -13.15
O3 JFZ M . -4.85 18.98 -12.96
C4 JFZ M . -7.00 18.99 -13.96
O4 JFZ M . -7.27 20.14 -13.28
C5 JFZ M . -8.31 18.12 -14.15
C6 JFZ M . -9.38 19.00 -14.88
O5 JFZ M . -8.77 17.63 -12.90
O1 JFZ M . -7.53 15.65 -12.47
C1' JFZ M . -8.59 14.81 -12.62
C2' JFZ M . -9.21 14.62 -13.94
C3' JFZ M . -10.34 13.74 -14.07
C4' JFZ M . -10.85 13.05 -12.91
C5' JFZ M . -10.25 13.24 -11.61
C6' JFZ M . -9.13 14.12 -11.47
N1' JFZ M . -12.11 12.08 -13.16
O2' JFZ M . -12.98 12.32 -13.90
O3' JFZ M . -12.03 11.09 -12.44
C1 JFZ N . 11.45 -28.30 48.14
C2 JFZ N . 10.90 -27.18 49.13
O2 JFZ N . 11.89 -26.22 49.36
C3 JFZ N . 9.63 -26.53 48.50
O3 JFZ N . 9.17 -25.44 49.29
C4 JFZ N . 8.51 -27.66 48.37
O4 JFZ N . 8.24 -28.21 49.62
C5 JFZ N . 9.03 -28.78 47.36
C6 JFZ N . 7.99 -29.96 47.38
O5 JFZ N . 10.39 -29.21 47.64
O1 JFZ N . 12.24 -27.69 47.07
C1' JFZ N . 12.39 -28.38 45.84
C2' JFZ N . 13.50 -29.29 45.56
C3' JFZ N . 13.59 -29.98 44.28
C4' JFZ N . 12.57 -29.77 43.29
C5' JFZ N . 11.47 -28.90 43.55
C6' JFZ N . 11.39 -28.20 44.81
N1' JFZ N . 12.71 -30.58 41.88
O2' JFZ N . 13.65 -30.56 41.20
O3' JFZ N . 11.67 -31.21 41.63
C1 JFZ O . 10.06 14.38 -59.57
C2 JFZ O . 10.17 12.88 -59.12
O2 JFZ O . 11.52 12.53 -58.97
C3 JFZ O . 9.44 12.71 -57.77
O3 JFZ O . 9.63 11.41 -57.33
C4 JFZ O . 7.96 12.99 -58.06
O4 JFZ O . 7.59 12.25 -59.15
C5 JFZ O . 7.76 14.53 -58.40
C6 JFZ O . 6.26 14.76 -58.80
O5 JFZ O . 8.69 14.97 -59.41
O1 JFZ O . 11.10 15.13 -58.88
C1' JFZ O . 11.04 16.52 -58.93
C2' JFZ O . 10.01 17.24 -58.19
C3' JFZ O . 9.92 18.64 -58.24
C4' JFZ O . 10.85 19.37 -59.01
C5' JFZ O . 11.90 18.71 -59.77
C6' JFZ O . 11.99 17.28 -59.72
N1' JFZ O . 10.63 20.92 -58.94
O2' JFZ O . 9.60 21.43 -59.18
O3' JFZ O . 11.66 21.49 -58.59
C1 JFZ P . -27.27 -9.35 20.40
C2 JFZ P . -26.01 -8.73 19.63
O2 JFZ P . -25.91 -7.38 19.91
C3 JFZ P . -24.70 -9.47 20.11
O3 JFZ P . -23.58 -8.97 19.44
C4 JFZ P . -24.92 -11.02 19.85
O4 JFZ P . -25.14 -11.26 18.48
C5 JFZ P . -26.21 -11.47 20.68
C6 JFZ P . -26.34 -13.02 20.56
O5 JFZ P . -27.36 -10.74 20.23
O1 JFZ P . -27.14 -9.04 21.79
C1' JFZ P . -28.23 -9.08 22.71
C2' JFZ P . -27.96 -9.28 24.12
C3' JFZ P . -29.02 -9.32 25.07
C4' JFZ P . -30.38 -9.14 24.66
C5' JFZ P . -30.69 -8.92 23.28
C6' JFZ P . -29.62 -8.89 22.31
N1' JFZ P . -31.49 -9.19 25.84
O2' JFZ P . -31.38 -9.83 26.82
O3' JFZ P . -32.47 -8.50 25.56
#